data_4MYX
#
_entry.id   4MYX
#
_cell.length_a   85.365
_cell.length_b   89.820
_cell.length_c   104.502
_cell.angle_alpha   81.41
_cell.angle_beta   90.42
_cell.angle_gamma   83.50
#
_symmetry.space_group_name_H-M   'P 1'
#
loop_
_entity.id
_entity.type
_entity.pdbx_description
1 polymer "Inosine-5'-monophosphate dehydrogenase"
2 non-polymer 'INOSINIC ACID'
3 non-polymer 2-chloro-5-{[(2-{3-[(1E)-N-hydroxyethanimidoyl]phenyl}propan-2-yl)carbamoyl]amino}benzamide
4 non-polymer 'FORMIC ACID'
5 non-polymer GLYCEROL
6 non-polymer 'MALONATE ION'
7 non-polymer 1,2-ETHANEDIOL
8 non-polymer 'SULFATE ION'
9 water water
#
_entity_poly.entity_id   1
_entity_poly.type   'polypeptide(L)'
_entity_poly.pdbx_seq_one_letter_code
;MHHHHHHSSGVDLGTENLYFQSNAMWESKFVKEGLTFDDVLLVPAKSDVLPREVSVKTVLSESLQLNIPLISAGMDTVTE
ADMAIAMARQGGLGIIHKNMSIEQQAEQVDKVKRSGGLLVGAAVGVTADAMTRIDALVKASVDAIVLDTAHGHSQGVIDK
VKEVRAKYPSLNIIAGNVATAEATKALIEAGANVVKVGIGPGSICTTRVVAGVGVPQLTAVYDCATEARKHGIPVIADGG
IKYSGDMVKALAAGAHVVMLGSMFAGVAESPGETEIYQGRQFKVYRGMGSVGAMEKGSKDRYFQEGNKKLVPEGIEGRVP
YKGPLADTVHQLVGGLRAGMGYCGAQDLEFLRENAQFIRMSGAGLLESHPHHVQITKEAPNYSL
;
_entity_poly.pdbx_strand_id   A,B,C,D,E,F,G,H
#
loop_
_chem_comp.id
_chem_comp.type
_chem_comp.name
_chem_comp.formula
2F0 non-polymer 2-chloro-5-{[(2-{3-[(1E)-N-hydroxyethanimidoyl]phenyl}propan-2-yl)carbamoyl]amino}benzamide 'C19 H21 Cl N4 O3'
EDO non-polymer 1,2-ETHANEDIOL 'C2 H6 O2'
FMT non-polymer 'FORMIC ACID' 'C H2 O2'
GOL non-polymer GLYCEROL 'C3 H8 O3'
IMP non-polymer 'INOSINIC ACID' 'C10 H13 N4 O8 P'
MLI non-polymer 'MALONATE ION' 'C3 H2 O4 -2'
SO4 non-polymer 'SULFATE ION' 'O4 S -2'
#
# COMPACT_ATOMS: atom_id res chain seq x y z
N SER A 22 0.17 5.98 63.84
CA SER A 22 -0.74 5.14 63.07
C SER A 22 -0.17 4.80 61.70
N ASN A 23 0.25 3.55 61.53
CA ASN A 23 0.79 3.09 60.26
C ASN A 23 -0.26 2.35 59.43
N ALA A 24 -1.53 2.60 59.72
CA ALA A 24 -2.61 1.95 58.99
C ALA A 24 -2.57 2.30 57.51
N MET A 25 -2.44 3.59 57.23
CA MET A 25 -2.41 4.08 55.85
C MET A 25 -1.14 3.66 55.10
N TRP A 26 -0.01 3.67 55.80
CA TRP A 26 1.26 3.33 55.17
C TRP A 26 1.39 1.84 54.89
N GLU A 27 0.81 1.01 55.75
CA GLU A 27 0.94 -0.43 55.64
C GLU A 27 -0.16 -1.07 54.79
N SER A 28 -1.02 -0.23 54.19
CA SER A 28 -2.11 -0.74 53.38
C SER A 28 -2.10 -0.17 51.97
N LYS A 29 -0.99 0.44 51.59
CA LYS A 29 -0.90 1.11 50.29
C LYS A 29 -0.94 0.15 49.10
N PHE A 30 -0.48 -1.08 49.30
CA PHE A 30 -0.38 -2.03 48.18
C PHE A 30 -1.13 -3.34 48.42
N VAL A 31 -2.09 -3.33 49.34
CA VAL A 31 -2.85 -4.55 49.65
C VAL A 31 -3.90 -4.86 48.57
N LYS A 32 -4.61 -3.83 48.11
CA LYS A 32 -5.70 -4.00 47.16
C LYS A 32 -5.29 -4.66 45.83
N GLU A 33 -6.24 -5.36 45.22
CA GLU A 33 -6.06 -6.00 43.91
C GLU A 33 -7.24 -5.70 42.99
N GLY A 34 -6.96 -5.52 41.71
CA GLY A 34 -7.99 -5.18 40.74
C GLY A 34 -8.04 -6.11 39.55
N LEU A 35 -9.24 -6.27 38.99
CA LEU A 35 -9.44 -7.11 37.83
C LEU A 35 -10.15 -6.33 36.73
N THR A 36 -9.90 -6.70 35.49
CA THR A 36 -10.63 -6.11 34.37
C THR A 36 -11.21 -7.20 33.46
N PHE A 37 -11.82 -6.77 32.37
CA PHE A 37 -12.54 -7.67 31.46
C PHE A 37 -11.72 -8.87 30.96
N ASP A 38 -10.44 -8.64 30.67
CA ASP A 38 -9.60 -9.69 30.09
C ASP A 38 -8.91 -10.57 31.13
N ASP A 39 -9.18 -10.31 32.40
CA ASP A 39 -8.62 -11.12 33.48
C ASP A 39 -9.55 -12.26 33.83
N VAL A 40 -10.70 -12.31 33.15
CA VAL A 40 -11.84 -13.05 33.68
C VAL A 40 -12.75 -13.68 32.61
N LEU A 41 -13.30 -14.85 32.93
CA LEU A 41 -14.31 -15.50 32.10
C LEU A 41 -15.55 -15.83 32.94
N LEU A 42 -16.71 -15.80 32.30
CA LEU A 42 -17.96 -16.19 32.96
C LEU A 42 -18.17 -17.70 32.92
N VAL A 43 -18.45 -18.29 34.08
CA VAL A 43 -18.64 -19.73 34.19
C VAL A 43 -20.05 -20.14 33.82
N PRO A 44 -20.20 -20.97 32.78
CA PRO A 44 -21.50 -21.44 32.31
C PRO A 44 -22.21 -22.32 33.33
N ALA A 45 -23.52 -22.14 33.49
CA ALA A 45 -24.28 -22.90 34.46
C ALA A 45 -25.49 -23.59 33.82
N LYS A 46 -26.34 -24.20 34.65
CA LYS A 46 -27.52 -24.90 34.17
C LYS A 46 -28.52 -23.93 33.54
N SER A 47 -28.90 -24.21 32.29
CA SER A 47 -29.77 -23.30 31.56
C SER A 47 -31.06 -23.99 31.08
N ASP A 48 -32.19 -23.41 31.44
CA ASP A 48 -33.48 -23.88 30.96
C ASP A 48 -34.08 -22.79 30.07
N VAL A 49 -33.22 -22.09 29.34
CA VAL A 49 -33.66 -20.95 28.55
C VAL A 49 -32.78 -20.69 27.33
N LEU A 50 -33.41 -20.51 26.18
CA LEU A 50 -32.70 -20.19 24.95
C LEU A 50 -32.37 -18.70 24.92
N PRO A 51 -31.29 -18.32 24.22
CA PRO A 51 -30.89 -16.92 24.10
C PRO A 51 -32.01 -16.00 23.63
N ARG A 52 -32.86 -16.48 22.72
CA ARG A 52 -33.96 -15.65 22.21
C ARG A 52 -35.09 -15.54 23.23
N GLU A 53 -35.10 -16.43 24.21
CA GLU A 53 -36.14 -16.43 25.23
C GLU A 53 -35.84 -15.45 26.36
N VAL A 54 -34.56 -15.22 26.62
CA VAL A 54 -34.16 -14.38 27.75
C VAL A 54 -34.67 -12.96 27.62
N SER A 55 -34.73 -12.26 28.76
CA SER A 55 -35.16 -10.87 28.78
C SER A 55 -33.96 -9.98 29.05
N VAL A 56 -33.79 -8.95 28.22
CA VAL A 56 -32.67 -8.05 28.36
C VAL A 56 -33.13 -6.68 28.87
N LYS A 57 -34.38 -6.62 29.32
CA LYS A 57 -34.92 -5.38 29.88
C LYS A 57 -34.23 -5.04 31.20
N THR A 58 -34.23 -3.75 31.53
CA THR A 58 -33.61 -3.28 32.77
C THR A 58 -34.25 -1.97 33.22
N VAL A 59 -34.25 -1.73 34.53
CA VAL A 59 -34.92 -0.57 35.09
C VAL A 59 -33.99 0.27 35.96
N LEU A 60 -33.84 1.54 35.61
CA LEU A 60 -33.07 2.47 36.44
C LEU A 60 -34.01 3.10 37.46
N SER A 61 -35.20 3.46 37.01
CA SER A 61 -36.26 3.96 37.88
C SER A 61 -37.59 3.75 37.18
N GLU A 62 -38.69 4.05 37.87
CA GLU A 62 -40.01 3.95 37.27
C GLU A 62 -40.13 4.87 36.07
N SER A 63 -39.47 6.02 36.14
CA SER A 63 -39.49 6.99 35.06
C SER A 63 -38.47 6.68 33.97
N LEU A 64 -37.54 5.77 34.27
CA LEU A 64 -36.48 5.43 33.33
C LEU A 64 -36.31 3.92 33.15
N GLN A 65 -37.02 3.36 32.18
CA GLN A 65 -36.94 1.94 31.88
C GLN A 65 -36.49 1.70 30.45
N LEU A 66 -35.64 0.70 30.25
CA LEU A 66 -35.07 0.42 28.95
C LEU A 66 -35.37 -1.00 28.48
N ASN A 67 -35.44 -1.19 27.16
CA ASN A 67 -35.63 -2.52 26.59
C ASN A 67 -34.30 -3.23 26.34
N ILE A 68 -33.25 -2.45 26.14
CA ILE A 68 -31.89 -2.98 26.05
C ILE A 68 -30.96 -2.18 26.96
N PRO A 69 -30.02 -2.86 27.63
CA PRO A 69 -29.14 -2.18 28.59
C PRO A 69 -27.97 -1.50 27.91
N LEU A 70 -28.26 -0.53 27.06
N LEU A 70 -28.26 -0.53 27.05
CA LEU A 70 -27.23 0.20 26.32
CA LEU A 70 -27.22 0.20 26.33
C LEU A 70 -27.47 1.71 26.35
C LEU A 70 -27.47 1.70 26.34
N ILE A 71 -26.44 2.46 26.71
CA ILE A 71 -26.50 3.91 26.69
C ILE A 71 -25.30 4.47 25.94
N SER A 72 -25.56 5.29 24.92
CA SER A 72 -24.48 5.92 24.18
C SER A 72 -23.87 7.07 24.98
N ALA A 73 -22.55 7.21 24.90
CA ALA A 73 -21.81 8.18 25.71
C ALA A 73 -22.13 9.62 25.37
N GLY A 74 -22.00 10.51 26.35
CA GLY A 74 -22.22 11.93 26.16
C GLY A 74 -20.97 12.63 25.67
N MET A 75 -20.64 12.42 24.39
CA MET A 75 -19.43 12.98 23.80
C MET A 75 -19.76 13.63 22.46
N ASP A 76 -18.97 14.63 22.07
CA ASP A 76 -19.25 15.39 20.84
C ASP A 76 -19.09 14.56 19.57
N THR A 77 -18.43 13.41 19.68
CA THR A 77 -18.20 12.53 18.55
C THR A 77 -19.06 11.27 18.63
N VAL A 78 -19.88 11.19 19.67
CA VAL A 78 -20.68 9.99 19.92
C VAL A 78 -22.19 10.20 19.86
N THR A 79 -22.68 11.24 20.54
CA THR A 79 -24.13 11.41 20.67
C THR A 79 -24.66 12.82 20.48
N GLU A 80 -25.52 12.99 19.48
CA GLU A 80 -26.36 14.18 19.36
C GLU A 80 -27.81 13.76 19.13
N ALA A 81 -28.57 14.62 18.48
CA ALA A 81 -30.00 14.40 18.27
C ALA A 81 -30.31 13.08 17.54
N ASP A 82 -29.70 12.90 16.38
CA ASP A 82 -29.95 11.71 15.57
C ASP A 82 -29.53 10.41 16.27
N MET A 83 -28.50 10.50 17.11
CA MET A 83 -28.01 9.33 17.83
C MET A 83 -28.96 8.94 18.95
N ALA A 84 -29.49 9.93 19.66
CA ALA A 84 -30.39 9.70 20.77
C ALA A 84 -31.72 9.10 20.29
N ILE A 85 -32.17 9.56 19.12
CA ILE A 85 -33.40 9.05 18.52
C ILE A 85 -33.23 7.59 18.12
N ALA A 86 -32.07 7.27 17.55
CA ALA A 86 -31.77 5.90 17.12
C ALA A 86 -31.67 4.96 18.30
N MET A 87 -30.97 5.38 19.35
CA MET A 87 -30.81 4.57 20.56
C MET A 87 -32.15 4.26 21.20
N ALA A 88 -32.99 5.27 21.33
CA ALA A 88 -34.30 5.10 21.95
C ALA A 88 -35.19 4.17 21.14
N ARG A 89 -35.14 4.30 19.81
CA ARG A 89 -35.95 3.46 18.93
C ARG A 89 -35.41 2.03 18.85
N GLN A 90 -34.21 1.82 19.38
CA GLN A 90 -33.63 0.48 19.47
C GLN A 90 -33.87 -0.10 20.86
N GLY A 91 -34.40 0.73 21.75
CA GLY A 91 -34.70 0.31 23.10
C GLY A 91 -33.68 0.77 24.12
N GLY A 92 -32.74 1.59 23.68
CA GLY A 92 -31.69 2.09 24.56
C GLY A 92 -31.86 3.55 24.91
N LEU A 93 -30.75 4.20 25.25
CA LEU A 93 -30.77 5.60 25.68
C LEU A 93 -29.54 6.35 25.15
N GLY A 94 -29.72 7.63 24.84
CA GLY A 94 -28.62 8.45 24.37
C GLY A 94 -28.43 9.69 25.23
N ILE A 95 -27.18 9.99 25.57
CA ILE A 95 -26.87 11.18 26.35
C ILE A 95 -26.26 12.25 25.45
N ILE A 96 -27.02 13.32 25.21
CA ILE A 96 -26.55 14.42 24.38
C ILE A 96 -25.45 15.19 25.09
N HIS A 97 -24.31 15.36 24.40
CA HIS A 97 -23.14 16.01 24.98
C HIS A 97 -23.36 17.48 25.28
N LYS A 98 -22.46 18.06 26.08
CA LYS A 98 -22.62 19.43 26.57
C LYS A 98 -21.69 20.43 25.89
N ASN A 99 -20.94 19.98 24.90
CA ASN A 99 -20.07 20.87 24.13
C ASN A 99 -20.85 21.68 23.09
N MET A 100 -21.94 22.29 23.55
CA MET A 100 -22.77 23.18 22.75
C MET A 100 -23.43 24.17 23.69
N SER A 101 -24.07 25.20 23.15
CA SER A 101 -24.75 26.18 23.99
C SER A 101 -25.95 25.55 24.69
N ILE A 102 -26.43 26.21 25.74
CA ILE A 102 -27.59 25.73 26.48
C ILE A 102 -28.83 25.68 25.58
N GLU A 103 -29.02 26.73 24.79
CA GLU A 103 -30.15 26.82 23.88
C GLU A 103 -30.11 25.68 22.86
N GLN A 104 -28.90 25.34 22.41
CA GLN A 104 -28.72 24.27 21.43
C GLN A 104 -29.03 22.90 22.04
N GLN A 105 -28.53 22.64 23.24
CA GLN A 105 -28.75 21.37 23.90
C GLN A 105 -30.22 21.20 24.30
N ALA A 106 -30.85 22.32 24.65
CA ALA A 106 -32.26 22.31 25.01
C ALA A 106 -33.14 21.98 23.81
N GLU A 107 -32.78 22.52 22.64
CA GLU A 107 -33.57 22.29 21.44
C GLU A 107 -33.20 20.97 20.76
N GLN A 108 -32.07 20.40 21.16
CA GLN A 108 -31.69 19.07 20.69
C GLN A 108 -32.46 18.01 21.46
N VAL A 109 -32.72 18.28 22.74
CA VAL A 109 -33.53 17.40 23.56
C VAL A 109 -34.98 17.43 23.08
N ASP A 110 -35.47 18.64 22.80
CA ASP A 110 -36.83 18.83 22.31
C ASP A 110 -37.04 18.16 20.96
N LYS A 111 -35.98 18.12 20.14
CA LYS A 111 -36.04 17.48 18.83
C LYS A 111 -36.25 15.98 18.98
N VAL A 112 -35.55 15.39 19.95
CA VAL A 112 -35.67 13.96 20.22
C VAL A 112 -37.03 13.61 20.78
N LYS A 113 -37.53 14.45 21.69
CA LYS A 113 -38.81 14.22 22.34
C LYS A 113 -39.99 14.36 21.36
N ARG A 114 -39.85 15.25 20.39
N ARG A 114 -39.86 15.25 20.39
CA ARG A 114 -40.87 15.44 19.38
CA ARG A 114 -40.88 15.44 19.37
C ARG A 114 -40.64 14.52 18.19
C ARG A 114 -40.90 14.28 18.37
N SER A 115 -39.85 13.47 18.39
CA SER A 115 -39.69 12.41 17.39
C SER A 115 -40.43 11.11 17.76
N GLY A 116 -41.45 11.22 18.61
CA GLY A 116 -42.28 10.09 18.94
C GLY A 116 -42.38 9.80 20.43
N GLY A 117 -42.07 10.80 21.24
CA GLY A 117 -42.09 10.65 22.68
C GLY A 117 -41.07 9.64 23.16
N LEU A 118 -39.81 9.85 22.78
CA LEU A 118 -38.74 8.93 23.11
C LEU A 118 -38.03 9.32 24.40
N LEU A 119 -37.20 8.41 24.91
CA LEU A 119 -36.38 8.73 26.08
C LEU A 119 -35.09 9.40 25.63
N VAL A 120 -34.59 10.33 26.44
CA VAL A 120 -33.39 11.07 26.08
C VAL A 120 -32.70 11.65 27.32
N GLY A 121 -31.38 11.74 27.27
CA GLY A 121 -30.60 12.31 28.36
C GLY A 121 -29.68 13.40 27.89
N ALA A 122 -29.19 14.21 28.82
CA ALA A 122 -28.27 15.30 28.50
C ALA A 122 -27.19 15.44 29.55
N ALA A 123 -25.97 15.72 29.10
CA ALA A 123 -24.83 15.84 30.01
C ALA A 123 -24.69 17.25 30.59
N VAL A 124 -24.42 17.32 31.88
CA VAL A 124 -24.22 18.58 32.58
C VAL A 124 -22.93 18.50 33.39
N GLY A 125 -22.21 19.61 33.51
CA GLY A 125 -20.99 19.64 34.30
C GLY A 125 -21.10 20.51 35.52
N VAL A 126 -20.30 20.22 36.54
CA VAL A 126 -20.30 20.98 37.77
C VAL A 126 -19.67 22.36 37.56
N THR A 127 -20.49 23.32 37.14
CA THR A 127 -20.03 24.68 36.91
C THR A 127 -20.99 25.69 37.54
N ALA A 128 -20.83 26.96 37.18
CA ALA A 128 -21.71 28.01 37.68
C ALA A 128 -23.03 28.04 36.93
N ASP A 129 -22.97 27.82 35.62
CA ASP A 129 -24.16 27.85 34.78
C ASP A 129 -24.83 26.49 34.70
N ALA A 130 -24.47 25.59 35.61
CA ALA A 130 -24.99 24.23 35.61
C ALA A 130 -26.50 24.20 35.84
N MET A 131 -26.96 24.96 36.82
N MET A 131 -26.96 24.95 36.83
CA MET A 131 -28.38 25.03 37.15
CA MET A 131 -28.38 25.01 37.13
C MET A 131 -29.15 25.77 36.06
C MET A 131 -29.15 25.76 36.04
N THR A 132 -28.48 26.70 35.38
CA THR A 132 -29.10 27.44 34.29
C THR A 132 -29.33 26.52 33.11
N ARG A 133 -28.35 25.67 32.83
CA ARG A 133 -28.45 24.70 31.74
C ARG A 133 -29.50 23.64 32.07
N ILE A 134 -29.54 23.23 33.32
CA ILE A 134 -30.51 22.23 33.78
C ILE A 134 -31.95 22.70 33.60
N ASP A 135 -32.20 23.97 33.91
CA ASP A 135 -33.53 24.56 33.74
C ASP A 135 -34.05 24.35 32.33
N ALA A 136 -33.25 24.73 31.34
CA ALA A 136 -33.64 24.59 29.93
C ALA A 136 -33.84 23.12 29.55
N LEU A 137 -33.01 22.25 30.11
CA LEU A 137 -33.14 20.82 29.85
C LEU A 137 -34.43 20.28 30.45
N VAL A 138 -34.77 20.74 31.65
CA VAL A 138 -36.03 20.39 32.29
C VAL A 138 -37.19 21.01 31.51
N LYS A 139 -37.01 22.25 31.09
CA LYS A 139 -37.99 22.93 30.24
C LYS A 139 -38.19 22.18 28.93
N ALA A 140 -37.14 21.51 28.48
CA ALA A 140 -37.21 20.70 27.26
C ALA A 140 -37.70 19.29 27.58
N SER A 141 -38.08 19.09 28.83
CA SER A 141 -38.66 17.83 29.28
C SER A 141 -37.72 16.64 29.12
N VAL A 142 -36.45 16.84 29.44
CA VAL A 142 -35.46 15.76 29.38
C VAL A 142 -35.78 14.74 30.48
N ASP A 143 -35.45 13.48 30.23
CA ASP A 143 -35.77 12.41 31.17
C ASP A 143 -34.74 12.32 32.29
N ALA A 144 -33.48 12.50 31.94
CA ALA A 144 -32.39 12.37 32.90
C ALA A 144 -31.22 13.25 32.54
N ILE A 145 -30.75 14.04 33.50
CA ILE A 145 -29.52 14.81 33.30
C ILE A 145 -28.34 14.01 33.85
N VAL A 146 -27.19 14.17 33.21
CA VAL A 146 -25.99 13.44 33.64
C VAL A 146 -24.91 14.41 34.10
N LEU A 147 -24.66 14.42 35.40
CA LEU A 147 -23.61 15.25 35.96
C LEU A 147 -22.24 14.62 35.72
N ASP A 148 -21.58 15.08 34.65
CA ASP A 148 -20.32 14.49 34.21
C ASP A 148 -19.10 15.27 34.67
N THR A 149 -18.29 14.65 35.52
CA THR A 149 -17.04 15.23 35.98
C THR A 149 -15.96 14.16 35.94
N ALA A 150 -14.70 14.58 35.99
CA ALA A 150 -13.59 13.65 35.98
C ALA A 150 -13.51 12.91 37.31
N HIS A 151 -13.62 13.65 38.40
CA HIS A 151 -13.55 13.07 39.73
C HIS A 151 -14.88 13.21 40.46
N GLY A 152 -15.70 12.16 40.40
CA GLY A 152 -17.04 12.19 40.97
C GLY A 152 -17.05 12.20 42.49
N HIS A 153 -15.91 11.87 43.10
CA HIS A 153 -15.81 11.84 44.56
C HIS A 153 -15.40 13.20 45.09
N SER A 154 -15.63 14.25 44.31
CA SER A 154 -15.29 15.60 44.72
C SER A 154 -16.41 16.25 45.51
N GLN A 155 -16.06 17.21 46.35
CA GLN A 155 -17.03 17.89 47.19
C GLN A 155 -17.99 18.74 46.37
N GLY A 156 -17.45 19.41 45.34
CA GLY A 156 -18.25 20.25 44.48
C GLY A 156 -19.32 19.45 43.76
N VAL A 157 -18.97 18.22 43.38
CA VAL A 157 -19.90 17.33 42.72
C VAL A 157 -21.03 16.95 43.65
N ILE A 158 -20.68 16.52 44.86
CA ILE A 158 -21.66 16.14 45.88
C ILE A 158 -22.59 17.30 46.20
N ASP A 159 -22.01 18.48 46.41
CA ASP A 159 -22.79 19.67 46.71
C ASP A 159 -23.70 20.06 45.55
N LYS A 160 -23.24 19.81 44.33
CA LYS A 160 -24.02 20.16 43.15
C LYS A 160 -25.23 19.26 43.01
N VAL A 161 -25.04 17.97 43.31
CA VAL A 161 -26.14 17.00 43.26
C VAL A 161 -27.23 17.40 44.25
N LYS A 162 -26.82 17.89 45.41
CA LYS A 162 -27.76 18.33 46.43
C LYS A 162 -28.63 19.49 45.93
N GLU A 163 -28.02 20.43 45.23
CA GLU A 163 -28.74 21.59 44.69
C GLU A 163 -29.80 21.13 43.70
N VAL A 164 -29.46 20.15 42.86
CA VAL A 164 -30.34 19.69 41.81
C VAL A 164 -31.56 18.94 42.35
N ARG A 165 -31.30 17.95 43.20
N ARG A 165 -31.32 17.96 43.21
CA ARG A 165 -32.35 17.16 43.83
CA ARG A 165 -32.44 17.18 43.75
C ARG A 165 -33.29 18.02 44.66
C ARG A 165 -33.33 18.04 44.67
N ALA A 166 -32.72 19.04 45.32
CA ALA A 166 -33.49 19.95 46.16
C ALA A 166 -34.50 20.75 45.33
N LYS A 167 -34.14 21.07 44.09
CA LYS A 167 -35.02 21.82 43.22
C LYS A 167 -35.88 20.91 42.35
N TYR A 168 -35.32 19.77 41.97
CA TYR A 168 -36.05 18.79 41.16
C TYR A 168 -36.05 17.41 41.83
N PRO A 169 -36.96 17.21 42.80
CA PRO A 169 -37.03 15.97 43.57
C PRO A 169 -37.38 14.74 42.73
N SER A 170 -37.98 14.96 41.56
CA SER A 170 -38.44 13.86 40.72
C SER A 170 -37.51 13.57 39.55
N LEU A 171 -36.64 14.52 39.23
CA LEU A 171 -35.74 14.39 38.09
C LEU A 171 -34.71 13.27 38.30
N ASN A 172 -34.49 12.48 37.25
CA ASN A 172 -33.46 11.45 37.28
C ASN A 172 -32.06 12.04 37.24
N ILE A 173 -31.24 11.72 38.24
CA ILE A 173 -29.90 12.26 38.33
C ILE A 173 -28.84 11.15 38.25
N ILE A 174 -28.11 11.12 37.14
CA ILE A 174 -26.99 10.22 36.99
C ILE A 174 -25.70 10.95 37.36
N ALA A 175 -25.01 10.46 38.38
CA ALA A 175 -23.81 11.11 38.88
C ALA A 175 -22.58 10.23 38.72
N GLY A 176 -21.51 10.80 38.17
CA GLY A 176 -20.26 10.10 38.00
C GLY A 176 -19.16 11.06 37.60
N ASN A 177 -17.94 10.55 37.37
CA ASN A 177 -17.66 9.11 37.52
C ASN A 177 -16.91 8.79 38.79
N VAL A 178 -17.19 7.62 39.35
CA VAL A 178 -16.53 7.14 40.56
C VAL A 178 -16.01 5.73 40.34
N ALA A 179 -15.19 5.25 41.27
CA ALA A 179 -14.60 3.92 41.13
C ALA A 179 -14.47 3.17 42.45
N THR A 180 -14.96 3.76 43.53
CA THR A 180 -14.93 3.12 44.85
C THR A 180 -16.29 3.08 45.54
N ALA A 181 -16.36 2.34 46.65
CA ALA A 181 -17.58 2.21 47.42
C ALA A 181 -17.88 3.47 48.23
N GLU A 182 -16.83 4.08 48.75
CA GLU A 182 -16.96 5.33 49.49
C GLU A 182 -17.59 6.41 48.62
N ALA A 183 -17.12 6.47 47.37
CA ALA A 183 -17.59 7.47 46.43
C ALA A 183 -19.04 7.23 46.03
N THR A 184 -19.41 5.96 45.85
CA THR A 184 -20.77 5.61 45.47
C THR A 184 -21.76 5.94 46.58
N LYS A 185 -21.41 5.57 47.81
CA LYS A 185 -22.24 5.91 48.96
C LYS A 185 -22.41 7.42 49.10
N ALA A 186 -21.31 8.15 48.93
CA ALA A 186 -21.31 9.60 49.05
C ALA A 186 -22.29 10.25 48.08
N LEU A 187 -22.30 9.76 46.84
CA LEU A 187 -23.19 10.31 45.82
C LEU A 187 -24.63 9.84 46.01
N ILE A 188 -24.80 8.63 46.53
CA ILE A 188 -26.13 8.10 46.80
C ILE A 188 -26.82 8.93 47.88
N GLU A 189 -26.11 9.21 48.97
CA GLU A 189 -26.63 10.05 50.04
C GLU A 189 -26.84 11.49 49.55
N ALA A 190 -26.08 11.88 48.53
CA ALA A 190 -26.22 13.21 47.94
C ALA A 190 -27.54 13.35 47.21
N GLY A 191 -28.01 12.25 46.61
CA GLY A 191 -29.31 12.23 45.97
C GLY A 191 -29.36 11.66 44.57
N ALA A 192 -28.29 10.96 44.16
CA ALA A 192 -28.23 10.40 42.81
C ALA A 192 -29.06 9.13 42.68
N ASN A 193 -29.87 9.06 41.62
CA ASN A 193 -30.68 7.87 41.35
C ASN A 193 -29.82 6.75 40.79
N VAL A 194 -28.92 7.12 39.88
CA VAL A 194 -28.03 6.16 39.24
C VAL A 194 -26.59 6.64 39.34
N VAL A 195 -25.66 5.72 39.56
CA VAL A 195 -24.25 6.06 39.69
C VAL A 195 -23.43 5.52 38.53
N LYS A 196 -22.78 6.42 37.78
CA LYS A 196 -21.94 6.02 36.67
C LYS A 196 -20.54 5.67 37.16
N VAL A 197 -20.04 4.50 36.74
CA VAL A 197 -18.77 4.00 37.22
C VAL A 197 -17.73 3.92 36.10
N GLY A 198 -16.54 4.45 36.36
CA GLY A 198 -15.46 4.35 35.39
C GLY A 198 -14.43 5.47 35.48
N ILE A 199 -13.27 5.14 36.03
CA ILE A 199 -12.14 6.07 36.04
C ILE A 199 -10.97 5.45 35.31
N GLY A 200 -10.80 5.80 34.04
CA GLY A 200 -9.71 5.29 33.25
C GLY A 200 -9.91 4.29 32.10
N PRO A 201 -10.94 3.43 32.17
CA PRO A 201 -10.93 2.33 31.18
C PRO A 201 -11.30 2.76 29.76
N GLY A 202 -11.59 4.04 29.54
CA GLY A 202 -11.96 4.53 28.23
C GLY A 202 -10.92 4.24 27.17
N SER A 203 -11.38 3.92 25.97
CA SER A 203 -10.51 3.58 24.85
C SER A 203 -9.66 4.76 24.41
N ILE A 204 -10.15 5.97 24.68
CA ILE A 204 -9.44 7.18 24.31
C ILE A 204 -8.93 7.92 25.55
N CYS A 205 -8.92 7.22 26.67
CA CYS A 205 -8.55 7.82 27.95
C CYS A 205 -7.06 7.68 28.26
N THR A 206 -6.49 8.70 28.88
CA THR A 206 -5.10 8.66 29.34
C THR A 206 -4.98 9.10 30.80
N THR A 207 -6.11 9.08 31.50
CA THR A 207 -6.16 9.52 32.90
C THR A 207 -5.23 8.69 33.78
N ARG A 208 -5.21 7.38 33.56
CA ARG A 208 -4.36 6.50 34.33
C ARG A 208 -2.90 6.65 33.91
N VAL A 209 -2.68 7.27 32.75
CA VAL A 209 -1.33 7.43 32.22
C VAL A 209 -0.71 8.76 32.64
N VAL A 210 -1.52 9.81 32.68
CA VAL A 210 -1.01 11.14 32.99
C VAL A 210 -1.13 11.48 34.47
N ALA A 211 -2.09 10.87 35.15
CA ALA A 211 -2.29 11.11 36.57
C ALA A 211 -1.89 9.90 37.39
N GLY A 212 -1.83 8.74 36.74
CA GLY A 212 -1.52 7.50 37.41
C GLY A 212 -2.64 7.06 38.32
N VAL A 213 -3.84 7.54 38.05
CA VAL A 213 -5.00 7.31 38.90
C VAL A 213 -6.07 6.48 38.19
N GLY A 214 -6.59 5.46 38.86
CA GLY A 214 -7.67 4.67 38.32
C GLY A 214 -7.93 3.39 39.09
N VAL A 215 -9.01 2.71 38.69
CA VAL A 215 -9.36 1.40 39.25
C VAL A 215 -9.84 0.52 38.11
N PRO A 216 -9.27 -0.68 37.99
CA PRO A 216 -9.69 -1.67 36.98
C PRO A 216 -11.21 -1.80 36.92
N GLN A 217 -11.76 -1.69 35.72
CA GLN A 217 -13.20 -1.50 35.53
C GLN A 217 -14.10 -2.57 36.13
N LEU A 218 -13.74 -3.84 35.94
CA LEU A 218 -14.54 -4.95 36.45
C LEU A 218 -14.61 -4.91 37.98
N THR A 219 -13.47 -4.65 38.60
CA THR A 219 -13.42 -4.48 40.05
C THR A 219 -14.14 -3.21 40.48
N ALA A 220 -14.02 -2.16 39.68
CA ALA A 220 -14.68 -0.89 39.97
C ALA A 220 -16.19 -1.05 39.98
N VAL A 221 -16.72 -1.66 38.93
CA VAL A 221 -18.15 -1.87 38.82
C VAL A 221 -18.67 -2.77 39.93
N TYR A 222 -17.93 -3.83 40.23
CA TYR A 222 -18.31 -4.75 41.30
C TYR A 222 -18.27 -4.12 42.68
N ASP A 223 -17.28 -3.27 42.93
CA ASP A 223 -17.17 -2.60 44.23
C ASP A 223 -18.26 -1.55 44.42
N CYS A 224 -18.51 -0.77 43.36
CA CYS A 224 -19.51 0.29 43.42
C CYS A 224 -20.92 -0.28 43.49
N ALA A 225 -21.13 -1.42 42.85
CA ALA A 225 -22.42 -2.09 42.88
C ALA A 225 -22.71 -2.59 44.29
N THR A 226 -21.71 -3.24 44.89
CA THR A 226 -21.83 -3.81 46.23
C THR A 226 -22.39 -2.80 47.22
N GLU A 227 -21.95 -1.55 47.11
CA GLU A 227 -22.47 -0.48 47.95
C GLU A 227 -23.84 -0.03 47.46
N ALA A 228 -23.96 0.15 46.14
CA ALA A 228 -25.20 0.65 45.55
C ALA A 228 -26.33 -0.36 45.60
N ARG A 229 -25.98 -1.64 45.66
CA ARG A 229 -26.98 -2.71 45.69
C ARG A 229 -27.72 -2.70 47.02
N LYS A 230 -27.09 -2.11 48.03
CA LYS A 230 -27.67 -2.04 49.37
C LYS A 230 -28.54 -0.79 49.54
N HIS A 231 -28.64 0.00 48.49
CA HIS A 231 -29.47 1.21 48.52
C HIS A 231 -30.57 1.14 47.46
N GLY A 232 -30.60 0.05 46.71
CA GLY A 232 -31.55 -0.07 45.62
C GLY A 232 -31.18 0.88 44.50
N ILE A 233 -29.89 1.17 44.38
CA ILE A 233 -29.39 2.09 43.37
C ILE A 233 -28.67 1.32 42.27
N PRO A 234 -29.10 1.55 41.02
CA PRO A 234 -28.45 0.94 39.85
C PRO A 234 -27.16 1.66 39.50
N VAL A 235 -26.18 0.93 38.95
CA VAL A 235 -24.94 1.53 38.50
C VAL A 235 -24.72 1.33 37.01
N ILE A 236 -24.00 2.26 36.39
CA ILE A 236 -23.71 2.19 34.97
C ILE A 236 -22.25 1.86 34.72
N ALA A 237 -22.01 0.78 33.97
CA ALA A 237 -20.66 0.40 33.58
C ALA A 237 -20.21 1.24 32.38
N ASP A 238 -19.37 2.23 32.64
CA ASP A 238 -19.00 3.19 31.61
C ASP A 238 -17.55 3.01 31.14
N GLY A 239 -17.38 2.75 29.84
CA GLY A 239 -16.07 2.66 29.24
C GLY A 239 -15.33 1.35 29.50
N GLY A 240 -14.51 0.94 28.52
CA GLY A 240 -13.68 -0.23 28.69
C GLY A 240 -14.12 -1.44 27.88
N ILE A 241 -15.36 -1.39 27.39
N ILE A 241 -15.37 -1.43 27.42
CA ILE A 241 -15.94 -2.49 26.61
CA ILE A 241 -15.87 -2.57 26.66
C ILE A 241 -15.55 -2.43 25.14
C ILE A 241 -15.48 -2.42 25.18
N LYS A 242 -14.95 -3.50 24.64
CA LYS A 242 -14.45 -3.53 23.27
C LYS A 242 -15.19 -4.58 22.45
N TYR A 243 -15.56 -5.67 23.12
CA TYR A 243 -16.33 -6.73 22.49
C TYR A 243 -17.64 -6.92 23.24
N SER A 244 -18.57 -7.65 22.63
CA SER A 244 -19.86 -7.93 23.24
C SER A 244 -19.70 -8.63 24.58
N GLY A 245 -18.69 -9.50 24.67
CA GLY A 245 -18.44 -10.28 25.86
C GLY A 245 -18.18 -9.44 27.10
N ASP A 246 -17.59 -8.27 26.90
CA ASP A 246 -17.27 -7.37 28.01
C ASP A 246 -18.55 -6.80 28.62
N MET A 247 -19.54 -6.54 27.77
CA MET A 247 -20.82 -6.01 28.23
C MET A 247 -21.51 -7.01 29.15
N VAL A 248 -21.47 -8.28 28.78
CA VAL A 248 -22.02 -9.34 29.61
C VAL A 248 -21.26 -9.43 30.93
N LYS A 249 -19.95 -9.31 30.86
CA LYS A 249 -19.11 -9.34 32.05
C LYS A 249 -19.40 -8.14 32.96
N ALA A 250 -19.66 -6.99 32.35
CA ALA A 250 -19.95 -5.78 33.10
C ALA A 250 -21.30 -5.85 33.80
N LEU A 251 -22.30 -6.36 33.09
CA LEU A 251 -23.64 -6.51 33.65
C LEU A 251 -23.65 -7.57 34.75
N ALA A 252 -22.86 -8.61 34.58
CA ALA A 252 -22.80 -9.70 35.55
C ALA A 252 -21.97 -9.30 36.77
N ALA A 253 -21.18 -8.24 36.63
CA ALA A 253 -20.33 -7.76 37.72
C ALA A 253 -21.13 -6.90 38.70
N GLY A 254 -22.35 -6.54 38.33
CA GLY A 254 -23.21 -5.78 39.21
C GLY A 254 -23.84 -4.55 38.58
N ALA A 255 -23.54 -4.32 37.31
CA ALA A 255 -24.07 -3.15 36.60
C ALA A 255 -25.47 -3.41 36.04
N HIS A 256 -26.31 -2.39 36.08
CA HIS A 256 -27.67 -2.48 35.55
C HIS A 256 -27.67 -2.19 34.06
N VAL A 257 -26.68 -1.44 33.61
CA VAL A 257 -26.62 -0.98 32.23
C VAL A 257 -25.20 -0.49 31.92
N VAL A 258 -24.78 -0.61 30.67
CA VAL A 258 -23.43 -0.19 30.28
C VAL A 258 -23.46 1.04 29.38
N MET A 259 -22.37 1.79 29.37
CA MET A 259 -22.24 2.94 28.48
C MET A 259 -21.09 2.76 27.49
N LEU A 260 -21.37 3.01 26.20
CA LEU A 260 -20.40 2.76 25.14
C LEU A 260 -20.06 4.02 24.37
N GLY A 261 -18.80 4.16 23.98
CA GLY A 261 -18.36 5.31 23.21
C GLY A 261 -17.74 4.90 21.88
N SER A 262 -16.67 4.13 21.94
CA SER A 262 -15.94 3.72 20.74
C SER A 262 -16.77 2.85 19.80
N MET A 263 -17.57 1.96 20.36
CA MET A 263 -18.36 1.04 19.55
C MET A 263 -19.56 1.73 18.89
N PHE A 264 -19.87 2.93 19.34
CA PHE A 264 -20.99 3.69 18.78
C PHE A 264 -20.53 4.83 17.91
N ALA A 265 -19.22 5.10 17.91
CA ALA A 265 -18.65 6.22 17.19
C ALA A 265 -18.65 5.99 15.67
N GLY A 266 -18.36 4.77 15.26
CA GLY A 266 -18.32 4.43 13.84
C GLY A 266 -19.70 4.34 13.22
N VAL A 267 -20.71 4.27 14.07
CA VAL A 267 -22.11 4.17 13.64
C VAL A 267 -22.54 5.41 12.86
N ALA A 268 -23.30 5.20 11.78
CA ALA A 268 -23.72 6.27 10.89
C ALA A 268 -24.44 7.42 11.59
N GLU A 269 -25.28 7.11 12.57
CA GLU A 269 -26.07 8.12 13.24
C GLU A 269 -25.28 8.95 14.26
N SER A 270 -24.00 8.65 14.43
CA SER A 270 -23.14 9.43 15.32
C SER A 270 -22.83 10.78 14.68
N PRO A 271 -22.73 11.83 15.50
CA PRO A 271 -22.46 13.19 15.02
C PRO A 271 -21.09 13.28 14.34
N GLY A 272 -21.09 13.44 13.02
CA GLY A 272 -19.85 13.59 12.29
C GLY A 272 -20.00 13.23 10.82
N GLU A 273 -19.10 13.75 10.00
CA GLU A 273 -19.08 13.43 8.58
C GLU A 273 -17.98 12.40 8.33
N THR A 274 -18.28 11.40 7.52
CA THR A 274 -17.33 10.34 7.23
C THR A 274 -16.11 10.84 6.47
N GLU A 275 -14.92 10.60 7.03
CA GLU A 275 -13.68 10.97 6.36
C GLU A 275 -13.08 9.75 5.66
N ILE A 276 -12.06 10.00 4.84
CA ILE A 276 -11.38 8.93 4.13
C ILE A 276 -9.91 8.86 4.54
N TYR A 277 -9.45 7.66 4.90
CA TYR A 277 -8.06 7.42 5.23
C TYR A 277 -7.56 6.14 4.56
N GLN A 278 -6.62 6.29 3.64
CA GLN A 278 -6.11 5.18 2.84
C GLN A 278 -7.20 4.42 2.09
N GLY A 279 -8.21 5.15 1.61
CA GLY A 279 -9.30 4.55 0.85
C GLY A 279 -10.48 4.14 1.70
N ARG A 280 -10.23 3.79 2.96
CA ARG A 280 -11.28 3.31 3.85
C ARG A 280 -12.09 4.43 4.48
N GLN A 281 -13.29 4.08 4.96
CA GLN A 281 -14.18 5.05 5.60
C GLN A 281 -13.96 5.05 7.11
N PHE A 282 -13.71 6.24 7.66
CA PHE A 282 -13.50 6.39 9.09
C PHE A 282 -14.32 7.53 9.69
N LYS A 283 -14.50 7.49 11.01
CA LYS A 283 -15.22 8.54 11.72
C LYS A 283 -14.36 9.03 12.87
N VAL A 284 -14.37 10.32 13.11
CA VAL A 284 -13.56 10.92 14.18
C VAL A 284 -14.08 10.53 15.56
N TYR A 285 -13.20 9.92 16.37
CA TYR A 285 -13.54 9.64 17.76
C TYR A 285 -12.44 10.18 18.67
N ARG A 286 -12.83 10.99 19.65
CA ARG A 286 -11.86 11.66 20.50
C ARG A 286 -12.39 11.79 21.92
N GLY A 287 -11.48 11.99 22.87
CA GLY A 287 -11.87 12.17 24.25
C GLY A 287 -12.35 13.59 24.52
N MET A 288 -13.20 13.74 25.53
CA MET A 288 -13.69 15.06 25.92
C MET A 288 -12.58 15.82 26.65
N GLY A 289 -11.58 15.07 27.12
CA GLY A 289 -10.42 15.65 27.77
C GLY A 289 -9.25 15.76 26.82
N SER A 290 -9.52 15.58 25.53
CA SER A 290 -8.48 15.74 24.51
C SER A 290 -8.29 17.20 24.18
N VAL A 291 -7.26 17.51 23.40
CA VAL A 291 -6.98 18.89 23.01
C VAL A 291 -8.07 19.45 22.11
N GLY A 292 -8.46 18.66 21.10
CA GLY A 292 -9.44 19.10 20.12
C GLY A 292 -10.81 19.42 20.71
N ALA A 293 -11.26 18.59 21.64
CA ALA A 293 -12.58 18.76 22.25
C ALA A 293 -12.66 19.96 23.18
N MET A 294 -11.58 20.21 23.92
N MET A 294 -11.58 20.19 23.93
CA MET A 294 -11.57 21.29 24.90
CA MET A 294 -11.52 21.28 24.89
C MET A 294 -11.42 22.67 24.25
C MET A 294 -11.46 22.64 24.22
N GLU A 295 -10.73 22.73 23.11
CA GLU A 295 -10.55 23.98 22.40
C GLU A 295 -11.83 24.54 21.80
N LYS A 296 -12.71 23.65 21.37
CA LYS A 296 -13.98 24.06 20.79
C LYS A 296 -14.94 24.62 21.84
N LYS A 309 -2.12 26.62 28.05
CA LYS A 309 -2.45 25.28 27.57
C LYS A 309 -2.69 24.31 28.73
N LEU A 310 -3.75 23.52 28.63
CA LEU A 310 -4.12 22.59 29.69
C LEU A 310 -3.46 21.23 29.52
N VAL A 311 -3.68 20.35 30.50
CA VAL A 311 -3.09 19.02 30.48
C VAL A 311 -4.16 17.98 30.19
N PRO A 312 -4.17 17.46 28.96
CA PRO A 312 -5.20 16.54 28.48
C PRO A 312 -5.21 15.20 29.20
N GLU A 313 -6.39 14.65 29.42
CA GLU A 313 -6.53 13.31 29.96
C GLU A 313 -7.20 12.40 28.93
N GLY A 314 -7.01 12.74 27.65
CA GLY A 314 -7.58 11.98 26.56
C GLY A 314 -6.83 12.22 25.27
N ILE A 315 -7.27 11.58 24.20
CA ILE A 315 -6.61 11.69 22.89
C ILE A 315 -7.60 11.85 21.75
N GLU A 316 -7.07 12.09 20.56
CA GLU A 316 -7.88 12.21 19.35
C GLU A 316 -7.54 11.08 18.39
N GLY A 317 -8.55 10.35 17.93
CA GLY A 317 -8.34 9.23 17.03
C GLY A 317 -9.46 9.05 16.03
N ARG A 318 -9.62 7.83 15.54
CA ARG A 318 -10.68 7.52 14.59
C ARG A 318 -11.03 6.04 14.58
N VAL A 319 -12.29 5.74 14.29
CA VAL A 319 -12.77 4.38 14.21
C VAL A 319 -13.40 4.14 12.84
N PRO A 320 -13.38 2.87 12.37
CA PRO A 320 -13.97 2.54 11.07
C PRO A 320 -15.46 2.84 11.03
N TYR A 321 -15.95 3.25 9.87
CA TYR A 321 -17.39 3.46 9.68
C TYR A 321 -18.10 2.11 9.70
N LYS A 322 -19.14 2.01 10.53
CA LYS A 322 -19.81 0.74 10.76
C LYS A 322 -21.20 0.66 10.13
N GLY A 323 -21.68 1.80 9.62
CA GLY A 323 -23.00 1.84 9.03
C GLY A 323 -24.07 2.20 10.05
N PRO A 324 -25.31 1.78 9.80
CA PRO A 324 -26.44 2.08 10.69
C PRO A 324 -26.29 1.45 12.07
N LEU A 325 -26.89 2.08 13.07
CA LEU A 325 -26.78 1.63 14.46
C LEU A 325 -27.40 0.27 14.68
N ALA A 326 -28.45 -0.03 13.92
CA ALA A 326 -29.22 -1.26 14.08
C ALA A 326 -28.36 -2.53 13.98
N ASP A 327 -27.35 -2.49 13.12
CA ASP A 327 -26.49 -3.66 12.93
C ASP A 327 -25.54 -3.86 14.11
N THR A 328 -25.06 -2.75 14.68
CA THR A 328 -24.17 -2.83 15.83
C THR A 328 -24.92 -3.27 17.08
N VAL A 329 -26.11 -2.70 17.26
CA VAL A 329 -26.97 -3.06 18.38
C VAL A 329 -27.32 -4.55 18.36
N HIS A 330 -27.68 -5.04 17.18
CA HIS A 330 -28.05 -6.44 17.01
C HIS A 330 -26.92 -7.39 17.41
N GLN A 331 -25.70 -7.04 17.03
CA GLN A 331 -24.53 -7.85 17.37
C GLN A 331 -24.24 -7.80 18.87
N LEU A 332 -24.38 -6.61 19.45
CA LEU A 332 -24.17 -6.44 20.88
C LEU A 332 -25.23 -7.19 21.69
N VAL A 333 -26.49 -6.86 21.45
CA VAL A 333 -27.60 -7.50 22.16
C VAL A 333 -27.61 -9.01 21.92
N GLY A 334 -27.30 -9.42 20.70
CA GLY A 334 -27.23 -10.83 20.36
C GLY A 334 -26.16 -11.55 21.16
N GLY A 335 -25.05 -10.87 21.39
CA GLY A 335 -23.97 -11.43 22.19
C GLY A 335 -24.35 -11.52 23.65
N LEU A 336 -25.16 -10.57 24.11
CA LEU A 336 -25.65 -10.58 25.47
C LEU A 336 -26.61 -11.74 25.70
N ARG A 337 -27.53 -11.93 24.75
CA ARG A 337 -28.49 -13.02 24.81
C ARG A 337 -27.77 -14.36 24.87
N ALA A 338 -26.75 -14.50 24.02
CA ALA A 338 -25.95 -15.72 23.99
C ALA A 338 -25.25 -15.92 25.33
N GLY A 339 -24.69 -14.83 25.87
CA GLY A 339 -24.00 -14.88 27.14
C GLY A 339 -24.92 -15.22 28.30
N MET A 340 -26.12 -14.64 28.29
CA MET A 340 -27.11 -14.91 29.32
C MET A 340 -27.59 -16.35 29.24
N GLY A 341 -27.61 -16.90 28.02
CA GLY A 341 -28.02 -18.26 27.80
C GLY A 341 -27.08 -19.28 28.42
N TYR A 342 -25.78 -18.99 28.37
CA TYR A 342 -24.79 -19.88 28.97
C TYR A 342 -24.88 -19.90 30.49
N CYS A 343 -25.25 -18.76 31.07
CA CYS A 343 -25.32 -18.62 32.52
C CYS A 343 -26.66 -19.03 33.08
N GLY A 344 -27.59 -19.39 32.19
CA GLY A 344 -28.92 -19.80 32.60
C GLY A 344 -29.75 -18.66 33.16
N ALA A 345 -29.40 -17.44 32.76
CA ALA A 345 -30.09 -16.26 33.23
C ALA A 345 -31.27 -15.90 32.32
N GLN A 346 -32.47 -15.96 32.87
CA GLN A 346 -33.67 -15.62 32.12
C GLN A 346 -33.78 -14.10 31.93
N ASP A 347 -33.36 -13.35 32.94
CA ASP A 347 -33.32 -11.90 32.84
C ASP A 347 -32.04 -11.30 33.44
N LEU A 348 -31.88 -9.99 33.32
CA LEU A 348 -30.66 -9.32 33.74
C LEU A 348 -30.41 -9.35 35.25
N GLU A 349 -31.49 -9.41 36.04
CA GLU A 349 -31.33 -9.45 37.49
C GLU A 349 -30.74 -10.77 37.97
N PHE A 350 -31.19 -11.88 37.38
CA PHE A 350 -30.66 -13.19 37.72
C PHE A 350 -29.17 -13.24 37.40
N LEU A 351 -28.77 -12.52 36.36
CA LEU A 351 -27.37 -12.46 35.96
C LEU A 351 -26.52 -11.83 37.06
N ARG A 352 -26.92 -10.64 37.51
CA ARG A 352 -26.18 -9.93 38.56
C ARG A 352 -26.11 -10.73 39.85
N GLU A 353 -27.21 -11.41 40.19
CA GLU A 353 -27.32 -12.08 41.48
C GLU A 353 -26.62 -13.44 41.55
N ASN A 354 -26.43 -14.08 40.39
CA ASN A 354 -25.97 -15.47 40.38
C ASN A 354 -24.77 -15.81 39.50
N ALA A 355 -24.44 -14.95 38.53
CA ALA A 355 -23.33 -15.24 37.61
C ALA A 355 -22.00 -15.34 38.35
N GLN A 356 -21.21 -16.35 37.99
CA GLN A 356 -19.92 -16.57 38.62
C GLN A 356 -18.80 -16.43 37.59
N PHE A 357 -17.77 -15.68 37.94
CA PHE A 357 -16.63 -15.48 37.05
C PHE A 357 -15.53 -16.48 37.39
N ILE A 358 -14.56 -16.61 36.48
CA ILE A 358 -13.35 -17.38 36.77
C ILE A 358 -12.12 -16.61 36.28
N ARG A 359 -11.09 -16.56 37.11
CA ARG A 359 -9.88 -15.79 36.78
C ARG A 359 -8.91 -16.59 35.92
N MET A 360 -8.21 -15.89 35.03
CA MET A 360 -7.25 -16.53 34.14
C MET A 360 -6.02 -15.65 33.92
N SER A 361 -4.93 -16.28 33.51
CA SER A 361 -3.71 -15.57 33.19
C SER A 361 -3.81 -14.93 31.81
N GLY A 362 -2.70 -14.35 31.35
CA GLY A 362 -2.64 -13.81 30.00
C GLY A 362 -2.71 -14.92 28.97
N ALA A 363 -2.21 -16.09 29.34
CA ALA A 363 -2.23 -17.26 28.47
C ALA A 363 -3.66 -17.72 28.21
N GLY A 364 -4.51 -17.59 29.23
CA GLY A 364 -5.91 -17.93 29.10
C GLY A 364 -6.62 -17.00 28.12
N LEU A 365 -6.20 -15.74 28.12
CA LEU A 365 -6.76 -14.74 27.22
C LEU A 365 -6.45 -15.08 25.76
N LEU A 366 -5.26 -15.62 25.52
CA LEU A 366 -4.84 -15.99 24.18
C LEU A 366 -5.66 -17.17 23.67
N GLU A 367 -5.98 -18.09 24.56
CA GLU A 367 -6.83 -19.22 24.23
C GLU A 367 -8.27 -18.75 24.00
N SER A 368 -8.69 -17.78 24.80
CA SER A 368 -10.05 -17.23 24.69
C SER A 368 -10.28 -16.60 23.33
N HIS A 369 -9.32 -15.80 22.88
CA HIS A 369 -9.36 -15.25 21.53
C HIS A 369 -9.05 -16.35 20.53
N PRO A 370 -9.52 -16.20 19.28
CA PRO A 370 -9.13 -17.18 18.26
C PRO A 370 -7.64 -17.10 18.01
N HIS A 371 -6.99 -18.25 17.79
CA HIS A 371 -5.53 -18.30 17.72
C HIS A 371 -5.02 -19.31 16.70
N HIS A 372 -3.78 -19.11 16.27
CA HIS A 372 -3.10 -20.02 15.34
C HIS A 372 -3.89 -20.33 14.08
N VAL A 373 -4.46 -19.30 13.47
CA VAL A 373 -5.21 -19.46 12.23
C VAL A 373 -5.32 -18.13 11.49
N GLN A 374 -4.92 -18.15 10.21
CA GLN A 374 -5.04 -16.97 9.37
C GLN A 374 -6.51 -16.61 9.22
N ILE A 375 -6.87 -15.37 9.51
CA ILE A 375 -8.26 -14.95 9.41
C ILE A 375 -8.62 -14.52 7.99
N THR A 376 -9.45 -15.31 7.33
CA THR A 376 -9.87 -15.04 5.96
C THR A 376 -10.68 -13.74 5.87
N LYS A 377 -11.76 -13.66 6.64
CA LYS A 377 -12.64 -12.50 6.59
C LYS A 377 -13.10 -12.09 7.98
N GLU A 378 -13.63 -10.87 8.08
CA GLU A 378 -14.04 -10.32 9.36
C GLU A 378 -15.45 -10.77 9.74
N ALA A 379 -15.68 -10.93 11.04
CA ALA A 379 -17.00 -11.23 11.56
C ALA A 379 -17.70 -9.91 11.90
N PRO A 380 -19.04 -9.91 11.89
CA PRO A 380 -19.77 -8.68 12.26
C PRO A 380 -19.73 -8.40 13.76
N ASN A 381 -19.10 -9.30 14.52
N ASN A 381 -19.10 -9.29 14.52
CA ASN A 381 -18.95 -9.11 15.96
CA ASN A 381 -18.95 -9.11 15.96
C ASN A 381 -17.50 -9.31 16.40
C ASN A 381 -17.50 -9.31 16.40
N TYR A 382 -16.60 -9.34 15.42
CA TYR A 382 -15.18 -9.52 15.66
C TYR A 382 -14.43 -9.06 14.41
N SER A 383 -13.65 -7.98 14.50
CA SER A 383 -13.34 -7.28 15.76
C SER A 383 -14.47 -6.42 16.31
N LEU A 384 -15.09 -5.60 15.46
CA LEU A 384 -16.22 -4.78 15.88
C LEU A 384 -17.52 -5.54 15.73
N PHE B 20 -36.45 -8.67 49.87
CA PHE B 20 -35.08 -8.59 50.36
C PHE B 20 -34.35 -9.92 50.22
N GLN B 21 -33.03 -9.87 50.38
CA GLN B 21 -32.20 -11.07 50.32
C GLN B 21 -30.88 -10.92 51.07
N SER B 22 -30.23 -12.05 51.32
CA SER B 22 -28.91 -12.09 51.95
C SER B 22 -28.00 -12.97 51.09
N ASN B 23 -27.26 -12.34 50.19
CA ASN B 23 -26.56 -13.08 49.15
C ASN B 23 -25.15 -13.54 49.51
N ALA B 24 -24.92 -14.84 49.43
CA ALA B 24 -23.60 -15.41 49.65
C ALA B 24 -22.92 -15.70 48.31
N MET B 25 -23.72 -15.68 47.24
CA MET B 25 -23.19 -15.88 45.89
C MET B 25 -22.45 -14.65 45.41
N TRP B 26 -22.78 -13.51 46.01
CA TRP B 26 -22.22 -12.23 45.59
C TRP B 26 -20.74 -12.12 45.94
N GLU B 27 -20.34 -12.77 47.02
CA GLU B 27 -18.96 -12.68 47.50
C GLU B 27 -18.07 -13.78 46.92
N SER B 28 -18.62 -14.58 46.03
CA SER B 28 -17.86 -15.66 45.41
C SER B 28 -17.75 -15.48 43.91
N LYS B 29 -18.04 -14.28 43.44
CA LYS B 29 -18.01 -13.98 42.01
C LYS B 29 -16.62 -14.17 41.41
N PHE B 30 -15.60 -13.74 42.13
CA PHE B 30 -14.23 -13.77 41.61
C PHE B 30 -13.28 -14.61 42.45
N VAL B 31 -13.77 -15.75 42.96
CA VAL B 31 -12.95 -16.61 43.80
C VAL B 31 -12.30 -17.75 43.02
N LYS B 32 -12.92 -18.16 41.92
CA LYS B 32 -12.39 -19.26 41.12
C LYS B 32 -11.38 -18.77 40.10
N GLU B 33 -10.28 -19.52 39.94
CA GLU B 33 -9.28 -19.20 38.94
C GLU B 33 -8.96 -20.44 38.12
N GLY B 34 -8.71 -20.25 36.83
CA GLY B 34 -8.51 -21.37 35.92
C GLY B 34 -7.19 -21.35 35.17
N LEU B 35 -6.72 -22.54 34.82
CA LEU B 35 -5.47 -22.70 34.10
C LEU B 35 -5.69 -23.30 32.71
N THR B 36 -4.81 -22.95 31.78
CA THR B 36 -4.82 -23.58 30.46
C THR B 36 -3.45 -24.18 30.16
N PHE B 37 -3.28 -24.67 28.93
CA PHE B 37 -2.07 -25.39 28.55
C PHE B 37 -0.79 -24.58 28.76
N ASP B 38 -0.82 -23.29 28.41
CA ASP B 38 0.35 -22.44 28.50
C ASP B 38 0.59 -21.90 29.90
N ASP B 39 -0.11 -22.44 30.88
CA ASP B 39 0.03 -21.99 32.27
C ASP B 39 0.86 -22.96 33.10
N VAL B 40 1.00 -24.19 32.61
CA VAL B 40 1.69 -25.24 33.38
C VAL B 40 2.64 -26.08 32.53
N LEU B 41 3.38 -26.94 33.22
CA LEU B 41 4.25 -27.92 32.57
C LEU B 41 4.15 -29.24 33.33
N LEU B 42 4.34 -30.34 32.63
CA LEU B 42 4.36 -31.66 33.26
C LEU B 42 5.71 -31.92 33.91
N VAL B 43 5.67 -32.29 35.19
CA VAL B 43 6.89 -32.55 35.95
C VAL B 43 7.40 -33.97 35.69
N PRO B 44 8.66 -34.10 35.29
CA PRO B 44 9.28 -35.41 35.03
C PRO B 44 9.28 -36.30 36.27
N ALA B 45 9.34 -37.61 36.06
CA ALA B 45 9.36 -38.55 37.17
C ALA B 45 10.22 -39.76 36.82
N LYS B 46 10.42 -40.63 37.81
CA LYS B 46 11.16 -41.87 37.58
C LYS B 46 10.48 -42.69 36.49
N SER B 47 11.27 -43.18 35.54
CA SER B 47 10.73 -43.90 34.40
C SER B 47 11.46 -45.20 34.13
N ASP B 48 10.71 -46.29 33.99
N ASP B 48 10.70 -46.29 34.00
CA ASP B 48 11.29 -47.59 33.67
CA ASP B 48 11.26 -47.59 33.69
C ASP B 48 10.82 -48.05 32.31
C ASP B 48 10.75 -48.07 32.34
N VAL B 49 10.26 -47.13 31.54
CA VAL B 49 9.68 -47.47 30.24
C VAL B 49 10.13 -46.51 29.13
N LEU B 50 10.53 -47.09 28.00
CA LEU B 50 10.91 -46.30 26.83
C LEU B 50 9.65 -45.77 26.14
N PRO B 51 9.77 -44.62 25.45
CA PRO B 51 8.65 -44.03 24.70
C PRO B 51 8.00 -45.00 23.73
N ARG B 52 8.78 -45.86 23.10
CA ARG B 52 8.24 -46.84 22.15
C ARG B 52 7.55 -48.00 22.87
N GLU B 53 7.84 -48.15 24.16
CA GLU B 53 7.30 -49.26 24.95
C GLU B 53 5.96 -48.94 25.59
N VAL B 54 5.62 -47.66 25.69
CA VAL B 54 4.39 -47.25 26.37
C VAL B 54 3.14 -47.65 25.57
N SER B 55 1.99 -47.55 26.23
CA SER B 55 0.72 -47.88 25.60
C SER B 55 -0.17 -46.65 25.51
N VAL B 56 -0.68 -46.37 24.31
CA VAL B 56 -1.54 -45.22 24.09
C VAL B 56 -3.00 -45.62 23.83
N LYS B 57 -3.32 -46.88 24.10
CA LYS B 57 -4.66 -47.39 23.89
C LYS B 57 -5.62 -46.89 24.98
N THR B 58 -6.87 -46.64 24.58
CA THR B 58 -7.89 -46.17 25.51
C THR B 58 -9.24 -46.84 25.32
N VAL B 59 -10.03 -46.85 26.39
CA VAL B 59 -11.37 -47.41 26.36
C VAL B 59 -12.40 -46.33 26.67
N LEU B 60 -13.28 -46.06 25.72
CA LEU B 60 -14.36 -45.10 25.92
C LEU B 60 -15.57 -45.80 26.53
N SER B 61 -15.86 -46.99 26.02
CA SER B 61 -16.92 -47.84 26.54
C SER B 61 -16.64 -49.28 26.13
N GLU B 62 -17.57 -50.17 26.42
CA GLU B 62 -17.41 -51.57 26.07
C GLU B 62 -17.40 -51.79 24.56
N SER B 63 -18.15 -50.97 23.85
CA SER B 63 -18.30 -51.12 22.40
C SER B 63 -17.37 -50.20 21.62
N LEU B 64 -16.70 -49.29 22.32
CA LEU B 64 -15.82 -48.32 21.66
C LEU B 64 -14.42 -48.31 22.26
N GLN B 65 -13.43 -48.53 21.40
CA GLN B 65 -12.03 -48.57 21.83
C GLN B 65 -11.15 -47.91 20.78
N LEU B 66 -10.25 -47.05 21.22
CA LEU B 66 -9.31 -46.39 20.32
C LEU B 66 -7.87 -46.78 20.64
N ASN B 67 -7.08 -47.03 19.59
CA ASN B 67 -5.67 -47.35 19.76
C ASN B 67 -4.85 -46.10 20.05
N ILE B 68 -5.34 -44.95 19.58
CA ILE B 68 -4.72 -43.67 19.87
C ILE B 68 -5.77 -42.69 20.39
N PRO B 69 -5.36 -41.75 21.25
CA PRO B 69 -6.31 -40.83 21.90
C PRO B 69 -6.77 -39.69 21.00
N LEU B 70 -6.77 -39.89 19.69
CA LEU B 70 -7.10 -38.82 18.75
C LEU B 70 -8.49 -38.99 18.15
N ILE B 71 -9.26 -37.91 18.16
CA ILE B 71 -10.55 -37.87 17.46
C ILE B 71 -10.64 -36.59 16.63
N SER B 72 -10.98 -36.73 15.35
CA SER B 72 -11.11 -35.57 14.48
C SER B 72 -12.48 -34.91 14.66
N ALA B 73 -12.48 -33.58 14.73
CA ALA B 73 -13.69 -32.82 15.04
C ALA B 73 -14.79 -32.93 13.99
N GLY B 74 -16.03 -32.87 14.43
CA GLY B 74 -17.18 -32.92 13.55
C GLY B 74 -17.46 -31.58 12.90
N MET B 75 -16.57 -31.17 12.00
CA MET B 75 -16.71 -29.86 11.34
C MET B 75 -16.66 -30.03 9.83
N ASP B 76 -17.35 -29.15 9.11
CA ASP B 76 -17.43 -29.23 7.65
C ASP B 76 -16.08 -29.05 6.96
N THR B 77 -15.10 -28.56 7.70
CA THR B 77 -13.76 -28.35 7.16
C THR B 77 -12.74 -29.31 7.75
N VAL B 78 -13.21 -30.31 8.49
CA VAL B 78 -12.32 -31.25 9.16
C VAL B 78 -12.60 -32.72 8.83
N THR B 79 -13.82 -33.18 9.07
CA THR B 79 -14.11 -34.60 8.98
C THR B 79 -15.26 -35.01 8.06
N GLU B 80 -14.93 -35.74 7.00
CA GLU B 80 -15.91 -36.47 6.22
C GLU B 80 -15.42 -37.91 6.05
N ALA B 81 -15.97 -38.62 5.07
CA ALA B 81 -15.66 -40.04 4.86
C ALA B 81 -14.17 -40.32 4.73
N ASP B 82 -13.50 -39.62 3.82
CA ASP B 82 -12.08 -39.80 3.58
C ASP B 82 -11.24 -39.53 4.83
N MET B 83 -11.65 -38.54 5.62
CA MET B 83 -10.98 -38.24 6.87
C MET B 83 -11.26 -39.33 7.90
N ALA B 84 -12.54 -39.69 8.04
CA ALA B 84 -12.95 -40.70 8.99
C ALA B 84 -12.29 -42.05 8.70
N ILE B 85 -12.14 -42.38 7.42
CA ILE B 85 -11.47 -43.61 7.04
C ILE B 85 -10.00 -43.59 7.43
N ALA B 86 -9.32 -42.49 7.09
CA ALA B 86 -7.90 -42.33 7.40
C ALA B 86 -7.65 -42.31 8.91
N MET B 87 -8.50 -41.60 9.65
CA MET B 87 -8.37 -41.52 11.10
C MET B 87 -8.52 -42.89 11.75
N ALA B 88 -9.53 -43.64 11.31
CA ALA B 88 -9.80 -44.96 11.85
C ALA B 88 -8.65 -45.93 11.56
N ARG B 89 -8.07 -45.81 10.36
CA ARG B 89 -6.95 -46.66 9.99
C ARG B 89 -5.67 -46.30 10.75
N GLN B 90 -5.66 -45.12 11.34
CA GLN B 90 -4.52 -44.69 12.15
C GLN B 90 -4.69 -45.16 13.59
N GLY B 91 -5.90 -45.61 13.93
CA GLY B 91 -6.19 -46.09 15.26
C GLY B 91 -7.08 -45.13 16.03
N GLY B 92 -7.53 -44.09 15.36
CA GLY B 92 -8.35 -43.07 16.01
C GLY B 92 -9.82 -43.14 15.62
N LEU B 93 -10.48 -41.99 15.64
CA LEU B 93 -11.90 -41.91 15.35
C LEU B 93 -12.25 -40.60 14.66
N GLY B 94 -13.20 -40.66 13.73
CA GLY B 94 -13.63 -39.47 13.02
C GLY B 94 -15.12 -39.20 13.19
N ILE B 95 -15.44 -37.98 13.61
CA ILE B 95 -16.83 -37.57 13.77
C ILE B 95 -17.31 -36.87 12.51
N ILE B 96 -18.15 -37.55 11.73
CA ILE B 96 -18.69 -36.96 10.51
C ILE B 96 -19.64 -35.81 10.84
N HIS B 97 -19.40 -34.65 10.23
CA HIS B 97 -20.18 -33.45 10.55
C HIS B 97 -21.62 -33.54 10.06
N LYS B 98 -22.47 -32.68 10.61
CA LYS B 98 -23.90 -32.74 10.35
C LYS B 98 -24.38 -31.65 9.39
N ASN B 99 -23.43 -30.94 8.77
CA ASN B 99 -23.78 -29.91 7.80
C ASN B 99 -24.09 -30.48 6.42
N MET B 100 -24.98 -31.46 6.39
CA MET B 100 -25.41 -32.10 5.15
C MET B 100 -26.78 -32.73 5.34
N SER B 101 -27.27 -33.43 4.33
CA SER B 101 -28.55 -34.10 4.45
C SER B 101 -28.43 -35.36 5.31
N ILE B 102 -29.55 -35.83 5.84
CA ILE B 102 -29.60 -37.04 6.64
C ILE B 102 -29.14 -38.24 5.82
N GLU B 103 -29.60 -38.30 4.57
CA GLU B 103 -29.21 -39.37 3.65
C GLU B 103 -27.72 -39.36 3.40
N GLN B 104 -27.19 -38.19 3.02
CA GLN B 104 -25.77 -38.03 2.74
C GLN B 104 -24.92 -38.48 3.92
N GLN B 105 -25.31 -38.05 5.12
CA GLN B 105 -24.58 -38.39 6.33
C GLN B 105 -24.57 -39.89 6.56
N ALA B 106 -25.72 -40.52 6.38
CA ALA B 106 -25.84 -41.96 6.52
C ALA B 106 -24.99 -42.67 5.45
N GLU B 107 -24.84 -42.03 4.31
CA GLU B 107 -24.01 -42.58 3.23
C GLU B 107 -22.53 -42.51 3.57
N GLN B 108 -22.12 -41.42 4.21
CA GLN B 108 -20.74 -41.25 4.65
C GLN B 108 -20.39 -42.29 5.71
N VAL B 109 -21.33 -42.51 6.63
CA VAL B 109 -21.15 -43.50 7.70
C VAL B 109 -21.03 -44.92 7.13
N ASP B 110 -21.84 -45.21 6.11
CA ASP B 110 -21.79 -46.51 5.46
C ASP B 110 -20.45 -46.71 4.75
N LYS B 111 -19.99 -45.67 4.06
CA LYS B 111 -18.75 -45.73 3.29
C LYS B 111 -17.55 -46.07 4.17
N VAL B 112 -17.54 -45.55 5.40
CA VAL B 112 -16.46 -45.80 6.32
C VAL B 112 -16.55 -47.21 6.88
N LYS B 113 -17.76 -47.62 7.23
CA LYS B 113 -17.98 -48.95 7.82
C LYS B 113 -17.60 -50.07 6.87
N ARG B 114 -17.84 -49.86 5.58
CA ARG B 114 -17.54 -50.87 4.56
C ARG B 114 -16.05 -50.99 4.26
N SER B 115 -15.31 -49.89 4.46
CA SER B 115 -13.91 -49.79 4.06
C SER B 115 -13.01 -50.86 4.65
N GLY B 116 -13.32 -51.32 5.85
CA GLY B 116 -12.52 -52.35 6.50
C GLY B 116 -12.98 -52.68 7.90
N GLY B 117 -14.24 -52.38 8.20
CA GLY B 117 -14.79 -52.60 9.53
C GLY B 117 -14.29 -51.52 10.46
N LEU B 118 -14.01 -50.35 9.88
CA LEU B 118 -13.47 -49.23 10.62
C LEU B 118 -14.50 -48.60 11.54
N LEU B 119 -14.02 -47.99 12.63
CA LEU B 119 -14.90 -47.26 13.53
C LEU B 119 -15.26 -45.92 12.92
N VAL B 120 -16.44 -45.43 13.25
CA VAL B 120 -16.90 -44.14 12.75
C VAL B 120 -17.91 -43.48 13.69
N GLY B 121 -17.83 -42.16 13.81
CA GLY B 121 -18.78 -41.41 14.62
C GLY B 121 -19.55 -40.41 13.78
N ALA B 122 -20.66 -39.91 14.32
CA ALA B 122 -21.47 -38.93 13.61
C ALA B 122 -21.96 -37.84 14.57
N ALA B 123 -22.03 -36.62 14.06
CA ALA B 123 -22.45 -35.47 14.87
C ALA B 123 -23.94 -35.20 14.71
N VAL B 124 -24.64 -35.04 15.82
CA VAL B 124 -26.07 -34.76 15.81
C VAL B 124 -26.40 -33.56 16.69
N GLY B 125 -27.19 -32.62 16.15
CA GLY B 125 -27.59 -31.45 16.90
C GLY B 125 -28.94 -31.66 17.57
N VAL B 126 -29.24 -30.81 18.55
CA VAL B 126 -30.52 -30.88 19.24
C VAL B 126 -31.61 -30.17 18.44
N THR B 127 -32.28 -30.93 17.58
CA THR B 127 -33.38 -30.41 16.78
C THR B 127 -34.57 -31.35 16.90
N ALA B 128 -35.64 -31.04 16.19
CA ALA B 128 -36.80 -31.93 16.12
C ALA B 128 -36.53 -33.02 15.09
N ASP B 129 -35.53 -32.77 14.25
CA ASP B 129 -35.15 -33.70 13.20
C ASP B 129 -34.14 -34.71 13.72
N ALA B 130 -33.71 -34.50 14.97
CA ALA B 130 -32.64 -35.31 15.58
C ALA B 130 -32.88 -36.82 15.52
N MET B 131 -34.01 -37.26 16.05
CA MET B 131 -34.32 -38.69 16.08
C MET B 131 -34.39 -39.28 14.68
N THR B 132 -34.92 -38.51 13.73
CA THR B 132 -34.98 -38.94 12.34
C THR B 132 -33.58 -39.12 11.79
N ARG B 133 -32.68 -38.23 12.18
CA ARG B 133 -31.28 -38.29 11.74
C ARG B 133 -30.56 -39.48 12.36
N ILE B 134 -30.81 -39.72 13.65
CA ILE B 134 -30.16 -40.81 14.37
C ILE B 134 -30.63 -42.18 13.86
N ASP B 135 -31.89 -42.28 13.47
CA ASP B 135 -32.43 -43.52 12.93
C ASP B 135 -31.63 -44.00 11.72
N ALA B 136 -31.30 -43.08 10.83
CA ALA B 136 -30.54 -43.40 9.64
C ALA B 136 -29.09 -43.73 9.99
N LEU B 137 -28.54 -43.02 10.97
CA LEU B 137 -27.18 -43.24 11.41
C LEU B 137 -26.99 -44.62 12.03
N VAL B 138 -27.95 -45.04 12.86
CA VAL B 138 -27.90 -46.35 13.49
C VAL B 138 -28.06 -47.45 12.44
N LYS B 139 -28.92 -47.20 11.45
CA LYS B 139 -29.15 -48.15 10.37
C LYS B 139 -27.90 -48.31 9.52
N ALA B 140 -27.07 -47.28 9.49
CA ALA B 140 -25.79 -47.32 8.78
C ALA B 140 -24.70 -47.88 9.68
N SER B 141 -25.10 -48.38 10.84
CA SER B 141 -24.18 -48.99 11.81
C SER B 141 -23.09 -48.06 12.29
N VAL B 142 -23.48 -46.89 12.79
CA VAL B 142 -22.53 -45.96 13.38
C VAL B 142 -22.18 -46.45 14.78
N ASP B 143 -20.93 -46.24 15.19
CA ASP B 143 -20.47 -46.74 16.48
C ASP B 143 -20.78 -45.78 17.61
N ALA B 144 -20.82 -44.48 17.30
CA ALA B 144 -21.13 -43.47 18.29
C ALA B 144 -21.73 -42.24 17.65
N ILE B 145 -22.64 -41.58 18.35
CA ILE B 145 -23.15 -40.30 17.92
C ILE B 145 -22.72 -39.20 18.90
N VAL B 146 -22.49 -38.01 18.36
CA VAL B 146 -22.10 -36.88 19.19
C VAL B 146 -23.22 -35.84 19.21
N LEU B 147 -23.71 -35.53 20.41
CA LEU B 147 -24.72 -34.50 20.58
C LEU B 147 -24.08 -33.13 20.74
N ASP B 148 -23.82 -32.47 19.62
CA ASP B 148 -23.11 -31.19 19.62
C ASP B 148 -24.02 -30.01 19.90
N THR B 149 -23.63 -29.20 20.87
CA THR B 149 -24.36 -27.99 21.23
C THR B 149 -23.42 -27.02 21.94
N ALA B 150 -23.57 -25.73 21.63
CA ALA B 150 -22.76 -24.69 22.25
C ALA B 150 -22.77 -24.77 23.77
N HIS B 151 -23.95 -25.02 24.33
CA HIS B 151 -24.12 -25.14 25.77
C HIS B 151 -24.62 -26.53 26.16
N GLY B 152 -23.71 -27.37 26.64
CA GLY B 152 -24.05 -28.73 27.03
C GLY B 152 -24.88 -28.78 28.30
N HIS B 153 -24.69 -27.80 29.16
CA HIS B 153 -25.46 -27.71 30.39
C HIS B 153 -26.82 -27.09 30.11
N SER B 154 -27.55 -27.69 29.17
CA SER B 154 -28.84 -27.18 28.76
C SER B 154 -29.92 -28.25 28.93
N GLN B 155 -31.17 -27.82 29.06
CA GLN B 155 -32.28 -28.75 29.22
C GLN B 155 -32.52 -29.54 27.94
N GLY B 156 -32.45 -28.84 26.80
CA GLY B 156 -32.66 -29.46 25.51
C GLY B 156 -31.70 -30.60 25.24
N VAL B 157 -30.45 -30.40 25.63
CA VAL B 157 -29.43 -31.44 25.48
C VAL B 157 -29.74 -32.63 26.38
N ILE B 158 -29.86 -32.35 27.68
CA ILE B 158 -30.17 -33.37 28.68
C ILE B 158 -31.40 -34.19 28.31
N ASP B 159 -32.46 -33.51 27.90
CA ASP B 159 -33.69 -34.19 27.48
C ASP B 159 -33.48 -35.05 26.24
N LYS B 160 -32.61 -34.60 25.35
CA LYS B 160 -32.31 -35.35 24.14
C LYS B 160 -31.54 -36.62 24.46
N VAL B 161 -30.60 -36.52 25.42
CA VAL B 161 -29.82 -37.68 25.84
C VAL B 161 -30.73 -38.76 26.44
N LYS B 162 -31.69 -38.33 27.24
CA LYS B 162 -32.69 -39.24 27.81
C LYS B 162 -33.45 -39.96 26.71
N GLU B 163 -33.82 -39.22 25.67
CA GLU B 163 -34.66 -39.74 24.60
C GLU B 163 -33.89 -40.72 23.72
N VAL B 164 -32.59 -40.52 23.59
CA VAL B 164 -31.76 -41.40 22.78
C VAL B 164 -31.33 -42.64 23.57
N ARG B 165 -31.10 -42.45 24.88
CA ARG B 165 -30.76 -43.56 25.75
C ARG B 165 -31.93 -44.53 25.92
N ALA B 166 -33.15 -43.97 25.91
CA ALA B 166 -34.35 -44.78 26.05
C ALA B 166 -34.57 -45.68 24.83
N LYS B 167 -34.48 -45.08 23.65
CA LYS B 167 -34.74 -45.81 22.41
C LYS B 167 -33.56 -46.69 22.01
N TYR B 168 -32.34 -46.21 22.31
CA TYR B 168 -31.13 -46.98 22.01
C TYR B 168 -30.28 -47.16 23.26
N PRO B 169 -30.59 -48.18 24.06
CA PRO B 169 -29.95 -48.45 25.35
C PRO B 169 -28.48 -48.85 25.25
N SER B 170 -28.04 -49.26 24.07
CA SER B 170 -26.66 -49.75 23.90
C SER B 170 -25.83 -48.88 22.96
N LEU B 171 -26.43 -47.80 22.47
CA LEU B 171 -25.73 -46.88 21.59
C LEU B 171 -24.77 -45.98 22.36
N ASN B 172 -23.55 -45.84 21.85
CA ASN B 172 -22.59 -44.92 22.45
C ASN B 172 -23.01 -43.46 22.23
N ILE B 173 -23.22 -42.75 23.33
CA ILE B 173 -23.65 -41.36 23.27
C ILE B 173 -22.57 -40.42 23.80
N ILE B 174 -22.06 -39.55 22.93
CA ILE B 174 -21.10 -38.54 23.32
C ILE B 174 -21.82 -37.21 23.46
N ALA B 175 -21.87 -36.67 24.68
CA ALA B 175 -22.61 -35.44 24.96
C ALA B 175 -21.71 -34.29 25.37
N GLY B 176 -22.04 -33.09 24.88
CA GLY B 176 -21.29 -31.89 25.20
C GLY B 176 -21.94 -30.66 24.59
N ASN B 177 -21.28 -29.51 24.71
CA ASN B 177 -20.03 -29.40 25.44
C ASN B 177 -20.22 -28.74 26.80
N VAL B 178 -19.44 -29.20 27.78
CA VAL B 178 -19.53 -28.69 29.14
C VAL B 178 -18.16 -28.23 29.64
N ALA B 179 -18.15 -27.51 30.76
CA ALA B 179 -16.92 -27.00 31.33
C ALA B 179 -16.94 -27.07 32.86
N THR B 180 -18.07 -27.48 33.40
CA THR B 180 -18.22 -27.58 34.85
C THR B 180 -18.53 -29.02 35.30
N ALA B 181 -18.31 -29.27 36.58
CA ALA B 181 -18.51 -30.61 37.15
C ALA B 181 -20.00 -30.95 37.25
N GLU B 182 -20.80 -29.96 37.63
CA GLU B 182 -22.25 -30.15 37.77
C GLU B 182 -22.87 -30.49 36.43
N ALA B 183 -22.32 -29.94 35.35
CA ALA B 183 -22.82 -30.19 34.01
C ALA B 183 -22.49 -31.60 33.55
N THR B 184 -21.25 -32.03 33.80
CA THR B 184 -20.82 -33.38 33.46
C THR B 184 -21.68 -34.41 34.17
N LYS B 185 -21.91 -34.20 35.46
CA LYS B 185 -22.76 -35.07 36.26
C LYS B 185 -24.17 -35.13 35.69
N ALA B 186 -24.65 -33.99 35.19
CA ALA B 186 -25.98 -33.90 34.60
C ALA B 186 -26.09 -34.72 33.31
N LEU B 187 -25.02 -34.74 32.52
CA LEU B 187 -25.02 -35.47 31.26
C LEU B 187 -24.96 -36.99 31.51
N ILE B 188 -24.13 -37.37 32.47
CA ILE B 188 -23.94 -38.78 32.81
C ILE B 188 -25.25 -39.41 33.28
N GLU B 189 -25.98 -38.69 34.13
CA GLU B 189 -27.25 -39.16 34.65
C GLU B 189 -28.35 -39.13 33.59
N ALA B 190 -28.08 -38.40 32.51
CA ALA B 190 -29.01 -38.35 31.38
C ALA B 190 -28.83 -39.57 30.49
N GLY B 191 -27.72 -40.28 30.70
CA GLY B 191 -27.48 -41.53 30.01
C GLY B 191 -26.28 -41.50 29.06
N ALA B 192 -25.55 -40.40 29.07
CA ALA B 192 -24.41 -40.24 28.18
C ALA B 192 -23.25 -41.17 28.55
N ASN B 193 -22.70 -41.84 27.54
CA ASN B 193 -21.54 -42.70 27.73
C ASN B 193 -20.28 -41.87 27.98
N VAL B 194 -20.08 -40.89 27.12
CA VAL B 194 -18.89 -40.06 27.16
C VAL B 194 -19.29 -38.60 27.30
N VAL B 195 -18.44 -37.81 27.95
CA VAL B 195 -18.70 -36.38 28.11
C VAL B 195 -17.64 -35.55 27.39
N LYS B 196 -18.09 -34.66 26.50
CA LYS B 196 -17.16 -33.78 25.78
C LYS B 196 -16.97 -32.46 26.50
N VAL B 197 -15.71 -32.09 26.74
CA VAL B 197 -15.37 -30.90 27.50
C VAL B 197 -14.67 -29.84 26.66
N GLY B 198 -15.17 -28.62 26.69
CA GLY B 198 -14.57 -27.51 25.97
C GLY B 198 -15.52 -26.40 25.59
N ILE B 199 -15.53 -25.33 26.38
CA ILE B 199 -16.31 -24.13 26.06
C ILE B 199 -15.38 -22.95 25.77
N GLY B 200 -15.19 -22.66 24.48
CA GLY B 200 -14.37 -21.54 24.07
C GLY B 200 -12.86 -21.68 23.86
N PRO B 201 -12.30 -22.90 23.89
CA PRO B 201 -10.85 -22.87 23.70
C PRO B 201 -10.44 -23.04 22.23
N GLY B 202 -11.42 -23.22 21.35
CA GLY B 202 -11.16 -23.48 19.94
C GLY B 202 -10.32 -22.44 19.24
N SER B 203 -9.49 -22.89 18.31
CA SER B 203 -8.59 -22.02 17.56
C SER B 203 -9.37 -20.99 16.72
N ILE B 204 -10.57 -21.37 16.33
CA ILE B 204 -11.42 -20.50 15.52
C ILE B 204 -12.66 -20.08 16.29
N CYS B 205 -12.57 -20.09 17.62
CA CYS B 205 -13.69 -19.77 18.48
C CYS B 205 -13.65 -18.34 19.01
N THR B 206 -14.83 -17.72 19.13
CA THR B 206 -14.95 -16.38 19.71
C THR B 206 -16.05 -16.32 20.75
N THR B 207 -16.45 -17.49 21.25
CA THR B 207 -17.50 -17.58 22.27
C THR B 207 -17.15 -16.75 23.50
N ARG B 208 -15.92 -16.88 23.97
CA ARG B 208 -15.47 -16.16 25.14
C ARG B 208 -15.31 -14.66 24.86
N VAL B 209 -15.35 -14.30 23.59
CA VAL B 209 -15.16 -12.92 23.17
C VAL B 209 -16.49 -12.22 22.93
N VAL B 210 -17.44 -12.92 22.33
CA VAL B 210 -18.72 -12.32 21.98
C VAL B 210 -19.80 -12.57 23.04
N ALA B 211 -19.58 -13.58 23.89
CA ALA B 211 -20.53 -13.88 24.95
C ALA B 211 -19.88 -13.73 26.32
N GLY B 212 -18.56 -13.71 26.35
CA GLY B 212 -17.81 -13.52 27.57
C GLY B 212 -17.85 -14.71 28.51
N VAL B 213 -18.19 -15.88 27.97
CA VAL B 213 -18.38 -17.07 28.78
C VAL B 213 -17.38 -18.17 28.45
N GLY B 214 -16.78 -18.75 29.49
CA GLY B 214 -15.88 -19.87 29.30
C GLY B 214 -15.14 -20.31 30.54
N VAL B 215 -14.36 -21.37 30.40
CA VAL B 215 -13.49 -21.87 31.45
C VAL B 215 -12.17 -22.27 30.79
N PRO B 216 -11.04 -21.87 31.38
CA PRO B 216 -9.72 -22.28 30.87
C PRO B 216 -9.66 -23.80 30.73
N GLN B 217 -9.38 -24.26 29.51
CA GLN B 217 -9.56 -25.67 29.13
C GLN B 217 -8.96 -26.69 30.09
N LEU B 218 -7.74 -26.44 30.56
CA LEU B 218 -7.07 -27.38 31.45
C LEU B 218 -7.82 -27.50 32.78
N THR B 219 -8.36 -26.40 33.24
CA THR B 219 -9.19 -26.39 34.45
C THR B 219 -10.52 -27.09 34.17
N ALA B 220 -11.09 -26.82 33.00
CA ALA B 220 -12.34 -27.44 32.58
C ALA B 220 -12.22 -28.95 32.50
N VAL B 221 -11.17 -29.41 31.81
CA VAL B 221 -10.90 -30.85 31.68
C VAL B 221 -10.72 -31.49 33.04
N TYR B 222 -9.92 -30.86 33.89
CA TYR B 222 -9.61 -31.40 35.21
C TYR B 222 -10.83 -31.54 36.11
N ASP B 223 -11.64 -30.48 36.17
CA ASP B 223 -12.84 -30.47 37.01
C ASP B 223 -13.89 -31.47 36.54
N CYS B 224 -14.08 -31.58 35.23
CA CYS B 224 -15.02 -32.53 34.66
C CYS B 224 -14.55 -33.96 34.89
N ALA B 225 -13.24 -34.18 34.78
CA ALA B 225 -12.66 -35.49 35.01
C ALA B 225 -12.80 -35.91 36.47
N THR B 226 -12.82 -34.92 37.37
CA THR B 226 -12.99 -35.17 38.79
C THR B 226 -14.38 -35.73 39.07
N GLU B 227 -15.38 -35.17 38.39
CA GLU B 227 -16.75 -35.63 38.55
C GLU B 227 -16.99 -36.94 37.79
N ALA B 228 -16.44 -37.02 36.58
CA ALA B 228 -16.62 -38.20 35.74
C ALA B 228 -15.92 -39.42 36.31
N ARG B 229 -14.83 -39.20 37.04
CA ARG B 229 -14.12 -40.27 37.71
C ARG B 229 -15.03 -41.02 38.68
N LYS B 230 -15.89 -40.27 39.37
CA LYS B 230 -16.81 -40.83 40.34
C LYS B 230 -17.75 -41.85 39.71
N HIS B 231 -18.12 -41.62 38.45
CA HIS B 231 -19.12 -42.44 37.78
C HIS B 231 -18.49 -43.43 36.82
N GLY B 232 -17.16 -43.47 36.80
CA GLY B 232 -16.44 -44.35 35.88
C GLY B 232 -16.62 -43.95 34.43
N ILE B 233 -16.84 -42.66 34.20
CA ILE B 233 -17.11 -42.14 32.87
C ILE B 233 -15.88 -41.41 32.31
N PRO B 234 -15.53 -41.66 31.05
CA PRO B 234 -14.42 -40.96 30.39
C PRO B 234 -14.86 -39.60 29.84
N VAL B 235 -13.92 -38.69 29.67
CA VAL B 235 -14.22 -37.39 29.09
C VAL B 235 -13.34 -37.09 27.88
N ILE B 236 -13.79 -36.17 27.04
CA ILE B 236 -13.03 -35.78 25.85
C ILE B 236 -12.59 -34.32 25.94
N ALA B 237 -11.28 -34.10 25.83
CA ALA B 237 -10.74 -32.75 25.77
C ALA B 237 -10.87 -32.22 24.34
N ASP B 238 -11.73 -31.22 24.17
CA ASP B 238 -12.05 -30.72 22.84
C ASP B 238 -11.66 -29.26 22.65
N GLY B 239 -10.68 -29.01 21.79
CA GLY B 239 -10.27 -27.67 21.45
C GLY B 239 -9.11 -27.16 22.28
N GLY B 240 -8.42 -26.15 21.75
CA GLY B 240 -7.34 -25.50 22.47
C GLY B 240 -5.98 -26.08 22.21
N ILE B 241 -5.94 -27.30 21.69
CA ILE B 241 -4.69 -27.99 21.43
C ILE B 241 -4.03 -27.52 20.14
N LYS B 242 -2.82 -26.98 20.26
CA LYS B 242 -2.09 -26.43 19.13
C LYS B 242 -0.74 -27.11 18.92
N TYR B 243 -0.30 -27.83 19.94
CA TYR B 243 0.93 -28.62 19.85
C TYR B 243 0.69 -29.98 20.50
N SER B 244 1.55 -30.94 20.19
CA SER B 244 1.41 -32.29 20.74
C SER B 244 1.53 -32.31 22.26
N GLY B 245 2.33 -31.40 22.80
CA GLY B 245 2.52 -31.29 24.24
C GLY B 245 1.22 -30.94 24.95
N ASP B 246 0.39 -30.14 24.31
CA ASP B 246 -0.90 -29.75 24.86
C ASP B 246 -1.80 -30.97 25.04
N MET B 247 -1.71 -31.90 24.09
CA MET B 247 -2.47 -33.14 24.17
C MET B 247 -2.05 -33.97 25.37
N VAL B 248 -0.74 -34.01 25.62
CA VAL B 248 -0.22 -34.77 26.75
C VAL B 248 -0.70 -34.18 28.06
N LYS B 249 -0.83 -32.85 28.10
CA LYS B 249 -1.34 -32.16 29.28
C LYS B 249 -2.81 -32.50 29.51
N ALA B 250 -3.60 -32.43 28.44
CA ALA B 250 -5.03 -32.72 28.50
C ALA B 250 -5.28 -34.12 29.04
N LEU B 251 -4.53 -35.09 28.54
CA LEU B 251 -4.66 -36.47 28.98
C LEU B 251 -4.15 -36.61 30.42
N ALA B 252 -3.10 -35.88 30.74
CA ALA B 252 -2.56 -35.90 32.11
C ALA B 252 -3.48 -35.16 33.07
N ALA B 253 -4.31 -34.26 32.54
CA ALA B 253 -5.26 -33.53 33.34
C ALA B 253 -6.43 -34.41 33.77
N GLY B 254 -6.66 -35.48 33.02
CA GLY B 254 -7.69 -36.44 33.38
C GLY B 254 -8.56 -36.89 32.21
N ALA B 255 -8.33 -36.31 31.04
CA ALA B 255 -9.10 -36.65 29.86
C ALA B 255 -8.68 -37.99 29.27
N HIS B 256 -9.65 -38.76 28.79
CA HIS B 256 -9.39 -40.05 28.18
C HIS B 256 -8.93 -39.88 26.74
N VAL B 257 -9.44 -38.85 26.08
CA VAL B 257 -9.26 -38.67 24.65
C VAL B 257 -9.33 -37.18 24.29
N VAL B 258 -8.55 -36.77 23.29
CA VAL B 258 -8.58 -35.39 22.83
C VAL B 258 -9.28 -35.26 21.48
N MET B 259 -9.89 -34.11 21.23
CA MET B 259 -10.50 -33.84 19.93
C MET B 259 -9.81 -32.64 19.28
N LEU B 260 -9.37 -32.82 18.04
CA LEU B 260 -8.59 -31.81 17.35
C LEU B 260 -9.31 -31.29 16.11
N GLY B 261 -9.19 -29.98 15.89
CA GLY B 261 -9.83 -29.37 14.73
C GLY B 261 -8.86 -28.65 13.82
N SER B 262 -7.94 -27.89 14.42
CA SER B 262 -7.01 -27.06 13.66
C SER B 262 -5.81 -27.85 13.13
N MET B 263 -5.37 -28.83 13.91
CA MET B 263 -4.20 -29.63 13.54
C MET B 263 -4.55 -30.70 12.50
N PHE B 264 -5.84 -30.91 12.27
CA PHE B 264 -6.30 -31.90 11.30
C PHE B 264 -6.80 -31.26 10.01
N ALA B 265 -7.13 -29.98 10.08
CA ALA B 265 -7.74 -29.28 8.94
C ALA B 265 -6.79 -29.06 7.78
N GLY B 266 -5.49 -29.09 8.05
CA GLY B 266 -4.50 -28.87 7.01
C GLY B 266 -4.00 -30.15 6.38
N VAL B 267 -4.67 -31.25 6.71
CA VAL B 267 -4.29 -32.57 6.24
C VAL B 267 -4.96 -32.88 4.90
N ALA B 268 -4.31 -33.70 4.08
CA ALA B 268 -4.82 -34.06 2.76
C ALA B 268 -6.25 -34.63 2.78
N GLU B 269 -6.50 -35.58 3.68
CA GLU B 269 -7.79 -36.27 3.73
C GLU B 269 -8.94 -35.36 4.15
N SER B 270 -8.60 -34.25 4.79
CA SER B 270 -9.58 -33.24 5.19
C SER B 270 -10.35 -32.72 3.97
N PRO B 271 -11.62 -32.33 4.16
CA PRO B 271 -12.44 -31.77 3.09
C PRO B 271 -11.85 -30.47 2.55
N GLY B 272 -12.15 -30.15 1.29
CA GLY B 272 -11.72 -28.90 0.71
C GLY B 272 -10.47 -29.00 -0.15
N GLU B 273 -10.42 -28.17 -1.19
CA GLU B 273 -9.26 -28.12 -2.08
C GLU B 273 -8.15 -27.30 -1.46
N THR B 274 -7.02 -27.23 -2.16
CA THR B 274 -5.88 -26.45 -1.68
C THR B 274 -5.82 -25.11 -2.41
N GLU B 275 -5.34 -24.09 -1.69
CA GLU B 275 -5.19 -22.76 -2.28
C GLU B 275 -3.87 -22.12 -1.85
N ILE B 276 -3.20 -21.47 -2.79
CA ILE B 276 -1.93 -20.82 -2.50
C ILE B 276 -2.13 -19.42 -1.92
N TYR B 277 -1.70 -19.27 -0.68
CA TYR B 277 -1.72 -17.97 -0.03
C TYR B 277 -0.39 -17.75 0.64
N GLN B 278 0.08 -16.51 0.61
CA GLN B 278 1.32 -16.16 1.28
C GLN B 278 2.47 -17.03 0.79
N GLY B 279 2.40 -17.38 -0.48
CA GLY B 279 3.45 -18.12 -1.16
C GLY B 279 3.45 -19.62 -1.04
N ARG B 280 2.48 -20.19 -0.34
CA ARG B 280 2.41 -21.63 -0.14
C ARG B 280 1.00 -22.18 -0.02
N GLN B 281 0.88 -23.51 -0.08
CA GLN B 281 -0.43 -24.16 0.01
C GLN B 281 -1.12 -24.07 1.37
N PHE B 282 -2.41 -23.74 1.31
CA PHE B 282 -3.26 -23.63 2.49
C PHE B 282 -4.58 -24.37 2.30
N LYS B 283 -5.26 -24.68 3.40
CA LYS B 283 -6.58 -25.27 3.34
C LYS B 283 -7.56 -24.50 4.22
N VAL B 284 -8.77 -24.32 3.73
CA VAL B 284 -9.81 -23.58 4.46
C VAL B 284 -10.14 -24.24 5.79
N TYR B 285 -10.18 -23.44 6.85
CA TYR B 285 -10.61 -23.91 8.16
C TYR B 285 -11.43 -22.85 8.88
N ARG B 286 -12.67 -23.20 9.19
CA ARG B 286 -13.59 -22.24 9.80
C ARG B 286 -14.35 -22.88 10.96
N GLY B 287 -14.85 -22.05 11.87
CA GLY B 287 -15.66 -22.52 12.97
C GLY B 287 -17.09 -22.77 12.52
N MET B 288 -17.70 -23.80 13.08
CA MET B 288 -19.07 -24.18 12.71
C MET B 288 -20.08 -23.11 13.11
N GLY B 289 -19.69 -22.23 14.02
CA GLY B 289 -20.54 -21.15 14.46
C GLY B 289 -20.29 -19.85 13.73
N SER B 290 -19.47 -19.92 12.68
CA SER B 290 -19.17 -18.75 11.87
C SER B 290 -20.27 -18.53 10.83
N VAL B 291 -20.18 -17.42 10.11
CA VAL B 291 -21.19 -17.06 9.11
C VAL B 291 -21.25 -18.07 7.97
N GLY B 292 -20.11 -18.31 7.34
CA GLY B 292 -20.03 -19.20 6.20
C GLY B 292 -20.41 -20.63 6.51
N ALA B 293 -20.18 -21.05 7.75
CA ALA B 293 -20.46 -22.42 8.15
C ALA B 293 -21.92 -22.63 8.55
N MET B 294 -22.72 -21.58 8.46
CA MET B 294 -24.14 -21.68 8.82
C MET B 294 -25.08 -21.14 7.75
N GLU B 295 -24.54 -20.34 6.84
CA GLU B 295 -25.36 -19.79 5.76
C GLU B 295 -25.62 -20.84 4.68
N LYS B 296 -24.90 -21.95 4.75
CA LYS B 296 -25.10 -23.04 3.80
C LYS B 296 -26.16 -24.00 4.32
N GLY B 297 -26.35 -24.02 5.64
CA GLY B 297 -27.38 -24.83 6.27
C GLY B 297 -28.43 -23.97 6.92
N SER B 298 -28.80 -22.89 6.24
CA SER B 298 -29.77 -21.94 6.75
C SER B 298 -31.05 -21.93 5.93
N LYS B 299 -30.90 -21.89 4.62
CA LYS B 299 -32.03 -21.86 3.69
C LYS B 299 -32.87 -23.14 3.81
N LYS B 309 -31.07 -12.16 11.50
CA LYS B 309 -29.62 -12.24 11.27
C LYS B 309 -28.91 -12.81 12.50
N LEU B 310 -27.85 -13.56 12.26
CA LEU B 310 -27.20 -14.33 13.33
C LEU B 310 -26.01 -13.61 13.97
N VAL B 311 -25.67 -14.06 15.18
CA VAL B 311 -24.48 -13.58 15.87
C VAL B 311 -23.49 -14.73 16.00
N PRO B 312 -22.43 -14.70 15.18
CA PRO B 312 -21.46 -15.79 15.09
C PRO B 312 -20.66 -15.97 16.38
N GLU B 313 -20.20 -17.20 16.61
CA GLU B 313 -19.32 -17.47 17.74
C GLU B 313 -18.06 -18.15 17.24
N GLY B 314 -17.72 -17.89 15.97
CA GLY B 314 -16.54 -18.45 15.35
C GLY B 314 -16.14 -17.64 14.13
N ILE B 315 -14.87 -17.77 13.73
CA ILE B 315 -14.37 -17.03 12.58
C ILE B 315 -14.07 -17.97 11.41
N GLU B 316 -13.84 -17.38 10.25
CA GLU B 316 -13.50 -18.15 9.06
C GLU B 316 -12.05 -17.89 8.67
N GLY B 317 -11.31 -18.96 8.39
CA GLY B 317 -9.92 -18.80 8.05
C GLY B 317 -9.31 -19.95 7.26
N ARG B 318 -7.98 -20.03 7.28
CA ARG B 318 -7.27 -21.07 6.57
C ARG B 318 -5.99 -21.47 7.31
N VAL B 319 -5.64 -22.75 7.23
CA VAL B 319 -4.44 -23.27 7.85
C VAL B 319 -3.52 -23.89 6.80
N PRO B 320 -2.20 -23.89 7.05
CA PRO B 320 -1.25 -24.40 6.05
C PRO B 320 -1.42 -25.89 5.74
N TYR B 321 -1.32 -26.23 4.46
CA TYR B 321 -1.38 -27.61 4.01
C TYR B 321 -0.24 -28.42 4.62
N LYS B 322 -0.53 -29.64 5.04
CA LYS B 322 0.45 -30.45 5.75
C LYS B 322 0.60 -31.85 5.16
N GLY B 323 -0.08 -32.11 4.04
CA GLY B 323 0.02 -33.40 3.37
C GLY B 323 -0.82 -34.48 4.01
N PRO B 324 -0.40 -35.75 3.83
CA PRO B 324 -1.10 -36.95 4.33
C PRO B 324 -1.35 -36.91 5.82
N LEU B 325 -2.40 -37.59 6.27
CA LEU B 325 -2.76 -37.61 7.70
C LEU B 325 -1.75 -38.39 8.54
N ALA B 326 -1.14 -39.40 7.93
CA ALA B 326 -0.21 -40.28 8.64
C ALA B 326 0.95 -39.50 9.27
N ASP B 327 1.44 -38.51 8.55
CA ASP B 327 2.57 -37.70 9.01
C ASP B 327 2.21 -36.92 10.27
N THR B 328 1.00 -36.37 10.30
CA THR B 328 0.52 -35.60 11.45
C THR B 328 0.31 -36.49 12.67
N VAL B 329 -0.35 -37.61 12.45
CA VAL B 329 -0.63 -38.57 13.53
C VAL B 329 0.67 -39.10 14.16
N HIS B 330 1.68 -39.34 13.34
CA HIS B 330 2.96 -39.84 13.82
C HIS B 330 3.66 -38.85 14.75
N GLN B 331 3.56 -37.56 14.42
CA GLN B 331 4.15 -36.52 15.23
C GLN B 331 3.41 -36.39 16.57
N LEU B 332 2.09 -36.43 16.51
CA LEU B 332 1.26 -36.31 17.70
C LEU B 332 1.52 -37.47 18.67
N VAL B 333 1.43 -38.70 18.15
CA VAL B 333 1.66 -39.88 18.97
C VAL B 333 3.08 -39.92 19.52
N GLY B 334 4.05 -39.60 18.67
CA GLY B 334 5.44 -39.58 19.08
C GLY B 334 5.72 -38.62 20.21
N GLY B 335 5.09 -37.45 20.16
CA GLY B 335 5.22 -36.46 21.21
C GLY B 335 4.54 -36.92 22.49
N LEU B 336 3.47 -37.69 22.34
CA LEU B 336 2.78 -38.26 23.48
C LEU B 336 3.61 -39.35 24.13
N ARG B 337 4.26 -40.16 23.30
CA ARG B 337 5.11 -41.24 23.78
C ARG B 337 6.31 -40.70 24.54
N ALA B 338 6.85 -39.59 24.07
CA ALA B 338 7.98 -38.94 24.73
C ALA B 338 7.54 -38.37 26.07
N GLY B 339 6.40 -37.68 26.07
CA GLY B 339 5.84 -37.11 27.28
C GLY B 339 5.52 -38.16 28.33
N MET B 340 4.97 -39.29 27.88
CA MET B 340 4.67 -40.40 28.78
C MET B 340 5.95 -41.05 29.28
N GLY B 341 7.01 -40.95 28.49
CA GLY B 341 8.30 -41.48 28.87
C GLY B 341 8.97 -40.62 29.94
N TYR B 342 8.80 -39.31 29.82
CA TYR B 342 9.33 -38.38 30.81
C TYR B 342 8.63 -38.56 32.16
N CYS B 343 7.39 -39.04 32.13
CA CYS B 343 6.59 -39.15 33.35
C CYS B 343 6.62 -40.54 33.96
N GLY B 344 7.14 -41.51 33.21
CA GLY B 344 7.20 -42.88 33.68
C GLY B 344 5.88 -43.59 33.55
N ALA B 345 5.07 -43.15 32.58
CA ALA B 345 3.74 -43.72 32.37
C ALA B 345 3.77 -44.81 31.31
N GLN B 346 3.56 -46.05 31.74
CA GLN B 346 3.51 -47.19 30.83
C GLN B 346 2.20 -47.22 30.06
N ASP B 347 1.16 -46.61 30.64
CA ASP B 347 -0.12 -46.47 29.97
C ASP B 347 -0.82 -45.18 30.37
N LEU B 348 -1.92 -44.87 29.72
CA LEU B 348 -2.62 -43.59 29.94
C LEU B 348 -3.32 -43.50 31.29
N GLU B 349 -3.65 -44.63 31.89
CA GLU B 349 -4.27 -44.61 33.20
C GLU B 349 -3.28 -44.13 34.25
N PHE B 350 -2.04 -44.60 34.16
CA PHE B 350 -0.99 -44.15 35.06
C PHE B 350 -0.72 -42.67 34.87
N LEU B 351 -0.90 -42.19 33.64
CA LEU B 351 -0.69 -40.79 33.34
C LEU B 351 -1.74 -39.91 34.00
N ARG B 352 -3.02 -40.28 33.84
CA ARG B 352 -4.11 -39.52 34.43
C ARG B 352 -4.02 -39.51 35.96
N GLU B 353 -3.67 -40.65 36.53
CA GLU B 353 -3.74 -40.84 37.98
C GLU B 353 -2.48 -40.40 38.73
N ASN B 354 -1.38 -40.20 38.03
CA ASN B 354 -0.11 -39.93 38.70
C ASN B 354 0.64 -38.67 38.26
N ALA B 355 0.41 -38.22 37.04
CA ALA B 355 1.14 -37.07 36.50
C ALA B 355 0.93 -35.79 37.30
N GLN B 356 2.00 -35.04 37.48
CA GLN B 356 1.96 -33.78 38.22
C GLN B 356 2.28 -32.60 37.31
N PHE B 357 1.59 -31.49 37.54
CA PHE B 357 1.84 -30.26 36.80
C PHE B 357 2.59 -29.26 37.66
N ILE B 358 3.19 -28.27 37.02
CA ILE B 358 3.81 -27.16 37.73
C ILE B 358 3.46 -25.83 37.04
N ARG B 359 2.86 -24.92 37.80
CA ARG B 359 2.39 -23.66 37.26
C ARG B 359 3.55 -22.71 36.94
N MET B 360 3.51 -22.11 35.75
CA MET B 360 4.56 -21.18 35.33
C MET B 360 3.95 -19.86 34.84
N SER B 361 4.80 -18.85 34.69
CA SER B 361 4.36 -17.55 34.22
C SER B 361 4.53 -17.42 32.71
N GLY B 362 4.19 -16.25 32.18
CA GLY B 362 4.39 -15.98 30.77
C GLY B 362 5.85 -16.03 30.42
N ALA B 363 6.70 -15.68 31.38
CA ALA B 363 8.14 -15.76 31.22
C ALA B 363 8.59 -17.21 31.07
N GLY B 364 7.90 -18.10 31.76
CA GLY B 364 8.16 -19.52 31.67
C GLY B 364 7.74 -20.07 30.31
N LEU B 365 6.68 -19.51 29.77
CA LEU B 365 6.19 -19.91 28.45
C LEU B 365 7.19 -19.53 27.36
N LEU B 366 7.78 -18.35 27.49
CA LEU B 366 8.78 -17.88 26.52
C LEU B 366 10.05 -18.74 26.60
N GLU B 367 10.35 -19.22 27.80
CA GLU B 367 11.49 -20.09 28.02
C GLU B 367 11.22 -21.46 27.39
N SER B 368 9.98 -21.91 27.49
CA SER B 368 9.58 -23.22 26.97
C SER B 368 9.75 -23.32 25.46
N HIS B 369 9.25 -22.32 24.75
CA HIS B 369 9.42 -22.26 23.29
C HIS B 369 10.87 -21.90 22.94
N PRO B 370 11.28 -22.17 21.69
CA PRO B 370 12.59 -21.71 21.22
C PRO B 370 12.71 -20.19 21.34
N HIS B 371 13.89 -19.70 21.70
CA HIS B 371 14.08 -18.27 21.90
C HIS B 371 15.49 -17.81 21.54
N HIS B 372 15.60 -16.52 21.21
CA HIS B 372 16.89 -15.89 20.91
C HIS B 372 17.66 -16.54 19.76
N VAL B 373 16.94 -17.28 18.91
CA VAL B 373 17.55 -17.90 17.73
C VAL B 373 16.60 -17.77 16.54
N GLN B 374 17.13 -17.34 15.40
CA GLN B 374 16.36 -17.31 14.16
C GLN B 374 16.19 -18.73 13.62
N ILE B 375 14.97 -19.25 13.66
CA ILE B 375 14.69 -20.57 13.13
C ILE B 375 14.75 -20.54 11.60
N THR B 376 15.62 -21.37 11.03
CA THR B 376 15.86 -21.35 9.58
C THR B 376 15.13 -22.46 8.84
N LYS B 377 14.92 -23.59 9.52
CA LYS B 377 14.23 -24.72 8.91
C LYS B 377 12.97 -25.06 9.68
N GLU B 378 11.90 -25.39 8.95
CA GLU B 378 10.64 -25.73 9.58
C GLU B 378 10.65 -27.15 10.13
N ALA B 379 10.29 -27.30 11.40
CA ALA B 379 10.27 -28.59 12.06
C ALA B 379 8.96 -29.33 11.81
N PRO B 380 9.01 -30.68 11.79
CA PRO B 380 7.81 -31.49 11.55
C PRO B 380 6.75 -31.28 12.64
N ASN B 381 7.16 -30.78 13.80
CA ASN B 381 6.26 -30.65 14.92
C ASN B 381 6.27 -29.26 15.56
N TYR B 382 6.83 -28.28 14.86
CA TYR B 382 6.87 -26.92 15.37
C TYR B 382 6.79 -25.87 14.27
N SER B 383 5.76 -25.03 14.32
CA SER B 383 5.54 -23.97 13.34
C SER B 383 5.51 -24.48 11.92
N ASN C 23 20.31 -22.84 57.76
CA ASN C 23 19.62 -23.01 56.49
C ASN C 23 18.38 -22.14 56.38
N ALA C 24 18.44 -20.94 56.93
CA ALA C 24 17.33 -20.01 56.87
C ALA C 24 17.52 -19.03 55.72
N MET C 25 18.78 -18.79 55.36
CA MET C 25 19.11 -17.87 54.28
C MET C 25 18.90 -18.55 52.94
N TRP C 26 18.98 -19.88 52.94
CA TRP C 26 18.78 -20.67 51.73
C TRP C 26 17.29 -20.78 51.39
N GLU C 27 16.45 -20.87 52.42
CA GLU C 27 15.01 -21.01 52.24
C GLU C 27 14.35 -19.65 51.99
N SER C 28 15.11 -18.58 52.16
CA SER C 28 14.56 -17.22 52.03
C SER C 28 14.69 -16.67 50.62
N LYS C 29 15.48 -17.36 49.79
CA LYS C 29 15.86 -16.87 48.46
C LYS C 29 14.73 -16.31 47.61
N PHE C 30 13.66 -17.07 47.43
CA PHE C 30 12.60 -16.69 46.50
C PHE C 30 11.31 -16.26 47.20
N VAL C 31 11.45 -15.59 48.33
CA VAL C 31 10.29 -15.18 49.13
C VAL C 31 9.71 -13.84 48.67
N LYS C 32 10.55 -12.82 48.60
CA LYS C 32 10.11 -11.45 48.30
C LYS C 32 9.40 -11.29 46.96
N GLU C 33 8.53 -10.29 46.90
CA GLU C 33 7.85 -9.91 45.67
C GLU C 33 7.97 -8.39 45.49
N GLY C 34 8.18 -7.95 44.25
CA GLY C 34 8.32 -6.53 43.97
C GLY C 34 7.28 -5.99 43.01
N LEU C 35 7.04 -4.68 43.07
CA LEU C 35 6.11 -4.02 42.17
C LEU C 35 6.75 -2.80 41.51
N THR C 36 6.35 -2.51 40.27
CA THR C 36 6.77 -1.29 39.59
C THR C 36 5.56 -0.45 39.18
N PHE C 37 5.81 0.63 38.45
CA PHE C 37 4.77 1.60 38.10
C PHE C 37 3.61 1.00 37.30
N ASP C 38 3.93 0.14 36.34
CA ASP C 38 2.92 -0.47 35.48
C ASP C 38 2.15 -1.61 36.15
N ASP C 39 2.43 -1.84 37.42
CA ASP C 39 1.76 -2.90 38.18
C ASP C 39 0.53 -2.39 38.92
N VAL C 40 0.49 -1.09 39.19
CA VAL C 40 -0.56 -0.54 40.03
C VAL C 40 -1.21 0.72 39.47
N LEU C 41 -2.26 1.17 40.17
CA LEU C 41 -2.92 2.43 39.88
C LEU C 41 -3.29 3.10 41.21
N LEU C 42 -3.25 4.42 41.24
CA LEU C 42 -3.67 5.15 42.42
C LEU C 42 -5.17 5.13 42.58
N VAL C 43 -5.64 4.80 43.77
CA VAL C 43 -7.07 4.71 44.05
C VAL C 43 -7.63 6.09 44.41
N PRO C 44 -8.58 6.59 43.60
CA PRO C 44 -9.18 7.91 43.84
C PRO C 44 -9.90 7.98 45.18
N ALA C 45 -9.67 9.07 45.91
CA ALA C 45 -10.30 9.27 47.21
C ALA C 45 -11.06 10.59 47.23
N LYS C 46 -11.89 10.78 48.26
CA LYS C 46 -12.69 12.00 48.37
C LYS C 46 -11.82 13.26 48.38
N SER C 47 -12.23 14.24 47.60
CA SER C 47 -11.44 15.44 47.40
C SER C 47 -12.25 16.72 47.57
N ASP C 48 -11.69 17.69 48.29
CA ASP C 48 -12.31 18.99 48.43
C ASP C 48 -11.40 20.05 47.80
N VAL C 49 -10.38 19.58 47.10
CA VAL C 49 -9.37 20.47 46.54
C VAL C 49 -9.32 20.37 45.01
N LEU C 50 -9.18 21.52 44.36
CA LEU C 50 -8.98 21.57 42.92
C LEU C 50 -7.50 21.41 42.60
N PRO C 51 -7.18 20.74 41.47
CA PRO C 51 -5.81 20.47 41.06
C PRO C 51 -4.93 21.73 40.99
N ARG C 52 -5.49 22.85 40.56
CA ARG C 52 -4.73 24.09 40.44
C ARG C 52 -4.46 24.71 41.81
N GLU C 53 -5.16 24.23 42.83
CA GLU C 53 -5.04 24.79 44.17
C GLU C 53 -4.04 24.02 45.04
N VAL C 54 -3.61 22.85 44.56
CA VAL C 54 -2.73 21.99 45.34
C VAL C 54 -1.31 22.55 45.47
N SER C 55 -0.58 22.06 46.46
CA SER C 55 0.79 22.47 46.69
C SER C 55 1.77 21.39 46.26
N VAL C 56 2.69 21.73 45.36
CA VAL C 56 3.68 20.78 44.88
C VAL C 56 5.08 21.15 45.38
N LYS C 57 5.15 22.06 46.34
CA LYS C 57 6.42 22.40 46.98
C LYS C 57 6.93 21.21 47.78
N THR C 58 8.24 21.18 48.02
CA THR C 58 8.84 20.12 48.82
C THR C 58 10.13 20.58 49.49
N VAL C 59 10.43 20.01 50.66
CA VAL C 59 11.62 20.39 51.41
C VAL C 59 12.55 19.20 51.63
N LEU C 60 13.66 19.19 50.91
CA LEU C 60 14.67 18.15 51.07
C LEU C 60 15.47 18.38 52.36
N SER C 61 15.98 19.59 52.50
CA SER C 61 16.64 20.00 53.73
C SER C 61 16.33 21.48 53.97
N GLU C 62 16.80 22.01 55.08
N GLU C 62 16.79 22.01 55.08
CA GLU C 62 16.59 23.41 55.42
CA GLU C 62 16.56 23.42 55.39
C GLU C 62 17.32 24.31 54.41
C GLU C 62 17.36 24.34 54.47
N SER C 63 18.36 23.78 53.80
CA SER C 63 19.17 24.55 52.86
C SER C 63 18.71 24.33 51.43
N LEU C 64 17.80 23.38 51.24
CA LEU C 64 17.39 22.99 49.89
C LEU C 64 15.88 22.76 49.79
N GLN C 65 15.18 23.73 49.22
CA GLN C 65 13.73 23.63 49.06
C GLN C 65 13.31 23.86 47.60
N LEU C 66 12.56 22.91 47.06
CA LEU C 66 12.12 22.98 45.66
C LEU C 66 10.63 23.32 45.57
N ASN C 67 10.27 24.13 44.58
CA ASN C 67 8.87 24.48 44.35
C ASN C 67 8.15 23.43 43.51
N ILE C 68 8.93 22.61 42.80
CA ILE C 68 8.39 21.46 42.09
C ILE C 68 9.26 20.24 42.39
N PRO C 69 8.65 19.05 42.46
CA PRO C 69 9.40 17.84 42.81
C PRO C 69 10.08 17.20 41.59
N LEU C 70 10.92 17.98 40.91
CA LEU C 70 11.61 17.48 39.72
C LEU C 70 13.10 17.80 39.76
N ILE C 71 13.92 16.78 39.60
CA ILE C 71 15.36 16.95 39.52
C ILE C 71 15.89 16.41 38.20
N SER C 72 16.67 17.22 37.50
CA SER C 72 17.30 16.78 36.26
C SER C 72 18.49 15.89 36.57
N ALA C 73 18.52 14.72 35.96
CA ALA C 73 19.53 13.70 36.25
C ALA C 73 20.94 14.14 35.87
N GLY C 74 21.93 13.67 36.63
CA GLY C 74 23.32 14.00 36.38
C GLY C 74 23.97 13.16 35.31
N MET C 75 23.65 13.45 34.05
CA MET C 75 24.21 12.71 32.93
C MET C 75 24.71 13.66 31.84
N ASP C 76 25.62 13.17 30.99
CA ASP C 76 26.24 14.00 29.97
C ASP C 76 25.34 14.27 28.76
N THR C 77 24.11 13.75 28.78
CA THR C 77 23.16 14.00 27.73
C THR C 77 21.89 14.64 28.26
N VAL C 78 21.89 14.94 29.55
CA VAL C 78 20.69 15.48 30.19
C VAL C 78 20.93 16.83 30.87
N THR C 79 21.87 16.88 31.80
CA THR C 79 22.03 18.08 32.62
C THR C 79 23.42 18.73 32.55
N GLU C 80 23.46 19.91 31.95
CA GLU C 80 24.60 20.81 32.10
C GLU C 80 24.10 22.18 32.54
N ALA C 81 24.93 23.21 32.36
CA ALA C 81 24.62 24.56 32.82
C ALA C 81 23.28 25.08 32.31
N ASP C 82 23.06 24.97 31.00
CA ASP C 82 21.84 25.46 30.38
C ASP C 82 20.59 24.75 30.91
N MET C 83 20.72 23.46 31.19
CA MET C 83 19.61 22.67 31.72
C MET C 83 19.37 22.98 33.20
N ALA C 84 20.46 23.08 33.94
CA ALA C 84 20.39 23.31 35.39
C ALA C 84 19.77 24.68 35.70
N ILE C 85 20.01 25.65 34.82
CA ILE C 85 19.44 26.98 34.98
C ILE C 85 17.94 26.96 34.70
N ALA C 86 17.56 26.34 33.59
CA ALA C 86 16.15 26.24 33.21
C ALA C 86 15.34 25.44 34.22
N MET C 87 15.94 24.39 34.77
CA MET C 87 15.27 23.56 35.78
C MET C 87 15.05 24.35 37.07
N ALA C 88 16.06 25.10 37.47
CA ALA C 88 16.00 25.87 38.71
C ALA C 88 14.99 27.02 38.63
N ARG C 89 14.83 27.58 37.44
CA ARG C 89 13.89 28.68 37.25
C ARG C 89 12.44 28.20 37.25
N GLN C 90 12.25 26.90 37.06
CA GLN C 90 10.91 26.31 37.09
C GLN C 90 10.59 25.79 38.49
N GLY C 91 11.56 25.88 39.40
CA GLY C 91 11.37 25.44 40.77
C GLY C 91 11.98 24.07 41.01
N GLY C 92 12.70 23.57 40.01
CA GLY C 92 13.29 22.24 40.10
C GLY C 92 14.76 22.29 40.46
N LEU C 93 15.48 21.25 40.04
CA LEU C 93 16.90 21.14 40.38
C LEU C 93 17.66 20.43 39.26
N GLY C 94 18.88 20.87 39.01
CA GLY C 94 19.73 20.24 38.01
C GLY C 94 21.01 19.72 38.61
N ILE C 95 21.42 18.52 38.18
CA ILE C 95 22.65 17.92 38.67
C ILE C 95 23.69 17.87 37.55
N ILE C 96 24.74 18.67 37.68
CA ILE C 96 25.83 18.66 36.71
C ILE C 96 26.58 17.33 36.78
N HIS C 97 26.65 16.62 35.66
CA HIS C 97 27.35 15.35 35.60
C HIS C 97 28.85 15.53 35.79
N LYS C 98 29.52 14.48 36.24
CA LYS C 98 30.95 14.54 36.52
C LYS C 98 31.81 13.92 35.43
N ASN C 99 31.24 13.74 34.24
CA ASN C 99 32.01 13.27 33.09
C ASN C 99 32.74 14.45 32.44
N MET C 100 33.46 15.18 33.26
CA MET C 100 34.21 16.36 32.84
C MET C 100 35.24 16.66 33.92
N SER C 101 36.15 17.58 33.65
CA SER C 101 37.20 17.90 34.61
C SER C 101 36.65 18.63 35.83
N ILE C 102 37.45 18.67 36.89
CA ILE C 102 37.09 19.37 38.12
C ILE C 102 36.93 20.87 37.86
N GLU C 103 37.79 21.41 37.01
CA GLU C 103 37.74 22.83 36.66
C GLU C 103 36.45 23.17 35.91
N GLN C 104 36.12 22.36 34.91
CA GLN C 104 34.95 22.60 34.08
C GLN C 104 33.64 22.51 34.86
N GLN C 105 33.52 21.50 35.72
CA GLN C 105 32.30 21.30 36.51
C GLN C 105 32.08 22.44 37.49
N ALA C 106 33.17 22.89 38.11
CA ALA C 106 33.10 24.01 39.05
C ALA C 106 32.68 25.29 38.33
N GLU C 107 33.10 25.43 37.09
N GLU C 107 33.10 25.43 37.08
CA GLU C 107 32.73 26.58 36.27
CA GLU C 107 32.73 26.59 36.28
C GLU C 107 31.25 26.57 35.95
C GLU C 107 31.24 26.56 35.96
N GLN C 108 30.73 25.38 35.62
CA GLN C 108 29.32 25.21 35.29
C GLN C 108 28.44 25.50 36.52
N VAL C 109 28.93 25.09 37.69
CA VAL C 109 28.25 25.38 38.94
C VAL C 109 28.20 26.88 39.17
N ASP C 110 29.35 27.54 39.04
CA ASP C 110 29.44 28.98 39.19
C ASP C 110 28.60 29.71 38.14
N LYS C 111 28.47 29.09 36.97
CA LYS C 111 27.70 29.67 35.87
C LYS C 111 26.22 29.74 36.20
N VAL C 112 25.70 28.70 36.87
CA VAL C 112 24.30 28.67 37.25
C VAL C 112 24.05 29.59 38.43
N LYS C 113 25.00 29.64 39.35
CA LYS C 113 24.88 30.48 40.54
C LYS C 113 24.86 31.97 40.19
N ARG C 114 25.63 32.36 39.18
CA ARG C 114 25.65 33.76 38.76
C ARG C 114 24.56 34.05 37.73
N SER C 115 23.65 33.09 37.55
CA SER C 115 22.49 33.29 36.69
C SER C 115 21.24 33.55 37.53
N GLY C 116 21.42 34.29 38.62
CA GLY C 116 20.29 34.69 39.46
C GLY C 116 20.26 34.04 40.82
N GLY C 117 21.36 33.40 41.22
CA GLY C 117 21.43 32.73 42.50
C GLY C 117 20.57 31.49 42.56
N LEU C 118 20.55 30.74 41.46
CA LEU C 118 19.73 29.54 41.35
C LEU C 118 20.36 28.34 42.05
N LEU C 119 19.53 27.44 42.56
CA LEU C 119 20.00 26.23 43.20
C LEU C 119 20.69 25.31 42.21
N VAL C 120 21.88 24.82 42.56
CA VAL C 120 22.62 23.91 41.70
C VAL C 120 23.07 22.67 42.44
N GLY C 121 23.09 21.54 41.73
CA GLY C 121 23.63 20.31 42.26
C GLY C 121 24.73 19.79 41.36
N ALA C 122 25.65 19.01 41.94
CA ALA C 122 26.77 18.47 41.16
C ALA C 122 27.07 17.03 41.53
N ALA C 123 27.34 16.22 40.51
CA ALA C 123 27.61 14.79 40.73
C ALA C 123 29.07 14.56 41.10
N VAL C 124 29.30 13.68 42.06
CA VAL C 124 30.65 13.30 42.48
C VAL C 124 30.71 11.79 42.67
N GLY C 125 31.78 11.17 42.18
CA GLY C 125 31.95 9.73 42.33
C GLY C 125 32.93 9.38 43.43
N VAL C 126 32.98 8.10 43.80
CA VAL C 126 33.94 7.62 44.79
C VAL C 126 35.27 7.32 44.13
N THR C 127 36.19 8.28 44.18
CA THR C 127 37.51 8.14 43.58
C THR C 127 38.60 8.80 44.43
N ALA C 128 39.78 8.95 43.84
CA ALA C 128 40.89 9.61 44.52
C ALA C 128 40.70 11.12 44.51
N ASP C 129 40.32 11.65 43.35
CA ASP C 129 40.11 13.09 43.19
C ASP C 129 38.71 13.50 43.64
N ALA C 130 38.07 12.65 44.43
CA ALA C 130 36.71 12.91 44.89
C ALA C 130 36.63 14.15 45.77
N MET C 131 37.41 14.15 46.85
CA MET C 131 37.42 15.27 47.79
C MET C 131 37.92 16.55 47.13
N THR C 132 38.89 16.40 46.23
CA THR C 132 39.44 17.53 45.49
C THR C 132 38.35 18.18 44.64
N ARG C 133 37.59 17.35 43.94
CA ARG C 133 36.48 17.84 43.11
C ARG C 133 35.44 18.53 43.97
N ILE C 134 35.09 17.90 45.08
CA ILE C 134 34.11 18.44 46.03
C ILE C 134 34.55 19.81 46.56
N ASP C 135 35.83 19.96 46.84
CA ASP C 135 36.38 21.22 47.31
C ASP C 135 36.12 22.35 46.32
N ALA C 136 36.34 22.06 45.04
CA ALA C 136 36.13 23.05 44.00
C ALA C 136 34.65 23.37 43.82
N LEU C 137 33.80 22.38 44.03
CA LEU C 137 32.37 22.58 43.94
C LEU C 137 31.85 23.38 45.14
N VAL C 138 32.42 23.09 46.31
CA VAL C 138 32.09 23.85 47.52
C VAL C 138 32.48 25.32 47.38
N LYS C 139 33.66 25.56 46.81
CA LYS C 139 34.14 26.91 46.57
C LYS C 139 33.26 27.62 45.55
N ALA C 140 32.69 26.86 44.63
CA ALA C 140 31.77 27.42 43.64
C ALA C 140 30.36 27.55 44.20
N SER C 141 30.24 27.31 45.51
CA SER C 141 28.99 27.46 46.26
C SER C 141 27.88 26.52 45.83
N VAL C 142 28.24 25.28 45.47
CA VAL C 142 27.23 24.29 45.09
C VAL C 142 26.30 24.02 46.27
N ASP C 143 25.00 23.92 45.99
CA ASP C 143 24.01 23.77 47.05
C ASP C 143 23.93 22.34 47.55
N ALA C 144 24.23 21.39 46.66
CA ALA C 144 24.18 19.97 47.01
C ALA C 144 25.09 19.15 46.11
N ILE C 145 25.79 18.18 46.69
CA ILE C 145 26.56 17.24 45.90
C ILE C 145 25.86 15.89 45.86
N VAL C 146 25.93 15.23 44.71
CA VAL C 146 25.35 13.90 44.56
C VAL C 146 26.44 12.85 44.47
N LEU C 147 26.62 12.09 45.55
CA LEU C 147 27.55 10.97 45.52
C LEU C 147 26.94 9.84 44.70
N ASP C 148 27.18 9.87 43.40
CA ASP C 148 26.56 8.96 42.45
C ASP C 148 27.38 7.69 42.25
N THR C 149 26.86 6.56 42.73
CA THR C 149 27.53 5.28 42.57
C THR C 149 26.56 4.20 42.08
N ALA C 150 27.11 3.14 41.51
CA ALA C 150 26.28 2.03 41.00
C ALA C 150 25.75 1.20 42.16
N HIS C 151 26.55 1.07 43.21
CA HIS C 151 26.15 0.29 44.38
C HIS C 151 26.29 1.14 45.65
N GLY C 152 25.18 1.76 46.06
CA GLY C 152 25.19 2.62 47.23
C GLY C 152 25.44 1.89 48.52
N HIS C 153 25.22 0.58 48.53
CA HIS C 153 25.39 -0.22 49.74
C HIS C 153 26.79 -0.81 49.84
N SER C 154 27.77 -0.13 49.28
CA SER C 154 29.15 -0.57 49.38
C SER C 154 29.87 0.20 50.47
N GLN C 155 30.87 -0.43 51.10
CA GLN C 155 31.62 0.17 52.19
C GLN C 155 32.39 1.40 51.72
N GLY C 156 32.69 1.45 50.42
CA GLY C 156 33.39 2.57 49.84
C GLY C 156 32.59 3.85 49.89
N VAL C 157 31.35 3.78 49.42
CA VAL C 157 30.47 4.95 49.42
C VAL C 157 30.17 5.38 50.84
N ILE C 158 29.96 4.41 51.72
CA ILE C 158 29.69 4.69 53.12
C ILE C 158 30.85 5.44 53.77
N ASP C 159 32.06 4.95 53.54
CA ASP C 159 33.27 5.61 54.06
C ASP C 159 33.46 6.99 53.42
N LYS C 160 33.05 7.12 52.17
CA LYS C 160 33.18 8.39 51.46
C LYS C 160 32.23 9.44 52.04
N VAL C 161 31.00 9.03 52.33
CA VAL C 161 30.02 9.93 52.94
C VAL C 161 30.50 10.41 54.30
N LYS C 162 31.03 9.49 55.10
CA LYS C 162 31.60 9.82 56.41
C LYS C 162 32.74 10.83 56.27
N GLU C 163 33.57 10.63 55.25
CA GLU C 163 34.70 11.51 54.99
C GLU C 163 34.24 12.91 54.60
N VAL C 164 33.16 12.98 53.81
CA VAL C 164 32.66 14.26 53.33
C VAL C 164 31.91 15.03 54.41
N ARG C 165 31.07 14.34 55.15
CA ARG C 165 30.28 14.97 56.22
C ARG C 165 31.16 15.57 57.31
N ALA C 166 32.27 14.90 57.61
CA ALA C 166 33.20 15.38 58.63
C ALA C 166 33.86 16.69 58.21
N LYS C 167 34.07 16.85 56.91
CA LYS C 167 34.75 18.03 56.40
C LYS C 167 33.77 19.17 56.15
N TYR C 168 32.54 18.82 55.77
CA TYR C 168 31.51 19.82 55.52
C TYR C 168 30.19 19.46 56.21
N PRO C 169 30.05 19.83 57.48
CA PRO C 169 28.87 19.51 58.29
C PRO C 169 27.57 20.09 57.72
N SER C 170 27.62 21.28 57.13
CA SER C 170 26.41 21.93 56.62
C SER C 170 26.10 21.61 55.16
N LEU C 171 26.93 20.77 54.54
CA LEU C 171 26.75 20.43 53.13
C LEU C 171 25.63 19.42 52.92
N ASN C 172 24.89 19.57 51.82
CA ASN C 172 23.87 18.61 51.42
C ASN C 172 24.50 17.42 50.70
N ILE C 173 24.28 16.23 51.24
CA ILE C 173 24.82 15.01 50.64
C ILE C 173 23.71 14.08 50.16
N ILE C 174 23.59 13.94 48.85
CA ILE C 174 22.65 12.99 48.26
C ILE C 174 23.43 11.77 47.77
N ALA C 175 23.33 10.67 48.50
CA ALA C 175 24.09 9.47 48.16
C ALA C 175 23.20 8.36 47.61
N GLY C 176 23.75 7.58 46.68
CA GLY C 176 23.02 6.48 46.06
C GLY C 176 23.91 5.72 45.10
N ASN C 177 23.34 4.73 44.41
CA ASN C 177 21.92 4.40 44.57
C ASN C 177 21.72 3.13 45.38
N VAL C 178 20.58 3.05 46.05
CA VAL C 178 20.23 1.88 46.85
C VAL C 178 18.81 1.44 46.50
N ALA C 179 18.41 0.28 47.01
CA ALA C 179 17.07 -0.24 46.75
C ALA C 179 16.57 -1.08 47.92
N THR C 180 17.25 -0.97 49.07
CA THR C 180 16.84 -1.70 50.26
C THR C 180 16.76 -0.78 51.47
N ALA C 181 16.04 -1.23 52.49
CA ALA C 181 15.92 -0.48 53.74
C ALA C 181 17.24 -0.54 54.52
N GLU C 182 17.94 -1.66 54.40
N GLU C 182 17.94 -1.66 54.39
CA GLU C 182 19.24 -1.83 55.02
CA GLU C 182 19.23 -1.83 55.04
C GLU C 182 20.24 -0.80 54.51
C GLU C 182 20.26 -0.83 54.52
N ALA C 183 20.30 -0.66 53.19
CA ALA C 183 21.24 0.26 52.57
C ALA C 183 20.91 1.71 52.91
N THR C 184 19.62 2.03 52.97
CA THR C 184 19.17 3.37 53.31
C THR C 184 19.55 3.72 54.76
N LYS C 185 19.42 2.75 55.65
CA LYS C 185 19.76 2.95 57.06
C LYS C 185 21.27 3.17 57.24
N ALA C 186 22.06 2.30 56.63
CA ALA C 186 23.51 2.38 56.74
C ALA C 186 24.07 3.66 56.11
N LEU C 187 23.34 4.18 55.13
CA LEU C 187 23.77 5.37 54.42
C LEU C 187 23.36 6.64 55.16
N ILE C 188 22.22 6.58 55.85
CA ILE C 188 21.78 7.70 56.68
C ILE C 188 22.68 7.81 57.91
N GLU C 189 23.06 6.67 58.48
CA GLU C 189 23.98 6.63 59.61
C GLU C 189 25.36 7.16 59.20
N ALA C 190 25.64 7.15 57.90
CA ALA C 190 26.91 7.65 57.39
C ALA C 190 26.92 9.17 57.39
N GLY C 191 25.74 9.77 57.37
CA GLY C 191 25.61 11.21 57.46
C GLY C 191 25.08 11.89 56.20
N ALA C 192 24.24 11.18 55.46
CA ALA C 192 23.64 11.75 54.25
C ALA C 192 22.29 12.39 54.58
N ASN C 193 21.98 13.49 53.90
CA ASN C 193 20.70 14.18 54.11
C ASN C 193 19.61 13.62 53.20
N VAL C 194 20.00 13.15 52.03
CA VAL C 194 19.05 12.63 51.06
C VAL C 194 19.53 11.30 50.49
N VAL C 195 18.60 10.37 50.31
CA VAL C 195 18.91 9.07 49.73
C VAL C 195 18.28 8.92 48.36
N LYS C 196 19.08 8.57 47.36
CA LYS C 196 18.56 8.39 46.00
C LYS C 196 18.32 6.92 45.71
N VAL C 197 17.09 6.59 45.29
CA VAL C 197 16.66 5.21 45.13
C VAL C 197 16.51 4.79 43.67
N GLY C 198 17.06 3.62 43.33
CA GLY C 198 16.92 3.09 42.00
C GLY C 198 18.09 2.25 41.52
N ILE C 199 17.88 0.95 41.44
CA ILE C 199 18.86 0.05 40.84
C ILE C 199 18.25 -0.72 39.67
N GLY C 200 18.53 -0.24 38.47
CA GLY C 200 18.00 -0.85 37.26
C GLY C 200 16.71 -0.33 36.61
N PRO C 201 16.04 0.70 37.18
CA PRO C 201 14.80 1.02 36.48
C PRO C 201 15.01 1.95 35.29
N GLY C 202 16.24 2.44 35.12
CA GLY C 202 16.56 3.41 34.10
C GLY C 202 16.16 2.99 32.69
N SER C 203 15.70 3.96 31.91
CA SER C 203 15.26 3.70 30.54
C SER C 203 16.41 3.24 29.65
N ILE C 204 17.61 3.67 29.97
CA ILE C 204 18.80 3.32 29.20
C ILE C 204 19.70 2.33 29.94
N CYS C 205 19.14 1.67 30.95
CA CYS C 205 19.92 0.82 31.85
C CYS C 205 19.83 -0.67 31.51
N THR C 206 20.94 -1.37 31.65
CA THR C 206 20.98 -2.82 31.42
C THR C 206 21.57 -3.55 32.62
N THR C 207 21.64 -2.87 33.76
CA THR C 207 22.21 -3.45 34.98
C THR C 207 21.51 -4.73 35.40
N ARG C 208 20.19 -4.71 35.42
CA ARG C 208 19.40 -5.87 35.78
C ARG C 208 19.58 -7.00 34.77
N VAL C 209 19.94 -6.64 33.54
CA VAL C 209 20.10 -7.62 32.47
C VAL C 209 21.49 -8.26 32.51
N VAL C 210 22.52 -7.45 32.73
CA VAL C 210 23.90 -7.94 32.68
C VAL C 210 24.41 -8.44 34.02
N ALA C 211 23.89 -7.90 35.10
CA ALA C 211 24.33 -8.28 36.44
C ALA C 211 23.30 -9.15 37.15
N GLY C 212 22.05 -9.06 36.70
CA GLY C 212 20.97 -9.84 37.28
C GLY C 212 20.49 -9.27 38.60
N VAL C 213 20.96 -8.08 38.95
CA VAL C 213 20.65 -7.48 40.23
C VAL C 213 19.72 -6.28 40.09
N GLY C 214 18.70 -6.23 40.93
CA GLY C 214 17.78 -5.11 40.95
C GLY C 214 16.61 -5.31 41.88
N VAL C 215 15.85 -4.24 42.11
CA VAL C 215 14.60 -4.29 42.85
C VAL C 215 13.61 -3.40 42.14
N PRO C 216 12.40 -3.93 41.84
CA PRO C 216 11.34 -3.15 41.20
C PRO C 216 11.16 -1.79 41.86
N GLN C 217 11.28 -0.73 41.07
CA GLN C 217 11.43 0.63 41.56
C GLN C 217 10.39 1.06 42.60
N LEU C 218 9.12 0.80 42.29
CA LEU C 218 8.02 1.24 43.16
C LEU C 218 8.08 0.54 44.52
N THR C 219 8.58 -0.69 44.54
CA THR C 219 8.77 -1.41 45.78
C THR C 219 10.00 -0.88 46.50
N ALA C 220 11.07 -0.63 45.73
CA ALA C 220 12.31 -0.09 46.27
C ALA C 220 12.10 1.26 46.94
N VAL C 221 11.39 2.16 46.26
CA VAL C 221 11.07 3.46 46.82
C VAL C 221 10.30 3.29 48.14
N TYR C 222 9.33 2.39 48.13
CA TYR C 222 8.51 2.12 49.31
C TYR C 222 9.32 1.58 50.48
N ASP C 223 10.16 0.57 50.19
CA ASP C 223 10.99 -0.04 51.23
C ASP C 223 11.99 0.95 51.82
N CYS C 224 12.55 1.79 50.96
CA CYS C 224 13.54 2.78 51.39
C CYS C 224 12.90 3.93 52.15
N ALA C 225 11.78 4.43 51.64
CA ALA C 225 11.06 5.53 52.29
C ALA C 225 10.49 5.10 53.64
N THR C 226 10.22 3.81 53.78
CA THR C 226 9.73 3.26 55.04
C THR C 226 10.79 3.43 56.12
N GLU C 227 12.02 3.11 55.77
CA GLU C 227 13.15 3.22 56.70
C GLU C 227 13.56 4.68 56.89
N ALA C 228 13.66 5.40 55.79
CA ALA C 228 14.17 6.77 55.80
C ALA C 228 13.35 7.74 56.65
N ARG C 229 12.03 7.61 56.59
CA ARG C 229 11.15 8.54 57.28
C ARG C 229 11.22 8.39 58.80
N LYS C 230 11.78 7.27 59.26
CA LYS C 230 12.02 7.06 60.68
C LYS C 230 13.16 7.96 61.15
N HIS C 231 13.97 8.43 60.20
CA HIS C 231 15.07 9.34 60.51
C HIS C 231 14.76 10.74 60.00
N GLY C 232 13.55 10.90 59.44
CA GLY C 232 13.14 12.17 58.88
C GLY C 232 13.97 12.53 57.65
N ILE C 233 14.33 11.52 56.88
CA ILE C 233 15.19 11.72 55.71
C ILE C 233 14.42 11.48 54.41
N PRO C 234 14.44 12.47 53.50
CA PRO C 234 13.74 12.37 52.21
C PRO C 234 14.45 11.43 51.25
N VAL C 235 13.70 10.85 50.30
CA VAL C 235 14.29 9.98 49.29
C VAL C 235 13.98 10.45 47.88
N ILE C 236 14.86 10.09 46.94
CA ILE C 236 14.68 10.41 45.54
C ILE C 236 14.30 9.17 44.75
N ALA C 237 13.23 9.25 43.98
CA ALA C 237 12.86 8.17 43.07
C ALA C 237 13.58 8.39 41.75
N ASP C 238 14.61 7.59 41.49
CA ASP C 238 15.49 7.83 40.36
C ASP C 238 15.46 6.71 39.30
N GLY C 239 14.79 6.99 38.19
CA GLY C 239 14.74 6.06 37.08
C GLY C 239 13.42 5.32 36.97
N GLY C 240 13.00 5.06 35.73
CA GLY C 240 11.81 4.26 35.49
C GLY C 240 10.60 5.05 35.03
N ILE C 241 10.66 6.37 35.19
CA ILE C 241 9.53 7.23 34.82
C ILE C 241 9.47 7.45 33.31
N LYS C 242 8.32 7.13 32.73
CA LYS C 242 8.10 7.33 31.29
C LYS C 242 6.91 8.26 31.05
N TYR C 243 6.04 8.36 32.05
CA TYR C 243 4.88 9.25 31.98
C TYR C 243 4.73 10.02 33.28
N SER C 244 4.02 11.14 33.21
CA SER C 244 3.80 11.99 34.39
C SER C 244 3.09 11.22 35.51
N GLY C 245 2.23 10.29 35.12
CA GLY C 245 1.51 9.46 36.07
C GLY C 245 2.45 8.61 36.91
N ASP C 246 3.58 8.21 36.33
CA ASP C 246 4.56 7.40 37.05
C ASP C 246 5.22 8.22 38.17
N MET C 247 5.45 9.49 37.90
CA MET C 247 6.01 10.40 38.89
C MET C 247 5.07 10.51 40.09
N VAL C 248 3.79 10.64 39.81
CA VAL C 248 2.76 10.73 40.85
C VAL C 248 2.78 9.46 41.69
N LYS C 249 2.95 8.31 41.02
CA LYS C 249 3.02 7.03 41.70
C LYS C 249 4.25 6.95 42.59
N ALA C 250 5.38 7.41 42.07
CA ALA C 250 6.64 7.41 42.81
C ALA C 250 6.54 8.25 44.09
N LEU C 251 5.92 9.42 43.97
CA LEU C 251 5.75 10.31 45.12
C LEU C 251 4.77 9.72 46.14
N ALA C 252 3.73 9.07 45.64
CA ALA C 252 2.73 8.45 46.51
C ALA C 252 3.26 7.17 47.15
N ALA C 253 4.35 6.66 46.61
CA ALA C 253 5.00 5.47 47.18
C ALA C 253 5.86 5.84 48.37
N GLY C 254 6.13 7.14 48.53
CA GLY C 254 6.90 7.61 49.67
C GLY C 254 8.07 8.50 49.31
N ALA C 255 8.18 8.89 48.05
CA ALA C 255 9.29 9.73 47.60
C ALA C 255 8.97 11.21 47.75
N HIS C 256 9.96 11.99 48.18
CA HIS C 256 9.81 13.44 48.30
C HIS C 256 9.89 14.11 46.94
N VAL C 257 10.63 13.49 46.02
CA VAL C 257 10.95 14.09 44.73
C VAL C 257 11.54 13.03 43.79
N VAL C 258 11.32 13.18 42.49
CA VAL C 258 11.84 12.23 41.52
C VAL C 258 12.97 12.82 40.66
N MET C 259 13.77 11.95 40.05
CA MET C 259 14.82 12.36 39.14
C MET C 259 14.61 11.75 37.76
N LEU C 260 14.61 12.59 36.73
CA LEU C 260 14.26 12.16 35.38
C LEU C 260 15.42 12.26 34.39
N GLY C 261 15.51 11.29 33.49
CA GLY C 261 16.56 11.28 32.49
C GLY C 261 16.04 11.41 31.08
N SER C 262 15.32 10.38 30.63
CA SER C 262 14.78 10.35 29.27
C SER C 262 13.77 11.45 28.97
N MET C 263 12.93 11.79 29.96
CA MET C 263 11.90 12.80 29.74
C MET C 263 12.46 14.23 29.70
N PHE C 264 13.77 14.36 29.89
CA PHE C 264 14.43 15.66 29.84
C PHE C 264 15.48 15.71 28.74
N ALA C 265 15.94 14.53 28.31
CA ALA C 265 17.03 14.44 27.33
C ALA C 265 16.65 15.00 25.97
N GLY C 266 15.36 15.17 25.72
CA GLY C 266 14.88 15.62 24.43
C GLY C 266 14.57 17.11 24.35
N VAL C 267 14.63 17.80 25.50
CA VAL C 267 14.31 19.22 25.53
C VAL C 267 15.43 20.07 24.94
N ALA C 268 15.15 21.34 24.69
CA ALA C 268 16.10 22.23 24.04
C ALA C 268 17.28 22.61 24.93
N GLU C 269 17.07 22.60 26.25
CA GLU C 269 18.11 23.00 27.19
C GLU C 269 19.11 21.89 27.49
N SER C 270 18.81 20.68 27.04
CA SER C 270 19.70 19.54 27.26
C SER C 270 20.95 19.65 26.40
N PRO C 271 22.07 19.11 26.87
CA PRO C 271 23.31 19.06 26.09
C PRO C 271 23.11 18.25 24.82
N GLY C 272 23.74 18.68 23.73
CA GLY C 272 23.60 17.98 22.46
C GLY C 272 22.74 18.76 21.49
N GLU C 273 22.96 18.54 20.20
CA GLU C 273 22.21 19.23 19.17
C GLU C 273 21.22 18.28 18.49
N THR C 274 20.15 18.86 17.95
CA THR C 274 19.12 18.10 17.25
C THR C 274 19.63 17.36 16.03
N GLU C 275 19.42 16.05 16.00
CA GLU C 275 19.65 15.26 14.80
C GLU C 275 18.30 15.01 14.13
N ILE C 276 18.32 14.63 12.86
CA ILE C 276 17.08 14.45 12.11
C ILE C 276 16.96 13.07 11.47
N TYR C 277 15.82 12.42 11.68
CA TYR C 277 15.59 11.09 11.13
C TYR C 277 14.14 10.94 10.64
N GLN C 278 14.00 10.82 9.31
CA GLN C 278 12.69 10.63 8.69
C GLN C 278 11.66 11.67 9.08
N GLY C 279 12.07 12.94 9.10
CA GLY C 279 11.16 14.04 9.30
C GLY C 279 10.83 14.36 10.75
N ARG C 280 11.49 13.67 11.67
CA ARG C 280 11.27 13.91 13.08
C ARG C 280 12.60 14.18 13.79
N GLN C 281 12.61 15.20 14.64
CA GLN C 281 13.83 15.61 15.33
C GLN C 281 14.11 14.74 16.55
N PHE C 282 15.38 14.43 16.75
CA PHE C 282 15.82 13.61 17.88
C PHE C 282 17.02 14.22 18.58
N LYS C 283 17.28 13.77 19.80
CA LYS C 283 18.48 14.15 20.53
C LYS C 283 19.11 12.91 21.14
N VAL C 284 20.43 12.92 21.27
CA VAL C 284 21.16 11.78 21.80
C VAL C 284 20.90 11.59 23.30
N TYR C 285 20.74 10.34 23.71
CA TYR C 285 20.58 10.01 25.12
C TYR C 285 21.20 8.63 25.36
N ARG C 286 22.16 8.57 26.29
CA ARG C 286 22.80 7.31 26.60
C ARG C 286 23.14 7.22 28.09
N GLY C 287 23.23 5.99 28.59
CA GLY C 287 23.57 5.76 29.97
C GLY C 287 25.01 6.12 30.26
N MET C 288 25.28 6.53 31.49
CA MET C 288 26.64 6.88 31.90
C MET C 288 27.48 5.63 32.08
N GLY C 289 26.81 4.48 32.08
CA GLY C 289 27.49 3.19 32.16
C GLY C 289 27.63 2.55 30.79
N SER C 290 27.35 3.32 29.74
CA SER C 290 27.49 2.82 28.38
C SER C 290 28.90 3.03 27.86
N VAL C 291 29.21 2.37 26.74
CA VAL C 291 30.55 2.45 26.15
C VAL C 291 30.91 3.87 25.74
N GLY C 292 29.96 4.58 25.14
CA GLY C 292 30.17 5.94 24.70
C GLY C 292 30.51 6.89 25.83
N ALA C 293 29.76 6.81 26.92
CA ALA C 293 29.96 7.71 28.06
C ALA C 293 31.20 7.34 28.86
N MET C 294 31.65 6.10 28.71
N MET C 294 31.66 6.10 28.70
CA MET C 294 32.87 5.65 29.39
CA MET C 294 32.87 5.63 29.38
C MET C 294 34.06 5.70 28.44
C MET C 294 34.09 5.73 28.47
N GLU C 295 34.09 6.71 27.58
CA GLU C 295 35.16 6.86 26.61
C GLU C 295 35.76 8.27 26.63
N LYS C 309 38.81 -4.69 28.45
CA LYS C 309 37.59 -4.15 27.84
C LYS C 309 36.54 -3.83 28.90
N LEU C 310 35.77 -2.77 28.65
CA LEU C 310 34.74 -2.34 29.59
C LEU C 310 33.49 -3.21 29.45
N VAL C 311 32.86 -3.50 30.58
CA VAL C 311 31.58 -4.20 30.59
C VAL C 311 30.46 -3.24 30.94
N PRO C 312 29.82 -2.66 29.91
CA PRO C 312 28.83 -1.60 30.11
C PRO C 312 27.54 -2.09 30.76
N GLU C 313 26.91 -1.21 31.54
CA GLU C 313 25.62 -1.51 32.14
C GLU C 313 24.59 -0.50 31.66
N GLY C 314 24.73 -0.06 30.41
CA GLY C 314 23.79 0.85 29.79
C GLY C 314 23.92 0.83 28.28
N ILE C 315 22.93 1.40 27.59
CA ILE C 315 22.97 1.46 26.13
C ILE C 315 22.95 2.91 25.62
N GLU C 316 23.12 3.06 24.31
CA GLU C 316 23.12 4.38 23.68
C GLU C 316 21.98 4.47 22.67
N GLY C 317 21.30 5.63 22.65
CA GLY C 317 20.19 5.82 21.75
C GLY C 317 19.77 7.26 21.56
N ARG C 318 18.50 7.46 21.23
CA ARG C 318 17.96 8.80 21.02
C ARG C 318 16.49 8.89 21.38
N VAL C 319 16.09 10.05 21.90
CA VAL C 319 14.70 10.34 22.23
C VAL C 319 14.21 11.48 21.35
N PRO C 320 12.89 11.58 21.15
CA PRO C 320 12.33 12.68 20.36
C PRO C 320 12.64 14.05 20.94
N TYR C 321 12.79 15.04 20.07
CA TYR C 321 12.99 16.43 20.49
C TYR C 321 11.65 17.01 20.92
N LYS C 322 11.64 17.69 22.07
CA LYS C 322 10.38 18.14 22.67
C LYS C 322 10.31 19.65 22.91
N GLY C 323 11.14 20.41 22.20
CA GLY C 323 11.14 21.86 22.34
C GLY C 323 11.67 22.31 23.70
N PRO C 324 11.27 23.52 24.13
CA PRO C 324 11.73 24.10 25.39
C PRO C 324 11.30 23.28 26.60
N LEU C 325 12.09 23.35 27.68
CA LEU C 325 11.84 22.58 28.89
C LEU C 325 10.49 22.91 29.53
N ALA C 326 10.08 24.18 29.40
CA ALA C 326 8.87 24.66 30.04
C ALA C 326 7.59 23.96 29.57
N ASP C 327 7.66 23.33 28.39
CA ASP C 327 6.51 22.60 27.87
C ASP C 327 6.41 21.21 28.47
N THR C 328 7.56 20.55 28.61
CA THR C 328 7.62 19.25 29.24
C THR C 328 7.25 19.36 30.71
N VAL C 329 7.84 20.34 31.39
CA VAL C 329 7.60 20.56 32.81
C VAL C 329 6.13 20.89 33.11
N HIS C 330 5.52 21.71 32.24
CA HIS C 330 4.12 22.07 32.41
C HIS C 330 3.22 20.84 32.41
N GLN C 331 3.49 19.91 31.50
CA GLN C 331 2.73 18.67 31.42
C GLN C 331 3.00 17.78 32.63
N LEU C 332 4.26 17.75 33.06
CA LEU C 332 4.66 16.93 34.20
C LEU C 332 3.95 17.37 35.48
N VAL C 333 4.03 18.65 35.79
CA VAL C 333 3.40 19.20 36.99
C VAL C 333 1.89 19.19 36.89
N GLY C 334 1.36 19.53 35.71
CA GLY C 334 -0.07 19.52 35.49
C GLY C 334 -0.69 18.15 35.65
N GLY C 335 0.07 17.11 35.33
CA GLY C 335 -0.37 15.75 35.53
C GLY C 335 -0.32 15.37 37.00
N LEU C 336 0.62 15.96 37.71
CA LEU C 336 0.77 15.72 39.14
C LEU C 336 -0.41 16.34 39.90
N ARG C 337 -0.78 17.55 39.49
CA ARG C 337 -1.90 18.24 40.10
C ARG C 337 -3.20 17.48 39.88
N ALA C 338 -3.34 16.85 38.71
CA ALA C 338 -4.50 16.03 38.41
C ALA C 338 -4.54 14.83 39.34
N GLY C 339 -3.40 14.17 39.50
CA GLY C 339 -3.29 13.02 40.38
C GLY C 339 -3.60 13.33 41.83
N MET C 340 -2.97 14.38 42.36
CA MET C 340 -3.20 14.79 43.73
C MET C 340 -4.65 15.25 43.92
N GLY C 341 -5.26 15.73 42.84
CA GLY C 341 -6.66 16.10 42.86
C GLY C 341 -7.55 14.88 43.03
N TYR C 342 -7.26 13.83 42.28
CA TYR C 342 -8.03 12.58 42.37
C TYR C 342 -7.86 11.93 43.73
N CYS C 343 -6.67 12.07 44.32
CA CYS C 343 -6.36 11.44 45.60
C CYS C 343 -6.83 12.29 46.78
N GLY C 344 -7.29 13.50 46.50
CA GLY C 344 -7.72 14.42 47.54
C GLY C 344 -6.56 14.92 48.37
N ALA C 345 -5.41 15.12 47.73
CA ALA C 345 -4.21 15.59 48.40
C ALA C 345 -3.99 17.08 48.20
N GLN C 346 -3.97 17.83 49.30
CA GLN C 346 -3.74 19.27 49.24
C GLN C 346 -2.24 19.58 49.10
N ASP C 347 -1.40 18.70 49.60
CA ASP C 347 0.05 18.84 49.46
C ASP C 347 0.72 17.48 49.28
N LEU C 348 2.00 17.50 48.94
CA LEU C 348 2.76 16.28 48.66
C LEU C 348 2.94 15.41 49.90
N GLU C 349 2.77 16.00 51.08
CA GLU C 349 2.88 15.24 52.32
C GLU C 349 1.66 14.36 52.52
N PHE C 350 0.49 14.90 52.20
CA PHE C 350 -0.76 14.15 52.26
C PHE C 350 -0.68 12.94 51.34
N LEU C 351 -0.25 13.19 50.11
CA LEU C 351 -0.14 12.15 49.10
C LEU C 351 0.87 11.09 49.51
N ARG C 352 1.90 11.51 50.24
CA ARG C 352 2.96 10.62 50.67
C ARG C 352 2.52 9.72 51.81
N GLU C 353 1.54 10.17 52.59
CA GLU C 353 1.13 9.46 53.79
C GLU C 353 -0.23 8.77 53.69
N ASN C 354 -1.02 9.13 52.68
CA ASN C 354 -2.41 8.68 52.62
C ASN C 354 -2.83 7.97 51.33
N ALA C 355 -2.15 8.28 50.22
CA ALA C 355 -2.54 7.72 48.93
C ALA C 355 -2.50 6.20 48.90
N GLN C 356 -3.47 5.59 48.22
CA GLN C 356 -3.58 4.15 48.15
C GLN C 356 -3.43 3.65 46.73
N PHE C 357 -2.80 2.49 46.57
CA PHE C 357 -2.64 1.87 45.25
C PHE C 357 -3.53 0.64 45.12
N ILE C 358 -3.91 0.33 43.88
CA ILE C 358 -4.57 -0.94 43.59
C ILE C 358 -3.78 -1.70 42.52
N ARG C 359 -3.53 -2.98 42.76
CA ARG C 359 -2.71 -3.78 41.86
C ARG C 359 -3.52 -4.32 40.69
N MET C 360 -2.86 -4.38 39.52
CA MET C 360 -3.51 -4.84 38.30
C MET C 360 -2.59 -5.75 37.49
N SER C 361 -3.16 -6.44 36.52
CA SER C 361 -2.42 -7.35 35.67
C SER C 361 -1.97 -6.67 34.38
N GLY C 362 -1.52 -7.47 33.41
CA GLY C 362 -1.15 -6.95 32.11
C GLY C 362 -2.36 -6.49 31.33
N ALA C 363 -3.49 -7.13 31.58
CA ALA C 363 -4.75 -6.74 30.97
C ALA C 363 -5.19 -5.39 31.54
N GLY C 364 -4.87 -5.17 32.81
CA GLY C 364 -5.17 -3.91 33.46
C GLY C 364 -4.40 -2.75 32.84
N LEU C 365 -3.12 -3.00 32.54
CA LEU C 365 -2.28 -1.99 31.92
C LEU C 365 -2.76 -1.68 30.50
N LEU C 366 -3.20 -2.72 29.79
CA LEU C 366 -3.74 -2.59 28.45
C LEU C 366 -4.96 -1.69 28.44
N GLU C 367 -5.82 -1.87 29.45
CA GLU C 367 -7.02 -1.06 29.60
C GLU C 367 -6.66 0.37 30.01
N SER C 368 -5.58 0.50 30.79
CA SER C 368 -5.15 1.79 31.32
C SER C 368 -4.69 2.75 30.21
N HIS C 369 -3.91 2.22 29.26
CA HIS C 369 -3.55 2.98 28.07
C HIS C 369 -4.71 2.96 27.10
N PRO C 370 -4.75 3.93 26.17
CA PRO C 370 -5.75 3.90 25.09
C PRO C 370 -5.67 2.60 24.30
N HIS C 371 -6.80 2.13 23.78
CA HIS C 371 -6.85 0.85 23.09
C HIS C 371 -7.93 0.79 22.02
N HIS C 372 -7.68 -0.01 20.99
CA HIS C 372 -8.65 -0.26 19.92
C HIS C 372 -9.10 1.00 19.18
N VAL C 373 -8.28 2.05 19.23
CA VAL C 373 -8.56 3.28 18.50
C VAL C 373 -7.27 3.84 17.88
N GLN C 374 -7.29 4.05 16.57
CA GLN C 374 -6.12 4.55 15.86
C GLN C 374 -5.87 6.03 16.17
N ILE C 375 -4.86 6.30 16.99
CA ILE C 375 -4.53 7.66 17.41
C ILE C 375 -4.06 8.51 16.24
N THR C 376 -4.80 9.59 15.97
CA THR C 376 -4.48 10.45 14.83
C THR C 376 -3.35 11.42 15.16
N LYS C 377 -3.54 12.24 16.18
CA LYS C 377 -2.51 13.19 16.60
C LYS C 377 -2.06 12.92 18.04
N GLU C 378 -0.79 13.20 18.32
CA GLU C 378 -0.23 12.93 19.63
C GLU C 378 -0.54 14.03 20.64
N ALA C 379 -0.94 13.61 21.83
CA ALA C 379 -1.20 14.54 22.92
C ALA C 379 0.11 15.11 23.45
N PRO C 380 0.08 16.31 24.04
CA PRO C 380 1.31 16.91 24.57
C PRO C 380 1.88 16.16 25.77
N ASN C 381 1.15 15.17 26.27
CA ASN C 381 1.61 14.38 27.41
C ASN C 381 1.57 12.87 27.20
N TYR C 382 1.24 12.44 25.99
CA TYR C 382 1.17 11.01 25.69
C TYR C 382 1.98 10.62 24.46
N SER C 383 3.18 10.09 24.70
CA SER C 383 4.08 9.60 23.65
C SER C 383 4.24 10.58 22.49
N SER D 22 -6.68 -42.94 48.81
CA SER D 22 -5.54 -42.05 48.59
C SER D 22 -5.75 -41.18 47.36
N ASN D 23 -6.64 -40.19 47.50
CA ASN D 23 -6.94 -39.28 46.41
C ASN D 23 -5.98 -38.09 46.41
N ALA D 24 -4.81 -38.28 47.03
CA ALA D 24 -3.84 -37.21 47.22
C ALA D 24 -3.13 -36.84 45.92
N MET D 25 -2.76 -37.84 45.13
CA MET D 25 -2.01 -37.60 43.90
C MET D 25 -2.84 -36.82 42.89
N TRP D 26 -4.15 -37.03 42.91
CA TRP D 26 -5.06 -36.37 41.98
C TRP D 26 -5.31 -34.94 42.40
N GLU D 27 -5.30 -34.70 43.72
CA GLU D 27 -5.62 -33.39 44.27
C GLU D 27 -4.39 -32.48 44.36
N SER D 28 -3.20 -33.09 44.28
CA SER D 28 -1.96 -32.32 44.35
C SER D 28 -1.35 -32.14 42.97
N LYS D 29 -2.22 -31.97 41.98
CA LYS D 29 -1.78 -31.91 40.58
C LYS D 29 -1.26 -30.54 40.16
N PHE D 30 -1.93 -29.49 40.61
CA PHE D 30 -1.56 -28.13 40.24
C PHE D 30 -1.15 -27.29 41.44
N VAL D 31 -0.39 -27.89 42.34
CA VAL D 31 0.07 -27.21 43.55
C VAL D 31 1.36 -26.43 43.31
N LYS D 32 2.31 -27.07 42.63
CA LYS D 32 3.64 -26.50 42.42
C LYS D 32 3.67 -25.30 41.47
N GLU D 33 4.52 -24.33 41.80
CA GLU D 33 4.78 -23.16 40.96
C GLU D 33 6.28 -23.09 40.68
N GLY D 34 6.64 -22.76 39.44
CA GLY D 34 8.04 -22.69 39.06
C GLY D 34 8.47 -21.33 38.57
N LEU D 35 9.72 -20.96 38.85
CA LEU D 35 10.27 -19.67 38.44
C LEU D 35 11.37 -19.83 37.39
N THR D 36 11.37 -18.94 36.40
CA THR D 36 12.47 -18.87 35.44
C THR D 36 13.25 -17.59 35.70
N PHE D 37 14.28 -17.34 34.90
CA PHE D 37 15.17 -16.20 35.11
C PHE D 37 14.44 -14.85 35.04
N ASP D 38 13.46 -14.75 34.15
CA ASP D 38 12.79 -13.47 33.92
C ASP D 38 11.63 -13.21 34.88
N ASP D 39 11.60 -13.94 35.99
CA ASP D 39 10.59 -13.72 37.02
C ASP D 39 11.20 -13.07 38.26
N VAL D 40 12.52 -13.04 38.32
CA VAL D 40 13.21 -12.62 39.53
C VAL D 40 14.32 -11.60 39.28
N LEU D 41 14.75 -10.97 40.37
CA LEU D 41 15.93 -10.10 40.37
C LEU D 41 16.70 -10.38 41.65
N LEU D 42 18.03 -10.38 41.56
CA LEU D 42 18.85 -10.52 42.75
C LEU D 42 18.87 -9.20 43.51
N VAL D 43 18.45 -9.24 44.78
CA VAL D 43 18.45 -8.04 45.59
C VAL D 43 19.87 -7.68 46.03
N PRO D 44 20.28 -6.42 45.80
CA PRO D 44 21.60 -5.97 46.20
C PRO D 44 21.81 -6.06 47.71
N ALA D 45 23.04 -6.30 48.13
CA ALA D 45 23.34 -6.41 49.56
C ALA D 45 24.58 -5.60 49.93
N LYS D 46 24.92 -5.61 51.21
CA LYS D 46 26.10 -4.91 51.71
C LYS D 46 27.36 -5.49 51.09
N SER D 47 28.21 -4.62 50.53
CA SER D 47 29.41 -5.06 49.83
C SER D 47 30.67 -4.36 50.34
N ASP D 48 31.69 -5.15 50.65
CA ASP D 48 32.98 -4.61 51.03
C ASP D 48 34.03 -5.08 50.02
N VAL D 49 33.55 -5.60 48.89
CA VAL D 49 34.43 -6.15 47.86
C VAL D 49 34.11 -5.59 46.47
N LEU D 50 35.15 -5.12 45.79
CA LEU D 50 35.00 -4.61 44.43
C LEU D 50 34.87 -5.77 43.45
N PRO D 51 34.11 -5.56 42.36
CA PRO D 51 33.83 -6.60 41.36
C PRO D 51 35.08 -7.27 40.81
N ARG D 52 36.17 -6.52 40.68
CA ARG D 52 37.42 -7.08 40.16
C ARG D 52 38.17 -7.88 41.21
N GLU D 53 37.74 -7.76 42.47
CA GLU D 53 38.40 -8.43 43.57
C GLU D 53 37.77 -9.79 43.92
N VAL D 54 36.55 -10.02 43.44
CA VAL D 54 35.83 -11.23 43.77
C VAL D 54 36.49 -12.47 43.17
N SER D 55 36.15 -13.63 43.70
CA SER D 55 36.70 -14.89 43.21
C SER D 55 35.64 -15.67 42.43
N VAL D 56 35.93 -15.93 41.16
CA VAL D 56 34.99 -16.64 40.30
C VAL D 56 35.40 -18.10 40.11
N LYS D 57 36.37 -18.55 40.89
CA LYS D 57 36.83 -19.93 40.84
C LYS D 57 35.78 -20.86 41.44
N THR D 58 35.70 -22.07 40.89
CA THR D 58 34.72 -23.05 41.35
C THR D 58 35.32 -24.46 41.36
N VAL D 59 34.90 -25.26 42.33
CA VAL D 59 35.42 -26.62 42.46
C VAL D 59 34.32 -27.66 42.28
N LEU D 60 34.31 -28.30 41.12
CA LEU D 60 33.35 -29.36 40.83
C LEU D 60 33.77 -30.65 41.53
N SER D 61 35.08 -30.85 41.64
CA SER D 61 35.63 -32.03 42.29
C SER D 61 37.10 -31.85 42.61
N GLU D 62 37.70 -32.87 43.23
CA GLU D 62 39.10 -32.86 43.56
C GLU D 62 39.96 -32.83 42.30
N SER D 63 39.42 -33.40 41.22
CA SER D 63 40.15 -33.52 39.97
C SER D 63 39.71 -32.44 38.98
N LEU D 64 38.58 -31.81 39.26
CA LEU D 64 37.98 -30.86 38.33
C LEU D 64 37.79 -29.48 38.98
N GLN D 65 38.73 -28.58 38.73
CA GLN D 65 38.65 -27.22 39.27
C GLN D 65 38.74 -26.18 38.16
N LEU D 66 37.79 -25.25 38.13
CA LEU D 66 37.73 -24.24 37.09
C LEU D 66 37.99 -22.84 37.64
N ASN D 67 38.67 -22.01 36.85
CA ASN D 67 38.91 -20.62 37.23
C ASN D 67 37.67 -19.76 37.02
N ILE D 68 36.90 -20.08 35.97
CA ILE D 68 35.62 -19.42 35.74
C ILE D 68 34.51 -20.47 35.69
N PRO D 69 33.30 -20.12 36.16
CA PRO D 69 32.22 -21.10 36.28
C PRO D 69 31.34 -21.22 35.05
N LEU D 70 31.90 -21.64 33.92
CA LEU D 70 31.09 -21.88 32.73
C LEU D 70 31.65 -22.97 31.82
N ILE D 71 30.75 -23.79 31.27
CA ILE D 71 31.13 -24.91 30.42
C ILE D 71 30.43 -24.82 29.07
N SER D 72 31.17 -25.02 27.99
CA SER D 72 30.57 -25.09 26.66
C SER D 72 29.85 -26.42 26.46
N ALA D 73 28.62 -26.34 25.95
CA ALA D 73 27.75 -27.50 25.81
C ALA D 73 28.28 -28.56 24.85
N GLY D 74 27.90 -29.81 25.09
CA GLY D 74 28.31 -30.91 24.22
C GLY D 74 27.42 -31.05 23.00
N MET D 75 27.48 -30.07 22.11
CA MET D 75 26.67 -30.08 20.89
C MET D 75 27.55 -29.97 19.64
N ASP D 76 27.08 -30.52 18.53
CA ASP D 76 27.88 -30.56 17.31
C ASP D 76 28.11 -29.21 16.66
N THR D 77 27.39 -28.19 17.13
CA THR D 77 27.54 -26.84 16.62
C THR D 77 28.11 -25.90 17.68
N VAL D 78 28.54 -26.48 18.80
CA VAL D 78 29.07 -25.68 19.91
C VAL D 78 30.49 -26.08 20.31
N THR D 79 30.72 -27.38 20.50
CA THR D 79 32.01 -27.79 21.07
C THR D 79 32.71 -28.93 20.36
N GLU D 80 33.83 -28.61 19.73
CA GLU D 80 34.81 -29.61 19.33
C GLU D 80 36.16 -29.19 19.92
N ALA D 81 37.24 -29.80 19.43
CA ALA D 81 38.57 -29.60 20.00
C ALA D 81 39.00 -28.13 20.10
N ASP D 82 38.83 -27.40 19.00
CA ASP D 82 39.22 -25.99 18.95
C ASP D 82 38.50 -25.16 20.00
N MET D 83 37.20 -25.39 20.15
CA MET D 83 36.39 -24.72 21.16
C MET D 83 36.80 -25.15 22.56
N ALA D 84 37.04 -26.46 22.73
CA ALA D 84 37.38 -27.00 24.03
C ALA D 84 38.70 -26.43 24.55
N ILE D 85 39.65 -26.22 23.63
CA ILE D 85 40.95 -25.67 23.99
C ILE D 85 40.85 -24.22 24.43
N ALA D 86 40.22 -23.38 23.61
CA ALA D 86 40.05 -21.97 23.94
C ALA D 86 39.26 -21.78 25.22
N MET D 87 38.26 -22.62 25.41
CA MET D 87 37.41 -22.58 26.59
C MET D 87 38.24 -22.87 27.84
N ALA D 88 39.16 -23.82 27.72
CA ALA D 88 40.00 -24.22 28.85
C ALA D 88 41.07 -23.17 29.15
N ARG D 89 41.50 -22.44 28.12
CA ARG D 89 42.50 -21.38 28.30
C ARG D 89 41.87 -20.14 28.94
N GLN D 90 40.55 -20.09 28.96
CA GLN D 90 39.83 -19.00 29.58
C GLN D 90 39.49 -19.34 31.03
N GLY D 91 39.73 -20.60 31.40
CA GLY D 91 39.44 -21.08 32.74
C GLY D 91 38.17 -21.90 32.81
N GLY D 92 37.61 -22.22 31.64
CA GLY D 92 36.39 -22.98 31.56
C GLY D 92 36.61 -24.41 31.12
N LEU D 93 35.53 -25.08 30.72
CA LEU D 93 35.59 -26.47 30.31
C LEU D 93 34.80 -26.70 29.03
N GLY D 94 35.27 -27.63 28.20
CA GLY D 94 34.60 -27.97 26.96
C GLY D 94 34.15 -29.42 26.95
N ILE D 95 32.98 -29.67 26.38
CA ILE D 95 32.47 -31.03 26.25
C ILE D 95 32.37 -31.43 24.79
N ILE D 96 33.28 -32.30 24.35
CA ILE D 96 33.26 -32.81 22.99
C ILE D 96 31.95 -33.58 22.75
N HIS D 97 31.16 -33.14 21.78
CA HIS D 97 29.90 -33.79 21.48
C HIS D 97 30.11 -35.21 20.96
N LYS D 98 29.09 -36.05 21.09
CA LYS D 98 29.21 -37.46 20.73
C LYS D 98 28.67 -37.80 19.35
N ASN D 99 28.48 -36.79 18.52
N ASN D 99 28.46 -36.79 18.51
CA ASN D 99 28.06 -36.97 17.12
CA ASN D 99 28.04 -37.04 17.13
C ASN D 99 29.28 -37.23 16.25
C ASN D 99 29.21 -37.30 16.21
N MET D 100 30.01 -38.30 16.58
CA MET D 100 31.19 -38.70 15.82
C MET D 100 31.55 -40.10 16.26
N SER D 101 32.36 -40.80 15.46
CA SER D 101 32.76 -42.16 15.79
C SER D 101 33.55 -42.18 17.09
N ILE D 102 33.63 -43.36 17.71
CA ILE D 102 34.35 -43.52 18.97
C ILE D 102 35.81 -43.06 18.83
N GLU D 103 36.40 -43.33 17.67
CA GLU D 103 37.78 -42.94 17.40
C GLU D 103 37.93 -41.44 17.25
N GLN D 104 36.95 -40.80 16.62
N GLN D 104 36.95 -40.79 16.63
CA GLN D 104 37.01 -39.36 16.36
CA GLN D 104 37.01 -39.36 16.36
C GLN D 104 36.96 -38.54 17.65
C GLN D 104 36.94 -38.52 17.64
N GLN D 105 36.16 -38.99 18.61
CA GLN D 105 36.01 -38.27 19.87
C GLN D 105 37.23 -38.44 20.77
N ALA D 106 37.70 -39.68 20.90
CA ALA D 106 38.88 -39.97 21.70
C ALA D 106 40.11 -39.30 21.09
N GLU D 107 40.06 -39.07 19.79
CA GLU D 107 41.15 -38.43 19.08
C GLU D 107 41.30 -36.97 19.49
N GLN D 108 40.23 -36.18 19.30
CA GLN D 108 40.31 -34.75 19.57
C GLN D 108 40.11 -34.42 21.05
N VAL D 109 39.92 -35.44 21.87
CA VAL D 109 40.00 -35.28 23.31
C VAL D 109 41.48 -35.18 23.67
N ASP D 110 42.27 -36.06 23.09
CA ASP D 110 43.71 -36.06 23.29
C ASP D 110 44.33 -34.82 22.66
N LYS D 111 43.70 -34.32 21.60
CA LYS D 111 44.15 -33.09 20.94
C LYS D 111 44.08 -31.92 21.90
N VAL D 112 43.02 -31.88 22.70
CA VAL D 112 42.90 -30.87 23.74
C VAL D 112 43.92 -31.16 24.85
N LYS D 113 44.01 -32.43 25.23
CA LYS D 113 44.92 -32.84 26.30
C LYS D 113 46.40 -32.59 26.01
N ARG D 114 46.72 -32.23 24.77
CA ARG D 114 48.11 -32.03 24.38
C ARG D 114 48.42 -30.59 23.98
N SER D 115 47.48 -29.69 24.24
CA SER D 115 47.68 -28.26 24.02
C SER D 115 47.93 -27.58 25.36
N GLY D 116 48.64 -28.27 26.24
CA GLY D 116 48.88 -27.77 27.58
C GLY D 116 48.48 -28.83 28.60
N GLY D 117 48.17 -28.38 29.81
CA GLY D 117 47.68 -29.28 30.85
C GLY D 117 46.21 -29.05 31.12
N LEU D 118 45.56 -28.35 30.19
CA LEU D 118 44.16 -27.96 30.34
C LEU D 118 43.19 -29.14 30.37
N LEU D 119 41.94 -28.86 30.74
CA LEU D 119 40.93 -29.88 30.95
C LEU D 119 40.05 -30.10 29.73
N VAL D 120 39.37 -31.24 29.68
CA VAL D 120 38.46 -31.55 28.59
C VAL D 120 37.40 -32.58 29.00
N GLY D 121 36.19 -32.41 28.47
CA GLY D 121 35.11 -33.33 28.74
C GLY D 121 34.55 -33.91 27.46
N ALA D 122 33.84 -35.03 27.56
CA ALA D 122 33.25 -35.69 26.40
C ALA D 122 31.90 -36.31 26.73
N ALA D 123 30.92 -36.05 25.89
CA ALA D 123 29.56 -36.57 26.09
C ALA D 123 29.47 -38.03 25.71
N VAL D 124 28.73 -38.80 26.51
CA VAL D 124 28.49 -40.21 26.23
C VAL D 124 27.00 -40.49 26.31
N GLY D 125 26.49 -41.29 25.37
CA GLY D 125 25.08 -41.64 25.38
C GLY D 125 24.80 -42.92 26.16
N VAL D 126 23.52 -43.19 26.39
CA VAL D 126 23.13 -44.41 27.08
C VAL D 126 22.83 -45.49 26.05
N THR D 127 23.88 -46.10 25.52
CA THR D 127 23.73 -47.10 24.46
C THR D 127 24.33 -48.43 24.88
N ALA D 128 24.26 -49.41 23.99
CA ALA D 128 24.85 -50.72 24.24
C ALA D 128 26.36 -50.67 24.08
N ASP D 129 26.84 -49.63 23.41
CA ASP D 129 28.28 -49.44 23.20
C ASP D 129 28.79 -48.20 23.94
N ALA D 130 28.10 -47.85 25.02
CA ALA D 130 28.49 -46.69 25.82
C ALA D 130 29.83 -46.94 26.51
N MET D 131 29.97 -48.11 27.12
CA MET D 131 31.19 -48.46 27.84
C MET D 131 32.39 -48.50 26.90
N THR D 132 32.17 -48.94 25.68
CA THR D 132 33.23 -49.03 24.68
C THR D 132 33.78 -47.64 24.35
N ARG D 133 32.89 -46.66 24.24
CA ARG D 133 33.31 -45.30 23.95
C ARG D 133 34.08 -44.68 25.13
N ILE D 134 33.58 -44.92 26.33
CA ILE D 134 34.21 -44.40 27.54
C ILE D 134 35.63 -44.93 27.72
N ASP D 135 35.83 -46.22 27.42
CA ASP D 135 37.14 -46.84 27.52
C ASP D 135 38.15 -46.14 26.62
N ALA D 136 37.72 -45.76 25.42
CA ALA D 136 38.57 -45.04 24.49
C ALA D 136 38.84 -43.63 24.98
N LEU D 137 37.87 -43.07 25.69
CA LEU D 137 37.99 -41.73 26.23
C LEU D 137 38.90 -41.71 27.47
N VAL D 138 38.80 -42.75 28.29
CA VAL D 138 39.67 -42.90 29.45
C VAL D 138 41.12 -43.10 29.00
N LYS D 139 41.29 -43.83 27.91
CA LYS D 139 42.61 -44.00 27.30
C LYS D 139 43.11 -42.67 26.76
N ALA D 140 42.17 -41.85 26.27
CA ALA D 140 42.49 -40.50 25.83
C ALA D 140 42.58 -39.57 27.04
N SER D 141 42.22 -40.12 28.20
CA SER D 141 42.33 -39.43 29.48
C SER D 141 41.50 -38.14 29.60
N VAL D 142 40.19 -38.26 29.42
CA VAL D 142 39.29 -37.16 29.73
C VAL D 142 39.30 -36.91 31.23
N ASP D 143 38.97 -35.69 31.63
CA ASP D 143 38.86 -35.37 33.06
C ASP D 143 37.45 -35.70 33.55
N ALA D 144 36.47 -35.62 32.65
CA ALA D 144 35.08 -35.88 32.99
C ALA D 144 34.28 -36.32 31.77
N ILE D 145 33.42 -37.31 31.97
CA ILE D 145 32.47 -37.71 30.93
C ILE D 145 31.08 -37.25 31.30
N VAL D 146 30.27 -36.94 30.28
CA VAL D 146 28.91 -36.47 30.51
C VAL D 146 27.89 -37.49 30.01
N LEU D 147 27.37 -38.31 30.92
CA LEU D 147 26.27 -39.20 30.58
C LEU D 147 25.03 -38.34 30.32
N ASP D 148 24.82 -38.01 29.04
CA ASP D 148 23.80 -37.05 28.66
C ASP D 148 22.61 -37.73 27.97
N THR D 149 21.41 -37.40 28.42
CA THR D 149 20.19 -37.97 27.86
C THR D 149 19.00 -37.03 28.06
N ALA D 150 17.94 -37.26 27.31
CA ALA D 150 16.73 -36.45 27.38
C ALA D 150 16.06 -36.55 28.75
N HIS D 151 16.08 -37.74 29.31
CA HIS D 151 15.43 -38.00 30.59
C HIS D 151 16.37 -38.73 31.54
N GLY D 152 17.12 -37.97 32.33
CA GLY D 152 18.09 -38.54 33.24
C GLY D 152 17.49 -39.36 34.36
N HIS D 153 16.24 -39.07 34.71
CA HIS D 153 15.55 -39.80 35.77
C HIS D 153 14.91 -41.08 35.24
N SER D 154 15.75 -42.05 34.87
CA SER D 154 15.26 -43.33 34.36
C SER D 154 16.29 -44.43 34.60
N GLN D 155 15.82 -45.66 34.78
CA GLN D 155 16.69 -46.79 35.11
C GLN D 155 17.78 -47.06 34.07
N GLY D 156 17.49 -46.76 32.81
CA GLY D 156 18.47 -46.90 31.75
C GLY D 156 19.70 -46.06 32.06
N VAL D 157 19.45 -44.86 32.57
CA VAL D 157 20.54 -43.94 32.94
C VAL D 157 21.10 -44.29 34.30
N ILE D 158 20.22 -44.70 35.22
CA ILE D 158 20.62 -45.07 36.58
C ILE D 158 21.61 -46.22 36.57
N ASP D 159 21.26 -47.30 35.89
CA ASP D 159 22.11 -48.48 35.85
C ASP D 159 23.38 -48.26 35.03
N LYS D 160 23.34 -47.29 34.12
CA LYS D 160 24.50 -46.97 33.32
C LYS D 160 25.57 -46.27 34.15
N VAL D 161 25.12 -45.39 35.05
CA VAL D 161 26.03 -44.71 35.97
C VAL D 161 26.69 -45.69 36.93
N LYS D 162 25.91 -46.65 37.40
CA LYS D 162 26.42 -47.70 38.29
C LYS D 162 27.54 -48.48 37.59
N GLU D 163 27.31 -48.77 36.31
CA GLU D 163 28.24 -49.53 35.49
C GLU D 163 29.58 -48.81 35.36
N VAL D 164 29.51 -47.51 35.06
CA VAL D 164 30.71 -46.70 34.87
C VAL D 164 31.44 -46.46 36.19
N ARG D 165 30.66 -46.17 37.23
CA ARG D 165 31.23 -45.91 38.56
C ARG D 165 31.97 -47.13 39.10
N ALA D 166 31.46 -48.32 38.77
CA ALA D 166 32.09 -49.55 39.20
C ALA D 166 33.42 -49.77 38.47
N LYS D 167 33.41 -49.58 37.16
CA LYS D 167 34.59 -49.81 36.34
C LYS D 167 35.62 -48.70 36.51
N TYR D 168 35.13 -47.49 36.80
CA TYR D 168 36.01 -46.34 37.01
C TYR D 168 35.65 -45.58 38.27
N PRO D 169 36.23 -45.99 39.42
CA PRO D 169 35.93 -45.42 40.74
C PRO D 169 36.27 -43.94 40.85
N SER D 170 37.33 -43.49 40.19
CA SER D 170 37.78 -42.11 40.33
C SER D 170 37.59 -41.28 39.07
N LEU D 171 36.60 -41.64 38.27
CA LEU D 171 36.30 -40.89 37.06
C LEU D 171 35.15 -39.92 37.32
N ASN D 172 35.36 -38.65 36.97
CA ASN D 172 34.32 -37.65 37.10
C ASN D 172 33.14 -37.98 36.19
N ILE D 173 31.99 -38.24 36.80
CA ILE D 173 30.79 -38.59 36.05
C ILE D 173 29.72 -37.53 36.19
N ILE D 174 29.37 -36.91 35.06
CA ILE D 174 28.33 -35.88 35.05
C ILE D 174 27.08 -36.41 34.34
N ALA D 175 26.08 -36.79 35.13
CA ALA D 175 24.85 -37.36 34.59
C ALA D 175 23.70 -36.36 34.55
N GLY D 176 22.79 -36.56 33.59
CA GLY D 176 21.65 -35.67 33.42
C GLY D 176 20.94 -35.94 32.11
N ASN D 177 19.92 -35.15 31.80
CA ASN D 177 19.52 -34.04 32.66
C ASN D 177 18.34 -34.38 33.57
N VAL D 178 18.21 -33.63 34.66
CA VAL D 178 17.11 -33.80 35.59
C VAL D 178 16.56 -32.43 35.97
N ALA D 179 15.44 -32.41 36.69
CA ALA D 179 14.79 -31.16 37.07
C ALA D 179 14.05 -31.29 38.39
N THR D 180 14.19 -32.42 39.05
CA THR D 180 13.58 -32.65 40.36
C THR D 180 14.61 -33.11 41.39
N ALA D 181 14.30 -32.90 42.66
CA ALA D 181 15.18 -33.30 43.74
C ALA D 181 15.33 -34.81 43.84
N GLU D 182 14.23 -35.52 43.61
N GLU D 182 14.23 -35.52 43.61
CA GLU D 182 14.24 -36.98 43.68
CA GLU D 182 14.22 -36.98 43.67
C GLU D 182 15.09 -37.59 42.56
C GLU D 182 15.10 -37.57 42.57
N ALA D 183 15.16 -36.88 41.44
CA ALA D 183 15.97 -37.32 40.31
C ALA D 183 17.44 -37.08 40.59
N THR D 184 17.74 -35.94 41.21
CA THR D 184 19.10 -35.59 41.59
C THR D 184 19.62 -36.62 42.60
N LYS D 185 18.76 -36.95 43.56
CA LYS D 185 19.06 -37.96 44.57
C LYS D 185 19.34 -39.31 43.92
N ALA D 186 18.57 -39.64 42.89
CA ALA D 186 18.70 -40.92 42.19
C ALA D 186 20.04 -41.06 41.48
N LEU D 187 20.49 -39.99 40.83
CA LEU D 187 21.74 -40.01 40.08
C LEU D 187 22.95 -40.04 41.01
N ILE D 188 22.85 -39.32 42.11
CA ILE D 188 23.94 -39.26 43.09
C ILE D 188 24.18 -40.64 43.72
N GLU D 189 23.11 -41.29 44.14
CA GLU D 189 23.20 -42.62 44.74
C GLU D 189 23.58 -43.68 43.71
N ALA D 190 23.41 -43.35 42.43
CA ALA D 190 23.81 -44.25 41.36
C ALA D 190 25.33 -44.24 41.18
N GLY D 191 25.93 -43.06 41.37
CA GLY D 191 27.38 -42.95 41.33
C GLY D 191 27.87 -41.62 40.79
N ALA D 192 26.95 -40.81 40.28
CA ALA D 192 27.30 -39.51 39.70
C ALA D 192 27.76 -38.53 40.78
N ASN D 193 28.91 -37.90 40.56
CA ASN D 193 29.43 -36.91 41.50
C ASN D 193 29.10 -35.48 41.08
N VAL D 194 28.67 -35.32 39.83
CA VAL D 194 28.20 -34.03 39.33
C VAL D 194 26.87 -34.22 38.62
N VAL D 195 25.90 -33.37 38.92
CA VAL D 195 24.57 -33.48 38.32
C VAL D 195 24.25 -32.28 37.44
N LYS D 196 23.84 -32.55 36.21
CA LYS D 196 23.48 -31.47 35.28
C LYS D 196 21.97 -31.28 35.23
N VAL D 197 21.54 -30.03 35.43
CA VAL D 197 20.12 -29.73 35.57
C VAL D 197 19.59 -28.95 34.36
N GLY D 198 18.42 -29.35 33.87
CA GLY D 198 17.78 -28.66 32.77
C GLY D 198 16.93 -29.54 31.89
N ILE D 199 15.61 -29.49 32.07
CA ILE D 199 14.68 -30.20 31.20
C ILE D 199 13.81 -29.22 30.44
N GLY D 200 14.23 -28.87 29.23
CA GLY D 200 13.49 -27.97 28.37
C GLY D 200 13.72 -26.46 28.38
N PRO D 201 14.75 -25.95 29.09
CA PRO D 201 14.83 -24.48 29.00
C PRO D 201 15.68 -24.03 27.81
N GLY D 202 16.14 -24.98 26.99
CA GLY D 202 17.03 -24.69 25.90
C GLY D 202 16.48 -23.72 24.87
N SER D 203 17.37 -22.91 24.29
CA SER D 203 16.97 -21.91 23.30
C SER D 203 16.57 -22.59 21.98
N ILE D 204 17.17 -23.73 21.70
CA ILE D 204 16.86 -24.49 20.49
C ILE D 204 16.00 -25.70 20.82
N CYS D 205 15.30 -25.63 21.95
CA CYS D 205 14.58 -26.76 22.49
C CYS D 205 13.06 -26.64 22.32
N THR D 206 12.41 -27.77 22.11
CA THR D 206 10.95 -27.80 21.95
C THR D 206 10.34 -28.91 22.81
N THR D 207 11.14 -29.50 23.68
CA THR D 207 10.69 -30.58 24.56
C THR D 207 9.46 -30.19 25.35
N ARG D 208 9.45 -28.96 25.86
CA ARG D 208 8.31 -28.45 26.62
C ARG D 208 7.07 -28.35 25.74
N VAL D 209 7.28 -28.13 24.45
CA VAL D 209 6.19 -27.86 23.53
C VAL D 209 5.65 -29.13 22.87
N VAL D 210 6.53 -30.10 22.61
CA VAL D 210 6.12 -31.31 21.91
C VAL D 210 5.84 -32.48 22.85
N ALA D 211 6.21 -32.33 24.12
CA ALA D 211 5.99 -33.39 25.11
C ALA D 211 5.23 -32.86 26.32
N GLY D 212 5.20 -31.54 26.47
CA GLY D 212 4.52 -30.90 27.58
C GLY D 212 5.28 -31.02 28.88
N VAL D 213 6.51 -31.50 28.79
CA VAL D 213 7.30 -31.81 29.99
C VAL D 213 8.38 -30.77 30.25
N GLY D 214 8.58 -30.45 31.53
CA GLY D 214 9.66 -29.55 31.93
C GLY D 214 9.42 -28.88 33.26
N VAL D 215 10.48 -28.25 33.78
CA VAL D 215 10.40 -27.46 35.00
C VAL D 215 11.15 -26.16 34.74
N PRO D 216 10.54 -25.02 35.10
CA PRO D 216 11.18 -23.70 34.99
C PRO D 216 12.60 -23.73 35.56
N GLN D 217 13.58 -23.51 34.69
CA GLN D 217 14.99 -23.79 34.98
C GLN D 217 15.50 -23.31 36.33
N LEU D 218 15.18 -22.08 36.70
CA LEU D 218 15.66 -21.53 37.96
C LEU D 218 15.13 -22.32 39.16
N THR D 219 13.86 -22.70 39.10
CA THR D 219 13.26 -23.52 40.15
C THR D 219 13.83 -24.93 40.10
N ALA D 220 14.13 -25.40 38.89
CA ALA D 220 14.77 -26.69 38.69
C ALA D 220 16.14 -26.72 39.35
N VAL D 221 16.90 -25.66 39.15
CA VAL D 221 18.23 -25.54 39.76
C VAL D 221 18.13 -25.47 41.29
N TYR D 222 17.22 -24.65 41.78
CA TYR D 222 17.04 -24.49 43.23
C TYR D 222 16.62 -25.79 43.92
N ASP D 223 15.68 -26.50 43.31
CA ASP D 223 15.22 -27.78 43.86
C ASP D 223 16.32 -28.84 43.84
N CYS D 224 17.02 -28.95 42.71
CA CYS D 224 18.09 -29.93 42.56
C CYS D 224 19.28 -29.63 43.47
N ALA D 225 19.63 -28.35 43.58
CA ALA D 225 20.73 -27.94 44.44
C ALA D 225 20.40 -28.21 45.90
N THR D 226 19.13 -28.03 46.26
CA THR D 226 18.68 -28.26 47.63
C THR D 226 18.98 -29.69 48.08
N GLU D 227 18.69 -30.66 47.22
CA GLU D 227 18.93 -32.06 47.54
C GLU D 227 20.41 -32.42 47.41
N ALA D 228 21.03 -31.98 46.33
CA ALA D 228 22.42 -32.31 46.04
C ALA D 228 23.38 -31.74 47.07
N ARG D 229 23.00 -30.63 47.70
CA ARG D 229 23.85 -29.95 48.66
C ARG D 229 24.04 -30.79 49.93
N LYS D 230 23.06 -31.63 50.23
CA LYS D 230 23.12 -32.49 51.41
C LYS D 230 24.23 -33.53 51.29
N HIS D 231 24.61 -33.84 50.05
CA HIS D 231 25.64 -34.85 49.80
C HIS D 231 26.95 -34.20 49.39
N GLY D 232 26.98 -32.88 49.34
CA GLY D 232 28.17 -32.16 48.92
C GLY D 232 28.45 -32.35 47.45
N ILE D 233 27.38 -32.42 46.66
CA ILE D 233 27.48 -32.64 45.23
C ILE D 233 27.13 -31.37 44.46
N PRO D 234 28.02 -30.95 43.55
CA PRO D 234 27.81 -29.75 42.71
C PRO D 234 26.72 -29.95 41.66
N VAL D 235 26.22 -28.84 41.13
CA VAL D 235 25.13 -28.86 40.16
C VAL D 235 25.42 -27.92 39.00
N ILE D 236 25.17 -28.41 37.78
CA ILE D 236 25.35 -27.59 36.58
C ILE D 236 24.02 -27.03 36.09
N ALA D 237 23.94 -25.71 35.99
CA ALA D 237 22.76 -25.06 35.45
C ALA D 237 22.82 -25.04 33.92
N ASP D 238 22.22 -26.05 33.30
CA ASP D 238 22.31 -26.22 31.86
C ASP D 238 21.09 -25.68 31.12
N GLY D 239 21.33 -24.76 30.19
CA GLY D 239 20.29 -24.24 29.31
C GLY D 239 19.48 -23.11 29.90
N GLY D 240 18.96 -22.25 29.02
CA GLY D 240 18.07 -21.18 29.42
C GLY D 240 18.74 -19.84 29.62
N ILE D 241 20.04 -19.77 29.37
CA ILE D 241 20.78 -18.53 29.56
C ILE D 241 20.96 -17.76 28.25
N LYS D 242 20.55 -16.50 28.26
CA LYS D 242 20.61 -15.64 27.08
C LYS D 242 21.37 -14.35 27.37
N TYR D 243 21.34 -13.92 28.63
CA TYR D 243 22.13 -12.78 29.07
C TYR D 243 23.02 -13.19 30.22
N SER D 244 24.06 -12.39 30.49
CA SER D 244 25.00 -12.71 31.55
C SER D 244 24.36 -12.68 32.93
N GLY D 245 23.30 -11.89 33.07
CA GLY D 245 22.57 -11.79 34.32
C GLY D 245 21.91 -13.09 34.71
N ASP D 246 21.51 -13.87 33.71
CA ASP D 246 20.90 -15.18 33.93
C ASP D 246 21.89 -16.10 34.64
N MET D 247 23.16 -16.01 34.24
CA MET D 247 24.21 -16.82 34.85
C MET D 247 24.35 -16.51 36.33
N VAL D 248 24.34 -15.22 36.67
CA VAL D 248 24.45 -14.77 38.05
C VAL D 248 23.29 -15.32 38.88
N LYS D 249 22.10 -15.37 38.28
CA LYS D 249 20.92 -15.89 38.97
C LYS D 249 21.00 -17.40 39.16
N ALA D 250 21.50 -18.08 38.13
CA ALA D 250 21.64 -19.53 38.18
C ALA D 250 22.62 -19.96 39.26
N LEU D 251 23.75 -19.26 39.34
CA LEU D 251 24.75 -19.55 40.35
C LEU D 251 24.21 -19.24 41.74
N ALA D 252 23.48 -18.12 41.84
CA ALA D 252 22.88 -17.71 43.10
C ALA D 252 21.76 -18.66 43.53
N ALA D 253 21.22 -19.38 42.56
CA ALA D 253 20.13 -20.32 42.83
C ALA D 253 20.65 -21.65 43.37
N GLY D 254 21.97 -21.81 43.42
CA GLY D 254 22.56 -22.99 44.02
C GLY D 254 23.53 -23.73 43.12
N ALA D 255 23.57 -23.37 41.85
CA ALA D 255 24.44 -24.02 40.88
C ALA D 255 25.90 -23.61 41.09
N HIS D 256 26.81 -24.57 40.92
CA HIS D 256 28.24 -24.30 40.99
C HIS D 256 28.74 -23.70 39.69
N VAL D 257 28.30 -24.30 38.58
CA VAL D 257 28.73 -23.90 37.25
C VAL D 257 27.52 -23.87 36.31
N VAL D 258 27.54 -22.99 35.32
CA VAL D 258 26.50 -22.97 34.30
C VAL D 258 27.02 -23.55 32.99
N MET D 259 26.10 -23.96 32.12
CA MET D 259 26.47 -24.50 30.81
C MET D 259 25.75 -23.74 29.70
N LEU D 260 26.52 -23.29 28.71
CA LEU D 260 25.97 -22.44 27.66
C LEU D 260 26.03 -23.10 26.29
N GLY D 261 25.06 -22.76 25.44
CA GLY D 261 25.02 -23.27 24.07
C GLY D 261 24.88 -22.14 23.07
N SER D 262 23.78 -21.41 23.16
CA SER D 262 23.50 -20.32 22.23
C SER D 262 24.50 -19.17 22.31
N MET D 263 25.10 -18.97 23.48
CA MET D 263 26.03 -17.86 23.65
C MET D 263 27.44 -18.19 23.17
N PHE D 264 27.67 -19.46 22.82
CA PHE D 264 28.99 -19.91 22.40
C PHE D 264 29.02 -20.30 20.93
N ALA D 265 27.87 -20.24 20.26
CA ALA D 265 27.77 -20.69 18.88
C ALA D 265 28.30 -19.65 17.88
N GLY D 266 28.13 -18.37 18.19
CA GLY D 266 28.61 -17.31 17.33
C GLY D 266 30.11 -17.16 17.41
N VAL D 267 30.69 -17.77 18.43
CA VAL D 267 32.13 -17.76 18.66
C VAL D 267 32.87 -18.47 17.52
N ALA D 268 33.98 -17.87 17.08
CA ALA D 268 34.79 -18.42 15.99
C ALA D 268 35.27 -19.85 16.26
N GLU D 269 35.66 -20.11 17.50
CA GLU D 269 36.20 -21.41 17.89
C GLU D 269 35.18 -22.55 17.78
N SER D 270 33.90 -22.19 17.83
CA SER D 270 32.83 -23.18 17.71
C SER D 270 32.81 -23.79 16.31
N PRO D 271 32.42 -25.07 16.20
CA PRO D 271 32.32 -25.81 14.94
C PRO D 271 31.36 -25.14 13.96
N GLY D 272 31.49 -25.48 12.68
CA GLY D 272 30.66 -24.90 11.65
C GLY D 272 31.33 -23.68 11.06
N GLU D 273 30.88 -23.27 9.88
CA GLU D 273 31.47 -22.13 9.21
C GLU D 273 30.49 -20.96 9.15
N THR D 274 31.01 -19.78 8.83
CA THR D 274 30.21 -18.56 8.83
C THR D 274 29.26 -18.46 7.63
N GLU D 275 27.99 -18.24 7.92
CA GLU D 275 26.99 -18.01 6.88
C GLU D 275 26.57 -16.55 6.88
N ILE D 276 26.37 -15.98 5.69
CA ILE D 276 25.97 -14.59 5.59
C ILE D 276 24.49 -14.44 5.24
N TYR D 277 23.75 -13.73 6.09
CA TYR D 277 22.33 -13.52 5.89
C TYR D 277 21.96 -12.04 6.00
N GLN D 278 21.49 -11.47 4.89
CA GLN D 278 21.08 -10.07 4.83
C GLN D 278 22.18 -9.09 5.25
N GLY D 279 23.41 -9.38 4.85
CA GLY D 279 24.52 -8.48 5.09
C GLY D 279 25.30 -8.75 6.36
N ARG D 280 24.79 -9.65 7.19
CA ARG D 280 25.42 -9.94 8.48
C ARG D 280 26.03 -11.34 8.50
N GLN D 281 27.02 -11.53 9.36
CA GLN D 281 27.64 -12.83 9.53
C GLN D 281 26.85 -13.66 10.55
N PHE D 282 26.67 -14.94 10.25
CA PHE D 282 25.93 -15.85 11.14
C PHE D 282 26.63 -17.20 11.22
N LYS D 283 26.32 -17.95 12.28
CA LYS D 283 26.79 -19.32 12.41
C LYS D 283 25.64 -20.24 12.82
N VAL D 284 25.60 -21.43 12.21
CA VAL D 284 24.51 -22.37 12.45
C VAL D 284 24.49 -22.87 13.89
N TYR D 285 23.32 -22.77 14.52
CA TYR D 285 23.11 -23.33 15.85
C TYR D 285 21.87 -24.20 15.84
N ARG D 286 22.02 -25.44 16.26
CA ARG D 286 20.93 -26.41 16.19
C ARG D 286 20.91 -27.32 17.41
N GLY D 287 19.72 -27.78 17.78
CA GLY D 287 19.58 -28.69 18.89
C GLY D 287 20.04 -30.09 18.52
N MET D 288 20.58 -30.82 19.49
CA MET D 288 21.01 -32.18 19.26
C MET D 288 19.83 -33.12 19.01
N GLY D 289 18.64 -32.64 19.34
CA GLY D 289 17.42 -33.40 19.10
C GLY D 289 16.70 -32.96 17.85
N SER D 290 17.29 -32.03 17.11
CA SER D 290 16.70 -31.56 15.86
C SER D 290 16.87 -32.59 14.75
N VAL D 291 16.10 -32.43 13.67
CA VAL D 291 16.14 -33.36 12.54
C VAL D 291 17.51 -33.37 11.88
N GLY D 292 18.13 -32.19 11.78
CA GLY D 292 19.43 -32.06 11.16
C GLY D 292 20.55 -32.73 11.92
N ALA D 293 20.48 -32.70 13.24
CA ALA D 293 21.52 -33.29 14.07
C ALA D 293 21.44 -34.82 14.07
N MET D 294 20.22 -35.33 14.12
CA MET D 294 20.00 -36.77 14.22
C MET D 294 20.27 -37.52 12.91
N GLU D 295 20.30 -36.78 11.81
N GLU D 295 20.29 -36.79 11.80
CA GLU D 295 20.45 -37.38 10.48
CA GLU D 295 20.45 -37.43 10.49
C GLU D 295 21.89 -37.78 10.18
C GLU D 295 21.90 -37.77 10.14
N LYS D 296 22.86 -37.06 10.74
CA LYS D 296 24.26 -37.32 10.45
C LYS D 296 24.87 -38.46 11.27
N GLY D 297 24.77 -38.37 12.59
CA GLY D 297 25.33 -39.38 13.48
C GLY D 297 26.84 -39.47 13.38
N LYS D 308 10.58 -38.84 7.60
CA LYS D 308 9.36 -39.11 8.34
C LYS D 308 9.58 -40.11 9.46
N LYS D 309 10.85 -40.33 9.80
CA LYS D 309 11.22 -41.31 10.82
C LYS D 309 10.75 -40.93 12.22
N LEU D 310 11.52 -40.08 12.90
CA LEU D 310 11.27 -39.79 14.31
C LEU D 310 10.73 -38.38 14.58
N VAL D 311 10.48 -38.12 15.85
CA VAL D 311 9.92 -36.85 16.31
C VAL D 311 10.97 -36.04 17.06
N PRO D 312 11.36 -34.88 16.51
CA PRO D 312 12.41 -34.05 17.10
C PRO D 312 11.94 -33.28 18.32
N GLU D 313 12.87 -33.03 19.25
CA GLU D 313 12.58 -32.21 20.42
C GLU D 313 13.51 -30.99 20.43
N GLY D 314 13.85 -30.53 19.24
CA GLY D 314 14.73 -29.38 19.08
C GLY D 314 14.65 -28.81 17.68
N ILE D 315 15.09 -27.56 17.53
CA ILE D 315 15.04 -26.89 16.23
C ILE D 315 16.44 -26.49 15.75
N GLU D 316 16.51 -26.05 14.50
CA GLU D 316 17.76 -25.60 13.91
C GLU D 316 17.64 -24.20 13.32
N GLY D 317 18.68 -23.40 13.48
CA GLY D 317 18.69 -22.05 12.98
C GLY D 317 20.08 -21.42 12.93
N ARG D 318 20.14 -20.11 13.15
CA ARG D 318 21.40 -19.38 13.10
C ARG D 318 21.50 -18.33 14.21
N VAL D 319 22.73 -18.01 14.60
CA VAL D 319 22.99 -16.97 15.58
C VAL D 319 24.07 -16.03 15.06
N PRO D 320 24.02 -14.74 15.45
CA PRO D 320 24.97 -13.73 14.98
C PRO D 320 26.42 -14.07 15.34
N TYR D 321 27.31 -13.96 14.36
CA TYR D 321 28.74 -14.21 14.58
C TYR D 321 29.29 -13.19 15.58
N LYS D 322 30.04 -13.68 16.57
CA LYS D 322 30.50 -12.84 17.67
C LYS D 322 32.01 -12.58 17.62
N GLY D 323 32.74 -13.42 16.89
CA GLY D 323 34.18 -13.32 16.86
C GLY D 323 34.82 -14.31 17.82
N PRO D 324 36.03 -13.98 18.32
CA PRO D 324 36.78 -14.84 19.24
C PRO D 324 36.01 -15.11 20.54
N LEU D 325 36.32 -16.22 21.19
CA LEU D 325 35.66 -16.60 22.44
C LEU D 325 36.00 -15.63 23.56
N ALA D 326 37.21 -15.08 23.52
CA ALA D 326 37.72 -14.21 24.57
C ALA D 326 36.83 -13.00 24.83
N ASP D 327 36.31 -12.41 23.76
CA ASP D 327 35.45 -11.23 23.89
C ASP D 327 34.14 -11.56 24.58
N THR D 328 33.49 -12.64 24.14
CA THR D 328 32.22 -13.05 24.69
C THR D 328 32.38 -13.50 26.15
N VAL D 329 33.43 -14.28 26.41
CA VAL D 329 33.68 -14.78 27.74
C VAL D 329 34.07 -13.66 28.71
N HIS D 330 34.58 -12.56 28.17
CA HIS D 330 34.97 -11.41 28.98
C HIS D 330 33.75 -10.65 29.45
N GLN D 331 32.73 -10.59 28.59
CA GLN D 331 31.49 -9.90 28.92
C GLN D 331 30.65 -10.73 29.88
N LEU D 332 30.80 -12.05 29.81
CA LEU D 332 30.07 -12.95 30.69
C LEU D 332 30.59 -12.89 32.12
N VAL D 333 31.89 -13.11 32.28
CA VAL D 333 32.52 -13.06 33.61
C VAL D 333 32.40 -11.66 34.20
N GLY D 334 32.51 -10.65 33.34
CA GLY D 334 32.38 -9.26 33.76
C GLY D 334 31.02 -8.98 34.37
N GLY D 335 29.99 -9.56 33.79
CA GLY D 335 28.64 -9.44 34.33
C GLY D 335 28.54 -10.14 35.68
N LEU D 336 29.17 -11.30 35.79
CA LEU D 336 29.19 -12.05 37.03
C LEU D 336 29.92 -11.29 38.14
N ARG D 337 31.06 -10.72 37.80
CA ARG D 337 31.85 -9.96 38.76
C ARG D 337 31.08 -8.74 39.27
N ALA D 338 30.36 -8.08 38.36
CA ALA D 338 29.53 -6.95 38.74
C ALA D 338 28.36 -7.43 39.60
N GLY D 339 27.74 -8.53 39.18
CA GLY D 339 26.62 -9.11 39.90
C GLY D 339 26.98 -9.54 41.31
N MET D 340 28.15 -10.15 41.47
CA MET D 340 28.62 -10.57 42.78
C MET D 340 28.95 -9.37 43.64
N GLY D 341 29.39 -8.29 43.01
CA GLY D 341 29.71 -7.06 43.70
C GLY D 341 28.47 -6.41 44.30
N TYR D 342 27.36 -6.49 43.56
CA TYR D 342 26.11 -5.93 44.05
C TYR D 342 25.57 -6.72 45.25
N CYS D 343 25.79 -8.03 45.23
CA CYS D 343 25.32 -8.90 46.30
C CYS D 343 26.34 -8.98 47.44
N GLY D 344 27.54 -8.48 47.18
CA GLY D 344 28.60 -8.47 48.18
C GLY D 344 29.22 -9.84 48.39
N ALA D 345 29.29 -10.64 47.34
CA ALA D 345 29.87 -11.97 47.41
C ALA D 345 31.33 -11.96 47.00
N GLN D 346 32.22 -12.35 47.91
CA GLN D 346 33.64 -12.42 47.61
C GLN D 346 33.94 -13.63 46.72
N ASP D 347 33.21 -14.71 46.95
CA ASP D 347 33.32 -15.90 46.12
C ASP D 347 31.95 -16.50 45.84
N LEU D 348 31.91 -17.47 44.93
CA LEU D 348 30.65 -18.09 44.52
C LEU D 348 29.94 -18.80 45.66
N GLU D 349 30.69 -19.28 46.64
CA GLU D 349 30.11 -19.95 47.80
C GLU D 349 29.19 -19.00 48.56
N PHE D 350 29.69 -17.80 48.84
CA PHE D 350 28.90 -16.80 49.55
C PHE D 350 27.69 -16.41 48.72
N LEU D 351 27.85 -16.45 47.41
CA LEU D 351 26.75 -16.14 46.49
C LEU D 351 25.68 -17.23 46.54
N ARG D 352 26.10 -18.48 46.63
CA ARG D 352 25.16 -19.60 46.65
C ARG D 352 24.42 -19.67 47.99
N GLU D 353 25.10 -19.25 49.06
CA GLU D 353 24.58 -19.44 50.40
C GLU D 353 23.73 -18.28 50.92
N ASN D 354 23.92 -17.09 50.34
CA ASN D 354 23.31 -15.90 50.92
C ASN D 354 22.46 -15.05 49.97
N ALA D 355 22.78 -15.06 48.68
CA ALA D 355 22.09 -14.22 47.72
C ALA D 355 20.59 -14.44 47.70
N GLN D 356 19.83 -13.35 47.77
CA GLN D 356 18.38 -13.41 47.81
C GLN D 356 17.77 -12.89 46.52
N PHE D 357 16.58 -13.38 46.19
CA PHE D 357 15.88 -12.92 44.99
C PHE D 357 14.65 -12.11 45.38
N ILE D 358 14.02 -11.51 44.36
CA ILE D 358 12.73 -10.87 44.53
C ILE D 358 11.91 -11.05 43.26
N ARG D 359 10.71 -11.59 43.40
CA ARG D 359 9.87 -11.86 42.25
C ARG D 359 9.27 -10.58 41.66
N MET D 360 9.02 -10.60 40.36
CA MET D 360 8.42 -9.46 39.67
C MET D 360 7.53 -9.93 38.53
N SER D 361 6.55 -9.10 38.18
CA SER D 361 5.63 -9.42 37.11
C SER D 361 6.24 -9.09 35.76
N GLY D 362 5.42 -9.19 34.71
CA GLY D 362 5.87 -8.87 33.36
C GLY D 362 6.20 -7.40 33.22
N ALA D 363 5.51 -6.57 34.00
CA ALA D 363 5.76 -5.14 34.00
C ALA D 363 7.14 -4.82 34.53
N GLY D 364 7.62 -5.66 35.45
CA GLY D 364 8.94 -5.49 36.02
C GLY D 364 10.03 -5.86 35.02
N LEU D 365 9.81 -6.95 34.30
CA LEU D 365 10.78 -7.41 33.31
C LEU D 365 11.04 -6.37 32.22
N LEU D 366 9.98 -5.67 31.81
CA LEU D 366 10.09 -4.65 30.77
C LEU D 366 10.83 -3.41 31.30
N GLU D 367 10.64 -3.12 32.58
CA GLU D 367 11.38 -2.04 33.22
C GLU D 367 12.85 -2.42 33.34
N SER D 368 13.10 -3.72 33.55
CA SER D 368 14.45 -4.22 33.70
C SER D 368 15.27 -4.06 32.42
N HIS D 369 14.63 -4.29 31.28
CA HIS D 369 15.24 -4.02 29.99
C HIS D 369 15.12 -2.53 29.68
N PRO D 370 16.00 -2.01 28.80
CA PRO D 370 15.85 -0.64 28.31
C PRO D 370 14.47 -0.44 27.70
N HIS D 371 13.93 0.78 27.82
CA HIS D 371 12.57 1.04 27.38
C HIS D 371 12.33 2.50 27.04
N HIS D 372 11.43 2.75 26.07
CA HIS D 372 11.05 4.09 25.65
C HIS D 372 12.21 4.92 25.10
N VAL D 373 13.28 4.23 24.72
CA VAL D 373 14.44 4.88 24.12
C VAL D 373 14.93 4.06 22.93
N GLN D 374 14.92 4.68 21.75
CA GLN D 374 15.36 4.00 20.54
C GLN D 374 16.87 3.77 20.53
N ILE D 375 17.28 2.53 20.72
CA ILE D 375 18.70 2.18 20.74
C ILE D 375 19.37 2.48 19.40
N THR D 376 20.53 3.12 19.46
CA THR D 376 21.24 3.53 18.25
C THR D 376 22.32 2.54 17.84
N LYS D 377 23.01 1.97 18.83
CA LYS D 377 24.07 0.99 18.57
C LYS D 377 23.97 -0.21 19.49
N GLU D 378 24.44 -1.36 19.02
CA GLU D 378 24.46 -2.56 19.83
C GLU D 378 25.58 -2.49 20.87
N ALA D 379 25.26 -2.88 22.10
CA ALA D 379 26.25 -2.93 23.18
C ALA D 379 26.96 -4.28 23.14
N PRO D 380 28.22 -4.32 23.62
CA PRO D 380 28.96 -5.59 23.62
C PRO D 380 28.31 -6.68 24.48
N ASN D 381 27.40 -6.30 25.37
CA ASN D 381 26.77 -7.28 26.26
C ASN D 381 25.24 -7.23 26.25
N TYR D 382 24.66 -6.55 25.26
CA TYR D 382 23.20 -6.49 25.14
C TYR D 382 22.70 -6.55 23.69
N SER D 383 22.06 -7.67 23.35
CA SER D 383 21.42 -7.88 22.06
C SER D 383 22.33 -7.61 20.86
N GLN E 21 -25.64 -22.11 -22.75
CA GLN E 21 -25.34 -21.51 -24.05
C GLN E 21 -25.19 -19.99 -23.90
N SER E 22 -24.27 -19.40 -24.66
CA SER E 22 -23.98 -17.99 -24.51
C SER E 22 -23.48 -17.32 -25.79
N ASN E 23 -23.77 -16.02 -25.91
CA ASN E 23 -23.28 -15.20 -27.01
C ASN E 23 -22.46 -14.03 -26.46
N ALA E 24 -21.98 -14.22 -25.23
CA ALA E 24 -21.27 -13.17 -24.50
C ALA E 24 -19.90 -12.85 -25.11
N MET E 25 -19.19 -13.89 -25.52
CA MET E 25 -17.82 -13.76 -26.01
C MET E 25 -17.71 -12.83 -27.22
N TRP E 26 -18.77 -12.80 -28.03
CA TRP E 26 -18.80 -11.95 -29.21
C TRP E 26 -19.09 -10.50 -28.87
N GLU E 27 -19.96 -10.28 -27.89
CA GLU E 27 -20.37 -8.94 -27.50
C GLU E 27 -19.34 -8.23 -26.62
N SER E 28 -18.32 -8.96 -26.18
CA SER E 28 -17.31 -8.38 -25.29
C SER E 28 -15.91 -8.34 -25.90
N LYS E 29 -15.83 -8.36 -27.22
CA LYS E 29 -14.55 -8.36 -27.91
C LYS E 29 -13.76 -7.08 -27.69
N PHE E 30 -14.41 -5.92 -27.84
CA PHE E 30 -13.74 -4.63 -27.74
C PHE E 30 -14.12 -3.86 -26.48
N VAL E 31 -14.26 -4.56 -25.35
CA VAL E 31 -14.67 -3.92 -24.11
C VAL E 31 -13.49 -3.43 -23.27
N LYS E 32 -12.45 -4.25 -23.18
CA LYS E 32 -11.30 -3.92 -22.32
C LYS E 32 -10.45 -2.75 -22.82
N GLU E 33 -9.88 -2.00 -21.88
CA GLU E 33 -8.94 -0.94 -22.20
C GLU E 33 -7.60 -1.19 -21.52
N GLY E 34 -6.52 -0.70 -22.13
CA GLY E 34 -5.19 -0.89 -21.57
C GLY E 34 -4.38 0.39 -21.51
N LEU E 35 -3.53 0.50 -20.50
CA LEU E 35 -2.66 1.66 -20.31
C LEU E 35 -1.21 1.23 -20.24
N THR E 36 -0.32 2.04 -20.82
CA THR E 36 1.11 1.78 -20.71
C THR E 36 1.79 2.89 -19.91
N PHE E 37 3.12 2.84 -19.84
CA PHE E 37 3.90 3.77 -19.04
C PHE E 37 3.68 5.24 -19.39
N ASP E 38 3.54 5.53 -20.69
CA ASP E 38 3.44 6.92 -21.17
C ASP E 38 2.02 7.47 -21.15
N ASP E 39 1.08 6.70 -20.62
CA ASP E 39 -0.31 7.14 -20.54
C ASP E 39 -0.61 7.72 -19.17
N VAL E 40 0.39 7.69 -18.28
CA VAL E 40 0.11 7.89 -16.87
C VAL E 40 1.19 8.71 -16.14
N LEU E 41 0.83 9.20 -14.95
CA LEU E 41 1.76 9.89 -14.07
C LEU E 41 1.46 9.52 -12.62
N LEU E 42 2.51 9.29 -11.83
CA LEU E 42 2.35 9.04 -10.41
C LEU E 42 2.06 10.34 -9.66
N VAL E 43 0.98 10.35 -8.89
CA VAL E 43 0.59 11.54 -8.14
C VAL E 43 1.41 11.65 -6.86
N PRO E 44 2.06 12.81 -6.65
CA PRO E 44 2.84 13.04 -5.42
C PRO E 44 1.96 13.07 -4.17
N ALA E 45 2.46 12.50 -3.08
CA ALA E 45 1.77 12.53 -1.80
C ALA E 45 2.66 13.15 -0.72
N LYS E 46 2.17 13.26 0.51
CA LYS E 46 2.98 13.80 1.60
C LYS E 46 4.13 12.87 1.95
N SER E 47 5.32 13.44 2.12
CA SER E 47 6.51 12.66 2.39
C SER E 47 7.20 13.09 3.69
N ASP E 48 7.55 12.11 4.51
CA ASP E 48 8.36 12.35 5.69
C ASP E 48 9.74 11.73 5.45
N VAL E 49 10.01 11.41 4.20
CA VAL E 49 11.27 10.76 3.84
C VAL E 49 11.98 11.42 2.68
N LEU E 50 13.30 11.54 2.80
CA LEU E 50 14.13 11.99 1.70
C LEU E 50 14.41 10.78 0.81
N PRO E 51 14.69 11.02 -0.48
CA PRO E 51 15.08 9.93 -1.38
C PRO E 51 16.31 9.19 -0.86
N ARG E 52 17.13 9.89 -0.10
CA ARG E 52 18.33 9.34 0.51
C ARG E 52 18.01 8.31 1.59
N GLU E 53 16.79 8.40 2.14
CA GLU E 53 16.41 7.59 3.29
C GLU E 53 15.61 6.33 2.94
N VAL E 54 14.83 6.38 1.87
CA VAL E 54 13.94 5.28 1.52
C VAL E 54 14.70 3.98 1.23
N SER E 55 14.05 2.86 1.48
CA SER E 55 14.63 1.55 1.21
C SER E 55 14.10 0.98 -0.10
N VAL E 56 15.01 0.46 -0.92
CA VAL E 56 14.63 -0.09 -2.22
C VAL E 56 14.79 -1.61 -2.23
N LYS E 57 14.86 -2.20 -1.06
CA LYS E 57 15.00 -3.66 -0.93
C LYS E 57 13.69 -4.38 -1.29
N THR E 58 13.82 -5.58 -1.85
CA THR E 58 12.67 -6.38 -2.22
C THR E 58 12.90 -7.85 -1.87
N VAL E 59 11.83 -8.55 -1.56
CA VAL E 59 11.92 -9.97 -1.24
C VAL E 59 11.02 -10.79 -2.17
N LEU E 60 11.65 -11.55 -3.07
CA LEU E 60 10.91 -12.42 -3.96
C LEU E 60 10.69 -13.76 -3.27
N SER E 61 11.67 -14.17 -2.48
CA SER E 61 11.62 -15.42 -1.74
C SER E 61 12.55 -15.35 -0.54
N GLU E 62 12.42 -16.31 0.38
CA GLU E 62 13.29 -16.39 1.54
C GLU E 62 14.74 -16.59 1.10
N SER E 63 14.91 -17.35 0.03
CA SER E 63 16.24 -17.61 -0.52
C SER E 63 16.52 -16.70 -1.71
N LEU E 64 15.70 -15.66 -1.88
CA LEU E 64 15.86 -14.72 -2.98
C LEU E 64 15.47 -13.31 -2.56
N GLN E 65 16.39 -12.64 -1.86
CA GLN E 65 16.18 -11.28 -1.40
C GLN E 65 17.14 -10.33 -2.08
N LEU E 66 16.62 -9.22 -2.60
CA LEU E 66 17.43 -8.28 -3.37
C LEU E 66 17.48 -6.89 -2.73
N ASN E 67 18.65 -6.27 -2.76
CA ASN E 67 18.81 -4.92 -2.25
C ASN E 67 18.26 -3.86 -3.21
N ILE E 68 18.38 -4.12 -4.51
CA ILE E 68 17.76 -3.27 -5.52
C ILE E 68 16.85 -4.09 -6.43
N PRO E 69 15.69 -3.52 -6.79
CA PRO E 69 14.67 -4.27 -7.54
C PRO E 69 14.96 -4.34 -9.03
N LEU E 70 16.16 -4.79 -9.41
CA LEU E 70 16.53 -4.87 -10.82
C LEU E 70 17.01 -6.26 -11.21
N ILE E 71 16.52 -6.73 -12.36
CA ILE E 71 16.98 -8.00 -12.93
C ILE E 71 17.40 -7.76 -14.37
N SER E 72 18.56 -8.30 -14.75
CA SER E 72 19.00 -8.19 -16.14
C SER E 72 18.38 -9.29 -16.98
N ALA E 73 17.95 -8.95 -18.19
CA ALA E 73 17.23 -9.86 -19.07
C ALA E 73 18.06 -11.07 -19.48
N GLY E 74 17.41 -12.22 -19.56
CA GLY E 74 18.07 -13.46 -19.97
C GLY E 74 18.21 -13.53 -21.48
N MET E 75 19.07 -12.68 -22.02
CA MET E 75 19.26 -12.60 -23.47
C MET E 75 20.74 -12.73 -23.82
N ASP E 76 21.02 -13.23 -25.02
CA ASP E 76 22.40 -13.51 -25.42
C ASP E 76 23.24 -12.26 -25.65
N THR E 77 22.62 -11.09 -25.54
CA THR E 77 23.32 -9.82 -25.71
C THR E 77 23.17 -8.95 -24.46
N VAL E 78 22.67 -9.55 -23.38
CA VAL E 78 22.43 -8.80 -22.16
C VAL E 78 23.12 -9.39 -20.94
N THR E 79 22.93 -10.68 -20.69
CA THR E 79 23.39 -11.29 -19.46
C THR E 79 24.19 -12.59 -19.63
N GLU E 80 25.45 -12.54 -19.21
CA GLU E 80 26.25 -13.75 -19.00
C GLU E 80 26.94 -13.68 -17.64
N ALA E 81 28.04 -14.43 -17.49
CA ALA E 81 28.74 -14.50 -16.21
C ALA E 81 29.19 -13.14 -15.68
N ASP E 82 29.82 -12.35 -16.54
CA ASP E 82 30.32 -11.04 -16.16
C ASP E 82 29.19 -10.10 -15.77
N MET E 83 28.05 -10.24 -16.45
CA MET E 83 26.89 -9.39 -16.17
C MET E 83 26.25 -9.76 -14.84
N ALA E 84 26.07 -11.06 -14.61
CA ALA E 84 25.45 -11.56 -13.39
C ALA E 84 26.25 -11.17 -12.15
N ILE E 85 27.57 -11.27 -12.25
CA ILE E 85 28.46 -10.89 -11.16
C ILE E 85 28.29 -9.41 -10.82
N ALA E 86 28.28 -8.57 -11.86
CA ALA E 86 28.14 -7.13 -11.69
C ALA E 86 26.77 -6.76 -11.14
N MET E 87 25.72 -7.41 -11.65
CA MET E 87 24.36 -7.16 -11.18
C MET E 87 24.21 -7.54 -9.72
N ALA E 88 24.73 -8.71 -9.34
CA ALA E 88 24.61 -9.20 -7.98
C ALA E 88 25.38 -8.32 -6.99
N ARG E 89 26.51 -7.78 -7.44
CA ARG E 89 27.32 -6.89 -6.60
C ARG E 89 26.62 -5.56 -6.35
N GLN E 90 25.80 -5.13 -7.30
CA GLN E 90 25.02 -3.91 -7.16
C GLN E 90 23.77 -4.13 -6.33
N GLY E 91 23.50 -5.38 -5.98
CA GLY E 91 22.34 -5.74 -5.19
C GLY E 91 21.19 -6.26 -6.01
N GLY E 92 21.46 -6.57 -7.28
CA GLY E 92 20.44 -7.07 -8.18
C GLY E 92 20.61 -8.54 -8.50
N LEU E 93 20.23 -8.92 -9.72
CA LEU E 93 20.27 -10.32 -10.13
C LEU E 93 20.47 -10.43 -11.64
N GLY E 94 21.17 -11.47 -12.07
CA GLY E 94 21.39 -11.71 -13.48
C GLY E 94 20.87 -13.06 -13.94
N ILE E 95 20.12 -13.06 -15.03
CA ILE E 95 19.60 -14.29 -15.60
C ILE E 95 20.42 -14.71 -16.81
N ILE E 96 21.24 -15.75 -16.65
CA ILE E 96 22.06 -16.24 -17.75
C ILE E 96 21.21 -16.89 -18.83
N HIS E 97 21.34 -16.42 -20.06
CA HIS E 97 20.51 -16.90 -21.16
C HIS E 97 20.78 -18.37 -21.48
N LYS E 98 19.83 -19.00 -22.20
CA LYS E 98 19.90 -20.42 -22.50
C LYS E 98 20.53 -20.71 -23.86
N ASN E 99 20.80 -19.66 -24.63
CA ASN E 99 21.40 -19.85 -25.96
C ASN E 99 22.85 -20.31 -25.89
N MET E 100 23.05 -21.50 -25.32
CA MET E 100 24.35 -22.13 -25.20
C MET E 100 24.14 -23.56 -24.76
N SER E 101 25.22 -24.35 -24.66
CA SER E 101 25.10 -25.73 -24.22
C SER E 101 24.69 -25.79 -22.76
N ILE E 102 24.18 -26.94 -22.34
CA ILE E 102 23.81 -27.15 -20.95
C ILE E 102 25.04 -27.04 -20.06
N GLU E 103 26.13 -27.65 -20.50
CA GLU E 103 27.39 -27.62 -19.77
C GLU E 103 27.98 -26.22 -19.66
N GLN E 104 27.86 -25.43 -20.73
CA GLN E 104 28.33 -24.04 -20.70
C GLN E 104 27.56 -23.22 -19.66
N GLN E 105 26.23 -23.28 -19.74
CA GLN E 105 25.39 -22.53 -18.81
C GLN E 105 25.60 -22.99 -17.38
N ALA E 106 25.82 -24.29 -17.20
CA ALA E 106 26.12 -24.85 -15.89
C ALA E 106 27.44 -24.27 -15.37
N GLU E 107 28.41 -24.13 -16.27
CA GLU E 107 29.68 -23.50 -15.92
C GLU E 107 29.51 -22.01 -15.72
N GLN E 108 28.65 -21.39 -16.51
CA GLN E 108 28.35 -19.97 -16.40
C GLN E 108 27.80 -19.63 -15.02
N VAL E 109 26.96 -20.50 -14.49
CA VAL E 109 26.38 -20.31 -13.17
C VAL E 109 27.43 -20.53 -12.08
N ASP E 110 28.23 -21.58 -12.25
CA ASP E 110 29.28 -21.92 -11.30
C ASP E 110 30.23 -20.75 -11.08
N LYS E 111 30.54 -20.03 -12.17
CA LYS E 111 31.43 -18.89 -12.10
C LYS E 111 30.89 -17.77 -11.21
N VAL E 112 29.57 -17.58 -11.24
CA VAL E 112 28.95 -16.54 -10.44
C VAL E 112 28.83 -16.98 -8.98
N LYS E 113 28.85 -18.28 -8.75
CA LYS E 113 28.73 -18.83 -7.40
C LYS E 113 30.06 -18.94 -6.68
N ARG E 114 31.13 -19.22 -7.43
CA ARG E 114 32.46 -19.28 -6.85
C ARG E 114 33.06 -17.89 -6.70
N SER E 115 32.32 -16.89 -7.20
CA SER E 115 32.78 -15.51 -7.17
C SER E 115 32.36 -14.79 -5.89
N GLY E 116 31.99 -15.56 -4.88
CA GLY E 116 31.63 -15.00 -3.59
C GLY E 116 30.23 -15.38 -3.14
N GLY E 117 29.66 -16.40 -3.77
CA GLY E 117 28.33 -16.87 -3.41
C GLY E 117 27.26 -15.85 -3.68
N LEU E 118 27.37 -15.16 -4.82
CA LEU E 118 26.39 -14.16 -5.22
C LEU E 118 25.15 -14.83 -5.79
N LEU E 119 24.02 -14.13 -5.77
CA LEU E 119 22.78 -14.65 -6.31
C LEU E 119 22.84 -14.70 -7.84
N VAL E 120 22.29 -15.77 -8.41
CA VAL E 120 22.31 -15.95 -9.86
C VAL E 120 21.12 -16.80 -10.32
N GLY E 121 20.60 -16.48 -11.50
CA GLY E 121 19.51 -17.24 -12.09
C GLY E 121 19.82 -17.66 -13.51
N ALA E 122 19.09 -18.66 -14.00
CA ALA E 122 19.30 -19.17 -15.35
C ALA E 122 17.98 -19.46 -16.05
N ALA E 123 17.91 -19.11 -17.33
CA ALA E 123 16.68 -19.29 -18.10
C ALA E 123 16.61 -20.64 -18.79
N VAL E 124 15.44 -21.27 -18.73
CA VAL E 124 15.21 -22.55 -19.40
C VAL E 124 13.93 -22.51 -20.22
N GLY E 125 13.88 -23.30 -21.28
CA GLY E 125 12.70 -23.36 -22.13
C GLY E 125 11.93 -24.67 -21.98
N VAL E 126 10.68 -24.67 -22.43
CA VAL E 126 9.85 -25.87 -22.33
C VAL E 126 10.19 -26.89 -23.44
N THR E 127 11.33 -27.57 -23.29
CA THR E 127 11.78 -28.61 -24.24
C THR E 127 11.96 -29.99 -23.61
N ALA E 128 12.46 -30.95 -24.38
CA ALA E 128 12.68 -32.31 -23.87
C ALA E 128 13.84 -32.35 -22.88
N ASP E 129 14.88 -31.58 -23.18
CA ASP E 129 16.08 -31.54 -22.33
C ASP E 129 15.97 -30.50 -21.22
N ALA E 130 14.76 -30.01 -20.98
CA ALA E 130 14.53 -28.98 -19.96
C ALA E 130 14.95 -29.46 -18.57
N MET E 131 14.43 -30.62 -18.16
CA MET E 131 14.78 -31.18 -16.87
C MET E 131 16.27 -31.52 -16.79
N THR E 132 16.80 -32.02 -17.89
CA THR E 132 18.22 -32.36 -17.97
C THR E 132 19.10 -31.13 -17.72
N ARG E 133 18.70 -30.00 -18.30
CA ARG E 133 19.43 -28.75 -18.12
C ARG E 133 19.25 -28.21 -16.71
N ILE E 134 18.03 -28.33 -16.18
CA ILE E 134 17.72 -27.86 -14.84
C ILE E 134 18.48 -28.65 -13.78
N ASP E 135 18.62 -29.94 -13.99
CA ASP E 135 19.40 -30.79 -13.08
C ASP E 135 20.85 -30.31 -13.00
N ALA E 136 21.37 -29.84 -14.11
CA ALA E 136 22.75 -29.36 -14.17
C ALA E 136 22.90 -28.01 -13.47
N LEU E 137 21.89 -27.15 -13.63
CA LEU E 137 21.92 -25.82 -13.03
C LEU E 137 21.76 -25.88 -11.52
N VAL E 138 20.96 -26.85 -11.06
CA VAL E 138 20.80 -27.08 -9.62
C VAL E 138 22.08 -27.67 -9.05
N LYS E 139 22.75 -28.50 -9.85
CA LYS E 139 24.01 -29.12 -9.46
C LYS E 139 25.08 -28.06 -9.24
N ALA E 140 24.92 -26.93 -9.93
CA ALA E 140 25.85 -25.81 -9.80
C ALA E 140 25.29 -24.74 -8.86
N SER E 141 24.27 -25.12 -8.09
CA SER E 141 23.68 -24.26 -7.08
C SER E 141 23.11 -22.95 -7.62
N VAL E 142 22.21 -23.04 -8.58
CA VAL E 142 21.52 -21.85 -9.08
C VAL E 142 20.46 -21.43 -8.05
N ASP E 143 20.23 -20.13 -7.92
CA ASP E 143 19.32 -19.62 -6.90
C ASP E 143 17.88 -19.55 -7.41
N ALA E 144 17.71 -19.39 -8.72
CA ALA E 144 16.38 -19.30 -9.31
C ALA E 144 16.38 -19.77 -10.76
N ILE E 145 15.32 -20.47 -11.14
CA ILE E 145 15.15 -20.95 -12.50
C ILE E 145 14.07 -20.12 -13.21
N VAL E 146 14.36 -19.69 -14.43
CA VAL E 146 13.40 -18.91 -15.20
C VAL E 146 12.91 -19.69 -16.42
N LEU E 147 11.67 -20.19 -16.34
CA LEU E 147 11.06 -20.88 -17.47
C LEU E 147 10.56 -19.87 -18.49
N ASP E 148 11.46 -19.49 -19.40
CA ASP E 148 11.17 -18.47 -20.41
C ASP E 148 10.40 -19.05 -21.59
N THR E 149 9.25 -18.47 -21.88
CA THR E 149 8.41 -18.91 -22.99
C THR E 149 7.54 -17.76 -23.49
N ALA E 150 7.37 -17.66 -24.80
CA ALA E 150 6.57 -16.62 -25.42
C ALA E 150 5.13 -16.60 -24.90
N HIS E 151 4.60 -17.79 -24.61
CA HIS E 151 3.23 -17.89 -24.12
C HIS E 151 3.20 -18.70 -22.82
N GLY E 152 3.27 -17.99 -21.69
CA GLY E 152 3.25 -18.63 -20.38
C GLY E 152 1.89 -19.19 -20.03
N HIS E 153 0.87 -18.78 -20.77
CA HIS E 153 -0.49 -19.26 -20.56
C HIS E 153 -0.73 -20.54 -21.37
N SER E 154 0.36 -21.17 -21.79
CA SER E 154 0.27 -22.41 -22.57
C SER E 154 0.24 -23.63 -21.64
N GLN E 155 -0.38 -24.70 -22.12
CA GLN E 155 -0.50 -25.93 -21.34
C GLN E 155 0.87 -26.59 -21.13
N GLY E 156 1.74 -26.45 -22.14
CA GLY E 156 3.08 -27.00 -22.06
C GLY E 156 3.87 -26.41 -20.92
N VAL E 157 3.75 -25.11 -20.71
CA VAL E 157 4.44 -24.44 -19.62
C VAL E 157 3.89 -24.88 -18.27
N ILE E 158 2.56 -24.88 -18.15
CA ILE E 158 1.88 -25.30 -16.93
C ILE E 158 2.33 -26.69 -16.49
N ASP E 159 2.39 -27.63 -17.42
CA ASP E 159 2.84 -28.97 -17.14
C ASP E 159 4.31 -28.98 -16.69
N LYS E 160 5.15 -28.25 -17.42
CA LYS E 160 6.57 -28.22 -17.13
C LYS E 160 6.87 -27.64 -15.75
N VAL E 161 6.12 -26.61 -15.37
CA VAL E 161 6.25 -26.01 -14.05
C VAL E 161 5.98 -27.05 -12.96
N LYS E 162 4.88 -27.79 -13.13
CA LYS E 162 4.48 -28.81 -12.16
C LYS E 162 5.55 -29.91 -12.02
N GLU E 163 6.16 -30.27 -13.14
CA GLU E 163 7.19 -31.31 -13.13
C GLU E 163 8.45 -30.87 -12.41
N VAL E 164 8.81 -29.59 -12.56
CA VAL E 164 9.99 -29.06 -11.90
C VAL E 164 9.74 -28.89 -10.40
N ARG E 165 8.57 -28.37 -10.06
CA ARG E 165 8.15 -28.23 -8.66
C ARG E 165 8.11 -29.59 -7.97
N ALA E 166 7.73 -30.62 -8.72
CA ALA E 166 7.63 -31.97 -8.20
C ALA E 166 8.99 -32.52 -7.75
N LYS E 167 9.99 -32.43 -8.63
CA LYS E 167 11.32 -32.94 -8.32
C LYS E 167 12.06 -32.03 -7.34
N TYR E 168 11.88 -30.72 -7.49
CA TYR E 168 12.52 -29.76 -6.59
C TYR E 168 11.48 -28.90 -5.89
N PRO E 169 10.96 -29.38 -4.74
CA PRO E 169 9.92 -28.69 -3.99
C PRO E 169 10.36 -27.34 -3.43
N SER E 170 11.66 -27.09 -3.38
CA SER E 170 12.19 -25.89 -2.74
C SER E 170 12.75 -24.87 -3.73
N LEU E 171 13.00 -25.30 -4.95
CA LEU E 171 13.64 -24.46 -5.96
C LEU E 171 12.80 -23.24 -6.35
N ASN E 172 13.45 -22.08 -6.42
CA ASN E 172 12.79 -20.86 -6.88
C ASN E 172 12.48 -20.91 -8.37
N ILE E 173 11.20 -20.95 -8.70
CA ILE E 173 10.78 -21.05 -10.10
C ILE E 173 10.12 -19.76 -10.58
N ILE E 174 10.64 -19.20 -11.66
CA ILE E 174 10.04 -18.03 -12.28
C ILE E 174 9.47 -18.42 -13.64
N ALA E 175 8.15 -18.29 -13.79
CA ALA E 175 7.48 -18.68 -15.02
C ALA E 175 6.88 -17.49 -15.75
N GLY E 176 7.07 -17.46 -17.06
CA GLY E 176 6.55 -16.39 -17.89
C GLY E 176 6.74 -16.69 -19.37
N ASN E 177 6.30 -15.77 -20.22
CA ASN E 177 5.65 -14.54 -19.79
C ASN E 177 4.14 -14.58 -19.98
N VAL E 178 3.44 -13.86 -19.13
CA VAL E 178 1.98 -13.76 -19.22
C VAL E 178 1.56 -12.29 -19.16
N ALA E 179 0.27 -12.04 -19.37
CA ALA E 179 -0.24 -10.67 -19.37
C ALA E 179 -1.62 -10.56 -18.73
N THR E 180 -2.17 -11.69 -18.29
CA THR E 180 -3.50 -11.72 -17.70
C THR E 180 -3.52 -12.33 -16.30
N ALA E 181 -4.60 -12.09 -15.58
CA ALA E 181 -4.77 -12.62 -14.23
C ALA E 181 -5.08 -14.12 -14.27
N GLU E 182 -5.73 -14.55 -15.33
CA GLU E 182 -6.05 -15.96 -15.51
C GLU E 182 -4.77 -16.76 -15.66
N ALA E 183 -3.87 -16.26 -16.50
CA ALA E 183 -2.59 -16.90 -16.74
C ALA E 183 -1.74 -16.91 -15.48
N THR E 184 -1.82 -15.82 -14.72
CA THR E 184 -1.07 -15.67 -13.48
C THR E 184 -1.51 -16.72 -12.46
N LYS E 185 -2.81 -16.93 -12.34
CA LYS E 185 -3.35 -17.96 -11.46
C LYS E 185 -2.90 -19.35 -11.90
N ALA E 186 -2.94 -19.57 -13.20
CA ALA E 186 -2.61 -20.88 -13.77
C ALA E 186 -1.20 -21.34 -13.40
N LEU E 187 -0.26 -20.39 -13.37
CA LEU E 187 1.13 -20.70 -13.05
C LEU E 187 1.37 -20.82 -11.56
N ILE E 188 0.68 -20.00 -10.77
CA ILE E 188 0.80 -20.04 -9.32
C ILE E 188 0.24 -21.34 -8.78
N GLU E 189 -0.87 -21.79 -9.38
CA GLU E 189 -1.45 -23.09 -9.05
C GLU E 189 -0.55 -24.22 -9.53
N ALA E 190 0.21 -23.95 -10.60
CA ALA E 190 1.12 -24.93 -11.16
C ALA E 190 2.32 -25.17 -10.24
N GLY E 191 2.71 -24.13 -9.48
CA GLY E 191 3.78 -24.27 -8.52
C GLY E 191 4.85 -23.20 -8.58
N ALA E 192 4.72 -22.27 -9.53
CA ALA E 192 5.70 -21.21 -9.70
C ALA E 192 5.58 -20.14 -8.61
N ASN E 193 6.67 -19.87 -7.91
CA ASN E 193 6.67 -18.88 -6.84
C ASN E 193 6.84 -17.44 -7.31
N VAL E 194 7.24 -17.25 -8.57
CA VAL E 194 7.35 -15.93 -9.17
C VAL E 194 6.77 -15.94 -10.59
N VAL E 195 6.03 -14.90 -10.95
CA VAL E 195 5.41 -14.81 -12.27
C VAL E 195 5.92 -13.60 -13.06
N LYS E 196 6.62 -13.86 -14.16
CA LYS E 196 7.17 -12.80 -15.00
C LYS E 196 6.12 -12.28 -15.97
N VAL E 197 5.92 -10.96 -15.97
CA VAL E 197 4.84 -10.33 -16.72
C VAL E 197 5.34 -9.52 -17.91
N GLY E 198 4.76 -9.77 -19.08
CA GLY E 198 5.07 -8.97 -20.25
C GLY E 198 4.96 -9.69 -21.59
N ILE E 199 3.96 -9.31 -22.37
CA ILE E 199 3.85 -9.81 -23.74
C ILE E 199 3.85 -8.65 -24.74
N GLY E 200 5.00 -8.42 -25.36
CA GLY E 200 5.12 -7.38 -26.36
C GLY E 200 5.71 -6.00 -26.05
N PRO E 201 6.01 -5.69 -24.76
CA PRO E 201 6.49 -4.31 -24.61
C PRO E 201 7.98 -4.16 -24.89
N GLY E 202 8.65 -5.25 -25.19
CA GLY E 202 10.09 -5.25 -25.42
C GLY E 202 10.52 -4.25 -26.50
N SER E 203 11.66 -3.62 -26.27
CA SER E 203 12.19 -2.62 -27.19
C SER E 203 12.55 -3.24 -28.54
N ILE E 204 12.96 -4.50 -28.51
CA ILE E 204 13.32 -5.22 -29.72
C ILE E 204 12.21 -6.16 -30.17
N CYS E 205 11.03 -6.00 -29.60
CA CYS E 205 9.93 -6.92 -29.83
C CYS E 205 8.98 -6.49 -30.94
N THR E 206 8.53 -7.45 -31.74
CA THR E 206 7.57 -7.20 -32.81
C THR E 206 6.36 -8.12 -32.71
N THR E 207 6.23 -8.81 -31.57
CA THR E 207 5.18 -9.79 -31.36
C THR E 207 3.79 -9.20 -31.59
N ARG E 208 3.57 -8.00 -31.08
CA ARG E 208 2.28 -7.33 -31.23
C ARG E 208 2.05 -6.90 -32.68
N VAL E 209 3.13 -6.77 -33.43
CA VAL E 209 3.04 -6.32 -34.82
C VAL E 209 2.92 -7.51 -35.77
N VAL E 210 3.57 -8.61 -35.40
CA VAL E 210 3.58 -9.82 -36.22
C VAL E 210 2.37 -10.71 -35.94
N ALA E 211 2.09 -10.95 -34.66
CA ALA E 211 0.99 -11.83 -34.27
C ALA E 211 -0.27 -11.05 -33.89
N GLY E 212 -0.12 -9.74 -33.66
CA GLY E 212 -1.24 -8.91 -33.28
C GLY E 212 -1.64 -9.09 -31.83
N VAL E 213 -0.82 -9.81 -31.08
CA VAL E 213 -1.15 -10.20 -29.71
C VAL E 213 -0.32 -9.45 -28.67
N GLY E 214 -0.99 -8.94 -27.64
CA GLY E 214 -0.31 -8.28 -26.54
C GLY E 214 -1.25 -7.53 -25.63
N VAL E 215 -0.73 -7.10 -24.48
CA VAL E 215 -1.47 -6.28 -23.53
C VAL E 215 -0.55 -5.18 -23.03
N PRO E 216 -1.03 -3.92 -23.04
CA PRO E 216 -0.29 -2.77 -22.52
C PRO E 216 0.37 -3.09 -21.19
N GLN E 217 1.68 -2.89 -21.11
CA GLN E 217 2.50 -3.40 -20.01
C GLN E 217 2.08 -2.95 -18.62
N LEU E 218 1.73 -1.68 -18.48
CA LEU E 218 1.33 -1.16 -17.18
C LEU E 218 0.03 -1.81 -16.71
N THR E 219 -0.89 -2.02 -17.66
CA THR E 219 -2.15 -2.69 -17.37
C THR E 219 -1.92 -4.17 -17.09
N ALA E 220 -1.02 -4.78 -17.85
CA ALA E 220 -0.70 -6.19 -17.70
C ALA E 220 -0.13 -6.49 -16.32
N VAL E 221 0.83 -5.67 -15.89
CA VAL E 221 1.44 -5.84 -14.57
C VAL E 221 0.41 -5.66 -13.48
N TYR E 222 -0.38 -4.58 -13.56
CA TYR E 222 -1.42 -4.30 -12.57
C TYR E 222 -2.49 -5.40 -12.53
N ASP E 223 -2.84 -5.95 -13.69
CA ASP E 223 -3.81 -7.04 -13.75
C ASP E 223 -3.24 -8.31 -13.13
N CYS E 224 -2.03 -8.67 -13.52
CA CYS E 224 -1.37 -9.87 -13.02
C CYS E 224 -1.03 -9.78 -11.55
N ALA E 225 -0.70 -8.57 -11.08
CA ALA E 225 -0.40 -8.36 -9.67
C ALA E 225 -1.64 -8.56 -8.82
N THR E 226 -2.77 -8.02 -9.29
CA THR E 226 -4.04 -8.12 -8.58
C THR E 226 -4.36 -9.57 -8.23
N GLU E 227 -4.13 -10.46 -9.18
CA GLU E 227 -4.33 -11.88 -8.94
C GLU E 227 -3.22 -12.45 -8.07
N ALA E 228 -2.00 -11.97 -8.29
CA ALA E 228 -0.84 -12.47 -7.57
C ALA E 228 -0.83 -12.03 -6.11
N ARG E 229 -1.40 -10.86 -5.83
CA ARG E 229 -1.43 -10.32 -4.47
C ARG E 229 -2.22 -11.22 -3.53
N LYS E 230 -3.26 -11.85 -4.06
CA LYS E 230 -4.13 -12.70 -3.26
C LYS E 230 -3.49 -14.05 -2.95
N HIS E 231 -2.38 -14.36 -3.59
CA HIS E 231 -1.67 -15.60 -3.35
C HIS E 231 -0.33 -15.36 -2.66
N GLY E 232 0.06 -14.10 -2.51
CA GLY E 232 1.32 -13.75 -1.89
C GLY E 232 2.49 -14.00 -2.82
N ILE E 233 2.22 -14.00 -4.11
CA ILE E 233 3.25 -14.24 -5.12
C ILE E 233 3.72 -12.93 -5.74
N PRO E 234 5.05 -12.71 -5.79
CA PRO E 234 5.64 -11.51 -6.37
C PRO E 234 5.58 -11.53 -7.90
N VAL E 235 5.46 -10.34 -8.49
CA VAL E 235 5.38 -10.19 -9.94
C VAL E 235 6.55 -9.36 -10.48
N ILE E 236 7.11 -9.78 -11.60
CA ILE E 236 8.21 -9.06 -12.23
C ILE E 236 7.73 -8.29 -13.46
N ALA E 237 8.02 -6.99 -13.48
CA ALA E 237 7.72 -6.16 -14.64
C ALA E 237 8.84 -6.31 -15.67
N ASP E 238 8.53 -6.95 -16.78
CA ASP E 238 9.54 -7.28 -17.78
C ASP E 238 9.30 -6.58 -19.12
N GLY E 239 10.22 -5.70 -19.51
CA GLY E 239 10.16 -5.04 -20.80
C GLY E 239 9.33 -3.77 -20.83
N GLY E 240 9.63 -2.91 -21.79
CA GLY E 240 8.85 -1.70 -22.01
C GLY E 240 9.38 -0.46 -21.34
N ILE E 241 10.26 -0.66 -20.37
CA ILE E 241 10.80 0.46 -19.59
C ILE E 241 11.89 1.20 -20.36
N LYS E 242 11.67 2.49 -20.58
CA LYS E 242 12.57 3.30 -21.41
C LYS E 242 13.31 4.35 -20.59
N TYR E 243 12.73 4.70 -19.44
CA TYR E 243 13.38 5.64 -18.52
C TYR E 243 13.23 5.13 -17.10
N SER E 244 13.99 5.73 -16.18
CA SER E 244 13.94 5.32 -14.79
C SER E 244 12.56 5.59 -14.20
N GLY E 245 11.88 6.61 -14.75
CA GLY E 245 10.53 6.94 -14.32
C GLY E 245 9.53 5.84 -14.60
N ASP E 246 9.77 5.09 -15.67
CA ASP E 246 8.89 3.98 -16.04
C ASP E 246 8.99 2.85 -15.03
N MET E 247 10.19 2.68 -14.46
CA MET E 247 10.42 1.66 -13.44
C MET E 247 9.62 1.97 -12.18
N VAL E 248 9.56 3.25 -11.83
CA VAL E 248 8.81 3.68 -10.65
C VAL E 248 7.33 3.43 -10.88
N LYS E 249 6.88 3.60 -12.13
CA LYS E 249 5.51 3.34 -12.50
C LYS E 249 5.20 1.85 -12.45
N ALA E 250 6.14 1.05 -12.98
CA ALA E 250 5.98 -0.40 -13.02
C ALA E 250 5.93 -1.00 -11.62
N LEU E 251 6.81 -0.53 -10.74
CA LEU E 251 6.87 -1.02 -9.38
C LEU E 251 5.65 -0.59 -8.57
N ALA E 252 5.17 0.62 -8.83
CA ALA E 252 4.00 1.13 -8.13
C ALA E 252 2.72 0.46 -8.63
N ALA E 253 2.76 -0.07 -9.85
CA ALA E 253 1.61 -0.74 -10.43
C ALA E 253 1.37 -2.12 -9.83
N GLY E 254 2.37 -2.65 -9.11
CA GLY E 254 2.20 -3.91 -8.40
C GLY E 254 3.41 -4.83 -8.43
N ALA E 255 4.41 -4.48 -9.23
CA ALA E 255 5.58 -5.34 -9.40
C ALA E 255 6.57 -5.22 -8.25
N HIS E 256 7.14 -6.35 -7.85
CA HIS E 256 8.16 -6.38 -6.81
C HIS E 256 9.50 -5.92 -7.35
N VAL E 257 9.92 -6.53 -8.45
CA VAL E 257 11.15 -6.13 -9.12
C VAL E 257 10.88 -5.82 -10.58
N VAL E 258 11.94 -5.46 -11.31
CA VAL E 258 11.82 -5.05 -12.70
C VAL E 258 12.91 -5.71 -13.55
N MET E 259 12.55 -6.15 -14.75
CA MET E 259 13.53 -6.74 -15.67
C MET E 259 13.78 -5.83 -16.87
N LEU E 260 15.04 -5.57 -17.15
CA LEU E 260 15.45 -4.66 -18.21
C LEU E 260 16.41 -5.34 -19.18
N GLY E 261 16.37 -4.94 -20.44
CA GLY E 261 17.23 -5.49 -21.46
C GLY E 261 18.08 -4.44 -22.15
N SER E 262 17.41 -3.51 -22.84
CA SER E 262 18.10 -2.49 -23.62
C SER E 262 18.94 -1.56 -22.75
N MET E 263 18.43 -1.25 -21.56
CA MET E 263 19.13 -0.37 -20.64
C MET E 263 20.43 -0.97 -20.12
N PHE E 264 20.53 -2.29 -20.21
CA PHE E 264 21.68 -3.01 -19.69
C PHE E 264 22.53 -3.53 -20.83
N ALA E 265 22.07 -3.33 -22.06
CA ALA E 265 22.75 -3.88 -23.23
C ALA E 265 24.05 -3.14 -23.58
N GLY E 266 23.99 -1.82 -23.63
CA GLY E 266 25.14 -1.01 -23.98
C GLY E 266 26.18 -0.93 -22.89
N VAL E 267 25.90 -1.60 -21.77
CA VAL E 267 26.79 -1.59 -20.62
C VAL E 267 28.05 -2.42 -20.88
N ALA E 268 29.13 -2.07 -20.20
CA ALA E 268 30.42 -2.74 -20.40
C ALA E 268 30.39 -4.23 -20.08
N GLU E 269 29.75 -4.59 -18.98
CA GLU E 269 29.70 -5.96 -18.52
C GLU E 269 28.86 -6.87 -19.42
N SER E 270 28.05 -6.26 -20.28
CA SER E 270 27.21 -7.01 -21.20
C SER E 270 28.05 -7.81 -22.21
N PRO E 271 27.59 -9.01 -22.56
CA PRO E 271 28.24 -9.90 -23.53
C PRO E 271 28.39 -9.23 -24.90
N GLY E 272 29.53 -9.43 -25.55
CA GLY E 272 29.74 -8.90 -26.88
C GLY E 272 30.74 -7.76 -26.89
N GLU E 273 31.59 -7.75 -27.92
CA GLU E 273 32.57 -6.68 -28.10
C GLU E 273 31.86 -5.41 -28.57
N THR E 274 32.42 -4.26 -28.23
CA THR E 274 31.86 -2.98 -28.65
C THR E 274 31.99 -2.81 -30.17
N GLU E 275 30.97 -2.24 -30.78
CA GLU E 275 30.97 -2.00 -32.22
C GLU E 275 31.20 -0.53 -32.55
N ILE E 276 32.14 -0.26 -33.45
CA ILE E 276 32.35 1.09 -33.94
C ILE E 276 31.45 1.36 -35.15
N TYR E 277 30.52 2.29 -34.99
CA TYR E 277 29.61 2.67 -36.07
C TYR E 277 29.48 4.18 -36.15
N GLN E 278 29.87 4.75 -37.29
CA GLN E 278 29.93 6.20 -37.48
C GLN E 278 30.72 6.90 -36.37
N GLY E 279 31.87 6.34 -36.03
CA GLY E 279 32.73 6.91 -35.01
C GLY E 279 32.32 6.53 -33.59
N ARG E 280 31.02 6.52 -33.35
CA ARG E 280 30.49 6.22 -32.02
C ARG E 280 30.62 4.74 -31.65
N GLN E 281 30.45 4.46 -30.36
CA GLN E 281 30.53 3.09 -29.86
C GLN E 281 29.13 2.53 -29.60
N PHE E 282 28.81 1.42 -30.25
CA PHE E 282 27.52 0.76 -30.07
C PHE E 282 27.68 -0.69 -29.64
N LYS E 283 26.68 -1.20 -28.94
CA LYS E 283 26.67 -2.59 -28.51
C LYS E 283 25.53 -3.29 -29.22
N VAL E 284 25.75 -4.54 -29.61
CA VAL E 284 24.71 -5.31 -30.30
C VAL E 284 23.61 -5.72 -29.33
N TYR E 285 22.39 -5.28 -29.61
CA TYR E 285 21.23 -5.70 -28.84
C TYR E 285 20.16 -6.25 -29.77
N ARG E 286 19.83 -7.52 -29.61
CA ARG E 286 18.85 -8.18 -30.46
C ARG E 286 17.88 -9.01 -29.63
N GLY E 287 16.69 -9.23 -30.17
CA GLY E 287 15.71 -10.07 -29.51
C GLY E 287 16.06 -11.53 -29.65
N MET E 288 15.72 -12.32 -28.64
CA MET E 288 15.97 -13.77 -28.69
C MET E 288 15.08 -14.45 -29.72
N GLY E 289 14.01 -13.76 -30.11
CA GLY E 289 13.09 -14.25 -31.12
C GLY E 289 13.31 -13.59 -32.46
N SER E 290 14.56 -13.20 -32.72
CA SER E 290 14.93 -12.59 -34.00
C SER E 290 15.67 -13.60 -34.86
N VAL E 291 15.85 -13.28 -36.12
CA VAL E 291 16.50 -14.18 -37.08
C VAL E 291 17.93 -14.54 -36.64
N GLY E 292 18.68 -13.54 -36.21
CA GLY E 292 20.05 -13.74 -35.78
C GLY E 292 20.17 -14.66 -34.56
N ALA E 293 19.32 -14.42 -33.56
CA ALA E 293 19.41 -15.17 -32.31
C ALA E 293 18.96 -16.62 -32.45
N MET E 294 18.08 -16.89 -33.40
N MET E 294 18.10 -16.90 -33.41
CA MET E 294 17.51 -18.22 -33.56
CA MET E 294 17.58 -18.25 -33.64
C MET E 294 18.33 -19.09 -34.51
C MET E 294 18.49 -19.07 -34.55
N GLU E 295 19.20 -18.47 -35.30
N GLU E 295 19.22 -18.38 -35.43
CA GLU E 295 20.06 -19.20 -36.21
CA GLU E 295 20.14 -19.06 -36.33
C GLU E 295 21.42 -19.47 -35.58
C GLU E 295 21.45 -19.42 -35.62
N LYS E 296 21.75 -18.71 -34.54
CA LYS E 296 22.97 -18.94 -33.77
C LYS E 296 22.87 -20.25 -33.00
N GLY E 297 21.64 -20.70 -32.77
CA GLY E 297 21.39 -21.95 -32.08
C GLY E 297 20.34 -22.80 -32.76
N LYS E 309 13.77 -20.01 -43.57
CA LYS E 309 12.32 -19.85 -43.52
C LYS E 309 11.79 -19.93 -42.08
N LEU E 310 11.92 -18.83 -41.35
CA LEU E 310 11.38 -18.73 -40.00
C LEU E 310 10.79 -17.35 -39.77
N VAL E 311 9.62 -17.30 -39.13
CA VAL E 311 8.99 -16.03 -38.81
C VAL E 311 9.34 -15.62 -37.38
N PRO E 312 10.10 -14.52 -37.24
CA PRO E 312 10.58 -14.02 -35.95
C PRO E 312 9.59 -13.05 -35.31
N GLU E 313 9.74 -12.84 -34.01
CA GLU E 313 8.91 -11.90 -33.28
C GLU E 313 9.77 -10.85 -32.59
N GLY E 314 11.01 -10.75 -33.04
CA GLY E 314 11.94 -9.76 -32.53
C GLY E 314 12.81 -9.19 -33.65
N ILE E 315 13.63 -8.21 -33.31
CA ILE E 315 14.53 -7.61 -34.30
C ILE E 315 15.96 -7.47 -33.76
N GLU E 316 16.89 -7.21 -34.67
CA GLU E 316 18.28 -7.00 -34.31
C GLU E 316 18.57 -5.50 -34.37
N GLY E 317 19.57 -5.05 -33.62
CA GLY E 317 19.92 -3.64 -33.60
C GLY E 317 21.09 -3.31 -32.70
N ARG E 318 21.28 -2.02 -32.45
CA ARG E 318 22.41 -1.55 -31.64
C ARG E 318 22.00 -0.49 -30.63
N VAL E 319 22.70 -0.47 -29.50
CA VAL E 319 22.48 0.54 -28.48
C VAL E 319 23.81 1.21 -28.13
N PRO E 320 23.77 2.52 -27.82
CA PRO E 320 24.98 3.29 -27.49
C PRO E 320 25.72 2.72 -26.28
N TYR E 321 27.04 2.59 -26.41
CA TYR E 321 27.87 2.09 -25.30
C TYR E 321 27.79 3.03 -24.11
N LYS E 322 27.46 2.49 -22.95
CA LYS E 322 27.21 3.31 -21.77
C LYS E 322 28.22 3.08 -20.63
N GLY E 323 29.32 2.41 -20.94
CA GLY E 323 30.36 2.16 -19.96
C GLY E 323 29.97 1.12 -18.94
N PRO E 324 30.56 1.20 -17.74
CA PRO E 324 30.33 0.22 -16.67
C PRO E 324 28.89 0.19 -16.18
N LEU E 325 28.51 -0.89 -15.50
CA LEU E 325 27.15 -1.09 -15.03
C LEU E 325 26.81 -0.15 -13.87
N ALA E 326 27.81 0.12 -13.03
CA ALA E 326 27.60 0.91 -11.81
C ALA E 326 27.05 2.31 -12.08
N ASP E 327 27.36 2.86 -13.26
CA ASP E 327 26.89 4.19 -13.62
C ASP E 327 25.41 4.20 -13.95
N THR E 328 24.97 3.23 -14.75
CA THR E 328 23.57 3.14 -15.16
C THR E 328 22.69 2.79 -13.97
N VAL E 329 23.19 1.92 -13.10
CA VAL E 329 22.44 1.49 -11.92
C VAL E 329 22.18 2.66 -10.97
N HIS E 330 23.20 3.48 -10.77
CA HIS E 330 23.07 4.65 -9.89
C HIS E 330 22.00 5.62 -10.40
N GLN E 331 21.93 5.78 -11.71
CA GLN E 331 20.94 6.66 -12.32
C GLN E 331 19.54 6.07 -12.24
N LEU E 332 19.44 4.75 -12.40
CA LEU E 332 18.17 4.05 -12.29
C LEU E 332 17.65 4.07 -10.86
N VAL E 333 18.45 3.54 -9.93
CA VAL E 333 18.08 3.50 -8.53
C VAL E 333 17.88 4.92 -7.98
N GLY E 334 18.70 5.85 -8.45
CA GLY E 334 18.57 7.24 -8.06
C GLY E 334 17.22 7.82 -8.47
N GLY E 335 16.75 7.43 -9.65
CA GLY E 335 15.45 7.84 -10.13
C GLY E 335 14.33 7.22 -9.32
N LEU E 336 14.58 6.00 -8.83
CA LEU E 336 13.61 5.30 -8.00
C LEU E 336 13.48 5.97 -6.64
N ARG E 337 14.61 6.27 -6.01
CA ARG E 337 14.63 6.92 -4.71
C ARG E 337 13.90 8.26 -4.74
N ALA E 338 14.19 9.07 -5.76
CA ALA E 338 13.52 10.36 -5.92
C ALA E 338 12.04 10.15 -6.16
N GLY E 339 11.71 9.14 -6.96
CA GLY E 339 10.33 8.81 -7.26
C GLY E 339 9.56 8.40 -6.01
N MET E 340 10.17 7.54 -5.20
CA MET E 340 9.55 7.10 -3.96
C MET E 340 9.39 8.25 -2.99
N GLY E 341 10.32 9.21 -3.06
CA GLY E 341 10.27 10.40 -2.24
C GLY E 341 9.02 11.21 -2.48
N TYR E 342 8.75 11.53 -3.75
CA TYR E 342 7.55 12.29 -4.11
C TYR E 342 6.28 11.57 -3.66
N CYS E 343 6.29 10.25 -3.76
CA CYS E 343 5.13 9.44 -3.40
C CYS E 343 5.06 9.17 -1.90
N GLY E 344 6.06 9.65 -1.18
CA GLY E 344 6.09 9.52 0.27
C GLY E 344 6.22 8.09 0.76
N ALA E 345 6.81 7.24 -0.07
CA ALA E 345 6.97 5.83 0.28
C ALA E 345 8.32 5.56 0.92
N GLN E 346 8.29 4.92 2.08
CA GLN E 346 9.51 4.52 2.77
C GLN E 346 10.00 3.17 2.25
N ASP E 347 9.05 2.35 1.81
CA ASP E 347 9.35 1.02 1.27
C ASP E 347 8.80 0.86 -0.14
N LEU E 348 9.25 -0.19 -0.82
CA LEU E 348 8.71 -0.55 -2.12
C LEU E 348 7.31 -1.13 -1.96
N GLU E 349 7.04 -1.69 -0.79
CA GLU E 349 5.73 -2.25 -0.49
C GLU E 349 4.70 -1.15 -0.29
N PHE E 350 5.08 -0.11 0.43
CA PHE E 350 4.20 1.03 0.64
C PHE E 350 3.89 1.70 -0.69
N LEU E 351 4.87 1.70 -1.59
CA LEU E 351 4.68 2.26 -2.91
C LEU E 351 3.65 1.44 -3.69
N ARG E 352 3.74 0.12 -3.57
CA ARG E 352 2.80 -0.77 -4.24
C ARG E 352 1.39 -0.58 -3.70
N GLU E 353 1.27 -0.35 -2.40
CA GLU E 353 -0.02 -0.28 -1.74
C GLU E 353 -0.69 1.09 -1.81
N ASN E 354 0.11 2.15 -1.80
CA ASN E 354 -0.43 3.50 -1.63
C ASN E 354 -0.37 4.42 -2.84
N ALA E 355 0.59 4.18 -3.74
CA ALA E 355 0.82 5.10 -4.86
C ALA E 355 -0.38 5.19 -5.81
N GLN E 356 -0.72 6.41 -6.19
CA GLN E 356 -1.85 6.66 -7.07
C GLN E 356 -1.39 7.22 -8.41
N PHE E 357 -2.05 6.77 -9.48
CA PHE E 357 -1.73 7.22 -10.82
C PHE E 357 -2.73 8.24 -11.32
N ILE E 358 -2.37 8.97 -12.36
CA ILE E 358 -3.29 9.87 -13.05
C ILE E 358 -3.09 9.76 -14.55
N ARG E 359 -4.19 9.64 -15.29
CA ARG E 359 -4.11 9.43 -16.73
C ARG E 359 -4.01 10.73 -17.49
N MET E 360 -3.24 10.72 -18.58
CA MET E 360 -3.03 11.91 -19.39
C MET E 360 -3.09 11.59 -20.88
N SER E 361 -3.29 12.61 -21.70
CA SER E 361 -3.31 12.45 -23.14
C SER E 361 -1.88 12.52 -23.69
N GLY E 362 -1.77 12.46 -25.01
CA GLY E 362 -0.48 12.59 -25.66
C GLY E 362 0.11 13.97 -25.45
N ALA E 363 -0.77 14.96 -25.28
CA ALA E 363 -0.35 16.33 -25.00
C ALA E 363 0.37 16.42 -23.66
N GLY E 364 -0.15 15.69 -22.68
CA GLY E 364 0.45 15.66 -21.35
C GLY E 364 1.83 15.03 -21.37
N LEU E 365 2.03 14.09 -22.29
CA LEU E 365 3.32 13.44 -22.43
C LEU E 365 4.36 14.41 -22.97
N LEU E 366 3.95 15.27 -23.89
CA LEU E 366 4.86 16.26 -24.47
C LEU E 366 5.22 17.32 -23.45
N GLU E 367 4.34 17.52 -22.46
CA GLU E 367 4.60 18.41 -21.35
C GLU E 367 5.54 17.74 -20.37
N SER E 368 5.40 16.43 -20.24
CA SER E 368 6.19 15.65 -19.28
C SER E 368 7.66 15.64 -19.64
N HIS E 369 7.95 15.45 -20.93
CA HIS E 369 9.32 15.52 -21.43
C HIS E 369 9.72 16.99 -21.58
N PRO E 370 11.03 17.26 -21.64
CA PRO E 370 11.46 18.64 -21.93
C PRO E 370 10.99 19.07 -23.32
N HIS E 371 10.56 20.31 -23.44
CA HIS E 371 9.94 20.79 -24.67
C HIS E 371 10.28 22.25 -24.95
N HIS E 372 10.21 22.63 -26.23
CA HIS E 372 10.41 24.00 -26.67
C HIS E 372 11.73 24.63 -26.20
N VAL E 373 12.72 23.79 -25.96
CA VAL E 373 14.05 24.26 -25.64
C VAL E 373 15.08 23.48 -26.47
N GLN E 374 16.03 24.20 -27.05
CA GLN E 374 17.04 23.57 -27.88
C GLN E 374 18.07 22.89 -26.99
N ILE E 375 17.96 21.57 -26.83
CA ILE E 375 18.81 20.81 -25.91
C ILE E 375 20.31 20.93 -26.24
N THR E 376 21.07 21.44 -25.28
CA THR E 376 22.51 21.64 -25.47
C THR E 376 23.28 20.32 -25.44
N LYS E 377 23.29 19.66 -24.28
CA LYS E 377 24.02 18.41 -24.13
C LYS E 377 23.19 17.33 -23.46
N GLU E 378 23.71 16.12 -23.44
CA GLU E 378 22.99 14.97 -22.91
C GLU E 378 23.07 14.91 -21.39
N ALA E 379 22.12 14.20 -20.79
CA ALA E 379 22.10 14.01 -19.34
C ALA E 379 22.42 12.54 -19.03
N PRO E 380 22.96 12.28 -17.82
CA PRO E 380 23.27 10.89 -17.44
C PRO E 380 22.02 10.02 -17.29
N ASN E 381 20.84 10.62 -17.33
CA ASN E 381 19.60 9.88 -17.16
C ASN E 381 18.56 10.21 -18.24
N TYR E 382 18.92 11.08 -19.16
CA TYR E 382 18.04 11.41 -20.28
C TYR E 382 18.80 11.28 -21.61
N SER E 383 18.23 10.50 -22.53
CA SER E 383 18.88 10.16 -23.80
C SER E 383 20.21 9.44 -23.57
N SER F 22 -39.58 14.54 -35.22
CA SER F 22 -38.45 13.70 -34.81
C SER F 22 -37.13 14.25 -35.30
N ASN F 23 -36.35 14.82 -34.39
CA ASN F 23 -35.02 15.32 -34.72
C ASN F 23 -33.93 14.38 -34.21
N ALA F 24 -34.28 13.09 -34.09
CA ALA F 24 -33.37 12.10 -33.54
C ALA F 24 -32.10 11.94 -34.38
N MET F 25 -32.24 12.13 -35.69
CA MET F 25 -31.10 12.05 -36.61
C MET F 25 -30.06 13.12 -36.30
N TRP F 26 -30.54 14.28 -35.85
CA TRP F 26 -29.66 15.41 -35.56
C TRP F 26 -28.87 15.20 -34.27
N GLU F 27 -29.50 14.54 -33.30
CA GLU F 27 -28.86 14.28 -32.02
C GLU F 27 -27.94 13.06 -32.06
N SER F 28 -28.10 12.24 -33.11
CA SER F 28 -27.35 10.99 -33.21
C SER F 28 -26.15 11.09 -34.15
N LYS F 29 -25.80 12.32 -34.54
CA LYS F 29 -24.74 12.52 -35.52
C LYS F 29 -23.35 12.03 -35.07
N PHE F 30 -22.99 12.30 -33.83
CA PHE F 30 -21.64 11.97 -33.35
C PHE F 30 -21.64 10.94 -32.22
N VAL F 31 -22.50 9.93 -32.34
CA VAL F 31 -22.66 8.94 -31.27
C VAL F 31 -21.74 7.74 -31.42
N LYS F 32 -21.70 7.17 -32.62
CA LYS F 32 -20.93 5.95 -32.86
C LYS F 32 -19.42 6.16 -32.74
N GLU F 33 -18.72 5.13 -32.27
CA GLU F 33 -17.27 5.18 -32.12
C GLU F 33 -16.63 4.04 -32.92
N GLY F 34 -15.60 4.38 -33.69
CA GLY F 34 -14.94 3.41 -34.53
C GLY F 34 -13.49 3.16 -34.19
N LEU F 35 -13.05 1.92 -34.37
CA LEU F 35 -11.68 1.52 -34.10
C LEU F 35 -11.04 0.95 -35.36
N THR F 36 -9.77 1.24 -35.57
CA THR F 36 -9.00 0.63 -36.65
C THR F 36 -8.03 -0.39 -36.08
N PHE F 37 -7.16 -0.92 -36.93
CA PHE F 37 -6.21 -1.96 -36.53
C PHE F 37 -5.28 -1.56 -35.38
N ASP F 38 -4.70 -0.36 -35.47
CA ASP F 38 -3.69 0.07 -34.51
C ASP F 38 -4.26 0.56 -33.19
N ASP F 39 -5.58 0.47 -33.03
CA ASP F 39 -6.24 0.91 -31.81
C ASP F 39 -6.27 -0.18 -30.75
N VAL F 40 -6.02 -1.43 -31.17
CA VAL F 40 -6.23 -2.57 -30.28
C VAL F 40 -5.08 -3.57 -30.30
N LEU F 41 -5.19 -4.56 -29.41
CA LEU F 41 -4.28 -5.70 -29.37
C LEU F 41 -5.06 -6.95 -28.94
N LEU F 42 -4.65 -8.11 -29.43
CA LEU F 42 -5.28 -9.37 -29.04
C LEU F 42 -4.79 -9.80 -27.67
N VAL F 43 -5.74 -10.12 -26.79
CA VAL F 43 -5.40 -10.58 -25.44
C VAL F 43 -5.10 -12.08 -25.46
N PRO F 44 -3.89 -12.45 -25.00
CA PRO F 44 -3.49 -13.86 -24.93
C PRO F 44 -4.37 -14.66 -23.97
N ALA F 45 -4.81 -15.83 -24.40
CA ALA F 45 -5.67 -16.67 -23.59
C ALA F 45 -5.05 -18.05 -23.38
N LYS F 46 -5.76 -18.91 -22.63
CA LYS F 46 -5.32 -20.29 -22.43
C LYS F 46 -5.15 -21.00 -23.75
N SER F 47 -4.00 -21.66 -23.92
CA SER F 47 -3.68 -22.31 -25.18
C SER F 47 -3.30 -23.77 -24.98
N ASP F 48 -3.83 -24.63 -25.85
CA ASP F 48 -3.55 -26.05 -25.80
C ASP F 48 -2.96 -26.46 -27.14
N VAL F 49 -2.49 -25.47 -27.90
CA VAL F 49 -2.09 -25.69 -29.29
C VAL F 49 -0.81 -24.93 -29.67
N LEU F 50 0.11 -25.63 -30.33
CA LEU F 50 1.30 -25.01 -30.90
C LEU F 50 0.95 -24.43 -32.27
N PRO F 51 1.61 -23.32 -32.65
CA PRO F 51 1.35 -22.64 -33.93
C PRO F 51 1.37 -23.57 -35.13
N ARG F 52 2.30 -24.52 -35.16
CA ARG F 52 2.41 -25.44 -36.29
C ARG F 52 1.26 -26.44 -36.34
N GLU F 53 0.65 -26.70 -35.20
CA GLU F 53 -0.45 -27.67 -35.11
C GLU F 53 -1.79 -27.02 -35.48
N VAL F 54 -1.74 -25.73 -35.78
CA VAL F 54 -2.96 -24.95 -36.04
C VAL F 54 -3.50 -25.16 -37.45
N SER F 55 -4.82 -25.09 -37.60
CA SER F 55 -5.47 -25.15 -38.91
C SER F 55 -5.89 -23.75 -39.36
N VAL F 56 -5.51 -23.40 -40.59
CA VAL F 56 -5.79 -22.07 -41.11
C VAL F 56 -6.62 -22.08 -42.40
N LYS F 57 -7.39 -23.15 -42.60
CA LYS F 57 -8.24 -23.24 -43.77
C LYS F 57 -9.63 -22.68 -43.52
N THR F 58 -10.22 -22.05 -44.54
CA THR F 58 -11.52 -21.43 -44.38
C THR F 58 -12.48 -21.87 -45.49
N VAL F 59 -13.78 -21.75 -45.25
CA VAL F 59 -14.78 -22.12 -46.25
C VAL F 59 -15.70 -20.95 -46.54
N LEU F 60 -15.45 -20.26 -47.64
CA LEU F 60 -16.28 -19.14 -48.06
C LEU F 60 -17.63 -19.65 -48.53
N SER F 61 -17.61 -20.81 -49.19
CA SER F 61 -18.81 -21.37 -49.79
C SER F 61 -18.66 -22.87 -49.98
N GLU F 62 -19.78 -23.54 -50.24
CA GLU F 62 -19.81 -24.96 -50.56
C GLU F 62 -18.93 -25.29 -51.76
N SER F 63 -18.74 -24.33 -52.65
CA SER F 63 -17.93 -24.52 -53.85
C SER F 63 -16.65 -23.70 -53.82
N LEU F 64 -16.37 -23.08 -52.68
CA LEU F 64 -15.21 -22.20 -52.56
C LEU F 64 -14.48 -22.39 -51.23
N GLN F 65 -13.40 -23.16 -51.25
CA GLN F 65 -12.63 -23.47 -50.04
C GLN F 65 -11.16 -23.09 -50.20
N LEU F 66 -10.61 -22.42 -49.19
CA LEU F 66 -9.21 -21.98 -49.24
C LEU F 66 -8.38 -22.64 -48.13
N ASN F 67 -7.17 -23.06 -48.48
CA ASN F 67 -6.26 -23.63 -47.49
C ASN F 67 -5.66 -22.53 -46.61
N ILE F 68 -5.51 -21.34 -47.17
CA ILE F 68 -5.06 -20.18 -46.42
C ILE F 68 -6.05 -19.03 -46.60
N PRO F 69 -6.23 -18.20 -45.57
CA PRO F 69 -7.23 -17.13 -45.62
C PRO F 69 -6.70 -15.87 -46.30
N LEU F 70 -6.28 -15.99 -47.55
CA LEU F 70 -5.68 -14.86 -48.27
C LEU F 70 -6.25 -14.70 -49.67
N ILE F 71 -6.57 -13.46 -50.03
CA ILE F 71 -6.98 -13.15 -51.40
C ILE F 71 -6.24 -11.90 -51.88
N SER F 72 -5.59 -12.00 -53.04
CA SER F 72 -4.95 -10.85 -53.63
C SER F 72 -6.01 -9.96 -54.28
N ALA F 73 -5.88 -8.65 -54.08
CA ALA F 73 -6.88 -7.70 -54.55
C ALA F 73 -7.00 -7.67 -56.07
N GLY F 74 -8.22 -7.50 -56.56
CA GLY F 74 -8.46 -7.39 -57.99
C GLY F 74 -8.10 -6.02 -58.52
N MET F 75 -6.80 -5.74 -58.59
CA MET F 75 -6.32 -4.45 -59.08
C MET F 75 -5.34 -4.64 -60.23
N ASP F 76 -5.13 -3.59 -61.02
CA ASP F 76 -4.27 -3.68 -62.20
C ASP F 76 -2.79 -3.80 -61.87
N THR F 77 -2.42 -3.41 -60.65
CA THR F 77 -1.03 -3.49 -60.20
C THR F 77 -0.81 -4.60 -59.18
N VAL F 78 -1.82 -5.44 -58.97
CA VAL F 78 -1.75 -6.47 -57.95
C VAL F 78 -1.97 -7.89 -58.48
N THR F 79 -3.04 -8.10 -59.24
CA THR F 79 -3.42 -9.46 -59.62
C THR F 79 -3.76 -9.68 -61.09
N GLU F 80 -2.96 -10.50 -61.74
CA GLU F 80 -3.30 -11.05 -63.06
C GLU F 80 -3.13 -12.57 -63.02
N ALA F 81 -3.05 -13.20 -64.20
CA ALA F 81 -2.97 -14.65 -64.32
C ALA F 81 -1.80 -15.25 -63.54
N ASP F 82 -0.63 -14.66 -63.67
CA ASP F 82 0.55 -15.14 -62.96
C ASP F 82 0.36 -15.08 -61.44
N MET F 83 -0.35 -14.06 -60.98
CA MET F 83 -0.58 -13.88 -59.54
C MET F 83 -1.64 -14.85 -59.03
N ALA F 84 -2.71 -15.01 -59.81
CA ALA F 84 -3.81 -15.88 -59.43
C ALA F 84 -3.36 -17.33 -59.35
N ILE F 85 -2.47 -17.72 -60.26
CA ILE F 85 -1.90 -19.07 -60.25
C ILE F 85 -1.03 -19.28 -59.01
N ALA F 86 -0.21 -18.27 -58.70
CA ALA F 86 0.67 -18.34 -57.55
C ALA F 86 -0.11 -18.36 -56.23
N MET F 87 -1.14 -17.53 -56.16
CA MET F 87 -1.99 -17.47 -54.97
C MET F 87 -2.68 -18.80 -54.69
N ALA F 88 -3.22 -19.41 -55.74
CA ALA F 88 -3.93 -20.67 -55.63
C ALA F 88 -3.00 -21.80 -55.18
N ARG F 89 -1.81 -21.86 -55.76
CA ARG F 89 -0.84 -22.88 -55.42
C ARG F 89 -0.35 -22.75 -53.97
N GLN F 90 -0.54 -21.58 -53.38
CA GLN F 90 -0.23 -21.37 -51.98
C GLN F 90 -1.43 -21.72 -51.11
N GLY F 91 -2.58 -21.92 -51.74
CA GLY F 91 -3.80 -22.27 -51.04
C GLY F 91 -4.75 -21.10 -50.87
N GLY F 92 -4.48 -20.03 -51.62
CA GLY F 92 -5.30 -18.83 -51.53
C GLY F 92 -6.14 -18.58 -52.76
N LEU F 93 -6.49 -17.33 -52.99
CA LEU F 93 -7.33 -16.95 -54.13
C LEU F 93 -6.84 -15.66 -54.78
N GLY F 94 -6.97 -15.59 -56.11
CA GLY F 94 -6.59 -14.39 -56.84
C GLY F 94 -7.75 -13.86 -57.66
N ILE F 95 -7.97 -12.55 -57.61
CA ILE F 95 -9.06 -11.93 -58.37
C ILE F 95 -8.52 -11.19 -59.58
N ILE F 96 -8.80 -11.70 -60.78
CA ILE F 96 -8.39 -11.03 -62.00
C ILE F 96 -9.18 -9.74 -62.17
N HIS F 97 -8.47 -8.62 -62.23
CA HIS F 97 -9.11 -7.31 -62.30
C HIS F 97 -9.85 -7.09 -63.62
N LYS F 98 -10.72 -6.09 -63.65
CA LYS F 98 -11.56 -5.82 -64.81
C LYS F 98 -11.01 -4.70 -65.68
N ASN F 99 -9.80 -4.23 -65.38
CA ASN F 99 -9.20 -3.15 -66.15
C ASN F 99 -8.58 -3.65 -67.46
N MET F 100 -9.41 -4.32 -68.25
CA MET F 100 -9.00 -4.88 -69.54
C MET F 100 -10.24 -5.25 -70.34
N SER F 101 -10.05 -5.80 -71.53
CA SER F 101 -11.19 -6.23 -72.35
C SER F 101 -11.82 -7.48 -71.76
N ILE F 102 -13.04 -7.78 -72.21
CA ILE F 102 -13.75 -8.96 -71.76
C ILE F 102 -13.07 -10.22 -72.29
N GLU F 103 -12.59 -10.13 -73.52
CA GLU F 103 -11.87 -11.24 -74.15
C GLU F 103 -10.56 -11.52 -73.43
N GLN F 104 -9.86 -10.46 -73.05
CA GLN F 104 -8.58 -10.59 -72.34
C GLN F 104 -8.77 -11.17 -70.95
N GLN F 105 -9.79 -10.70 -70.24
CA GLN F 105 -10.07 -11.19 -68.90
C GLN F 105 -10.54 -12.64 -68.91
N ALA F 106 -11.33 -12.99 -69.92
CA ALA F 106 -11.85 -14.35 -70.05
C ALA F 106 -10.73 -15.34 -70.38
N GLU F 107 -9.68 -14.85 -71.03
CA GLU F 107 -8.53 -15.68 -71.33
C GLU F 107 -7.65 -15.84 -70.10
N GLN F 108 -7.55 -14.78 -69.32
CA GLN F 108 -6.76 -14.78 -68.09
C GLN F 108 -7.21 -15.85 -67.11
N VAL F 109 -8.53 -15.95 -66.91
CA VAL F 109 -9.07 -16.94 -65.98
C VAL F 109 -8.92 -18.35 -66.54
N ASP F 110 -9.03 -18.50 -67.84
CA ASP F 110 -8.86 -19.79 -68.50
C ASP F 110 -7.44 -20.30 -68.33
N LYS F 111 -6.50 -19.36 -68.24
CA LYS F 111 -5.09 -19.70 -68.05
C LYS F 111 -4.87 -20.38 -66.71
N VAL F 112 -5.44 -19.80 -65.66
CA VAL F 112 -5.31 -20.33 -64.31
C VAL F 112 -5.99 -21.69 -64.19
N LYS F 113 -7.13 -21.86 -64.86
CA LYS F 113 -7.86 -23.12 -64.80
C LYS F 113 -7.13 -24.23 -65.55
N ARG F 114 -6.48 -23.88 -66.65
CA ARG F 114 -5.69 -24.84 -67.42
C ARG F 114 -4.50 -25.32 -66.60
N SER F 115 -4.03 -24.47 -65.69
CA SER F 115 -2.84 -24.75 -64.91
C SER F 115 -3.14 -25.53 -63.63
N GLY F 116 -3.85 -26.65 -63.76
CA GLY F 116 -4.08 -27.54 -62.64
C GLY F 116 -5.45 -27.42 -62.00
N GLY F 117 -6.39 -26.80 -62.72
CA GLY F 117 -7.74 -26.63 -62.23
C GLY F 117 -7.79 -25.83 -60.93
N LEU F 118 -7.02 -24.75 -60.89
CA LEU F 118 -6.90 -23.96 -59.67
C LEU F 118 -8.08 -23.03 -59.47
N LEU F 119 -8.33 -22.66 -58.21
CA LEU F 119 -9.37 -21.67 -57.91
C LEU F 119 -8.95 -20.30 -58.43
N VAL F 120 -9.89 -19.60 -59.06
CA VAL F 120 -9.61 -18.28 -59.60
C VAL F 120 -10.86 -17.40 -59.56
N GLY F 121 -10.70 -16.17 -59.08
CA GLY F 121 -11.78 -15.22 -59.03
C GLY F 121 -11.61 -14.12 -60.06
N ALA F 122 -12.70 -13.46 -60.41
CA ALA F 122 -12.68 -12.38 -61.38
C ALA F 122 -13.48 -11.17 -60.91
N ALA F 123 -12.99 -9.98 -61.22
CA ALA F 123 -13.64 -8.75 -60.80
C ALA F 123 -14.61 -8.24 -61.87
N VAL F 124 -15.84 -7.93 -61.46
CA VAL F 124 -16.84 -7.40 -62.37
C VAL F 124 -17.45 -6.13 -61.79
N GLY F 125 -17.52 -5.08 -62.61
CA GLY F 125 -18.09 -3.82 -62.17
C GLY F 125 -19.55 -3.70 -62.55
N VAL F 126 -20.31 -2.96 -61.74
CA VAL F 126 -21.72 -2.72 -62.02
C VAL F 126 -21.86 -1.74 -63.18
N THR F 127 -22.00 -2.27 -64.39
CA THR F 127 -22.10 -1.45 -65.57
C THR F 127 -22.94 -2.15 -66.63
N ALA F 128 -23.06 -1.52 -67.80
CA ALA F 128 -23.92 -2.02 -68.87
C ALA F 128 -23.51 -3.38 -69.38
N ASP F 129 -22.23 -3.53 -69.73
CA ASP F 129 -21.73 -4.76 -70.32
C ASP F 129 -21.34 -5.81 -69.27
N ALA F 130 -21.72 -5.57 -68.03
CA ALA F 130 -21.36 -6.43 -66.91
C ALA F 130 -21.82 -7.87 -67.13
N MET F 131 -23.03 -8.03 -67.65
CA MET F 131 -23.59 -9.35 -67.88
C MET F 131 -22.81 -10.09 -68.96
N THR F 132 -22.50 -9.38 -70.05
CA THR F 132 -21.72 -9.94 -71.13
C THR F 132 -20.34 -10.36 -70.63
N ARG F 133 -19.77 -9.56 -69.74
CA ARG F 133 -18.48 -9.86 -69.15
C ARG F 133 -18.57 -11.08 -68.24
N ILE F 134 -19.65 -11.16 -67.48
CA ILE F 134 -19.89 -12.29 -66.59
C ILE F 134 -20.10 -13.58 -67.39
N ASP F 135 -20.88 -13.48 -68.47
CA ASP F 135 -21.15 -14.62 -69.33
C ASP F 135 -19.86 -15.23 -69.88
N ALA F 136 -18.92 -14.37 -70.23
CA ALA F 136 -17.62 -14.82 -70.75
C ALA F 136 -16.81 -15.49 -69.65
N LEU F 137 -16.84 -14.91 -68.45
CA LEU F 137 -16.11 -15.46 -67.32
C LEU F 137 -16.70 -16.80 -66.88
N VAL F 138 -18.03 -16.87 -66.83
CA VAL F 138 -18.71 -18.12 -66.48
C VAL F 138 -18.41 -19.20 -67.51
N LYS F 139 -18.40 -18.82 -68.78
CA LYS F 139 -18.05 -19.74 -69.85
C LYS F 139 -16.61 -20.21 -69.72
N ALA F 140 -15.77 -19.36 -69.13
CA ALA F 140 -14.38 -19.71 -68.86
C ALA F 140 -14.25 -20.42 -67.52
N SER F 141 -15.40 -20.78 -66.93
CA SER F 141 -15.47 -21.56 -65.71
C SER F 141 -14.87 -20.87 -64.49
N VAL F 142 -15.11 -19.58 -64.34
CA VAL F 142 -14.65 -18.84 -63.18
C VAL F 142 -15.34 -19.37 -61.92
N ASP F 143 -14.64 -19.34 -60.80
CA ASP F 143 -15.17 -19.90 -59.55
C ASP F 143 -15.95 -18.88 -58.75
N ALA F 144 -15.61 -17.60 -58.91
CA ALA F 144 -16.30 -16.53 -58.20
C ALA F 144 -16.11 -15.20 -58.92
N ILE F 145 -17.19 -14.42 -58.99
CA ILE F 145 -17.11 -13.08 -59.53
C ILE F 145 -17.23 -12.03 -58.41
N VAL F 146 -16.32 -11.06 -58.41
CA VAL F 146 -16.35 -10.00 -57.42
C VAL F 146 -17.09 -8.78 -57.97
N LEU F 147 -18.35 -8.65 -57.59
CA LEU F 147 -19.17 -7.53 -58.04
C LEU F 147 -18.99 -6.36 -57.09
N ASP F 148 -17.87 -5.66 -57.24
CA ASP F 148 -17.51 -4.59 -56.31
C ASP F 148 -17.69 -3.20 -56.91
N THR F 149 -17.98 -2.24 -56.04
CA THR F 149 -18.05 -0.83 -56.43
C THR F 149 -17.44 0.02 -55.34
N ALA F 150 -17.49 1.35 -55.54
CA ALA F 150 -17.04 2.28 -54.53
C ALA F 150 -18.01 2.29 -53.36
N HIS F 151 -19.30 2.21 -53.68
CA HIS F 151 -20.35 2.18 -52.67
C HIS F 151 -21.19 0.92 -52.86
N GLY F 152 -21.03 -0.04 -51.96
CA GLY F 152 -21.75 -1.30 -52.03
C GLY F 152 -23.21 -1.14 -51.65
N HIS F 153 -23.50 -0.21 -50.75
CA HIS F 153 -24.87 0.04 -50.31
C HIS F 153 -25.61 0.93 -51.31
N SER F 154 -25.47 0.62 -52.59
CA SER F 154 -26.11 1.38 -53.67
C SER F 154 -27.12 0.53 -54.44
N GLN F 155 -28.22 1.14 -54.85
CA GLN F 155 -29.30 0.43 -55.54
C GLN F 155 -28.83 -0.27 -56.81
N GLY F 156 -27.95 0.39 -57.56
CA GLY F 156 -27.40 -0.18 -58.77
C GLY F 156 -26.66 -1.48 -58.51
N VAL F 157 -25.94 -1.52 -57.39
CA VAL F 157 -25.22 -2.72 -56.99
C VAL F 157 -26.19 -3.81 -56.53
N ILE F 158 -27.17 -3.40 -55.72
CA ILE F 158 -28.19 -4.32 -55.23
C ILE F 158 -29.04 -4.87 -56.38
N ASP F 159 -29.35 -4.02 -57.34
CA ASP F 159 -30.10 -4.44 -58.52
C ASP F 159 -29.31 -5.43 -59.36
N LYS F 160 -27.99 -5.19 -59.46
CA LYS F 160 -27.14 -6.05 -60.28
C LYS F 160 -26.96 -7.43 -59.63
N VAL F 161 -26.81 -7.45 -58.31
CA VAL F 161 -26.70 -8.71 -57.59
C VAL F 161 -27.94 -9.57 -57.79
N LYS F 162 -29.11 -8.96 -57.66
CA LYS F 162 -30.37 -9.64 -57.91
C LYS F 162 -30.43 -10.19 -59.33
N GLU F 163 -29.92 -9.41 -60.28
CA GLU F 163 -29.94 -9.80 -61.68
C GLU F 163 -29.05 -11.00 -61.97
N VAL F 164 -27.83 -10.97 -61.44
CA VAL F 164 -26.87 -12.05 -61.66
C VAL F 164 -27.26 -13.32 -60.90
N ARG F 165 -27.83 -13.14 -59.71
CA ARG F 165 -28.27 -14.26 -58.90
C ARG F 165 -29.35 -15.07 -59.60
N ALA F 166 -30.27 -14.38 -60.26
CA ALA F 166 -31.36 -15.02 -60.99
C ALA F 166 -30.84 -15.86 -62.15
N LYS F 167 -29.94 -15.28 -62.93
CA LYS F 167 -29.41 -15.96 -64.12
C LYS F 167 -28.44 -17.07 -63.75
N TYR F 168 -27.79 -16.93 -62.60
CA TYR F 168 -26.85 -17.94 -62.13
C TYR F 168 -27.10 -18.27 -60.65
N PRO F 169 -27.91 -19.30 -60.39
CA PRO F 169 -28.37 -19.64 -59.05
C PRO F 169 -27.27 -20.20 -58.13
N SER F 170 -26.24 -20.81 -58.71
CA SER F 170 -25.20 -21.45 -57.90
C SER F 170 -23.80 -20.85 -58.11
N LEU F 171 -23.75 -19.64 -58.65
CA LEU F 171 -22.48 -18.96 -58.86
C LEU F 171 -22.07 -18.13 -57.64
N ASN F 172 -20.83 -18.27 -57.21
CA ASN F 172 -20.31 -17.49 -56.10
C ASN F 172 -20.24 -16.01 -56.44
N ILE F 173 -21.00 -15.20 -55.70
CA ILE F 173 -21.03 -13.76 -55.93
C ILE F 173 -20.56 -12.98 -54.72
N ILE F 174 -19.33 -12.46 -54.80
CA ILE F 174 -18.80 -11.58 -53.76
C ILE F 174 -19.09 -10.14 -54.13
N ALA F 175 -19.72 -9.41 -53.23
CA ALA F 175 -20.12 -8.04 -53.51
C ALA F 175 -19.70 -7.05 -52.43
N GLY F 176 -19.28 -5.86 -52.85
CA GLY F 176 -18.91 -4.79 -51.94
C GLY F 176 -18.78 -3.46 -52.67
N ASN F 177 -18.23 -2.45 -52.01
CA ASN F 177 -17.81 -2.56 -50.61
C ASN F 177 -18.78 -1.87 -49.66
N VAL F 178 -18.92 -2.45 -48.48
CA VAL F 178 -19.82 -1.92 -47.46
C VAL F 178 -19.07 -1.73 -46.13
N ALA F 179 -19.68 -0.99 -45.21
CA ALA F 179 -19.07 -0.71 -43.92
C ALA F 179 -20.08 -0.77 -42.79
N THR F 180 -21.35 -0.95 -43.13
CA THR F 180 -22.41 -1.00 -42.14
C THR F 180 -23.13 -2.35 -42.12
N ALA F 181 -23.91 -2.58 -41.08
CA ALA F 181 -24.66 -3.82 -40.93
C ALA F 181 -25.85 -3.87 -41.87
N GLU F 182 -26.55 -2.73 -42.00
CA GLU F 182 -27.69 -2.64 -42.90
C GLU F 182 -27.28 -2.89 -44.34
N ALA F 183 -26.11 -2.40 -44.71
CA ALA F 183 -25.59 -2.57 -46.07
C ALA F 183 -25.32 -4.04 -46.36
N THR F 184 -24.84 -4.76 -45.35
CA THR F 184 -24.55 -6.18 -45.48
C THR F 184 -25.83 -6.98 -45.69
N LYS F 185 -26.82 -6.74 -44.82
CA LYS F 185 -28.10 -7.41 -44.91
C LYS F 185 -28.79 -7.16 -46.24
N ALA F 186 -28.72 -5.91 -46.70
CA ALA F 186 -29.31 -5.52 -47.97
C ALA F 186 -28.65 -6.27 -49.13
N LEU F 187 -27.36 -6.56 -48.99
CA LEU F 187 -26.63 -7.25 -50.02
C LEU F 187 -26.90 -8.75 -49.98
N ILE F 188 -27.02 -9.30 -48.77
CA ILE F 188 -27.33 -10.72 -48.60
C ILE F 188 -28.74 -11.02 -49.10
N GLU F 189 -29.67 -10.12 -48.81
CA GLU F 189 -31.05 -10.25 -49.28
C GLU F 189 -31.12 -10.12 -50.81
N ALA F 190 -30.13 -9.46 -51.39
CA ALA F 190 -30.05 -9.33 -52.84
C ALA F 190 -29.60 -10.64 -53.45
N GLY F 191 -28.84 -11.42 -52.69
CA GLY F 191 -28.38 -12.73 -53.12
C GLY F 191 -26.87 -12.88 -53.12
N ALA F 192 -26.19 -12.06 -52.33
CA ALA F 192 -24.73 -12.10 -52.26
C ALA F 192 -24.24 -13.33 -51.49
N ASN F 193 -23.33 -14.06 -52.10
CA ASN F 193 -22.68 -15.20 -51.46
C ASN F 193 -21.76 -14.75 -50.34
N VAL F 194 -20.84 -13.86 -50.68
CA VAL F 194 -19.87 -13.34 -49.72
C VAL F 194 -19.90 -11.81 -49.75
N VAL F 195 -19.71 -11.20 -48.60
CA VAL F 195 -19.70 -9.74 -48.49
C VAL F 195 -18.28 -9.22 -48.24
N LYS F 196 -17.89 -8.17 -48.97
CA LYS F 196 -16.56 -7.60 -48.80
C LYS F 196 -16.62 -6.25 -48.09
N VAL F 197 -15.82 -6.11 -47.03
CA VAL F 197 -15.87 -4.95 -46.16
C VAL F 197 -14.66 -4.03 -46.31
N GLY F 198 -14.90 -2.74 -46.47
CA GLY F 198 -13.82 -1.78 -46.60
C GLY F 198 -14.17 -0.50 -47.36
N ILE F 199 -14.48 0.56 -46.61
CA ILE F 199 -14.69 1.87 -47.19
C ILE F 199 -13.61 2.84 -46.70
N GLY F 200 -12.53 2.95 -47.47
CA GLY F 200 -11.44 3.85 -47.12
C GLY F 200 -10.17 3.35 -46.42
N PRO F 201 -10.09 2.07 -46.01
CA PRO F 201 -8.88 1.79 -45.24
C PRO F 201 -7.67 1.53 -46.13
N GLY F 202 -7.88 1.43 -47.43
CA GLY F 202 -6.83 1.11 -48.38
C GLY F 202 -5.59 1.99 -48.28
N SER F 203 -4.44 1.39 -48.52
CA SER F 203 -3.16 2.09 -48.41
C SER F 203 -3.02 3.17 -49.48
N ILE F 204 -3.63 2.94 -50.64
CA ILE F 204 -3.57 3.88 -51.75
C ILE F 204 -4.87 4.65 -51.90
N CYS F 205 -5.67 4.67 -50.83
CA CYS F 205 -7.01 5.25 -50.87
C CYS F 205 -7.06 6.67 -50.32
N THR F 206 -7.86 7.52 -50.96
CA THR F 206 -8.08 8.88 -50.50
C THR F 206 -9.56 9.19 -50.37
N THR F 207 -10.38 8.15 -50.35
CA THR F 207 -11.84 8.30 -50.28
C THR F 207 -12.29 9.02 -49.02
N ARG F 208 -11.74 8.61 -47.88
CA ARG F 208 -12.05 9.24 -46.60
C ARG F 208 -11.55 10.68 -46.55
N VAL F 209 -10.62 11.01 -47.45
CA VAL F 209 -10.03 12.33 -47.48
C VAL F 209 -10.78 13.26 -48.44
N VAL F 210 -11.13 12.75 -49.61
CA VAL F 210 -11.76 13.58 -50.64
C VAL F 210 -13.27 13.63 -50.51
N ALA F 211 -13.84 12.70 -49.76
CA ALA F 211 -15.29 12.64 -49.58
C ALA F 211 -15.67 12.72 -48.10
N GLY F 212 -14.72 12.43 -47.22
CA GLY F 212 -14.98 12.45 -45.80
C GLY F 212 -15.82 11.27 -45.35
N VAL F 213 -15.93 10.26 -46.21
CA VAL F 213 -16.78 9.11 -45.95
C VAL F 213 -15.96 7.86 -45.63
N GLY F 214 -16.37 7.14 -44.59
CA GLY F 214 -15.73 5.88 -44.24
C GLY F 214 -16.07 5.38 -42.85
N VAL F 215 -15.64 4.16 -42.56
CA VAL F 215 -15.76 3.58 -41.22
C VAL F 215 -14.45 2.87 -40.92
N PRO F 216 -13.85 3.16 -39.75
CA PRO F 216 -12.62 2.48 -39.32
C PRO F 216 -12.75 0.96 -39.48
N GLN F 217 -11.81 0.38 -40.23
CA GLN F 217 -11.96 -0.97 -40.77
C GLN F 217 -12.33 -2.04 -39.75
N LEU F 218 -11.72 -2.00 -38.57
CA LEU F 218 -11.97 -3.02 -37.57
C LEU F 218 -13.42 -2.99 -37.09
N THR F 219 -13.96 -1.79 -36.91
CA THR F 219 -15.37 -1.64 -36.55
C THR F 219 -16.25 -2.09 -37.70
N ALA F 220 -15.83 -1.74 -38.92
CA ALA F 220 -16.57 -2.12 -40.13
C ALA F 220 -16.62 -3.63 -40.28
N VAL F 221 -15.49 -4.29 -40.09
CA VAL F 221 -15.41 -5.74 -40.20
C VAL F 221 -16.22 -6.39 -39.08
N TYR F 222 -16.31 -5.72 -37.94
CA TYR F 222 -17.04 -6.26 -36.79
C TYR F 222 -18.56 -6.12 -36.94
N ASP F 223 -19.01 -4.96 -37.41
CA ASP F 223 -20.44 -4.71 -37.59
C ASP F 223 -21.02 -5.58 -38.69
N CYS F 224 -20.31 -5.69 -39.80
CA CYS F 224 -20.76 -6.47 -40.95
C CYS F 224 -20.78 -7.97 -40.64
N ALA F 225 -19.72 -8.47 -40.02
CA ALA F 225 -19.64 -9.87 -39.67
C ALA F 225 -20.72 -10.25 -38.66
N THR F 226 -21.11 -9.30 -37.83
CA THR F 226 -22.17 -9.51 -36.86
C THR F 226 -23.51 -9.75 -37.57
N GLU F 227 -23.83 -8.87 -38.51
CA GLU F 227 -25.06 -9.01 -39.29
C GLU F 227 -25.03 -10.25 -40.17
N ALA F 228 -23.91 -10.47 -40.85
CA ALA F 228 -23.77 -11.58 -41.78
C ALA F 228 -23.71 -12.94 -41.06
N ARG F 229 -23.39 -12.91 -39.78
CA ARG F 229 -23.32 -14.13 -38.97
C ARG F 229 -24.70 -14.74 -38.84
N LYS F 230 -25.71 -13.89 -38.75
CA LYS F 230 -27.10 -14.31 -38.58
C LYS F 230 -27.62 -15.01 -39.82
N HIS F 231 -26.97 -14.77 -40.95
CA HIS F 231 -27.39 -15.37 -42.21
C HIS F 231 -26.40 -16.47 -42.63
N GLY F 232 -25.41 -16.71 -41.80
CA GLY F 232 -24.39 -17.71 -42.08
C GLY F 232 -23.51 -17.30 -43.24
N ILE F 233 -23.39 -16.00 -43.48
CA ILE F 233 -22.61 -15.48 -44.59
C ILE F 233 -21.25 -14.98 -44.13
N PRO F 234 -20.18 -15.43 -44.80
CA PRO F 234 -18.83 -14.99 -44.47
C PRO F 234 -18.53 -13.60 -45.02
N VAL F 235 -17.69 -12.84 -44.32
CA VAL F 235 -17.27 -11.53 -44.81
C VAL F 235 -15.78 -11.52 -45.13
N ILE F 236 -15.38 -10.60 -46.02
CA ILE F 236 -13.98 -10.46 -46.38
C ILE F 236 -13.43 -9.10 -45.95
N ALA F 237 -12.47 -9.13 -45.03
CA ALA F 237 -11.80 -7.90 -44.58
C ALA F 237 -10.89 -7.39 -45.68
N ASP F 238 -11.24 -6.25 -46.26
CA ASP F 238 -10.53 -5.74 -47.44
C ASP F 238 -9.93 -4.36 -47.22
N GLY F 239 -8.59 -4.31 -47.17
CA GLY F 239 -7.87 -3.05 -47.09
C GLY F 239 -7.42 -2.67 -45.69
N GLY F 240 -6.23 -2.09 -45.60
CA GLY F 240 -5.74 -1.54 -44.35
C GLY F 240 -4.66 -2.36 -43.66
N ILE F 241 -4.44 -3.59 -44.12
CA ILE F 241 -3.43 -4.45 -43.52
C ILE F 241 -2.02 -4.10 -43.99
N LYS F 242 -1.19 -3.66 -43.05
CA LYS F 242 0.21 -3.33 -43.36
C LYS F 242 1.16 -4.34 -42.74
N TYR F 243 0.68 -5.07 -41.75
CA TYR F 243 1.48 -6.09 -41.08
C TYR F 243 0.68 -7.38 -40.91
N SER F 244 1.37 -8.50 -40.73
CA SER F 244 0.73 -9.79 -40.58
C SER F 244 -0.20 -9.82 -39.36
N GLY F 245 0.13 -9.01 -38.35
CA GLY F 245 -0.68 -8.93 -37.15
C GLY F 245 -2.03 -8.27 -37.41
N ASP F 246 -2.09 -7.42 -38.42
CA ASP F 246 -3.34 -6.77 -38.79
C ASP F 246 -4.30 -7.79 -39.35
N MET F 247 -3.77 -8.74 -40.12
CA MET F 247 -4.58 -9.80 -40.71
C MET F 247 -5.22 -10.66 -39.63
N VAL F 248 -4.45 -10.98 -38.59
CA VAL F 248 -4.96 -11.77 -37.49
C VAL F 248 -6.07 -11.04 -36.74
N LYS F 249 -5.91 -9.72 -36.60
CA LYS F 249 -6.90 -8.89 -35.92
C LYS F 249 -8.21 -8.82 -36.71
N ALA F 250 -8.09 -8.80 -38.03
CA ALA F 250 -9.26 -8.77 -38.91
C ALA F 250 -10.07 -10.05 -38.78
N LEU F 251 -9.36 -11.18 -38.79
CA LEU F 251 -10.00 -12.49 -38.67
C LEU F 251 -10.70 -12.65 -37.32
N ALA F 252 -10.05 -12.17 -36.27
CA ALA F 252 -10.62 -12.26 -34.92
C ALA F 252 -11.79 -11.30 -34.77
N ALA F 253 -11.83 -10.27 -35.61
CA ALA F 253 -12.92 -9.29 -35.57
C ALA F 253 -14.21 -9.86 -36.16
N GLY F 254 -14.09 -10.97 -36.89
CA GLY F 254 -15.25 -11.63 -37.45
C GLY F 254 -15.10 -12.05 -38.90
N ALA F 255 -13.99 -11.65 -39.52
CA ALA F 255 -13.76 -11.93 -40.94
C ALA F 255 -13.33 -13.37 -41.19
N HIS F 256 -13.87 -13.95 -42.27
CA HIS F 256 -13.47 -15.29 -42.70
C HIS F 256 -12.16 -15.24 -43.46
N VAL F 257 -11.97 -14.16 -44.21
CA VAL F 257 -10.85 -14.04 -45.13
C VAL F 257 -10.44 -12.58 -45.30
N VAL F 258 -9.15 -12.34 -45.53
CA VAL F 258 -8.65 -10.99 -45.78
C VAL F 258 -8.24 -10.80 -47.24
N MET F 259 -8.39 -9.58 -47.73
CA MET F 259 -7.94 -9.25 -49.08
C MET F 259 -6.80 -8.25 -49.02
N LEU F 260 -5.74 -8.50 -49.81
CA LEU F 260 -4.53 -7.69 -49.76
C LEU F 260 -4.14 -7.12 -51.11
N GLY F 261 -3.73 -5.85 -51.11
CA GLY F 261 -3.25 -5.21 -52.31
C GLY F 261 -1.83 -4.72 -52.14
N SER F 262 -1.59 -4.00 -51.06
CA SER F 262 -0.26 -3.45 -50.77
C SER F 262 0.78 -4.54 -50.53
N MET F 263 0.48 -5.48 -49.65
CA MET F 263 1.43 -6.52 -49.27
C MET F 263 1.67 -7.58 -50.35
N PHE F 264 1.06 -7.40 -51.51
CA PHE F 264 1.24 -8.33 -52.63
C PHE F 264 1.77 -7.63 -53.87
N ALA F 265 1.73 -6.30 -53.86
CA ALA F 265 2.12 -5.52 -55.04
C ALA F 265 3.60 -5.58 -55.35
N GLY F 266 4.42 -5.83 -54.32
CA GLY F 266 5.86 -5.91 -54.50
C GLY F 266 6.33 -7.30 -54.84
N VAL F 267 5.40 -8.25 -54.79
CA VAL F 267 5.69 -9.64 -55.10
C VAL F 267 6.03 -9.83 -56.58
N ALA F 268 6.97 -10.74 -56.86
CA ALA F 268 7.43 -11.00 -58.22
C ALA F 268 6.32 -11.43 -59.18
N GLU F 269 5.37 -12.21 -58.69
CA GLU F 269 4.28 -12.71 -59.52
C GLU F 269 3.24 -11.65 -59.84
N SER F 270 3.32 -10.50 -59.18
CA SER F 270 2.38 -9.41 -59.42
C SER F 270 2.67 -8.76 -60.78
N PRO F 271 1.62 -8.28 -61.46
CA PRO F 271 1.79 -7.60 -62.74
C PRO F 271 2.60 -6.31 -62.59
N GLY F 272 3.33 -5.95 -63.62
CA GLY F 272 4.20 -4.78 -63.57
C GLY F 272 5.65 -5.19 -63.44
N GLU F 273 6.54 -4.39 -64.01
CA GLU F 273 7.97 -4.70 -64.00
C GLU F 273 8.73 -3.88 -62.96
N THR F 274 9.77 -4.48 -62.40
CA THR F 274 10.56 -3.85 -61.35
C THR F 274 11.41 -2.69 -61.87
N GLU F 275 11.40 -1.59 -61.12
CA GLU F 275 12.29 -0.46 -61.39
C GLU F 275 13.03 -0.10 -60.11
N ILE F 276 14.30 0.25 -60.25
CA ILE F 276 15.15 0.52 -59.09
C ILE F 276 15.31 2.02 -58.81
N TYR F 277 15.12 2.39 -57.55
CA TYR F 277 15.30 3.78 -57.13
C TYR F 277 16.23 3.84 -55.92
N GLN F 278 17.38 4.48 -56.11
CA GLN F 278 18.40 4.62 -55.07
C GLN F 278 18.83 3.28 -54.45
N GLY F 279 19.17 2.33 -55.32
CA GLY F 279 19.75 1.06 -54.89
C GLY F 279 18.73 0.06 -54.38
N ARG F 280 17.45 0.38 -54.50
CA ARG F 280 16.41 -0.51 -54.02
C ARG F 280 15.36 -0.73 -55.09
N GLN F 281 14.95 -1.99 -55.26
CA GLN F 281 13.94 -2.35 -56.25
C GLN F 281 12.54 -2.03 -55.75
N PHE F 282 11.74 -1.41 -56.62
CA PHE F 282 10.36 -1.08 -56.29
C PHE F 282 9.43 -1.57 -57.38
N LYS F 283 8.15 -1.71 -57.05
CA LYS F 283 7.15 -2.06 -58.05
C LYS F 283 5.97 -1.08 -57.98
N VAL F 284 5.42 -0.73 -59.13
CA VAL F 284 4.34 0.24 -59.22
C VAL F 284 3.07 -0.28 -58.54
N TYR F 285 2.50 0.54 -57.66
CA TYR F 285 1.25 0.21 -57.00
C TYR F 285 0.36 1.44 -56.93
N ARG F 286 -0.88 1.31 -57.38
CA ARG F 286 -1.79 2.43 -57.46
C ARG F 286 -3.23 2.01 -57.23
N GLY F 287 -4.05 2.94 -56.77
CA GLY F 287 -5.47 2.68 -56.59
C GLY F 287 -6.17 2.60 -57.93
N MET F 288 -7.20 1.76 -58.01
CA MET F 288 -7.99 1.62 -59.22
C MET F 288 -8.83 2.87 -59.47
N GLY F 289 -9.02 3.65 -58.41
CA GLY F 289 -9.74 4.92 -58.51
C GLY F 289 -8.79 6.10 -58.66
N SER F 290 -7.55 5.82 -59.06
CA SER F 290 -6.57 6.88 -59.28
C SER F 290 -6.57 7.30 -60.75
N VAL F 291 -6.00 8.47 -61.01
CA VAL F 291 -5.96 9.03 -62.37
C VAL F 291 -5.28 8.08 -63.35
N GLY F 292 -4.21 7.44 -62.91
CA GLY F 292 -3.45 6.54 -63.76
C GLY F 292 -4.21 5.28 -64.15
N ALA F 293 -4.85 4.66 -63.16
CA ALA F 293 -5.56 3.40 -63.40
C ALA F 293 -6.82 3.59 -64.24
N MET F 294 -7.31 4.83 -64.30
CA MET F 294 -8.53 5.12 -65.04
C MET F 294 -8.25 5.70 -66.43
N GLU F 295 -7.16 6.45 -66.56
CA GLU F 295 -6.75 6.99 -67.86
C GLU F 295 -6.23 5.89 -68.78
N LYS F 296 -5.92 4.74 -68.20
CA LYS F 296 -5.41 3.61 -68.96
C LYS F 296 -6.47 3.06 -69.91
N LYS F 309 -10.77 16.87 -65.43
CA LYS F 309 -12.23 16.88 -65.32
C LYS F 309 -12.73 15.66 -64.55
N LEU F 310 -11.79 14.85 -64.06
CA LEU F 310 -12.14 13.62 -63.34
C LEU F 310 -11.60 13.65 -61.92
N VAL F 311 -12.43 13.24 -60.96
CA VAL F 311 -12.07 13.31 -59.55
C VAL F 311 -11.68 11.95 -58.98
N PRO F 312 -10.37 11.74 -58.77
CA PRO F 312 -9.85 10.46 -58.28
C PRO F 312 -10.09 10.27 -56.79
N GLU F 313 -10.13 9.00 -56.37
CA GLU F 313 -10.25 8.67 -54.96
C GLU F 313 -9.12 7.73 -54.55
N GLY F 314 -8.02 7.79 -55.30
CA GLY F 314 -6.85 6.98 -55.03
C GLY F 314 -5.59 7.66 -55.54
N ILE F 315 -4.44 7.23 -55.04
CA ILE F 315 -3.17 7.80 -55.46
C ILE F 315 -2.24 6.77 -56.07
N GLU F 316 -1.32 7.25 -56.91
CA GLU F 316 -0.35 6.38 -57.56
C GLU F 316 0.95 6.39 -56.76
N GLY F 317 1.71 5.30 -56.83
CA GLY F 317 2.96 5.22 -56.11
C GLY F 317 3.73 3.95 -56.37
N ARG F 318 4.47 3.50 -55.36
CA ARG F 318 5.26 2.28 -55.47
C ARG F 318 5.52 1.62 -54.12
N VAL F 319 5.89 0.35 -54.15
CA VAL F 319 6.22 -0.41 -52.95
C VAL F 319 7.49 -1.23 -53.20
N PRO F 320 8.25 -1.52 -52.15
CA PRO F 320 9.50 -2.29 -52.30
C PRO F 320 9.28 -3.70 -52.85
N TYR F 321 10.24 -4.18 -53.62
CA TYR F 321 10.22 -5.52 -54.19
C TYR F 321 10.47 -6.57 -53.12
N LYS F 322 9.63 -7.61 -53.09
CA LYS F 322 9.72 -8.64 -52.06
C LYS F 322 10.32 -9.94 -52.59
N GLY F 323 10.13 -10.19 -53.88
CA GLY F 323 10.55 -11.46 -54.47
C GLY F 323 9.37 -12.35 -54.72
N PRO F 324 9.60 -13.68 -54.74
CA PRO F 324 8.53 -14.65 -54.97
C PRO F 324 7.43 -14.58 -53.90
N LEU F 325 6.20 -14.89 -54.30
CA LEU F 325 5.05 -14.80 -53.42
C LEU F 325 5.14 -15.74 -52.22
N ALA F 326 5.80 -16.88 -52.42
CA ALA F 326 5.92 -17.92 -51.39
C ALA F 326 6.57 -17.40 -50.10
N ASP F 327 7.53 -16.50 -50.23
CA ASP F 327 8.25 -15.98 -49.06
C ASP F 327 7.41 -14.99 -48.27
N THR F 328 6.55 -14.23 -48.96
CA THR F 328 5.63 -13.32 -48.31
C THR F 328 4.49 -14.09 -47.65
N VAL F 329 3.95 -15.06 -48.37
CA VAL F 329 2.88 -15.91 -47.87
C VAL F 329 3.32 -16.65 -46.61
N HIS F 330 4.54 -17.19 -46.64
CA HIS F 330 5.07 -17.93 -45.50
C HIS F 330 5.13 -17.07 -44.25
N GLN F 331 5.48 -15.79 -44.42
CA GLN F 331 5.57 -14.86 -43.31
C GLN F 331 4.18 -14.46 -42.80
N LEU F 332 3.27 -14.21 -43.74
CA LEU F 332 1.89 -13.86 -43.38
C LEU F 332 1.23 -14.97 -42.59
N VAL F 333 1.17 -16.15 -43.18
CA VAL F 333 0.56 -17.32 -42.55
C VAL F 333 1.31 -17.69 -41.26
N GLY F 334 2.63 -17.50 -41.27
CA GLY F 334 3.44 -17.76 -40.09
C GLY F 334 3.07 -16.86 -38.92
N GLY F 335 2.69 -15.62 -39.22
CA GLY F 335 2.27 -14.69 -38.19
C GLY F 335 0.90 -15.03 -37.65
N LEU F 336 0.07 -15.64 -38.50
CA LEU F 336 -1.28 -16.02 -38.11
C LEU F 336 -1.27 -17.21 -37.14
N ARG F 337 -0.40 -18.17 -37.42
CA ARG F 337 -0.29 -19.35 -36.57
C ARG F 337 0.17 -18.99 -35.16
N ALA F 338 0.99 -17.96 -35.06
CA ALA F 338 1.46 -17.48 -33.78
C ALA F 338 0.31 -16.85 -33.00
N GLY F 339 -0.44 -15.98 -33.67
CA GLY F 339 -1.58 -15.31 -33.07
C GLY F 339 -2.62 -16.30 -32.56
N MET F 340 -2.96 -17.27 -33.41
CA MET F 340 -3.91 -18.31 -33.03
C MET F 340 -3.37 -19.13 -31.86
N GLY F 341 -2.05 -19.35 -31.86
CA GLY F 341 -1.39 -20.01 -30.76
C GLY F 341 -1.47 -19.21 -29.47
N TYR F 342 -1.42 -17.89 -29.60
CA TYR F 342 -1.54 -17.00 -28.45
C TYR F 342 -2.97 -16.94 -27.93
N CYS F 343 -3.93 -16.96 -28.85
CA CYS F 343 -5.34 -16.88 -28.49
C CYS F 343 -5.91 -18.24 -28.12
N GLY F 344 -5.13 -19.30 -28.35
CA GLY F 344 -5.57 -20.65 -28.06
C GLY F 344 -6.59 -21.15 -29.06
N ALA F 345 -6.53 -20.61 -30.27
CA ALA F 345 -7.47 -20.98 -31.33
C ALA F 345 -7.02 -22.20 -32.10
N GLN F 346 -7.78 -23.29 -31.97
CA GLN F 346 -7.48 -24.53 -32.68
C GLN F 346 -7.72 -24.36 -34.17
N ASP F 347 -8.81 -23.68 -34.52
CA ASP F 347 -9.12 -23.37 -35.92
C ASP F 347 -9.50 -21.91 -36.06
N LEU F 348 -9.80 -21.50 -37.29
CA LEU F 348 -10.11 -20.10 -37.57
C LEU F 348 -11.52 -19.75 -37.11
N GLU F 349 -12.31 -20.77 -36.81
CA GLU F 349 -13.66 -20.58 -36.31
C GLU F 349 -13.64 -20.20 -34.84
N PHE F 350 -12.77 -20.87 -34.08
CA PHE F 350 -12.62 -20.60 -32.65
C PHE F 350 -12.12 -19.18 -32.42
N LEU F 351 -11.15 -18.75 -33.24
CA LEU F 351 -10.62 -17.40 -33.16
C LEU F 351 -11.71 -16.39 -33.50
N ARG F 352 -12.49 -16.71 -34.52
CA ARG F 352 -13.55 -15.82 -34.99
C ARG F 352 -14.63 -15.62 -33.94
N GLU F 353 -14.82 -16.62 -33.07
CA GLU F 353 -15.91 -16.60 -32.11
C GLU F 353 -15.48 -16.23 -30.70
N ASN F 354 -14.23 -16.53 -30.34
CA ASN F 354 -13.79 -16.41 -28.96
C ASN F 354 -12.69 -15.40 -28.65
N ALA F 355 -11.97 -14.96 -29.66
CA ALA F 355 -10.83 -14.05 -29.45
C ALA F 355 -11.26 -12.71 -28.84
N GLN F 356 -10.42 -12.20 -27.95
CA GLN F 356 -10.73 -10.95 -27.24
C GLN F 356 -9.68 -9.88 -27.54
N PHE F 357 -10.14 -8.63 -27.65
CA PHE F 357 -9.25 -7.50 -27.91
C PHE F 357 -9.11 -6.62 -26.68
N ILE F 358 -8.06 -5.80 -26.67
CA ILE F 358 -7.93 -4.76 -25.65
C ILE F 358 -7.54 -3.45 -26.33
N ARG F 359 -8.21 -2.37 -25.95
CA ARG F 359 -8.00 -1.07 -26.58
C ARG F 359 -6.80 -0.33 -25.96
N MET F 360 -6.08 0.40 -26.81
CA MET F 360 -4.90 1.13 -26.36
C MET F 360 -4.77 2.47 -27.07
N SER F 361 -3.95 3.37 -26.52
CA SER F 361 -3.76 4.68 -27.10
C SER F 361 -2.59 4.68 -28.07
N GLY F 362 -2.13 5.87 -28.45
CA GLY F 362 -0.97 6.01 -29.31
C GLY F 362 0.30 5.58 -28.61
N ALA F 363 0.30 5.70 -27.29
CA ALA F 363 1.45 5.29 -26.48
C ALA F 363 1.60 3.78 -26.49
N GLY F 364 0.47 3.08 -26.48
CA GLY F 364 0.46 1.63 -26.56
C GLY F 364 0.98 1.16 -27.91
N LEU F 365 0.63 1.89 -28.96
CA LEU F 365 1.08 1.57 -30.32
C LEU F 365 2.60 1.69 -30.42
N LEU F 366 3.16 2.73 -29.83
CA LEU F 366 4.60 2.96 -29.85
C LEU F 366 5.36 1.90 -29.06
N GLU F 367 4.78 1.48 -27.94
CA GLU F 367 5.34 0.39 -27.15
C GLU F 367 5.22 -0.93 -27.90
N SER F 368 4.13 -1.08 -28.64
CA SER F 368 3.87 -2.30 -29.40
C SER F 368 4.94 -2.50 -30.48
N HIS F 369 5.26 -1.43 -31.20
CA HIS F 369 6.36 -1.46 -32.16
C HIS F 369 7.69 -1.40 -31.41
N PRO F 370 8.78 -1.84 -32.06
CA PRO F 370 10.12 -1.64 -31.49
C PRO F 370 10.38 -0.17 -31.18
N HIS F 371 11.17 0.11 -30.15
CA HIS F 371 11.41 1.48 -29.72
C HIS F 371 12.78 1.67 -29.09
N HIS F 372 13.36 2.85 -29.30
CA HIS F 372 14.64 3.24 -28.72
C HIS F 372 15.81 2.30 -29.06
N VAL F 373 15.69 1.59 -30.17
CA VAL F 373 16.77 0.74 -30.65
C VAL F 373 16.98 0.94 -32.15
N GLN F 374 18.19 1.36 -32.52
CA GLN F 374 18.52 1.56 -33.92
C GLN F 374 18.57 0.23 -34.65
N ILE F 375 17.54 -0.05 -35.43
CA ILE F 375 17.42 -1.32 -36.15
C ILE F 375 18.49 -1.46 -37.22
N THR F 376 19.24 -2.55 -37.16
CA THR F 376 20.33 -2.79 -38.10
C THR F 376 19.89 -3.62 -39.30
N LYS F 377 19.22 -4.74 -39.04
CA LYS F 377 18.79 -5.63 -40.12
C LYS F 377 17.29 -5.55 -40.37
N GLU F 378 16.91 -5.81 -41.61
CA GLU F 378 15.50 -5.80 -42.00
C GLU F 378 14.90 -7.19 -41.82
N ALA F 379 13.94 -7.29 -40.90
CA ALA F 379 13.28 -8.56 -40.64
C ALA F 379 12.43 -8.98 -41.83
N PRO F 380 12.27 -10.30 -42.04
CA PRO F 380 11.48 -10.79 -43.18
C PRO F 380 10.00 -10.50 -43.02
N ASN F 381 9.58 -10.10 -41.82
CA ASN F 381 8.18 -9.80 -41.56
C ASN F 381 7.93 -8.39 -41.02
N TYR F 382 8.98 -7.59 -40.91
CA TYR F 382 8.85 -6.23 -40.39
C TYR F 382 9.64 -5.21 -41.20
N SER F 383 8.91 -4.36 -41.93
CA SER F 383 9.50 -3.32 -42.77
C SER F 383 10.48 -3.89 -43.79
N PHE G 20 -3.24 -4.45 1.65
CA PHE G 20 -3.04 -5.86 1.37
C PHE G 20 -4.35 -6.65 1.52
N GLN G 21 -4.76 -6.87 2.75
CA GLN G 21 -5.95 -7.66 3.06
C GLN G 21 -7.23 -7.02 2.50
N SER G 22 -7.35 -5.71 2.63
CA SER G 22 -8.47 -4.96 2.11
C SER G 22 -8.00 -3.61 1.60
N ASN G 23 -7.89 -3.49 0.28
CA ASN G 23 -7.33 -2.28 -0.32
C ASN G 23 -8.31 -1.57 -1.27
N ALA G 24 -8.94 -0.52 -0.77
CA ALA G 24 -9.79 0.33 -1.59
C ALA G 24 -8.91 1.28 -2.39
N MET G 25 -7.65 1.37 -2.00
CA MET G 25 -6.69 2.25 -2.66
C MET G 25 -6.05 1.53 -3.85
N TRP G 26 -6.11 0.20 -3.83
CA TRP G 26 -5.57 -0.60 -4.92
C TRP G 26 -6.42 -0.47 -6.18
N GLU G 27 -7.75 -0.43 -6.00
N GLU G 27 -7.75 -0.42 -6.00
CA GLU G 27 -8.67 -0.32 -7.13
CA GLU G 27 -8.68 -0.32 -7.12
C GLU G 27 -8.83 1.12 -7.62
C GLU G 27 -8.85 1.12 -7.60
N SER G 28 -8.41 2.08 -6.80
CA SER G 28 -8.53 3.49 -7.15
C SER G 28 -7.25 4.03 -7.79
N LYS G 29 -6.36 3.14 -8.21
CA LYS G 29 -5.06 3.52 -8.74
C LYS G 29 -5.11 4.36 -10.02
N PHE G 30 -5.93 3.93 -10.98
CA PHE G 30 -5.95 4.58 -12.28
C PHE G 30 -7.26 5.32 -12.54
N VAL G 31 -7.83 5.92 -11.50
CA VAL G 31 -9.11 6.61 -11.61
C VAL G 31 -8.96 8.03 -12.18
N LYS G 32 -8.02 8.79 -11.63
CA LYS G 32 -7.87 10.20 -11.97
C LYS G 32 -7.51 10.47 -13.43
N GLU G 33 -8.11 11.53 -13.99
CA GLU G 33 -7.79 12.01 -15.32
C GLU G 33 -7.18 13.40 -15.24
N GLY G 34 -6.13 13.63 -16.02
CA GLY G 34 -5.44 14.91 -15.99
C GLY G 34 -5.46 15.63 -17.32
N LEU G 35 -5.61 16.95 -17.27
CA LEU G 35 -5.63 17.77 -18.47
C LEU G 35 -4.53 18.84 -18.44
N THR G 36 -4.03 19.18 -19.62
CA THR G 36 -3.05 20.25 -19.73
C THR G 36 -3.47 21.28 -20.78
N PHE G 37 -2.59 22.24 -21.06
CA PHE G 37 -2.89 23.36 -21.95
C PHE G 37 -3.35 22.91 -23.34
N ASP G 38 -2.63 21.95 -23.92
CA ASP G 38 -2.92 21.51 -25.28
C ASP G 38 -4.11 20.55 -25.38
N ASP G 39 -4.81 20.36 -24.27
CA ASP G 39 -5.99 19.50 -24.24
C ASP G 39 -7.27 20.31 -24.39
N VAL G 40 -7.20 21.60 -24.09
CA VAL G 40 -8.40 22.42 -23.95
C VAL G 40 -8.35 23.71 -24.76
N LEU G 41 -9.50 24.38 -24.80
CA LEU G 41 -9.63 25.71 -25.39
C LEU G 41 -10.63 26.51 -24.58
N LEU G 42 -10.40 27.82 -24.47
CA LEU G 42 -11.35 28.69 -23.78
C LEU G 42 -12.56 28.97 -24.67
N VAL G 43 -13.75 28.80 -24.13
CA VAL G 43 -14.97 29.02 -24.88
C VAL G 43 -15.37 30.48 -24.86
N PRO G 44 -15.49 31.11 -26.04
CA PRO G 44 -15.85 32.52 -26.16
C PRO G 44 -17.27 32.79 -25.66
N ALA G 45 -17.46 33.92 -24.99
CA ALA G 45 -18.75 34.27 -24.44
C ALA G 45 -19.11 35.72 -24.75
N LYS G 46 -20.28 36.15 -24.27
CA LYS G 46 -20.75 37.51 -24.44
C LYS G 46 -19.75 38.50 -23.85
N SER G 47 -19.39 39.53 -24.63
CA SER G 47 -18.39 40.49 -24.21
C SER G 47 -18.81 41.93 -24.43
N ASP G 48 -18.71 42.73 -23.38
CA ASP G 48 -19.03 44.15 -23.45
C ASP G 48 -17.77 44.98 -23.27
N VAL G 49 -16.62 44.31 -23.28
CA VAL G 49 -15.35 44.98 -23.02
C VAL G 49 -14.38 44.85 -24.19
N LEU G 50 -13.72 45.97 -24.52
CA LEU G 50 -12.62 45.96 -25.45
C LEU G 50 -11.36 45.54 -24.70
N PRO G 51 -10.47 44.78 -25.37
CA PRO G 51 -9.21 44.31 -24.77
C PRO G 51 -8.39 45.42 -24.12
N ARG G 52 -8.56 46.66 -24.59
CA ARG G 52 -7.87 47.80 -23.99
C ARG G 52 -8.39 48.07 -22.58
N GLU G 53 -9.71 48.13 -22.47
CA GLU G 53 -10.39 48.52 -21.23
C GLU G 53 -10.23 47.49 -20.12
N VAL G 54 -9.72 46.31 -20.47
CA VAL G 54 -9.56 45.22 -19.53
C VAL G 54 -8.47 45.48 -18.49
N SER G 55 -8.77 45.16 -17.23
CA SER G 55 -7.79 45.24 -16.15
C SER G 55 -7.00 43.95 -16.03
N VAL G 56 -5.72 44.06 -15.68
CA VAL G 56 -4.87 42.88 -15.51
C VAL G 56 -4.15 42.89 -14.16
N LYS G 57 -4.53 43.81 -13.29
CA LYS G 57 -3.91 43.91 -11.97
C LYS G 57 -4.28 42.70 -11.10
N THR G 58 -3.43 42.41 -10.12
CA THR G 58 -3.65 41.27 -9.23
C THR G 58 -3.16 41.58 -7.82
N VAL G 59 -3.77 40.92 -6.83
CA VAL G 59 -3.32 41.03 -5.45
C VAL G 59 -3.07 39.65 -4.85
N LEU G 60 -1.78 39.35 -4.61
CA LEU G 60 -1.42 38.08 -3.99
C LEU G 60 -1.57 38.20 -2.48
N SER G 61 -1.45 39.44 -1.99
CA SER G 61 -1.67 39.75 -0.59
C SER G 61 -1.87 41.26 -0.46
N GLU G 62 -2.22 41.69 0.75
CA GLU G 62 -2.40 43.12 1.02
C GLU G 62 -1.08 43.86 0.95
N SER G 63 0.02 43.11 1.01
CA SER G 63 1.36 43.69 0.99
C SER G 63 2.08 43.42 -0.33
N LEU G 64 1.45 42.62 -1.19
CA LEU G 64 2.06 42.28 -2.48
C LEU G 64 1.03 42.37 -3.61
N GLN G 65 1.22 43.35 -4.49
CA GLN G 65 0.27 43.63 -5.56
C GLN G 65 0.97 43.94 -6.87
N LEU G 66 0.59 43.24 -7.93
CA LEU G 66 1.23 43.39 -9.23
C LEU G 66 0.29 43.99 -10.27
N ASN G 67 0.84 44.79 -11.17
CA ASN G 67 0.05 45.37 -12.26
C ASN G 67 -0.19 44.39 -13.39
N ILE G 68 0.72 43.43 -13.55
CA ILE G 68 0.56 42.36 -14.52
C ILE G 68 0.80 41.00 -13.85
N PRO G 69 0.09 39.96 -14.31
CA PRO G 69 0.18 38.64 -13.70
C PRO G 69 1.40 37.85 -14.15
N LEU G 70 2.57 38.47 -14.14
CA LEU G 70 3.79 37.80 -14.60
C LEU G 70 4.89 37.81 -13.55
N ILE G 71 5.42 36.63 -13.26
CA ILE G 71 6.59 36.50 -12.39
C ILE G 71 7.69 35.71 -13.10
N SER G 72 8.91 36.22 -13.05
CA SER G 72 10.04 35.54 -13.66
C SER G 72 10.60 34.49 -12.70
N ALA G 73 10.93 33.33 -13.25
CA ALA G 73 11.41 32.20 -12.44
C ALA G 73 12.71 32.50 -11.72
N GLY G 74 12.88 31.92 -10.53
CA GLY G 74 14.08 32.09 -9.75
C GLY G 74 15.19 31.14 -10.20
N MET G 75 15.64 31.31 -11.44
CA MET G 75 16.68 30.45 -11.99
C MET G 75 17.88 31.28 -12.41
N ASP G 76 19.07 30.68 -12.37
CA ASP G 76 20.30 31.42 -12.66
C ASP G 76 20.42 31.87 -14.12
N THR G 77 19.56 31.35 -14.98
CA THR G 77 19.54 31.77 -16.38
C THR G 77 18.31 32.59 -16.70
N VAL G 78 17.56 32.97 -15.66
CA VAL G 78 16.34 33.75 -15.86
C VAL G 78 16.36 35.09 -15.14
N THR G 79 16.53 35.06 -13.82
CA THR G 79 16.34 36.28 -13.02
C THR G 79 17.51 36.67 -12.14
N GLU G 80 17.97 37.91 -12.33
CA GLU G 80 18.89 38.55 -11.40
C GLU G 80 18.49 40.01 -11.24
N ALA G 81 19.41 40.85 -10.76
CA ALA G 81 19.10 42.25 -10.47
C ALA G 81 18.47 43.00 -11.65
N ASP G 82 19.16 42.97 -12.79
CA ASP G 82 18.69 43.68 -13.98
C ASP G 82 17.37 43.13 -14.51
N MET G 83 17.16 41.83 -14.33
CA MET G 83 15.90 41.21 -14.74
C MET G 83 14.78 41.59 -13.79
N ALA G 84 15.05 41.53 -12.49
CA ALA G 84 14.07 41.87 -11.47
C ALA G 84 13.62 43.32 -11.58
N ILE G 85 14.56 44.19 -11.93
CA ILE G 85 14.26 45.60 -12.14
C ILE G 85 13.33 45.78 -13.34
N ALA G 86 13.69 45.16 -14.46
CA ALA G 86 12.91 45.27 -15.69
C ALA G 86 11.50 44.70 -15.53
N MET G 87 11.40 43.57 -14.82
CA MET G 87 10.11 42.96 -14.54
C MET G 87 9.24 43.88 -13.70
N ALA G 88 9.82 44.41 -12.63
CA ALA G 88 9.10 45.29 -11.71
C ALA G 88 8.65 46.58 -12.40
N ARG G 89 9.47 47.09 -13.31
CA ARG G 89 9.14 48.30 -14.04
C ARG G 89 8.05 48.05 -15.09
N GLN G 90 7.84 46.78 -15.43
CA GLN G 90 6.79 46.41 -16.35
C GLN G 90 5.50 46.08 -15.60
N GLY G 91 5.59 46.04 -14.27
CA GLY G 91 4.44 45.78 -13.43
C GLY G 91 4.40 44.35 -12.91
N GLY G 92 5.44 43.58 -13.23
CA GLY G 92 5.52 42.19 -12.82
C GLY G 92 6.36 42.00 -11.56
N LEU G 93 6.92 40.81 -11.43
CA LEU G 93 7.77 40.49 -10.28
C LEU G 93 8.89 39.54 -10.68
N GLY G 94 10.07 39.74 -10.10
CA GLY G 94 11.20 38.86 -10.34
C GLY G 94 11.65 38.19 -9.05
N ILE G 95 12.11 36.95 -9.17
CA ILE G 95 12.62 36.22 -8.02
C ILE G 95 14.11 35.95 -8.18
N ILE G 96 14.92 36.57 -7.32
CA ILE G 96 16.37 36.37 -7.36
C ILE G 96 16.72 34.93 -7.00
N HIS G 97 17.45 34.27 -7.88
CA HIS G 97 17.79 32.86 -7.68
C HIS G 97 18.77 32.67 -6.52
N LYS G 98 18.80 31.45 -5.97
CA LYS G 98 19.59 31.15 -4.78
C LYS G 98 20.91 30.48 -5.12
N ASN G 99 21.31 30.54 -6.39
CA ASN G 99 22.56 29.93 -6.81
C ASN G 99 23.75 30.85 -6.58
N MET G 100 23.52 31.91 -5.81
CA MET G 100 24.58 32.83 -5.41
C MET G 100 24.73 32.80 -3.89
N SER G 101 25.67 33.56 -3.36
CA SER G 101 25.89 33.59 -1.92
C SER G 101 24.82 34.43 -1.23
N ILE G 102 24.81 34.38 0.11
CA ILE G 102 23.85 35.14 0.90
C ILE G 102 24.11 36.64 0.78
N GLU G 103 25.38 37.02 0.86
CA GLU G 103 25.77 38.41 0.72
C GLU G 103 25.46 38.92 -0.69
N GLN G 104 25.75 38.08 -1.68
CA GLN G 104 25.49 38.44 -3.07
C GLN G 104 23.99 38.60 -3.35
N GLN G 105 23.18 37.78 -2.70
CA GLN G 105 21.75 37.80 -2.92
C GLN G 105 21.09 38.99 -2.23
N ALA G 106 21.52 39.27 -1.01
CA ALA G 106 21.04 40.44 -0.29
C ALA G 106 21.48 41.71 -1.00
N GLU G 107 22.63 41.62 -1.68
CA GLU G 107 23.14 42.73 -2.47
C GLU G 107 22.26 42.98 -3.68
N GLN G 108 21.86 41.91 -4.35
CA GLN G 108 21.02 42.01 -5.54
C GLN G 108 19.60 42.47 -5.19
N VAL G 109 19.08 41.97 -4.08
CA VAL G 109 17.76 42.38 -3.61
C VAL G 109 17.72 43.88 -3.32
N ASP G 110 18.71 44.35 -2.58
CA ASP G 110 18.83 45.77 -2.24
C ASP G 110 18.97 46.65 -3.49
N LYS G 111 19.71 46.15 -4.47
CA LYS G 111 19.93 46.88 -5.72
C LYS G 111 18.62 47.13 -6.46
N VAL G 112 17.69 46.18 -6.36
CA VAL G 112 16.40 46.29 -7.03
C VAL G 112 15.48 47.28 -6.32
N LYS G 113 15.50 47.27 -4.99
CA LYS G 113 14.63 48.14 -4.21
C LYS G 113 15.07 49.60 -4.20
N ARG G 114 16.35 49.83 -4.50
CA ARG G 114 16.87 51.19 -4.57
C ARG G 114 16.77 51.76 -5.98
N SER G 115 15.91 51.17 -6.79
CA SER G 115 15.71 51.63 -8.16
C SER G 115 14.28 52.16 -8.36
N GLY G 116 13.80 52.89 -7.36
CA GLY G 116 12.48 53.50 -7.44
C GLY G 116 11.43 52.78 -6.62
N GLY G 117 11.87 52.04 -5.61
CA GLY G 117 10.96 51.29 -4.76
C GLY G 117 10.26 50.17 -5.51
N LEU G 118 11.05 49.33 -6.18
CA LEU G 118 10.51 48.24 -6.97
C LEU G 118 10.33 46.97 -6.14
N LEU G 119 9.28 46.21 -6.44
CA LEU G 119 9.04 44.95 -5.76
C LEU G 119 10.11 43.94 -6.13
N VAL G 120 10.43 43.04 -5.22
CA VAL G 120 11.44 42.02 -5.48
C VAL G 120 11.21 40.77 -4.64
N GLY G 121 11.60 39.62 -5.17
CA GLY G 121 11.47 38.36 -4.47
C GLY G 121 12.79 37.61 -4.42
N ALA G 122 12.87 36.62 -3.55
CA ALA G 122 14.08 35.83 -3.40
C ALA G 122 13.77 34.37 -3.13
N ALA G 123 14.48 33.48 -3.80
CA ALA G 123 14.29 32.05 -3.63
C ALA G 123 15.15 31.52 -2.49
N VAL G 124 14.55 30.73 -1.61
CA VAL G 124 15.27 30.12 -0.50
C VAL G 124 14.91 28.64 -0.40
N GLY G 125 15.92 27.78 -0.32
CA GLY G 125 15.69 26.36 -0.16
C GLY G 125 15.53 25.99 1.31
N VAL G 126 15.35 24.69 1.56
CA VAL G 126 15.24 24.21 2.93
C VAL G 126 16.58 23.63 3.39
N THR G 127 17.33 24.42 4.16
CA THR G 127 18.65 24.03 4.62
C THR G 127 18.88 24.47 6.06
N ALA G 128 20.06 24.14 6.60
CA ALA G 128 20.40 24.48 7.98
C ALA G 128 20.93 25.90 8.10
N ASP G 129 20.81 26.67 7.03
CA ASP G 129 21.22 28.07 7.04
C ASP G 129 20.20 28.92 6.28
N ALA G 130 19.00 28.37 6.11
CA ALA G 130 17.94 29.06 5.38
C ALA G 130 17.48 30.32 6.11
N MET G 131 17.40 30.24 7.43
CA MET G 131 17.01 31.38 8.25
C MET G 131 18.05 32.49 8.11
N THR G 132 19.32 32.12 8.13
CA THR G 132 20.42 33.07 7.98
C THR G 132 20.29 33.82 6.65
N ARG G 133 20.08 33.08 5.57
CA ARG G 133 19.89 33.68 4.25
C ARG G 133 18.66 34.58 4.23
N ILE G 134 17.59 34.11 4.89
CA ILE G 134 16.36 34.87 4.99
C ILE G 134 16.54 36.16 5.80
N ASP G 135 17.26 36.06 6.90
CA ASP G 135 17.55 37.22 7.75
C ASP G 135 18.17 38.36 6.95
N ALA G 136 19.09 38.02 6.05
CA ALA G 136 19.76 39.01 5.22
C ALA G 136 18.80 39.62 4.21
N LEU G 137 17.87 38.80 3.73
CA LEU G 137 16.88 39.26 2.76
C LEU G 137 15.89 40.23 3.38
N VAL G 138 15.44 39.92 4.59
CA VAL G 138 14.51 40.78 5.32
C VAL G 138 15.17 42.14 5.60
N LYS G 139 16.46 42.11 5.93
CA LYS G 139 17.22 43.32 6.18
C LYS G 139 17.33 44.17 4.92
N ALA G 140 17.44 43.51 3.77
CA ALA G 140 17.52 44.19 2.49
C ALA G 140 16.13 44.57 1.99
N SER G 141 15.13 44.39 2.86
CA SER G 141 13.74 44.75 2.59
C SER G 141 13.09 43.96 1.46
N VAL G 142 13.40 42.66 1.37
CA VAL G 142 12.75 41.80 0.38
C VAL G 142 11.24 41.79 0.63
N ASP G 143 10.47 41.77 -0.45
CA ASP G 143 9.02 41.84 -0.34
C ASP G 143 8.38 40.46 -0.17
N ALA G 144 9.05 39.44 -0.70
CA ALA G 144 8.57 38.08 -0.57
C ALA G 144 9.71 37.09 -0.74
N ILE G 145 9.72 36.03 0.06
CA ILE G 145 10.69 34.98 -0.10
C ILE G 145 10.00 33.73 -0.68
N VAL G 146 10.76 32.96 -1.45
CA VAL G 146 10.17 31.79 -2.11
C VAL G 146 10.80 30.49 -1.60
N LEU G 147 10.10 29.84 -0.67
CA LEU G 147 10.53 28.53 -0.19
C LEU G 147 10.35 27.49 -1.28
N ASP G 148 11.46 27.11 -1.91
CA ASP G 148 11.40 26.28 -3.11
C ASP G 148 12.00 24.90 -2.89
N THR G 149 11.28 23.88 -3.34
CA THR G 149 11.74 22.50 -3.27
C THR G 149 11.01 21.69 -4.34
N ALA G 150 11.69 20.68 -4.89
CA ALA G 150 11.10 19.82 -5.90
C ALA G 150 9.77 19.21 -5.43
N HIS G 151 9.73 18.83 -4.15
CA HIS G 151 8.51 18.30 -3.57
C HIS G 151 8.04 19.20 -2.42
N GLY G 152 7.11 20.09 -2.73
CA GLY G 152 6.60 21.04 -1.76
C GLY G 152 5.78 20.39 -0.66
N HIS G 153 5.18 19.24 -0.97
CA HIS G 153 4.36 18.53 0.00
C HIS G 153 5.22 17.58 0.83
N SER G 154 6.19 18.14 1.54
CA SER G 154 7.05 17.38 2.44
C SER G 154 7.11 18.06 3.80
N GLN G 155 7.45 17.29 4.83
N GLN G 155 7.46 17.27 4.82
CA GLN G 155 7.49 17.83 6.19
CA GLN G 155 7.53 17.77 6.19
C GLN G 155 8.61 18.86 6.33
C GLN G 155 8.61 18.84 6.34
N GLY G 156 9.68 18.70 5.58
CA GLY G 156 10.79 19.62 5.62
C GLY G 156 10.38 21.01 5.18
N VAL G 157 9.58 21.07 4.13
CA VAL G 157 9.04 22.34 3.66
C VAL G 157 8.04 22.89 4.67
N ILE G 158 7.11 22.05 5.09
CA ILE G 158 6.09 22.42 6.08
C ILE G 158 6.70 22.97 7.36
N ASP G 159 7.73 22.30 7.86
CA ASP G 159 8.40 22.73 9.09
C ASP G 159 9.17 24.03 8.87
N LYS G 160 9.74 24.19 7.68
CA LYS G 160 10.55 25.38 7.40
C LYS G 160 9.72 26.65 7.37
N VAL G 161 8.57 26.60 6.71
CA VAL G 161 7.69 27.77 6.63
C VAL G 161 7.13 28.16 8.00
N LYS G 162 6.84 27.16 8.84
CA LYS G 162 6.40 27.43 10.20
C LYS G 162 7.44 28.23 10.98
N GLU G 163 8.71 27.91 10.77
CA GLU G 163 9.80 28.64 11.43
C GLU G 163 9.82 30.09 10.96
N VAL G 164 9.69 30.29 9.64
CA VAL G 164 9.75 31.62 9.05
C VAL G 164 8.51 32.43 9.41
N ARG G 165 7.36 31.76 9.47
CA ARG G 165 6.12 32.42 9.87
C ARG G 165 6.19 32.83 11.34
N ALA G 166 6.92 32.05 12.13
CA ALA G 166 7.09 32.35 13.54
C ALA G 166 8.01 33.55 13.74
N LYS G 167 9.11 33.56 13.00
CA LYS G 167 10.10 34.63 13.12
C LYS G 167 9.68 35.88 12.35
N TYR G 168 8.85 35.69 11.33
CA TYR G 168 8.36 36.80 10.51
C TYR G 168 6.88 36.64 10.17
N PRO G 169 6.01 37.08 11.08
CA PRO G 169 4.56 36.93 10.94
C PRO G 169 3.98 37.83 9.84
N SER G 170 4.71 38.87 9.45
CA SER G 170 4.20 39.83 8.47
C SER G 170 4.93 39.75 7.14
N LEU G 171 5.67 38.66 6.92
CA LEU G 171 6.42 38.48 5.69
C LEU G 171 5.67 37.63 4.67
N ASN G 172 5.62 38.09 3.43
CA ASN G 172 5.03 37.32 2.34
C ASN G 172 5.80 36.04 2.07
N ILE G 173 5.13 34.91 2.22
CA ILE G 173 5.77 33.61 2.02
C ILE G 173 5.14 32.85 0.86
N ILE G 174 5.94 32.62 -0.18
CA ILE G 174 5.54 31.81 -1.31
C ILE G 174 6.15 30.43 -1.18
N ALA G 175 5.32 29.40 -1.06
CA ALA G 175 5.80 28.03 -0.88
C ALA G 175 5.36 27.10 -2.00
N GLY G 176 6.11 26.01 -2.18
CA GLY G 176 5.84 25.04 -3.21
C GLY G 176 7.02 24.10 -3.39
N ASN G 177 7.02 23.32 -4.45
CA ASN G 177 5.91 23.30 -5.40
C ASN G 177 4.99 22.10 -5.17
N VAL G 178 3.69 22.33 -5.29
CA VAL G 178 2.71 21.29 -5.04
C VAL G 178 1.86 21.03 -6.29
N ALA G 179 1.16 19.90 -6.30
CA ALA G 179 0.34 19.54 -7.45
C ALA G 179 -1.04 19.04 -7.05
N THR G 180 -1.22 18.76 -5.75
CA THR G 180 -2.50 18.25 -5.26
C THR G 180 -3.17 19.24 -4.32
N ALA G 181 -4.46 19.01 -4.07
CA ALA G 181 -5.26 19.91 -3.25
C ALA G 181 -4.86 19.83 -1.78
N GLU G 182 -4.65 18.62 -1.30
CA GLU G 182 -4.30 18.40 0.09
C GLU G 182 -2.91 18.94 0.39
N ALA G 183 -2.07 19.00 -0.64
CA ALA G 183 -0.73 19.56 -0.52
C ALA G 183 -0.82 21.06 -0.29
N THR G 184 -1.69 21.71 -1.06
CA THR G 184 -1.96 23.13 -0.88
C THR G 184 -2.53 23.37 0.52
N LYS G 185 -3.42 22.47 0.93
CA LYS G 185 -4.02 22.52 2.26
C LYS G 185 -2.96 22.53 3.36
N ALA G 186 -1.91 21.73 3.18
CA ALA G 186 -0.86 21.59 4.18
C ALA G 186 0.03 22.84 4.28
N LEU G 187 0.37 23.41 3.13
CA LEU G 187 1.22 24.61 3.09
C LEU G 187 0.52 25.82 3.70
N ILE G 188 -0.78 25.95 3.43
CA ILE G 188 -1.55 27.09 3.93
C ILE G 188 -1.68 27.05 5.45
N GLU G 189 -1.86 25.85 6.00
CA GLU G 189 -1.92 25.67 7.45
C GLU G 189 -0.58 26.05 8.10
N ALA G 190 0.49 25.86 7.35
CA ALA G 190 1.84 26.07 7.88
C ALA G 190 2.20 27.56 8.00
N GLY G 191 1.62 28.39 7.13
CA GLY G 191 1.81 29.82 7.24
C GLY G 191 2.05 30.53 5.92
N ALA G 192 2.15 29.77 4.84
CA ALA G 192 2.37 30.34 3.53
C ALA G 192 1.11 31.06 3.04
N ASN G 193 1.27 32.33 2.66
CA ASN G 193 0.14 33.11 2.16
C ASN G 193 0.03 33.07 0.65
N VAL G 194 1.01 32.44 0.00
CA VAL G 194 0.97 32.21 -1.45
C VAL G 194 1.48 30.79 -1.75
N VAL G 195 0.75 30.05 -2.57
CA VAL G 195 1.11 28.69 -2.92
C VAL G 195 1.52 28.57 -4.39
N LYS G 196 2.66 27.93 -4.65
CA LYS G 196 3.15 27.77 -6.01
C LYS G 196 2.88 26.37 -6.56
N VAL G 197 2.20 26.31 -7.70
CA VAL G 197 1.76 25.03 -8.25
C VAL G 197 2.52 24.64 -9.51
N GLY G 198 3.03 23.41 -9.54
CA GLY G 198 3.72 22.90 -10.70
C GLY G 198 4.78 21.87 -10.38
N ILE G 199 4.53 20.63 -10.77
CA ILE G 199 5.51 19.55 -10.63
C ILE G 199 5.65 18.81 -11.96
N GLY G 200 6.70 19.13 -12.70
CA GLY G 200 6.94 18.52 -13.99
C GLY G 200 6.52 19.20 -15.29
N PRO G 201 5.90 20.40 -15.25
CA PRO G 201 5.55 20.90 -16.57
C PRO G 201 6.65 21.76 -17.19
N GLY G 202 7.74 21.96 -16.45
CA GLY G 202 8.82 22.81 -16.90
C GLY G 202 9.39 22.41 -18.25
N SER G 203 9.68 23.42 -19.07
CA SER G 203 10.21 23.20 -20.42
C SER G 203 11.56 22.50 -20.39
N ILE G 204 12.28 22.66 -19.29
CA ILE G 204 13.60 22.07 -19.11
C ILE G 204 13.57 20.95 -18.08
N CYS G 205 12.37 20.56 -17.69
CA CYS G 205 12.18 19.58 -16.62
C CYS G 205 12.11 18.14 -17.14
N THR G 206 12.65 17.21 -16.36
CA THR G 206 12.62 15.79 -16.72
C THR G 206 12.14 14.95 -15.54
N THR G 207 11.55 15.61 -14.54
CA THR G 207 11.08 14.93 -13.33
C THR G 207 10.13 13.78 -13.63
N ARG G 208 9.12 14.06 -14.44
CA ARG G 208 8.14 13.04 -14.82
C ARG G 208 8.78 11.91 -15.62
N VAL G 209 9.90 12.20 -16.26
CA VAL G 209 10.60 11.21 -17.08
C VAL G 209 11.52 10.33 -16.24
N VAL G 210 12.19 10.92 -15.25
CA VAL G 210 13.18 10.20 -14.47
C VAL G 210 12.67 9.74 -13.10
N ALA G 211 11.56 10.33 -12.65
CA ALA G 211 10.97 9.95 -11.37
C ALA G 211 9.58 9.34 -11.56
N GLY G 212 8.98 9.58 -12.73
CA GLY G 212 7.66 9.06 -13.04
C GLY G 212 6.55 9.78 -12.28
N VAL G 213 6.91 10.87 -11.63
CA VAL G 213 5.98 11.60 -10.78
C VAL G 213 5.56 12.92 -11.40
N GLY G 214 4.26 13.20 -11.39
CA GLY G 214 3.75 14.47 -11.84
C GLY G 214 2.24 14.54 -11.93
N VAL G 215 1.74 15.74 -12.19
CA VAL G 215 0.33 15.99 -12.45
C VAL G 215 0.25 17.00 -13.58
N PRO G 216 -0.58 16.72 -14.60
CA PRO G 216 -0.78 17.65 -15.72
C PRO G 216 -1.09 19.06 -15.18
N GLN G 217 -0.35 20.04 -15.67
CA GLN G 217 -0.32 21.38 -15.07
C GLN G 217 -1.68 22.06 -14.91
N LEU G 218 -2.49 22.01 -15.96
CA LEU G 218 -3.80 22.66 -15.93
C LEU G 218 -4.69 22.04 -14.85
N THR G 219 -4.62 20.73 -14.71
CA THR G 219 -5.35 20.03 -13.67
C THR G 219 -4.74 20.34 -12.30
N ALA G 220 -3.41 20.42 -12.26
CA ALA G 220 -2.70 20.75 -11.03
C ALA G 220 -3.07 22.14 -10.54
N VAL G 221 -3.10 23.10 -11.45
CA VAL G 221 -3.51 24.47 -11.12
C VAL G 221 -4.96 24.50 -10.66
N TYR G 222 -5.81 23.74 -11.35
CA TYR G 222 -7.24 23.72 -11.05
C TYR G 222 -7.57 23.05 -9.72
N ASP G 223 -6.92 21.92 -9.44
CA ASP G 223 -7.15 21.20 -8.20
C ASP G 223 -6.69 22.00 -6.98
N CYS G 224 -5.53 22.63 -7.11
CA CYS G 224 -4.95 23.41 -6.01
C CYS G 224 -5.72 24.70 -5.75
N ALA G 225 -6.34 25.24 -6.80
CA ALA G 225 -7.10 26.48 -6.68
C ALA G 225 -8.43 26.24 -6.00
N THR G 226 -8.97 25.04 -6.15
CA THR G 226 -10.25 24.69 -5.52
C THR G 226 -10.10 24.67 -4.00
N GLU G 227 -8.95 24.21 -3.53
CA GLU G 227 -8.70 24.12 -2.10
C GLU G 227 -8.11 25.41 -1.56
N ALA G 228 -7.54 26.22 -2.46
CA ALA G 228 -6.99 27.52 -2.08
C ALA G 228 -8.10 28.57 -2.05
N ARG G 229 -9.14 28.35 -2.83
CA ARG G 229 -10.31 29.23 -2.82
C ARG G 229 -11.02 29.14 -1.48
N LYS G 230 -10.91 27.99 -0.83
CA LYS G 230 -11.52 27.79 0.48
C LYS G 230 -10.92 28.73 1.53
N HIS G 231 -9.63 28.99 1.41
CA HIS G 231 -8.93 29.84 2.38
C HIS G 231 -8.80 31.28 1.90
N GLY G 232 -8.95 31.49 0.61
CA GLY G 232 -8.79 32.81 0.03
C GLY G 232 -7.34 33.09 -0.33
N ILE G 233 -6.62 32.03 -0.69
CA ILE G 233 -5.20 32.12 -1.00
C ILE G 233 -4.97 32.01 -2.50
N PRO G 234 -4.16 32.93 -3.07
CA PRO G 234 -3.82 32.86 -4.49
C PRO G 234 -2.80 31.76 -4.78
N VAL G 235 -2.83 31.22 -5.98
CA VAL G 235 -1.86 30.21 -6.39
C VAL G 235 -1.07 30.69 -7.61
N ILE G 236 0.16 30.18 -7.74
CA ILE G 236 1.01 30.53 -8.87
C ILE G 236 1.16 29.37 -9.83
N ALA G 237 0.79 29.59 -11.09
CA ALA G 237 0.99 28.60 -12.14
C ALA G 237 2.45 28.64 -12.61
N ASP G 238 3.24 27.69 -12.16
CA ASP G 238 4.68 27.70 -12.41
C ASP G 238 5.15 26.63 -13.39
N GLY G 239 5.55 27.06 -14.58
CA GLY G 239 6.07 26.15 -15.59
C GLY G 239 5.00 25.65 -16.56
N GLY G 240 5.42 25.33 -17.78
CA GLY G 240 4.53 24.74 -18.75
C GLY G 240 4.06 25.69 -19.84
N ILE G 241 4.06 26.98 -19.53
CA ILE G 241 3.57 27.97 -20.48
C ILE G 241 4.51 28.09 -21.68
N LYS G 242 3.97 27.93 -22.88
CA LYS G 242 4.75 27.95 -24.11
C LYS G 242 4.34 29.11 -24.99
N TYR G 243 3.08 29.52 -24.88
CA TYR G 243 2.55 30.64 -25.64
C TYR G 243 1.71 31.52 -24.73
N SER G 244 1.40 32.73 -25.19
CA SER G 244 0.60 33.67 -24.42
C SER G 244 -0.78 33.10 -24.07
N GLY G 245 -1.28 32.21 -24.92
CA GLY G 245 -2.55 31.55 -24.68
C GLY G 245 -2.51 30.61 -23.50
N ASP G 246 -1.38 29.93 -23.31
CA ASP G 246 -1.20 29.00 -22.20
C ASP G 246 -1.32 29.72 -20.85
N MET G 247 -0.90 30.97 -20.83
CA MET G 247 -1.01 31.79 -19.63
C MET G 247 -2.47 32.12 -19.33
N VAL G 248 -3.22 32.45 -20.37
CA VAL G 248 -4.63 32.78 -20.25
C VAL G 248 -5.40 31.56 -19.73
N LYS G 249 -4.97 30.37 -20.12
CA LYS G 249 -5.60 29.14 -19.66
C LYS G 249 -5.31 28.88 -18.19
N ALA G 250 -4.07 29.12 -17.79
CA ALA G 250 -3.66 28.93 -16.40
C ALA G 250 -4.42 29.86 -15.47
N LEU G 251 -4.53 31.12 -15.86
CA LEU G 251 -5.24 32.11 -15.05
C LEU G 251 -6.72 31.79 -14.98
N ALA G 252 -7.27 31.26 -16.07
CA ALA G 252 -8.68 30.89 -16.12
C ALA G 252 -8.92 29.58 -15.37
N ALA G 253 -7.85 28.84 -15.11
CA ALA G 253 -7.95 27.57 -14.41
C ALA G 253 -8.02 27.77 -12.90
N GLY G 254 -7.78 28.99 -12.45
CA GLY G 254 -7.88 29.32 -11.04
C GLY G 254 -6.67 30.02 -10.46
N ALA G 255 -5.66 30.27 -11.31
CA ALA G 255 -4.42 30.89 -10.85
C ALA G 255 -4.47 32.42 -10.88
N HIS G 256 -3.89 33.05 -9.86
CA HIS G 256 -3.83 34.51 -9.79
C HIS G 256 -2.70 35.06 -10.64
N VAL G 257 -1.64 34.26 -10.78
CA VAL G 257 -0.43 34.72 -11.46
C VAL G 257 0.34 33.53 -12.01
N VAL G 258 1.10 33.75 -13.09
CA VAL G 258 1.91 32.69 -13.67
C VAL G 258 3.40 32.97 -13.50
N MET G 259 4.20 31.90 -13.50
CA MET G 259 5.65 32.03 -13.40
C MET G 259 6.32 31.45 -14.63
N LEU G 260 7.12 32.26 -15.31
CA LEU G 260 7.70 31.88 -16.59
C LEU G 260 9.23 31.79 -16.53
N GLY G 261 9.78 30.83 -17.27
CA GLY G 261 11.22 30.62 -17.31
C GLY G 261 11.77 30.69 -18.73
N SER G 262 11.42 29.71 -19.55
CA SER G 262 11.92 29.63 -20.92
C SER G 262 11.53 30.84 -21.78
N MET G 263 10.37 31.42 -21.49
CA MET G 263 9.88 32.53 -22.29
C MET G 263 10.57 33.83 -21.91
N PHE G 264 11.16 33.86 -20.72
CA PHE G 264 11.85 35.04 -20.22
C PHE G 264 13.37 34.90 -20.35
N ALA G 265 13.84 33.70 -20.65
CA ALA G 265 15.27 33.41 -20.68
C ALA G 265 15.99 34.02 -21.88
N GLY G 266 15.29 34.13 -23.00
CA GLY G 266 15.88 34.67 -24.21
C GLY G 266 15.78 36.19 -24.27
N VAL G 267 15.75 36.82 -23.10
CA VAL G 267 15.59 38.26 -23.00
C VAL G 267 16.91 38.93 -22.63
N ALA G 268 17.03 40.21 -22.95
CA ALA G 268 18.26 40.96 -22.70
C ALA G 268 18.64 41.05 -21.22
N GLU G 269 17.66 41.41 -20.38
CA GLU G 269 17.92 41.62 -18.97
C GLU G 269 18.26 40.33 -18.20
N SER G 270 17.89 39.19 -18.77
CA SER G 270 18.19 37.90 -18.15
C SER G 270 19.69 37.67 -18.13
N PRO G 271 20.19 36.95 -17.12
CA PRO G 271 21.63 36.66 -16.98
C PRO G 271 22.21 35.98 -18.23
N GLY G 272 23.54 36.04 -18.38
CA GLY G 272 24.22 35.40 -19.49
C GLY G 272 24.24 36.25 -20.74
N GLU G 273 25.27 36.08 -21.57
CA GLU G 273 25.37 36.85 -22.81
C GLU G 273 24.88 36.06 -24.03
N THR G 274 24.65 36.78 -25.12
CA THR G 274 24.16 36.18 -26.36
C THR G 274 25.24 35.35 -27.05
N GLU G 275 24.82 34.23 -27.65
CA GLU G 275 25.70 33.36 -28.40
C GLU G 275 25.07 33.08 -29.76
N ILE G 276 25.89 32.93 -30.80
CA ILE G 276 25.35 32.61 -32.12
C ILE G 276 25.35 31.12 -32.41
N TYR G 277 24.16 30.53 -32.43
CA TYR G 277 23.97 29.14 -32.79
C TYR G 277 22.85 29.03 -33.81
N GLN G 278 23.04 28.18 -34.81
CA GLN G 278 22.05 27.94 -35.86
C GLN G 278 21.69 29.20 -36.65
N GLY G 279 22.70 30.04 -36.90
CA GLY G 279 22.53 31.21 -37.74
C GLY G 279 22.06 32.46 -37.02
N ARG G 280 21.52 32.29 -35.81
CA ARG G 280 20.97 33.41 -35.05
C ARG G 280 21.57 33.49 -33.66
N GLN G 281 21.20 34.53 -32.92
CA GLN G 281 21.66 34.70 -31.55
C GLN G 281 20.80 33.90 -30.58
N PHE G 282 21.46 33.17 -29.68
CA PHE G 282 20.75 32.40 -28.66
C PHE G 282 21.19 32.81 -27.26
N LYS G 283 20.57 32.21 -26.25
CA LYS G 283 20.90 32.49 -24.86
C LYS G 283 20.76 31.23 -24.01
N VAL G 284 21.72 31.02 -23.13
CA VAL G 284 21.76 29.82 -22.29
C VAL G 284 20.57 29.72 -21.34
N TYR G 285 19.97 28.53 -21.28
CA TYR G 285 18.86 28.28 -20.36
C TYR G 285 18.83 26.82 -19.92
N ARG G 286 19.02 26.59 -18.62
CA ARG G 286 18.99 25.24 -18.07
C ARG G 286 18.24 25.19 -16.75
N GLY G 287 17.74 24.01 -16.40
CA GLY G 287 17.03 23.82 -15.16
C GLY G 287 17.96 23.82 -13.96
N MET G 288 17.45 24.21 -12.81
CA MET G 288 18.25 24.25 -11.58
C MET G 288 18.56 22.83 -11.09
N GLY G 289 17.81 21.85 -11.60
CA GLY G 289 18.03 20.47 -11.22
C GLY G 289 18.98 19.76 -12.17
N SER G 290 19.43 20.47 -13.20
CA SER G 290 20.36 19.92 -14.17
C SER G 290 21.78 19.92 -13.62
N VAL G 291 22.71 19.32 -14.37
CA VAL G 291 24.09 19.19 -13.92
C VAL G 291 24.77 20.55 -13.75
N GLY G 292 24.76 21.35 -14.82
CA GLY G 292 25.43 22.64 -14.82
C GLY G 292 25.00 23.59 -13.74
N ALA G 293 23.74 23.48 -13.32
CA ALA G 293 23.21 24.36 -12.28
C ALA G 293 23.33 23.73 -10.90
N MET G 294 24.05 22.61 -10.81
CA MET G 294 24.23 21.93 -9.53
C MET G 294 25.70 21.67 -9.22
N GLU G 295 26.58 22.11 -10.12
CA GLU G 295 28.01 21.98 -9.88
C GLU G 295 28.50 23.12 -8.99
N LYS G 296 27.67 24.15 -8.88
CA LYS G 296 27.98 25.30 -8.02
C LYS G 296 27.86 24.92 -6.55
N GLY G 297 26.73 24.32 -6.19
CA GLY G 297 26.48 23.92 -4.82
C GLY G 297 27.08 22.56 -4.49
N SER G 298 27.87 22.01 -5.39
CA SER G 298 28.52 20.74 -5.16
C SER G 298 29.80 20.93 -4.35
N LYS G 299 30.33 22.14 -4.36
CA LYS G 299 31.54 22.46 -3.61
C LYS G 299 31.21 22.79 -2.15
N LYS G 308 27.91 10.68 -3.83
CA LYS G 308 26.96 10.24 -4.84
C LYS G 308 26.87 11.25 -5.97
N LYS G 309 27.02 10.78 -7.21
CA LYS G 309 26.85 11.64 -8.38
C LYS G 309 25.40 12.10 -8.48
N LEU G 310 25.19 13.24 -9.12
CA LEU G 310 23.86 13.81 -9.24
C LEU G 310 22.95 12.96 -10.13
N VAL G 311 21.73 12.72 -9.66
CA VAL G 311 20.67 12.21 -10.50
C VAL G 311 19.78 13.40 -10.84
N PRO G 312 20.09 14.08 -11.94
CA PRO G 312 19.46 15.36 -12.29
C PRO G 312 18.00 15.21 -12.69
N GLU G 313 17.22 16.26 -12.47
CA GLU G 313 15.83 16.28 -12.89
C GLU G 313 15.60 17.45 -13.83
N GLY G 314 16.60 17.73 -14.67
CA GLY G 314 16.54 18.81 -15.62
C GLY G 314 17.64 18.72 -16.65
N ILE G 315 17.51 19.48 -17.72
CA ILE G 315 18.49 19.47 -18.81
C ILE G 315 19.00 20.87 -19.13
N GLU G 316 20.02 20.94 -19.97
CA GLU G 316 20.61 22.22 -20.36
C GLU G 316 20.36 22.52 -21.83
N GLY G 317 19.97 23.77 -22.12
CA GLY G 317 19.64 24.14 -23.48
C GLY G 317 19.82 25.59 -23.86
N ARG G 318 19.20 25.96 -24.99
CA ARG G 318 19.30 27.31 -25.54
C ARG G 318 17.94 27.80 -26.02
N VAL G 319 17.69 29.10 -25.86
CA VAL G 319 16.47 29.72 -26.35
C VAL G 319 16.81 30.96 -27.19
N PRO G 320 16.02 31.23 -28.24
CA PRO G 320 16.23 32.37 -29.13
C PRO G 320 16.25 33.71 -28.38
N TYR G 321 17.10 34.62 -28.83
CA TYR G 321 17.21 35.95 -28.22
C TYR G 321 16.09 36.87 -28.69
N LYS G 322 15.24 37.30 -27.75
CA LYS G 322 14.05 38.06 -28.06
C LYS G 322 14.22 39.57 -27.87
N GLY G 323 15.38 39.96 -27.36
CA GLY G 323 15.68 41.38 -27.18
C GLY G 323 15.24 41.93 -25.83
N PRO G 324 14.83 43.21 -25.81
CA PRO G 324 14.34 43.90 -24.61
C PRO G 324 13.14 43.17 -24.00
N LEU G 325 12.96 43.33 -22.69
CA LEU G 325 11.87 42.66 -22.00
C LEU G 325 10.50 43.25 -22.35
N ALA G 326 10.48 44.56 -22.57
CA ALA G 326 9.24 45.28 -22.86
C ALA G 326 8.49 44.72 -24.06
N ASP G 327 9.22 44.24 -25.06
CA ASP G 327 8.62 43.68 -26.25
C ASP G 327 7.92 42.36 -25.95
N THR G 328 8.59 41.50 -25.20
CA THR G 328 8.02 40.21 -24.81
C THR G 328 6.79 40.40 -23.92
N VAL G 329 6.93 41.23 -22.89
CA VAL G 329 5.83 41.50 -21.96
C VAL G 329 4.60 42.06 -22.68
N HIS G 330 4.83 42.95 -23.64
CA HIS G 330 3.74 43.52 -24.43
C HIS G 330 2.94 42.44 -25.14
N GLN G 331 3.63 41.44 -25.66
CA GLN G 331 2.99 40.34 -26.38
C GLN G 331 2.18 39.44 -25.44
N LEU G 332 2.77 39.08 -24.31
CA LEU G 332 2.11 38.23 -23.33
C LEU G 332 0.84 38.89 -22.79
N VAL G 333 0.97 40.10 -22.27
CA VAL G 333 -0.15 40.86 -21.76
C VAL G 333 -1.14 41.16 -22.89
N GLY G 334 -0.62 41.44 -24.08
CA GLY G 334 -1.45 41.68 -25.25
C GLY G 334 -2.25 40.45 -25.64
N GLY G 335 -1.68 39.28 -25.38
CA GLY G 335 -2.38 38.03 -25.63
C GLY G 335 -3.42 37.75 -24.57
N LEU G 336 -3.12 38.18 -23.35
CA LEU G 336 -4.05 38.02 -22.22
C LEU G 336 -5.29 38.87 -22.44
N ARG G 337 -5.09 40.14 -22.80
CA ARG G 337 -6.20 41.05 -23.04
C ARG G 337 -7.11 40.55 -24.15
N ALA G 338 -6.51 39.96 -25.19
CA ALA G 338 -7.29 39.39 -26.28
C ALA G 338 -8.14 38.23 -25.77
N GLY G 339 -7.51 37.34 -25.00
CA GLY G 339 -8.21 36.21 -24.42
C GLY G 339 -9.30 36.62 -23.46
N MET G 340 -9.03 37.65 -22.65
CA MET G 340 -10.00 38.15 -21.69
C MET G 340 -11.15 38.85 -22.40
N GLY G 341 -10.88 39.42 -23.56
CA GLY G 341 -11.90 40.05 -24.37
C GLY G 341 -12.88 39.04 -24.93
N TYR G 342 -12.34 37.89 -25.36
CA TYR G 342 -13.16 36.81 -25.90
C TYR G 342 -14.09 36.23 -24.84
N CYS G 343 -13.57 36.09 -23.62
CA CYS G 343 -14.33 35.49 -22.53
C CYS G 343 -15.25 36.50 -21.85
N GLY G 344 -15.15 37.75 -22.26
CA GLY G 344 -15.97 38.81 -21.70
C GLY G 344 -15.54 39.19 -20.29
N ALA G 345 -14.28 38.89 -19.96
CA ALA G 345 -13.75 39.17 -18.64
C ALA G 345 -13.21 40.59 -18.52
N GLN G 346 -13.84 41.38 -17.65
CA GLN G 346 -13.39 42.75 -17.43
C GLN G 346 -12.20 42.79 -16.48
N ASP G 347 -12.14 41.81 -15.58
CA ASP G 347 -10.98 41.63 -14.72
C ASP G 347 -10.64 40.16 -14.50
N LEU G 348 -9.54 39.90 -13.81
CA LEU G 348 -9.06 38.53 -13.62
C LEU G 348 -9.93 37.71 -12.67
N GLU G 349 -10.78 38.39 -11.89
CA GLU G 349 -11.67 37.68 -10.99
C GLU G 349 -12.83 37.08 -11.77
N PHE G 350 -13.31 37.81 -12.77
CA PHE G 350 -14.38 37.31 -13.64
C PHE G 350 -13.87 36.14 -14.47
N LEU G 351 -12.64 36.25 -14.95
CA LEU G 351 -12.03 35.20 -15.76
C LEU G 351 -11.76 33.95 -14.93
N ARG G 352 -11.55 34.14 -13.63
CA ARG G 352 -11.25 33.01 -12.76
C ARG G 352 -12.52 32.31 -12.31
N GLU G 353 -13.63 33.03 -12.32
CA GLU G 353 -14.90 32.52 -11.81
C GLU G 353 -15.85 32.04 -12.91
N ASN G 354 -15.74 32.63 -14.09
CA ASN G 354 -16.74 32.39 -15.14
C ASN G 354 -16.22 31.75 -16.43
N ALA G 355 -14.90 31.69 -16.60
CA ALA G 355 -14.33 31.13 -17.82
C ALA G 355 -14.57 29.63 -17.93
N GLN G 356 -14.93 29.19 -19.13
CA GLN G 356 -15.23 27.79 -19.39
C GLN G 356 -14.29 27.22 -20.45
N PHE G 357 -13.82 26.00 -20.22
CA PHE G 357 -12.95 25.33 -21.18
C PHE G 357 -13.71 24.26 -21.96
N ILE G 358 -13.15 23.86 -23.10
CA ILE G 358 -13.68 22.73 -23.85
C ILE G 358 -12.54 21.81 -24.28
N ARG G 359 -12.73 20.51 -24.06
CA ARG G 359 -11.67 19.54 -24.34
C ARG G 359 -11.62 19.16 -25.82
N MET G 360 -10.42 18.88 -26.31
CA MET G 360 -10.22 18.51 -27.70
C MET G 360 -9.17 17.42 -27.84
N SER G 361 -9.02 16.91 -29.05
CA SER G 361 -8.04 15.86 -29.33
C SER G 361 -6.78 16.45 -29.94
N GLY G 362 -5.86 15.58 -30.36
CA GLY G 362 -4.65 16.01 -31.04
C GLY G 362 -5.01 16.61 -32.38
N ALA G 363 -6.09 16.14 -32.98
CA ALA G 363 -6.59 16.68 -34.24
C ALA G 363 -7.11 18.09 -34.04
N GLY G 364 -7.57 18.38 -32.82
CA GLY G 364 -8.02 19.71 -32.46
C GLY G 364 -6.84 20.63 -32.19
N LEU G 365 -5.77 20.06 -31.63
CA LEU G 365 -4.56 20.81 -31.36
C LEU G 365 -3.90 21.27 -32.66
N LEU G 366 -3.76 20.35 -33.61
CA LEU G 366 -3.17 20.66 -34.91
C LEU G 366 -3.99 21.70 -35.67
N GLU G 367 -5.30 21.68 -35.45
CA GLU G 367 -6.19 22.66 -36.07
C GLU G 367 -6.00 24.03 -35.43
N SER G 368 -5.76 24.05 -34.12
CA SER G 368 -5.57 25.28 -33.38
C SER G 368 -4.35 26.05 -33.88
N HIS G 369 -3.26 25.33 -34.12
CA HIS G 369 -2.05 25.93 -34.67
C HIS G 369 -2.22 26.20 -36.15
N PRO G 370 -1.37 27.07 -36.72
CA PRO G 370 -1.37 27.23 -38.18
C PRO G 370 -1.07 25.90 -38.86
N HIS G 371 -1.72 25.63 -39.98
CA HIS G 371 -1.56 24.34 -40.65
C HIS G 371 -1.62 24.46 -42.17
N HIS G 372 -0.94 23.54 -42.84
CA HIS G 372 -0.95 23.43 -44.30
C HIS G 372 -0.52 24.70 -45.03
N VAL G 373 0.30 25.50 -44.36
CA VAL G 373 0.85 26.71 -44.95
C VAL G 373 2.31 26.89 -44.53
N GLN G 374 3.20 27.00 -45.50
CA GLN G 374 4.61 27.29 -45.23
C GLN G 374 4.74 28.72 -44.69
N ILE G 375 5.16 28.84 -43.43
CA ILE G 375 5.32 30.15 -42.81
C ILE G 375 6.60 30.83 -43.30
N THR G 376 6.46 32.03 -43.85
CA THR G 376 7.58 32.73 -44.47
C THR G 376 8.26 33.73 -43.55
N LYS G 377 7.51 34.24 -42.57
CA LYS G 377 8.07 35.18 -41.61
C LYS G 377 7.52 34.89 -40.21
N GLU G 378 8.38 35.04 -39.20
CA GLU G 378 7.97 34.75 -37.83
C GLU G 378 7.24 35.93 -37.19
N ALA G 379 6.20 35.61 -36.43
CA ALA G 379 5.41 36.62 -35.73
C ALA G 379 6.07 36.94 -34.39
N PRO G 380 5.79 38.14 -33.84
CA PRO G 380 6.37 38.51 -32.55
C PRO G 380 5.80 37.70 -31.38
N ASN G 381 4.83 36.84 -31.65
CA ASN G 381 4.19 36.06 -30.60
C ASN G 381 3.98 34.60 -30.98
N TYR G 382 4.74 34.13 -31.97
CA TYR G 382 4.61 32.73 -32.41
C TYR G 382 5.89 32.25 -33.10
N SER G 383 6.33 31.06 -32.70
CA SER G 383 7.55 30.43 -33.25
C SER G 383 8.77 31.33 -33.15
N SER H 22 -23.83 29.45 -5.12
CA SER H 22 -23.68 28.46 -6.18
C SER H 22 -22.21 28.26 -6.54
N ASN H 23 -21.81 27.01 -6.75
CA ASN H 23 -20.45 26.69 -7.15
C ASN H 23 -20.45 25.96 -8.49
N ALA H 24 -21.47 26.23 -9.29
CA ALA H 24 -21.69 25.52 -10.54
C ALA H 24 -20.64 25.82 -11.61
N MET H 25 -20.48 27.09 -11.95
CA MET H 25 -19.58 27.51 -13.01
C MET H 25 -18.13 27.10 -12.76
N TRP H 26 -17.76 26.98 -11.49
CA TRP H 26 -16.40 26.57 -11.14
C TRP H 26 -16.19 25.09 -11.46
N GLU H 27 -17.26 24.31 -11.36
CA GLU H 27 -17.17 22.87 -11.60
C GLU H 27 -17.57 22.54 -13.04
N SER H 28 -18.06 23.54 -13.77
CA SER H 28 -18.47 23.35 -15.15
C SER H 28 -17.31 23.62 -16.10
N LYS H 29 -16.14 23.94 -15.54
CA LYS H 29 -14.99 24.39 -16.32
C LYS H 29 -14.51 23.42 -17.40
N PHE H 30 -14.42 22.15 -17.06
CA PHE H 30 -13.84 21.17 -17.99
C PHE H 30 -14.78 20.02 -18.34
N VAL H 31 -16.04 20.32 -18.56
CA VAL H 31 -17.03 19.28 -18.86
C VAL H 31 -17.25 19.09 -20.36
N LYS H 32 -17.20 20.19 -21.12
CA LYS H 32 -17.52 20.15 -22.54
C LYS H 32 -16.45 19.45 -23.39
N GLU H 33 -16.90 18.91 -24.52
CA GLU H 33 -16.03 18.15 -25.41
C GLU H 33 -16.29 18.55 -26.87
N GLY H 34 -15.22 18.89 -27.58
CA GLY H 34 -15.35 19.35 -28.95
C GLY H 34 -14.69 18.46 -29.99
N LEU H 35 -15.19 18.53 -31.22
CA LEU H 35 -14.66 17.72 -32.32
C LEU H 35 -14.30 18.57 -33.53
N THR H 36 -13.28 18.13 -34.27
CA THR H 36 -12.89 18.78 -35.52
C THR H 36 -13.03 17.83 -36.69
N PHE H 37 -12.58 18.27 -37.87
CA PHE H 37 -12.75 17.48 -39.09
C PHE H 37 -11.99 16.15 -39.06
N ASP H 38 -10.80 16.13 -38.48
CA ASP H 38 -9.97 14.93 -38.47
C ASP H 38 -10.27 13.98 -37.33
N ASP H 39 -11.42 14.15 -36.69
CA ASP H 39 -11.83 13.29 -35.59
C ASP H 39 -12.93 12.31 -36.00
N VAL H 40 -13.56 12.58 -37.12
CA VAL H 40 -14.71 11.80 -37.55
C VAL H 40 -14.67 11.44 -39.04
N LEU H 41 -15.47 10.45 -39.39
CA LEU H 41 -15.72 10.09 -40.79
C LEU H 41 -17.22 10.07 -40.99
N LEU H 42 -17.66 10.25 -42.23
CA LEU H 42 -19.08 10.13 -42.54
C LEU H 42 -19.44 8.68 -42.84
N VAL H 43 -20.52 8.21 -42.23
CA VAL H 43 -20.93 6.81 -42.39
C VAL H 43 -21.69 6.60 -43.70
N PRO H 44 -21.21 5.67 -44.54
CA PRO H 44 -21.91 5.33 -45.78
C PRO H 44 -23.34 4.89 -45.51
N ALA H 45 -24.30 5.40 -46.28
CA ALA H 45 -25.69 5.01 -46.12
C ALA H 45 -26.27 4.44 -47.41
N LYS H 46 -27.53 4.00 -47.36
CA LYS H 46 -28.23 3.50 -48.54
C LYS H 46 -28.41 4.64 -49.56
N SER H 47 -28.02 4.37 -50.80
CA SER H 47 -28.11 5.38 -51.85
C SER H 47 -28.65 4.79 -53.15
N ASP H 48 -29.62 5.48 -53.74
CA ASP H 48 -30.10 5.10 -55.06
C ASP H 48 -29.87 6.26 -56.03
N VAL H 49 -28.98 7.17 -55.63
CA VAL H 49 -28.64 8.32 -56.45
C VAL H 49 -27.16 8.33 -56.83
N LEU H 50 -26.86 8.64 -58.09
CA LEU H 50 -25.49 8.75 -58.56
C LEU H 50 -24.92 10.11 -58.19
N PRO H 51 -23.59 10.18 -58.00
CA PRO H 51 -22.91 11.43 -57.61
C PRO H 51 -23.14 12.57 -58.59
N ARG H 52 -23.25 12.25 -59.88
CA ARG H 52 -23.43 13.27 -60.90
C ARG H 52 -24.87 13.78 -60.95
N GLU H 53 -25.74 13.12 -60.20
CA GLU H 53 -27.17 13.44 -60.21
C GLU H 53 -27.60 14.35 -59.07
N VAL H 54 -26.83 14.32 -57.97
CA VAL H 54 -27.19 15.08 -56.77
C VAL H 54 -27.19 16.59 -57.01
N SER H 55 -27.98 17.30 -56.22
CA SER H 55 -28.08 18.75 -56.32
C SER H 55 -27.25 19.42 -55.22
N VAL H 56 -26.34 20.30 -55.62
CA VAL H 56 -25.47 20.98 -54.68
C VAL H 56 -25.85 22.46 -54.52
N LYS H 57 -27.01 22.83 -55.04
CA LYS H 57 -27.48 24.20 -54.91
C LYS H 57 -27.94 24.47 -53.48
N THR H 58 -27.68 25.67 -53.00
CA THR H 58 -28.06 26.05 -51.64
C THR H 58 -28.72 27.42 -51.60
N VAL H 59 -29.68 27.58 -50.70
CA VAL H 59 -30.37 28.86 -50.53
C VAL H 59 -30.00 29.48 -49.18
N LEU H 60 -29.33 30.63 -49.24
CA LEU H 60 -28.97 31.36 -48.03
C LEU H 60 -30.07 32.33 -47.64
N SER H 61 -30.73 32.88 -48.64
CA SER H 61 -31.86 33.77 -48.41
C SER H 61 -32.73 33.88 -49.66
N GLU H 62 -33.74 34.74 -49.59
CA GLU H 62 -34.67 34.95 -50.69
C GLU H 62 -33.96 35.48 -51.93
N SER H 63 -32.87 36.21 -51.73
CA SER H 63 -32.18 36.88 -52.82
C SER H 63 -30.70 36.52 -52.86
N LEU H 64 -30.35 35.40 -52.24
CA LEU H 64 -28.97 34.94 -52.22
C LEU H 64 -28.89 33.43 -52.42
N GLN H 65 -29.06 32.99 -53.67
CA GLN H 65 -29.00 31.57 -54.00
C GLN H 65 -27.72 31.22 -54.75
N LEU H 66 -27.03 30.18 -54.27
CA LEU H 66 -25.79 29.73 -54.90
C LEU H 66 -25.95 28.34 -55.50
N ASN H 67 -25.42 28.14 -56.70
CA ASN H 67 -25.45 26.82 -57.33
C ASN H 67 -24.47 25.86 -56.67
N ILE H 68 -23.38 26.40 -56.12
CA ILE H 68 -22.43 25.61 -55.34
C ILE H 68 -22.23 26.24 -53.96
N PRO H 69 -22.05 25.41 -52.92
CA PRO H 69 -21.88 25.91 -51.56
C PRO H 69 -20.45 26.37 -51.30
N LEU H 70 -19.97 27.35 -52.07
CA LEU H 70 -18.61 27.84 -51.92
C LEU H 70 -18.55 29.36 -51.83
N ILE H 71 -17.80 29.87 -50.86
CA ILE H 71 -17.55 31.30 -50.74
C ILE H 71 -16.08 31.56 -50.51
N SER H 72 -15.49 32.43 -51.33
CA SER H 72 -14.10 32.83 -51.14
C SER H 72 -14.02 33.87 -50.03
N ALA H 73 -13.07 33.69 -49.12
CA ALA H 73 -12.95 34.52 -47.92
C ALA H 73 -12.59 35.97 -48.25
N GLY H 74 -13.07 36.89 -47.41
CA GLY H 74 -12.80 38.31 -47.59
C GLY H 74 -11.43 38.71 -47.07
N MET H 75 -10.39 38.18 -47.70
CA MET H 75 -9.02 38.47 -47.30
C MET H 75 -8.26 39.11 -48.45
N ASP H 76 -7.24 39.91 -48.13
CA ASP H 76 -6.54 40.67 -49.15
C ASP H 76 -5.68 39.80 -50.08
N THR H 77 -5.42 38.57 -49.65
CA THR H 77 -4.65 37.63 -50.47
C THR H 77 -5.56 36.58 -51.10
N VAL H 78 -6.86 36.71 -50.89
CA VAL H 78 -7.82 35.70 -51.37
C VAL H 78 -8.83 36.24 -52.38
N THR H 79 -9.49 37.35 -52.06
CA THR H 79 -10.60 37.82 -52.89
C THR H 79 -10.61 39.31 -53.21
N GLU H 80 -10.52 39.60 -54.50
CA GLU H 80 -10.88 40.92 -55.03
C GLU H 80 -11.81 40.72 -56.22
N ALA H 81 -11.99 41.78 -57.02
CA ALA H 81 -12.94 41.76 -58.14
C ALA H 81 -12.77 40.57 -59.09
N ASP H 82 -11.54 40.36 -59.56
CA ASP H 82 -11.24 39.26 -60.48
C ASP H 82 -11.60 37.90 -59.88
N MET H 83 -11.38 37.76 -58.57
CA MET H 83 -11.69 36.52 -57.88
C MET H 83 -13.20 36.37 -57.68
N ALA H 84 -13.85 37.48 -57.35
CA ALA H 84 -15.29 37.49 -57.12
C ALA H 84 -16.04 37.15 -58.40
N ILE H 85 -15.48 37.54 -59.54
CA ILE H 85 -16.07 37.22 -60.83
C ILE H 85 -16.11 35.72 -61.07
N ALA H 86 -14.96 35.07 -60.92
CA ALA H 86 -14.84 33.64 -61.20
C ALA H 86 -15.72 32.80 -60.28
N MET H 87 -15.66 33.08 -58.99
CA MET H 87 -16.47 32.37 -58.00
C MET H 87 -17.95 32.44 -58.35
N ALA H 88 -18.43 33.63 -58.71
CA ALA H 88 -19.82 33.82 -59.07
C ALA H 88 -20.19 33.06 -60.35
N ARG H 89 -19.25 33.01 -61.29
CA ARG H 89 -19.47 32.30 -62.55
C ARG H 89 -19.42 30.79 -62.36
N GLN H 90 -18.74 30.35 -61.30
CA GLN H 90 -18.68 28.92 -60.98
C GLN H 90 -19.92 28.50 -60.20
N GLY H 91 -20.77 29.47 -59.88
CA GLY H 91 -21.98 29.20 -59.13
C GLY H 91 -21.83 29.50 -57.65
N GLY H 92 -20.72 30.14 -57.29
CA GLY H 92 -20.45 30.46 -55.91
C GLY H 92 -20.52 31.95 -55.62
N LEU H 93 -19.83 32.38 -54.57
CA LEU H 93 -19.88 33.77 -54.14
C LEU H 93 -18.49 34.23 -53.70
N GLY H 94 -18.21 35.52 -53.90
CA GLY H 94 -16.94 36.09 -53.50
C GLY H 94 -17.09 37.30 -52.60
N ILE H 95 -16.46 37.25 -51.43
CA ILE H 95 -16.48 38.38 -50.50
C ILE H 95 -15.26 39.27 -50.70
N ILE H 96 -15.50 40.46 -51.24
CA ILE H 96 -14.42 41.43 -51.45
C ILE H 96 -13.92 41.96 -50.11
N HIS H 97 -12.61 41.85 -49.88
CA HIS H 97 -12.02 42.22 -48.59
C HIS H 97 -12.13 43.72 -48.29
N LYS H 98 -12.01 44.08 -47.02
CA LYS H 98 -12.18 45.45 -46.58
C LYS H 98 -10.86 46.15 -46.29
N ASN H 99 -9.76 45.54 -46.72
CA ASN H 99 -8.43 46.10 -46.49
C ASN H 99 -8.07 47.12 -47.57
N MET H 100 -9.00 48.04 -47.83
CA MET H 100 -8.82 49.09 -48.82
C MET H 100 -9.78 50.24 -48.53
N SER H 101 -9.61 51.36 -49.25
CA SER H 101 -10.47 52.53 -49.04
C SER H 101 -11.92 52.24 -49.40
N ILE H 102 -12.82 53.11 -48.97
CA ILE H 102 -14.25 52.93 -49.19
C ILE H 102 -14.59 53.01 -50.68
N GLU H 103 -13.99 53.97 -51.37
CA GLU H 103 -14.27 54.20 -52.79
C GLU H 103 -13.75 53.07 -53.66
N GLN H 104 -12.63 52.47 -53.23
CA GLN H 104 -12.04 51.36 -53.98
C GLN H 104 -12.91 50.11 -53.91
N GLN H 105 -13.35 49.76 -52.70
CA GLN H 105 -14.18 48.59 -52.50
C GLN H 105 -15.54 48.75 -53.17
N ALA H 106 -16.03 49.99 -53.21
CA ALA H 106 -17.31 50.29 -53.83
C ALA H 106 -17.21 50.25 -55.36
N GLU H 107 -15.98 50.33 -55.86
CA GLU H 107 -15.72 50.23 -57.29
C GLU H 107 -15.51 48.77 -57.68
N GLN H 108 -15.01 47.99 -56.72
CA GLN H 108 -14.78 46.56 -56.94
C GLN H 108 -16.08 45.78 -57.05
N VAL H 109 -17.02 46.05 -56.14
CA VAL H 109 -18.33 45.41 -56.18
C VAL H 109 -19.08 45.80 -57.45
N ASP H 110 -18.97 47.07 -57.83
CA ASP H 110 -19.61 47.57 -59.04
C ASP H 110 -19.03 46.88 -60.27
N LYS H 111 -17.72 46.62 -60.23
CA LYS H 111 -17.05 45.92 -61.32
C LYS H 111 -17.62 44.51 -61.49
N VAL H 112 -17.93 43.87 -60.36
CA VAL H 112 -18.51 42.55 -60.38
C VAL H 112 -19.96 42.59 -60.86
N LYS H 113 -20.70 43.60 -60.42
CA LYS H 113 -22.10 43.72 -60.80
C LYS H 113 -22.29 44.16 -62.26
N ARG H 114 -21.24 44.75 -62.84
CA ARG H 114 -21.30 45.18 -64.24
C ARG H 114 -20.64 44.15 -65.16
N SER H 115 -20.33 42.97 -64.62
CA SER H 115 -19.78 41.88 -65.41
C SER H 115 -20.77 40.72 -65.56
N GLY H 116 -22.05 41.06 -65.73
CA GLY H 116 -23.05 40.05 -66.02
C GLY H 116 -24.04 39.80 -64.90
N GLY H 117 -24.23 40.80 -64.04
CA GLY H 117 -25.16 40.68 -62.93
C GLY H 117 -24.83 39.56 -61.97
N LEU H 118 -23.54 39.31 -61.79
CA LEU H 118 -23.09 38.24 -60.88
C LEU H 118 -23.33 38.63 -59.43
N LEU H 119 -23.23 37.66 -58.52
CA LEU H 119 -23.35 37.93 -57.10
C LEU H 119 -22.01 38.33 -56.51
N VAL H 120 -22.05 39.14 -55.45
CA VAL H 120 -20.82 39.60 -54.80
C VAL H 120 -21.08 40.10 -53.39
N GLY H 121 -20.14 39.82 -52.48
CA GLY H 121 -20.23 40.30 -51.12
C GLY H 121 -19.11 41.25 -50.77
N ALA H 122 -19.27 41.96 -49.65
CA ALA H 122 -18.25 42.92 -49.21
C ALA H 122 -18.14 42.92 -47.69
N ALA H 123 -16.91 42.81 -47.19
CA ALA H 123 -16.67 42.77 -45.76
C ALA H 123 -16.63 44.17 -45.15
N VAL H 124 -17.00 44.26 -43.88
CA VAL H 124 -16.97 45.51 -43.14
C VAL H 124 -16.69 45.22 -41.66
N GLY H 125 -15.94 46.11 -41.01
CA GLY H 125 -15.63 45.95 -39.60
C GLY H 125 -16.50 46.85 -38.74
N VAL H 126 -16.51 46.58 -37.43
CA VAL H 126 -17.27 47.41 -36.51
C VAL H 126 -16.53 48.71 -36.16
N THR H 127 -16.58 49.66 -37.10
CA THR H 127 -15.92 50.94 -36.90
C THR H 127 -16.94 52.06 -36.89
N ALA H 128 -16.48 53.28 -36.63
CA ALA H 128 -17.34 54.45 -36.64
C ALA H 128 -17.78 54.78 -38.07
N ASP H 129 -16.88 54.57 -39.02
CA ASP H 129 -17.15 54.87 -40.42
C ASP H 129 -17.71 53.65 -41.15
N ALA H 130 -18.16 52.65 -40.39
CA ALA H 130 -18.69 51.42 -40.97
C ALA H 130 -19.92 51.73 -41.83
N MET H 131 -20.87 52.46 -41.26
CA MET H 131 -22.08 52.83 -41.97
C MET H 131 -21.79 53.60 -43.27
N THR H 132 -20.78 54.48 -43.22
CA THR H 132 -20.37 55.26 -44.38
C THR H 132 -19.94 54.33 -45.52
N ARG H 133 -19.36 53.20 -45.16
CA ARG H 133 -18.93 52.21 -46.14
C ARG H 133 -20.12 51.37 -46.62
N ILE H 134 -21.03 51.06 -45.69
CA ILE H 134 -22.23 50.29 -46.03
C ILE H 134 -23.07 51.03 -47.06
N ASP H 135 -23.21 52.34 -46.88
CA ASP H 135 -23.99 53.17 -47.79
C ASP H 135 -23.41 53.12 -49.19
N ALA H 136 -22.08 53.19 -49.28
CA ALA H 136 -21.39 53.18 -50.56
C ALA H 136 -21.54 51.81 -51.25
N LEU H 137 -21.46 50.75 -50.46
CA LEU H 137 -21.57 49.40 -50.99
C LEU H 137 -22.99 49.09 -51.46
N VAL H 138 -23.97 49.67 -50.79
CA VAL H 138 -25.37 49.47 -51.15
C VAL H 138 -25.73 50.18 -52.45
N LYS H 139 -25.28 51.44 -52.60
CA LYS H 139 -25.51 52.18 -53.84
C LYS H 139 -24.62 51.66 -54.96
N ALA H 140 -23.67 50.79 -54.60
CA ALA H 140 -22.88 50.07 -55.60
C ALA H 140 -23.50 48.70 -55.84
N SER H 141 -24.67 48.49 -55.24
CA SER H 141 -25.48 47.29 -55.44
C SER H 141 -24.82 46.00 -54.99
N VAL H 142 -24.34 45.96 -53.75
CA VAL H 142 -23.79 44.74 -53.18
C VAL H 142 -24.94 43.81 -52.77
N ASP H 143 -24.75 42.51 -52.92
CA ASP H 143 -25.80 41.55 -52.61
C ASP H 143 -25.78 41.12 -51.14
N ALA H 144 -24.58 41.07 -50.56
CA ALA H 144 -24.44 40.65 -49.18
C ALA H 144 -23.30 41.39 -48.48
N ILE H 145 -23.52 41.73 -47.21
CA ILE H 145 -22.49 42.41 -46.43
C ILE H 145 -22.04 41.54 -45.27
N VAL H 146 -20.73 41.49 -45.05
CA VAL H 146 -20.16 40.64 -44.00
C VAL H 146 -19.57 41.48 -42.86
N LEU H 147 -20.40 41.76 -41.86
CA LEU H 147 -19.92 42.39 -40.64
C LEU H 147 -19.07 41.37 -39.88
N ASP H 148 -17.77 41.42 -40.12
CA ASP H 148 -16.88 40.40 -39.56
C ASP H 148 -15.94 40.93 -38.48
N THR H 149 -15.78 40.13 -37.42
CA THR H 149 -14.91 40.50 -36.31
C THR H 149 -14.19 39.27 -35.77
N ALA H 150 -13.26 39.51 -34.84
CA ALA H 150 -12.58 38.43 -34.14
C ALA H 150 -13.54 37.80 -33.16
N HIS H 151 -14.48 38.61 -32.65
CA HIS H 151 -15.45 38.14 -31.67
C HIS H 151 -16.85 38.65 -32.03
N GLY H 152 -17.61 37.80 -32.73
CA GLY H 152 -18.96 38.15 -33.12
C GLY H 152 -19.89 38.28 -31.94
N HIS H 153 -19.62 37.53 -30.88
CA HIS H 153 -20.43 37.59 -29.67
C HIS H 153 -20.03 38.78 -28.81
N SER H 154 -20.10 39.97 -29.40
CA SER H 154 -19.73 41.21 -28.72
C SER H 154 -20.86 42.23 -28.86
N GLN H 155 -21.03 43.07 -27.84
CA GLN H 155 -22.09 44.08 -27.87
C GLN H 155 -21.87 45.06 -29.01
N GLY H 156 -20.60 45.41 -29.26
CA GLY H 156 -20.26 46.29 -30.35
C GLY H 156 -20.70 45.75 -31.70
N VAL H 157 -20.48 44.45 -31.90
CA VAL H 157 -20.90 43.78 -33.12
C VAL H 157 -22.42 43.74 -33.20
N ILE H 158 -23.04 43.36 -32.08
CA ILE H 158 -24.50 43.28 -32.00
C ILE H 158 -25.14 44.63 -32.25
N ASP H 159 -24.60 45.68 -31.63
CA ASP H 159 -25.11 47.02 -31.81
C ASP H 159 -24.97 47.49 -33.25
N LYS H 160 -23.92 47.03 -33.92
CA LYS H 160 -23.69 47.39 -35.31
C LYS H 160 -24.69 46.68 -36.23
N VAL H 161 -24.91 45.41 -35.97
CA VAL H 161 -25.91 44.63 -36.72
C VAL H 161 -27.29 45.27 -36.57
N LYS H 162 -27.57 45.75 -35.36
CA LYS H 162 -28.82 46.46 -35.08
C LYS H 162 -28.94 47.72 -35.95
N GLU H 163 -27.85 48.47 -36.04
CA GLU H 163 -27.83 49.71 -36.82
C GLU H 163 -28.10 49.46 -38.30
N VAL H 164 -27.40 48.48 -38.88
CA VAL H 164 -27.50 48.20 -40.30
C VAL H 164 -28.89 47.70 -40.69
N ARG H 165 -29.38 46.71 -39.94
CA ARG H 165 -30.70 46.13 -40.21
C ARG H 165 -31.81 47.16 -40.07
N ALA H 166 -31.70 48.02 -39.06
CA ALA H 166 -32.72 49.04 -38.80
C ALA H 166 -32.82 50.04 -39.96
N LYS H 167 -31.74 50.19 -40.71
CA LYS H 167 -31.72 51.09 -41.86
C LYS H 167 -31.91 50.31 -43.16
N TYR H 168 -31.29 49.14 -43.24
CA TYR H 168 -31.42 48.29 -44.41
C TYR H 168 -32.08 46.95 -44.04
N PRO H 169 -33.41 46.94 -43.98
CA PRO H 169 -34.17 45.76 -43.53
C PRO H 169 -34.16 44.63 -44.56
N SER H 170 -33.81 44.95 -45.81
CA SER H 170 -33.83 43.96 -46.87
C SER H 170 -32.44 43.46 -47.22
N LEU H 171 -31.43 44.19 -46.77
CA LEU H 171 -30.04 43.86 -47.08
C LEU H 171 -29.58 42.58 -46.38
N ASN H 172 -28.93 41.69 -47.13
CA ASN H 172 -28.36 40.48 -46.56
C ASN H 172 -27.20 40.80 -45.63
N ILE H 173 -27.31 40.37 -44.39
CA ILE H 173 -26.28 40.65 -43.39
C ILE H 173 -25.68 39.36 -42.83
N ILE H 174 -24.40 39.15 -43.11
CA ILE H 174 -23.68 38.01 -42.57
C ILE H 174 -22.74 38.46 -41.44
N ALA H 175 -23.05 38.04 -40.22
CA ALA H 175 -22.29 38.45 -39.05
C ALA H 175 -21.46 37.30 -38.46
N GLY H 176 -20.39 37.66 -37.75
CA GLY H 176 -19.52 36.67 -37.16
C GLY H 176 -18.16 37.28 -36.80
N ASN H 177 -17.22 36.45 -36.37
CA ASN H 177 -17.44 35.01 -36.22
C ASN H 177 -17.86 34.61 -34.82
N VAL H 178 -18.57 33.49 -34.73
CA VAL H 178 -19.00 32.93 -33.46
C VAL H 178 -18.72 31.44 -33.40
N ALA H 179 -18.98 30.82 -32.25
CA ALA H 179 -18.70 29.41 -32.08
C ALA H 179 -19.58 28.76 -31.02
N THR H 180 -20.54 29.53 -30.50
CA THR H 180 -21.48 29.01 -29.52
C THR H 180 -22.92 29.23 -29.97
N ALA H 181 -23.83 28.43 -29.40
CA ALA H 181 -25.25 28.56 -29.70
C ALA H 181 -25.79 29.88 -29.15
N GLU H 182 -25.31 30.28 -27.98
CA GLU H 182 -25.72 31.54 -27.37
C GLU H 182 -25.32 32.72 -28.23
N ALA H 183 -24.17 32.59 -28.90
CA ALA H 183 -23.66 33.65 -29.75
C ALA H 183 -24.46 33.77 -31.04
N THR H 184 -24.81 32.63 -31.61
CA THR H 184 -25.59 32.59 -32.85
C THR H 184 -26.96 33.21 -32.63
N LYS H 185 -27.57 32.90 -31.48
CA LYS H 185 -28.88 33.42 -31.12
C LYS H 185 -28.87 34.95 -31.03
N ALA H 186 -27.77 35.51 -30.54
CA ALA H 186 -27.64 36.95 -30.37
C ALA H 186 -27.71 37.70 -31.69
N LEU H 187 -26.97 37.21 -32.68
CA LEU H 187 -26.88 37.86 -33.99
C LEU H 187 -28.20 37.82 -34.75
N ILE H 188 -28.88 36.69 -34.66
CA ILE H 188 -30.16 36.53 -35.33
C ILE H 188 -31.19 37.46 -34.71
N GLU H 189 -31.15 37.59 -33.39
CA GLU H 189 -32.01 38.54 -32.69
C GLU H 189 -31.54 39.96 -32.93
N ALA H 190 -30.24 40.12 -33.23
CA ALA H 190 -29.69 41.43 -33.55
C ALA H 190 -30.15 41.88 -34.94
N GLY H 191 -30.39 40.91 -35.83
CA GLY H 191 -30.94 41.20 -37.14
C GLY H 191 -30.28 40.47 -38.28
N ALA H 192 -29.13 39.86 -38.03
CA ALA H 192 -28.38 39.17 -39.07
C ALA H 192 -29.10 37.92 -39.55
N ASN H 193 -29.29 37.81 -40.86
CA ASN H 193 -29.99 36.67 -41.44
C ASN H 193 -29.08 35.50 -41.79
N VAL H 194 -27.77 35.74 -41.77
CA VAL H 194 -26.79 34.67 -41.98
C VAL H 194 -25.70 34.76 -40.93
N VAL H 195 -25.39 33.63 -40.31
CA VAL H 195 -24.37 33.59 -39.26
C VAL H 195 -23.12 32.84 -39.72
N LYS H 196 -21.97 33.48 -39.60
CA LYS H 196 -20.72 32.84 -40.00
C LYS H 196 -19.98 32.29 -38.78
N VAL H 197 -19.68 31.00 -38.82
CA VAL H 197 -19.11 30.29 -37.66
C VAL H 197 -17.64 29.95 -37.86
N GLY H 198 -16.83 30.18 -36.82
CA GLY H 198 -15.43 29.82 -36.85
C GLY H 198 -14.53 30.67 -35.97
N ILE H 199 -14.19 30.15 -34.80
CA ILE H 199 -13.25 30.83 -33.92
C ILE H 199 -11.92 30.05 -33.84
N GLY H 200 -10.97 30.48 -34.67
CA GLY H 200 -9.64 29.87 -34.69
C GLY H 200 -9.34 28.61 -35.49
N PRO H 201 -10.22 28.19 -36.43
CA PRO H 201 -9.78 26.97 -37.11
C PRO H 201 -8.91 27.27 -38.33
N GLY H 202 -8.78 28.55 -38.67
CA GLY H 202 -8.09 28.98 -39.87
C GLY H 202 -6.66 28.48 -40.01
N SER H 203 -6.25 28.22 -41.25
CA SER H 203 -4.92 27.71 -41.55
C SER H 203 -3.83 28.72 -41.19
N ILE H 204 -4.14 30.00 -41.36
CA ILE H 204 -3.18 31.05 -41.05
C ILE H 204 -3.49 31.73 -39.72
N CYS H 205 -4.23 31.02 -38.86
CA CYS H 205 -4.71 31.59 -37.61
C CYS H 205 -3.90 31.12 -36.40
N THR H 206 -3.76 32.00 -35.41
CA THR H 206 -3.06 31.67 -34.18
C THR H 206 -3.86 32.11 -32.96
N THR H 207 -5.12 32.48 -33.18
CA THR H 207 -5.99 32.98 -32.12
C THR H 207 -6.06 32.05 -30.91
N ARG H 208 -6.22 30.75 -31.17
CA ARG H 208 -6.28 29.77 -30.10
C ARG H 208 -4.93 29.62 -29.40
N VAL H 209 -3.86 29.91 -30.13
CA VAL H 209 -2.52 29.75 -29.58
C VAL H 209 -2.08 30.97 -28.77
N VAL H 210 -2.45 32.16 -29.25
CA VAL H 210 -1.99 33.38 -28.61
C VAL H 210 -2.98 33.93 -27.57
N ALA H 211 -4.26 33.59 -27.73
CA ALA H 211 -5.29 34.06 -26.81
C ALA H 211 -5.86 32.92 -25.97
N GLY H 212 -5.74 31.70 -26.47
CA GLY H 212 -6.21 30.53 -25.75
C GLY H 212 -7.68 30.23 -25.97
N VAL H 213 -8.33 31.05 -26.80
CA VAL H 213 -9.76 30.95 -26.99
C VAL H 213 -10.13 30.32 -28.33
N GLY H 214 -11.09 29.40 -28.30
CA GLY H 214 -11.57 28.77 -29.51
C GLY H 214 -12.49 27.59 -29.26
N VAL H 215 -13.14 27.13 -30.32
CA VAL H 215 -13.98 25.93 -30.27
C VAL H 215 -13.67 25.11 -31.51
N PRO H 216 -13.46 23.79 -31.33
CA PRO H 216 -13.24 22.88 -32.46
C PRO H 216 -14.31 23.07 -33.53
N GLN H 217 -13.88 23.39 -34.75
CA GLN H 217 -14.77 23.88 -35.81
C GLN H 217 -16.02 23.05 -36.06
N LEU H 218 -15.86 21.74 -36.15
CA LEU H 218 -16.99 20.87 -36.45
C LEU H 218 -18.01 20.88 -35.32
N THR H 219 -17.53 20.99 -34.08
CA THR H 219 -18.41 21.14 -32.93
C THR H 219 -19.04 22.53 -32.96
N ALA H 220 -18.23 23.53 -33.27
CA ALA H 220 -18.73 24.90 -33.40
C ALA H 220 -19.84 24.97 -34.44
N VAL H 221 -19.61 24.36 -35.59
CA VAL H 221 -20.60 24.29 -36.64
C VAL H 221 -21.87 23.58 -36.16
N TYR H 222 -21.69 22.44 -35.49
CA TYR H 222 -22.82 21.65 -35.01
C TYR H 222 -23.69 22.40 -33.99
N ASP H 223 -23.06 23.00 -32.99
CA ASP H 223 -23.77 23.76 -31.97
C ASP H 223 -24.50 24.95 -32.55
N CYS H 224 -23.82 25.70 -33.41
CA CYS H 224 -24.42 26.89 -34.02
C CYS H 224 -25.54 26.52 -34.99
N ALA H 225 -25.38 25.40 -35.68
CA ALA H 225 -26.41 24.91 -36.60
C ALA H 225 -27.65 24.47 -35.82
N THR H 226 -27.42 23.81 -34.68
CA THR H 226 -28.50 23.38 -33.81
C THR H 226 -29.37 24.57 -33.40
N GLU H 227 -28.71 25.69 -33.11
CA GLU H 227 -29.42 26.88 -32.67
C GLU H 227 -30.10 27.61 -33.82
N ALA H 228 -29.35 27.83 -34.90
CA ALA H 228 -29.87 28.59 -36.05
C ALA H 228 -30.96 27.82 -36.80
N ARG H 229 -31.01 26.50 -36.60
CA ARG H 229 -32.02 25.68 -37.24
C ARG H 229 -33.40 25.93 -36.63
N LYS H 230 -33.41 26.33 -35.36
CA LYS H 230 -34.65 26.67 -34.67
C LYS H 230 -35.29 27.91 -35.28
N HIS H 231 -34.47 28.75 -35.91
CA HIS H 231 -34.94 30.00 -36.49
C HIS H 231 -35.07 29.92 -37.99
N GLY H 232 -34.43 28.91 -38.59
CA GLY H 232 -34.42 28.76 -40.03
C GLY H 232 -33.34 29.61 -40.67
N ILE H 233 -32.25 29.78 -39.93
CA ILE H 233 -31.12 30.61 -40.38
C ILE H 233 -29.95 29.73 -40.80
N PRO H 234 -29.38 30.00 -41.98
CA PRO H 234 -28.22 29.23 -42.46
C PRO H 234 -26.92 29.69 -41.79
N VAL H 235 -26.00 28.76 -41.58
CA VAL H 235 -24.70 29.11 -41.03
C VAL H 235 -23.59 28.85 -42.04
N ILE H 236 -22.51 29.62 -41.93
CA ILE H 236 -21.37 29.46 -42.82
C ILE H 236 -20.19 28.85 -42.08
N ALA H 237 -19.81 27.63 -42.45
CA ALA H 237 -18.63 27.00 -41.89
C ALA H 237 -17.39 27.71 -42.40
N ASP H 238 -16.79 28.54 -41.54
CA ASP H 238 -15.70 29.42 -41.96
C ASP H 238 -14.34 28.98 -41.42
N GLY H 239 -13.50 28.48 -42.33
CA GLY H 239 -12.11 28.15 -42.00
C GLY H 239 -11.89 26.74 -41.50
N GLY H 240 -10.68 26.23 -41.71
CA GLY H 240 -10.29 24.94 -41.18
C GLY H 240 -10.38 23.78 -42.16
N ILE H 241 -10.85 24.08 -43.37
CA ILE H 241 -10.99 23.05 -44.40
C ILE H 241 -9.70 22.83 -45.17
N LYS H 242 -9.18 21.61 -45.09
CA LYS H 242 -7.89 21.27 -45.70
C LYS H 242 -8.10 20.45 -46.97
N TYR H 243 -9.12 19.59 -46.96
CA TYR H 243 -9.45 18.79 -48.11
C TYR H 243 -10.95 18.89 -48.42
N SER H 244 -11.35 18.42 -49.60
CA SER H 244 -12.74 18.48 -50.02
C SER H 244 -13.64 17.66 -49.10
N GLY H 245 -13.08 16.63 -48.48
CA GLY H 245 -13.81 15.80 -47.54
C GLY H 245 -14.22 16.55 -46.30
N ASP H 246 -13.39 17.52 -45.88
CA ASP H 246 -13.72 18.35 -44.74
C ASP H 246 -14.95 19.19 -45.03
N MET H 247 -15.08 19.61 -46.28
CA MET H 247 -16.24 20.38 -46.72
C MET H 247 -17.53 19.57 -46.60
N VAL H 248 -17.44 18.29 -46.98
CA VAL H 248 -18.59 17.41 -46.87
C VAL H 248 -18.96 17.21 -45.41
N LYS H 249 -17.95 17.11 -44.55
CA LYS H 249 -18.17 16.97 -43.11
C LYS H 249 -18.78 18.24 -42.53
N ALA H 250 -18.37 19.37 -43.07
CA ALA H 250 -18.86 20.67 -42.59
C ALA H 250 -20.34 20.85 -42.92
N LEU H 251 -20.70 20.52 -44.15
CA LEU H 251 -22.08 20.65 -44.60
C LEU H 251 -22.98 19.63 -43.90
N ALA H 252 -22.47 18.41 -43.73
CA ALA H 252 -23.21 17.36 -43.04
C ALA H 252 -23.41 17.69 -41.56
N ALA H 253 -22.57 18.58 -41.04
CA ALA H 253 -22.67 18.97 -39.65
C ALA H 253 -23.65 20.12 -39.42
N GLY H 254 -24.20 20.66 -40.51
CA GLY H 254 -25.28 21.63 -40.40
C GLY H 254 -25.11 22.90 -41.22
N ALA H 255 -23.91 23.11 -41.74
CA ALA H 255 -23.62 24.31 -42.51
C ALA H 255 -24.28 24.27 -43.89
N HIS H 256 -24.77 25.43 -44.34
CA HIS H 256 -25.32 25.56 -45.68
C HIS H 256 -24.18 25.75 -46.68
N VAL H 257 -23.28 26.66 -46.35
CA VAL H 257 -22.15 26.99 -47.22
C VAL H 257 -20.85 27.04 -46.39
N VAL H 258 -19.73 26.69 -47.01
CA VAL H 258 -18.44 26.85 -46.37
C VAL H 258 -17.68 28.04 -46.97
N MET H 259 -16.78 28.61 -46.18
CA MET H 259 -15.93 29.70 -46.66
C MET H 259 -14.48 29.26 -46.64
N LEU H 260 -13.77 29.46 -47.75
CA LEU H 260 -12.40 28.99 -47.87
C LEU H 260 -11.43 30.14 -48.14
N GLY H 261 -10.23 30.02 -47.59
CA GLY H 261 -9.18 30.99 -47.83
C GLY H 261 -7.93 30.33 -48.38
N SER H 262 -7.47 29.29 -47.69
CA SER H 262 -6.26 28.57 -48.07
C SER H 262 -6.35 27.88 -49.43
N MET H 263 -7.50 27.27 -49.71
CA MET H 263 -7.67 26.50 -50.94
C MET H 263 -7.84 27.41 -52.15
N PHE H 264 -8.29 28.64 -51.91
CA PHE H 264 -8.55 29.59 -52.97
C PHE H 264 -7.37 30.55 -53.19
N ALA H 265 -6.46 30.61 -52.21
CA ALA H 265 -5.34 31.53 -52.26
C ALA H 265 -4.38 31.27 -53.42
N GLY H 266 -4.03 30.00 -53.61
CA GLY H 266 -3.11 29.62 -54.68
C GLY H 266 -3.78 29.48 -56.03
N VAL H 267 -4.61 30.47 -56.38
CA VAL H 267 -5.39 30.43 -57.61
C VAL H 267 -5.16 31.70 -58.44
N ALA H 268 -5.11 31.53 -59.77
CA ALA H 268 -4.83 32.63 -60.70
C ALA H 268 -5.72 33.86 -60.48
N GLU H 269 -7.00 33.65 -60.19
CA GLU H 269 -7.94 34.76 -60.01
C GLU H 269 -7.72 35.52 -58.70
N SER H 270 -7.08 34.88 -57.73
CA SER H 270 -6.85 35.49 -56.43
C SER H 270 -5.80 36.60 -56.50
N PRO H 271 -6.00 37.66 -55.70
CA PRO H 271 -5.08 38.81 -55.61
C PRO H 271 -3.68 38.37 -55.19
N GLY H 272 -2.69 39.20 -55.51
CA GLY H 272 -1.30 38.85 -55.25
C GLY H 272 -0.68 38.25 -56.49
N GLU H 273 0.60 38.49 -56.68
CA GLU H 273 1.29 37.99 -57.86
C GLU H 273 2.10 36.76 -57.55
N THR H 274 2.31 35.91 -58.56
CA THR H 274 3.00 34.65 -58.39
C THR H 274 4.50 34.82 -58.17
N GLU H 275 5.02 34.14 -57.15
CA GLU H 275 6.46 34.14 -56.89
C GLU H 275 7.02 32.73 -57.07
N ILE H 276 8.35 32.63 -57.19
CA ILE H 276 9.01 31.35 -57.35
C ILE H 276 9.86 31.03 -56.12
N TYR H 277 9.75 29.79 -55.64
CA TYR H 277 10.52 29.37 -54.48
C TYR H 277 10.95 27.90 -54.60
N GLN H 278 12.25 27.68 -54.59
CA GLN H 278 12.83 26.34 -54.71
C GLN H 278 12.33 25.58 -55.94
N GLY H 279 12.23 26.30 -57.06
CA GLY H 279 11.84 25.69 -58.32
C GLY H 279 10.34 25.72 -58.60
N ARG H 280 9.55 25.77 -57.53
CA ARG H 280 8.09 25.74 -57.67
C ARG H 280 7.49 27.12 -57.48
N GLN H 281 6.36 27.37 -58.15
CA GLN H 281 5.68 28.66 -58.03
C GLN H 281 4.62 28.64 -56.94
N PHE H 282 4.57 29.72 -56.16
CA PHE H 282 3.64 29.83 -55.04
C PHE H 282 2.84 31.12 -55.12
N LYS H 283 2.12 31.42 -54.04
CA LYS H 283 1.40 32.67 -53.93
C LYS H 283 1.21 33.01 -52.46
N VAL H 284 1.37 34.29 -52.12
CA VAL H 284 1.33 34.73 -50.73
C VAL H 284 -0.05 34.55 -50.09
N TYR H 285 -0.07 33.90 -48.93
CA TYR H 285 -1.30 33.76 -48.15
C TYR H 285 -1.04 34.11 -46.69
N ARG H 286 -1.60 35.23 -46.25
CA ARG H 286 -1.41 35.71 -44.89
C ARG H 286 -2.76 35.96 -44.22
N GLY H 287 -2.78 35.87 -42.89
CA GLY H 287 -3.98 36.16 -42.14
C GLY H 287 -4.24 37.66 -42.09
N MET H 288 -5.51 38.04 -41.96
CA MET H 288 -5.87 39.44 -41.85
C MET H 288 -5.44 40.01 -40.50
N GLY H 289 -5.13 39.12 -39.57
CA GLY H 289 -4.67 39.52 -38.25
C GLY H 289 -3.17 39.42 -38.12
N SER H 290 -2.50 39.19 -39.26
CA SER H 290 -1.04 39.14 -39.28
C SER H 290 -0.45 40.54 -39.33
N VAL H 291 0.82 40.65 -39.00
CA VAL H 291 1.51 41.94 -38.96
C VAL H 291 1.52 42.61 -40.33
N GLY H 292 1.72 41.80 -41.37
CA GLY H 292 1.77 42.31 -42.73
C GLY H 292 0.45 42.87 -43.23
N ALA H 293 -0.65 42.28 -42.77
CA ALA H 293 -1.98 42.72 -43.20
C ALA H 293 -2.40 43.99 -42.47
N MET H 294 -1.99 44.13 -41.23
CA MET H 294 -2.36 45.27 -40.41
C MET H 294 -1.46 46.49 -40.68
N GLU H 295 -0.28 46.25 -41.25
CA GLU H 295 0.65 47.33 -41.54
C GLU H 295 0.17 48.18 -42.71
N LYS H 296 -0.74 47.62 -43.51
CA LYS H 296 -1.24 48.30 -44.70
C LYS H 296 -2.65 48.85 -44.50
N LYS H 309 1.37 49.11 -30.74
CA LYS H 309 2.17 47.95 -31.13
C LYS H 309 1.29 46.73 -31.37
N LEU H 310 1.53 46.05 -32.49
CA LEU H 310 0.67 44.96 -32.94
C LEU H 310 0.92 43.63 -32.22
N VAL H 311 -0.14 43.10 -31.63
CA VAL H 311 -0.14 41.74 -31.11
C VAL H 311 -1.01 40.90 -32.05
N PRO H 312 -0.39 40.28 -33.06
CA PRO H 312 -1.12 39.60 -34.14
C PRO H 312 -1.79 38.31 -33.68
N GLU H 313 -2.81 37.89 -34.44
CA GLU H 313 -3.49 36.63 -34.19
C GLU H 313 -3.51 35.83 -35.48
N GLY H 314 -2.50 36.07 -36.33
CA GLY H 314 -2.35 35.37 -37.59
C GLY H 314 -0.91 35.40 -38.04
N ILE H 315 -0.61 34.67 -39.11
CA ILE H 315 0.75 34.60 -39.62
C ILE H 315 0.81 34.83 -41.13
N GLU H 316 2.03 34.96 -41.65
CA GLU H 316 2.22 35.17 -43.08
C GLU H 316 2.93 33.96 -43.69
N GLY H 317 2.52 33.61 -44.91
CA GLY H 317 3.10 32.46 -45.59
C GLY H 317 2.76 32.37 -47.06
N ARG H 318 2.96 31.19 -47.63
CA ARG H 318 2.70 30.96 -49.04
C ARG H 318 2.03 29.61 -49.29
N VAL H 319 1.33 29.51 -50.41
CA VAL H 319 0.66 28.27 -50.80
C VAL H 319 0.96 27.94 -52.27
N PRO H 320 1.02 26.64 -52.60
CA PRO H 320 1.30 26.19 -53.97
C PRO H 320 0.31 26.75 -54.99
N TYR H 321 0.84 27.15 -56.15
CA TYR H 321 0.03 27.69 -57.24
C TYR H 321 -0.78 26.58 -57.89
N LYS H 322 -2.10 26.65 -57.76
CA LYS H 322 -2.98 25.61 -58.27
C LYS H 322 -3.51 25.94 -59.67
N GLY H 323 -3.24 27.16 -60.12
CA GLY H 323 -3.70 27.60 -61.44
C GLY H 323 -5.10 28.17 -61.40
N PRO H 324 -5.85 28.00 -62.51
CA PRO H 324 -7.22 28.52 -62.65
C PRO H 324 -8.15 28.06 -61.54
N LEU H 325 -9.12 28.90 -61.18
CA LEU H 325 -10.05 28.59 -60.10
C LEU H 325 -10.97 27.44 -60.47
N ALA H 326 -11.36 27.38 -61.73
CA ALA H 326 -12.29 26.37 -62.22
C ALA H 326 -11.79 24.95 -61.94
N ASP H 327 -10.48 24.76 -62.02
CA ASP H 327 -9.88 23.46 -61.77
C ASP H 327 -10.09 23.01 -60.34
N THR H 328 -9.79 23.90 -59.39
CA THR H 328 -9.91 23.60 -57.97
C THR H 328 -11.37 23.37 -57.57
N VAL H 329 -12.25 24.24 -58.05
CA VAL H 329 -13.68 24.14 -57.76
C VAL H 329 -14.26 22.82 -58.26
N HIS H 330 -13.85 22.40 -59.45
CA HIS H 330 -14.31 21.14 -60.02
C HIS H 330 -13.92 19.96 -59.12
N GLN H 331 -12.77 20.08 -58.46
CA GLN H 331 -12.29 19.03 -57.56
C GLN H 331 -13.03 19.05 -56.23
N LEU H 332 -13.33 20.25 -55.73
CA LEU H 332 -14.09 20.40 -54.50
C LEU H 332 -15.52 19.92 -54.69
N VAL H 333 -16.23 20.53 -55.63
CA VAL H 333 -17.60 20.15 -55.94
C VAL H 333 -17.70 18.67 -56.30
N GLY H 334 -16.73 18.21 -57.08
CA GLY H 334 -16.68 16.80 -57.49
C GLY H 334 -16.55 15.86 -56.32
N GLY H 335 -15.75 16.25 -55.33
CA GLY H 335 -15.59 15.46 -54.12
C GLY H 335 -16.84 15.50 -53.27
N LEU H 336 -17.50 16.65 -53.26
CA LEU H 336 -18.76 16.82 -52.54
C LEU H 336 -19.82 15.87 -53.10
N ARG H 337 -19.88 15.76 -54.42
CA ARG H 337 -20.83 14.87 -55.07
C ARG H 337 -20.57 13.42 -54.69
N ALA H 338 -19.30 13.07 -54.54
CA ALA H 338 -18.92 11.72 -54.15
C ALA H 338 -19.44 11.40 -52.75
N GLY H 339 -19.17 12.31 -51.81
CA GLY H 339 -19.60 12.14 -50.44
C GLY H 339 -21.11 12.07 -50.28
N MET H 340 -21.82 12.94 -50.99
CA MET H 340 -23.28 12.93 -50.97
C MET H 340 -23.81 11.63 -51.54
N GLY H 341 -23.09 11.06 -52.50
CA GLY H 341 -23.45 9.78 -53.09
C GLY H 341 -23.32 8.65 -52.10
N TYR H 342 -22.28 8.70 -51.28
CA TYR H 342 -22.07 7.68 -50.25
C TYR H 342 -23.13 7.78 -49.15
N CYS H 343 -23.50 9.00 -48.79
CA CYS H 343 -24.46 9.23 -47.71
C CYS H 343 -25.90 9.12 -48.19
N GLY H 344 -26.10 9.00 -49.49
CA GLY H 344 -27.41 8.84 -50.06
C GLY H 344 -28.23 10.12 -50.09
N ALA H 345 -27.53 11.25 -50.04
CA ALA H 345 -28.19 12.55 -50.08
C ALA H 345 -28.36 13.04 -51.51
N GLN H 346 -29.61 13.23 -51.92
CA GLN H 346 -29.91 13.73 -53.26
C GLN H 346 -29.76 15.24 -53.32
N ASP H 347 -29.77 15.88 -52.15
CA ASP H 347 -29.59 17.32 -52.05
C ASP H 347 -28.95 17.69 -50.71
N LEU H 348 -28.55 18.95 -50.58
CA LEU H 348 -27.83 19.40 -49.39
C LEU H 348 -28.68 19.40 -48.13
N GLU H 349 -29.99 19.60 -48.27
CA GLU H 349 -30.88 19.61 -47.12
C GLU H 349 -30.95 18.23 -46.48
N PHE H 350 -31.01 17.19 -47.32
CA PHE H 350 -31.05 15.82 -46.82
C PHE H 350 -29.76 15.49 -46.08
N LEU H 351 -28.64 15.98 -46.60
CA LEU H 351 -27.34 15.74 -45.99
C LEU H 351 -27.29 16.37 -44.61
N ARG H 352 -27.79 17.60 -44.50
CA ARG H 352 -27.76 18.33 -43.24
C ARG H 352 -28.61 17.65 -42.16
N GLU H 353 -29.65 16.95 -42.58
CA GLU H 353 -30.61 16.38 -41.65
C GLU H 353 -30.32 14.93 -41.28
N ASN H 354 -29.75 14.17 -42.22
CA ASN H 354 -29.66 12.73 -42.07
C ASN H 354 -28.26 12.14 -41.92
N ALA H 355 -27.26 12.78 -42.52
CA ALA H 355 -25.89 12.26 -42.52
C ALA H 355 -25.36 12.01 -41.11
N GLN H 356 -24.75 10.84 -40.94
CA GLN H 356 -24.23 10.43 -39.64
C GLN H 356 -22.71 10.38 -39.64
N PHE H 357 -22.10 10.76 -38.52
CA PHE H 357 -20.66 10.70 -38.37
C PHE H 357 -20.28 9.50 -37.52
N ILE H 358 -18.98 9.20 -37.47
CA ILE H 358 -18.45 8.20 -36.56
C ILE H 358 -17.08 8.65 -36.03
N ARG H 359 -16.95 8.71 -34.71
CA ARG H 359 -15.73 9.23 -34.10
C ARG H 359 -14.57 8.24 -34.18
N MET H 360 -13.39 8.75 -34.50
CA MET H 360 -12.19 7.92 -34.60
C MET H 360 -11.00 8.60 -33.96
N SER H 361 -9.94 7.84 -33.71
CA SER H 361 -8.74 8.36 -33.08
C SER H 361 -7.66 8.71 -34.10
N GLY H 362 -6.46 9.05 -33.59
CA GLY H 362 -5.34 9.39 -34.43
C GLY H 362 -4.90 8.24 -35.31
N ALA H 363 -5.06 7.02 -34.81
CA ALA H 363 -4.77 5.83 -35.59
C ALA H 363 -5.80 5.69 -36.72
N GLY H 364 -7.01 6.17 -36.46
CA GLY H 364 -8.07 6.12 -37.45
C GLY H 364 -7.84 7.13 -38.56
N LEU H 365 -7.23 8.25 -38.20
CA LEU H 365 -6.90 9.28 -39.17
C LEU H 365 -5.78 8.83 -40.08
N LEU H 366 -4.79 8.16 -39.50
CA LEU H 366 -3.63 7.68 -40.25
C LEU H 366 -4.01 6.56 -41.23
N GLU H 367 -5.05 5.81 -40.88
CA GLU H 367 -5.59 4.81 -41.79
C GLU H 367 -6.40 5.49 -42.88
N SER H 368 -7.04 6.60 -42.52
CA SER H 368 -7.88 7.35 -43.45
C SER H 368 -7.07 7.96 -44.59
N HIS H 369 -5.89 8.47 -44.26
CA HIS H 369 -4.97 8.97 -45.28
C HIS H 369 -4.23 7.79 -45.90
N PRO H 370 -3.68 7.97 -47.11
CA PRO H 370 -2.82 6.93 -47.70
C PRO H 370 -1.64 6.62 -46.77
N HIS H 371 -1.25 5.35 -46.72
CA HIS H 371 -0.23 4.92 -45.77
C HIS H 371 0.62 3.78 -46.29
N HIS H 372 1.83 3.67 -45.76
CA HIS H 372 2.77 2.60 -46.11
C HIS H 372 2.97 2.39 -47.61
N VAL H 373 2.98 3.50 -48.35
CA VAL H 373 3.25 3.47 -49.78
C VAL H 373 3.87 4.78 -50.22
N GLN H 374 4.96 4.71 -50.97
CA GLN H 374 5.65 5.90 -51.46
C GLN H 374 4.92 6.48 -52.66
N ILE H 375 4.26 7.62 -52.44
CA ILE H 375 3.51 8.29 -53.51
C ILE H 375 4.45 8.89 -54.54
N THR H 376 4.15 8.67 -55.82
CA THR H 376 5.02 9.13 -56.90
C THR H 376 4.42 10.30 -57.68
N LYS H 377 3.09 10.36 -57.73
CA LYS H 377 2.40 11.46 -58.38
C LYS H 377 1.44 12.13 -57.41
N GLU H 378 1.35 13.47 -57.46
CA GLU H 378 0.37 14.17 -56.64
C GLU H 378 -0.95 14.32 -57.41
N ALA H 379 -2.03 13.84 -56.80
CA ALA H 379 -3.35 13.91 -57.40
C ALA H 379 -3.84 15.36 -57.39
N PRO H 380 -4.79 15.69 -58.29
CA PRO H 380 -5.33 17.05 -58.31
C PRO H 380 -6.14 17.38 -57.04
N ASN H 381 -6.47 16.36 -56.25
CA ASN H 381 -7.25 16.57 -55.04
C ASN H 381 -6.57 16.09 -53.76
N TYR H 382 -5.31 15.66 -53.87
CA TYR H 382 -4.55 15.25 -52.70
C TYR H 382 -3.08 15.61 -52.80
N SER H 383 -2.59 16.35 -51.81
CA SER H 383 -1.19 16.77 -51.76
C SER H 383 -0.64 16.67 -50.35
P IMP I . -15.18 3.70 25.58
O1P IMP I . -15.26 4.30 24.19
O2P IMP I . -14.01 2.80 25.88
O3P IMP I . -16.44 2.90 25.81
O5' IMP I . -15.14 4.92 26.62
C5' IMP I . -16.15 5.92 26.66
C4' IMP I . -16.23 6.59 28.01
O4' IMP I . -14.92 7.07 28.42
C3' IMP I . -17.11 7.83 28.09
O3' IMP I . -18.49 7.51 28.20
C2' IMP I . -16.56 8.56 29.29
O2' IMP I . -17.01 7.98 30.50
C1' IMP I . -15.06 8.28 29.15
N9 IMP I . -14.35 9.37 28.45
C8 IMP I . -14.74 10.10 27.36
N7 IMP I . -13.79 11.01 27.07
C5 IMP I . -12.78 10.88 27.97
C6 IMP I . -11.59 11.56 28.11
O6 IMP I . -11.34 12.50 27.36
N1 IMP I . -10.74 11.21 29.14
C2 IMP I . -11.08 10.19 30.01
N3 IMP I . -12.29 9.52 29.85
C4 IMP I . -13.13 9.86 28.85
O1 2F0 J . -12.50 17.62 40.03
C11 2F0 J . -11.85 18.06 39.12
N3 2F0 J . -12.15 19.22 38.59
C7 2F0 J . -10.70 17.28 38.57
C6 2F0 J . -10.48 17.22 37.21
C8 2F0 J . -9.84 16.63 39.43
CL1 2F0 J . -10.09 16.69 41.17
C9 2F0 J . -8.77 15.91 38.94
C10 2F0 J . -8.56 15.85 37.59
C5 2F0 J . -9.41 16.50 36.72
N2 2F0 J . -9.13 16.42 35.37
C4 2F0 J . -9.73 17.09 34.40
O 2F0 J . -10.61 17.88 34.60
N1 2F0 J . -9.27 16.84 33.20
C1 2F0 J . -9.74 17.47 32.01
C2 2F0 J . -8.63 17.43 31.00
C3 2F0 J . -10.10 18.91 32.32
C12 2F0 J . -10.91 16.76 31.44
C17 2F0 J . -11.14 15.47 31.81
C16 2F0 J . -12.22 14.79 31.26
C18 2F0 J . -12.43 13.39 31.70
N4 2F0 J . -11.54 12.80 32.35
O2 2F0 J . -11.76 11.51 32.76
C19 2F0 J . -13.69 12.64 31.41
C15 2F0 J . -13.06 15.40 30.37
C14 2F0 J . -12.82 16.70 30.00
C13 2F0 J . -11.74 17.38 30.53
C FMT K . -0.82 3.39 33.68
O1 FMT K . -0.87 3.65 34.88
O2 FMT K . 0.20 3.45 33.00
C FMT L . -8.32 8.78 -0.23
O1 FMT L . -9.18 9.66 -0.16
O2 FMT L . -7.47 8.59 0.64
C1 GOL M . -4.48 -12.56 12.91
O1 GOL M . -4.95 -13.67 13.65
C2 GOL M . -3.88 -13.03 11.59
O2 GOL M . -4.50 -14.22 11.18
C3 GOL M . -4.09 -11.95 10.54
O3 GOL M . -3.18 -12.12 9.46
C1 MLI N . -18.56 0.94 53.70
C2 MLI N . -19.89 1.01 54.38
C3 MLI N . -18.37 1.80 52.50
O6 MLI N . -19.99 1.57 55.50
O7 MLI N . -20.91 0.51 53.84
O8 MLI N . -19.26 2.60 52.14
O9 MLI N . -17.30 1.71 51.84
P IMP O . -9.38 -26.57 17.83
O1P IMP O . -9.38 -25.97 16.44
O2P IMP O . -8.55 -25.90 18.90
O3P IMP O . -8.91 -28.00 17.73
O5' IMP O . -10.89 -26.55 18.34
C5' IMP O . -11.93 -27.12 17.58
C4' IMP O . -13.19 -27.27 18.38
O4' IMP O . -13.82 -25.98 18.58
C3' IMP O . -14.30 -28.12 17.77
O3' IMP O . -14.08 -29.51 17.94
C2' IMP O . -15.54 -27.61 18.48
O2' IMP O . -15.67 -28.20 19.77
C1' IMP O . -15.22 -26.12 18.65
N9 IMP O . -15.85 -25.29 17.61
C8 IMP O . -16.06 -25.61 16.30
N7 IMP O . -16.66 -24.57 15.69
C5 IMP O . -16.84 -23.58 16.59
C6 IMP O . -17.40 -22.31 16.49
O6 IMP O . -17.59 -21.81 15.39
N1 IMP O . -17.45 -21.51 17.61
C2 IMP O . -16.94 -21.97 18.81
N3 IMP O . -16.38 -23.23 18.90
C4 IMP O . -16.33 -24.02 17.80
O1 2F0 P . -27.78 -24.02 23.89
C11 2F0 P . -28.08 -23.06 23.21
N3 2F0 P . -29.20 -23.02 22.52
C7 2F0 P . -27.17 -21.88 23.13
C6 2F0 P . -26.56 -21.54 21.94
C8 2F0 P . -26.94 -21.13 24.26
CL1 2F0 P . -27.71 -21.53 25.79
C9 2F0 P . -26.12 -20.04 24.21
C10 2F0 P . -25.51 -19.70 23.04
C5 2F0 P . -25.71 -20.47 21.91
N2 2F0 P . -25.09 -20.04 20.74
C4 2F0 P . -25.13 -20.61 19.56
O 2F0 P . -25.70 -21.65 19.35
N1 2F0 P . -24.47 -19.91 18.65
C1 2F0 P . -24.32 -20.22 17.27
C2 2F0 P . -23.58 -19.07 16.61
C3 2F0 P . -25.68 -20.36 16.62
C12 2F0 P . -23.56 -21.46 17.04
C17 2F0 P . -22.62 -21.87 17.93
C16 2F0 P . -21.93 -23.03 17.70
C18 2F0 P . -20.91 -23.46 18.67
N4 2F0 P . -20.55 -22.71 19.56
O2 2F0 P . -19.59 -23.24 20.38
C19 2F0 P . -20.25 -24.80 18.64
C15 2F0 P . -22.17 -23.77 16.56
C14 2F0 P . -23.12 -23.34 15.67
C13 2F0 P . -23.82 -22.18 15.90
C1 EDO Q . -1.23 -18.83 36.82
O1 EDO Q . -1.79 -17.66 36.21
C2 EDO Q . 0.28 -18.83 36.60
O2 EDO Q . 0.85 -19.99 37.21
C FMT R . -16.05 -27.44 38.80
O1 FMT R . -16.93 -27.58 37.96
O2 FMT R . -15.95 -28.11 39.82
C FMT S . -2.74 -8.71 39.66
O1 FMT S . -3.87 -8.65 40.15
O2 FMT S . -1.74 -8.21 40.17
P IMP T . 15.32 7.25 33.26
O1P IMP T . 15.77 7.76 31.92
O2P IMP T . 14.32 6.11 33.30
O3P IMP T . 14.72 8.41 34.02
O5' IMP T . 16.61 6.76 34.05
C5' IMP T . 17.65 7.66 34.37
C4' IMP T . 18.45 7.17 35.55
O4' IMP T . 19.08 5.91 35.24
C3' IMP T . 19.62 8.06 35.98
O3' IMP T . 19.22 9.16 36.77
C2' IMP T . 20.53 7.07 36.71
O2' IMP T . 20.08 6.86 38.04
C1' IMP T . 20.30 5.79 35.92
N9 IMP T . 21.38 5.56 34.92
C8 IMP T . 21.92 6.48 34.07
N7 IMP T . 22.88 5.86 33.32
C5 IMP T . 22.94 4.56 33.69
C6 IMP T . 23.72 3.51 33.24
O6 IMP T . 24.32 3.61 32.16
N1 IMP T . 23.56 2.26 33.81
C2 IMP T . 22.62 2.08 34.81
N3 IMP T . 21.85 3.14 35.24
C4 IMP T . 22.01 4.36 34.69
O1 2F0 U . 30.30 -0.03 43.52
C11 2F0 U . 30.93 -0.64 42.68
N3 2F0 U . 32.24 -0.59 42.67
C7 2F0 U . 30.25 -1.46 41.65
C6 2F0 U . 30.14 -1.02 40.34
C8 2F0 U . 29.71 -2.69 42.01
CL1 2F0 U . 29.84 -3.28 43.67
C9 2F0 U . 29.08 -3.47 41.08
C10 2F0 U . 28.97 -3.04 39.79
C5 2F0 U . 29.48 -1.81 39.43
N2 2F0 U . 29.35 -1.48 38.10
C4 2F0 U . 29.81 -0.39 37.51
O 2F0 U . 30.39 0.48 38.11
N1 2F0 U . 29.57 -0.36 36.21
C1 2F0 U . 29.92 0.65 35.25
C2 2F0 U . 29.61 0.08 33.89
C3 2F0 U . 31.38 1.00 35.29
C12 2F0 U . 29.13 1.88 35.42
C17 2F0 U . 27.86 1.84 35.95
C16 2F0 U . 27.16 3.01 36.08
C18 2F0 U . 25.79 2.96 36.65
N4 2F0 U . 25.22 1.87 36.80
O2 2F0 U . 23.95 1.84 37.31
C19 2F0 U . 25.04 4.19 37.02
C15 2F0 U . 27.70 4.22 35.69
C14 2F0 U . 28.96 4.24 35.16
C13 2F0 U . 29.68 3.07 35.02
C1 EDO V . 5.72 18.32 52.24
O1 EDO V . 4.46 18.45 51.57
C2 EDO V . 6.83 18.28 51.20
O2 EDO V . 8.10 18.23 51.88
S SO4 W . 11.61 11.55 63.17
O1 SO4 W . 10.72 12.24 62.23
O2 SO4 W . 12.99 11.71 62.73
O3 SO4 W . 11.45 12.15 64.50
O4 SO4 W . 11.27 10.14 63.23
C1 EDO X . 5.37 15.21 29.63
O1 EDO X . 4.83 13.95 29.25
C2 EDO X . 6.42 15.66 28.61
O2 EDO X . 5.78 15.96 27.36
O1 2F0 Y . 14.83 -41.64 28.09
C11 2F0 Y . 14.50 -41.61 26.94
N3 2F0 Y . 14.89 -42.55 26.10
C7 2F0 Y . 13.60 -40.53 26.42
C6 2F0 Y . 13.97 -39.77 25.33
C8 2F0 Y . 12.41 -40.29 27.07
CL1 2F0 Y . 11.95 -41.28 28.47
C9 2F0 Y . 11.57 -39.30 26.63
C10 2F0 Y . 11.94 -38.55 25.53
C5 2F0 Y . 13.13 -38.77 24.88
N2 2F0 Y . 13.41 -37.97 23.77
C4 2F0 Y . 14.40 -38.11 22.90
O 2F0 Y . 15.24 -38.97 22.99
N1 2F0 Y . 14.42 -37.22 21.91
C1 2F0 Y . 15.40 -37.16 20.86
C2 2F0 Y . 14.83 -36.39 19.70
C3 2F0 Y . 15.80 -38.56 20.42
C12 2F0 Y . 16.61 -36.45 21.33
C17 2F0 Y . 16.44 -35.51 22.30
C16 2F0 Y . 17.50 -34.81 22.80
C18 2F0 Y . 17.17 -33.83 23.84
N4 2F0 Y . 15.96 -33.63 24.03
O2 2F0 Y . 15.51 -32.72 24.97
C19 2F0 Y . 18.19 -33.08 24.64
C15 2F0 Y . 18.78 -35.04 22.33
C14 2F0 Y . 18.96 -35.99 21.35
C13 2F0 Y . 17.88 -36.70 20.85
C1 EDO Z . 6.26 -17.01 49.05
O1 EDO Z . 7.21 -17.18 48.00
C2 EDO Z . 4.94 -17.68 48.67
O2 EDO Z . 4.42 -17.06 47.48
C1 EDO AA . 29.91 -10.05 22.17
O1 EDO AA . 29.49 -11.28 22.76
C2 EDO AA . 31.37 -9.78 22.51
O2 EDO AA . 31.74 -8.48 22.05
P IMP BA . 21.08 -22.91 25.53
O1P IMP BA . 21.36 -22.81 24.05
O2P IMP BA . 19.96 -22.09 26.10
O3P IMP BA . 22.35 -22.58 26.27
O5' IMP BA . 20.72 -24.44 25.82
C5' IMP BA . 21.61 -25.48 25.44
C4' IMP BA . 21.25 -26.78 26.12
O4' IMP BA . 19.98 -27.26 25.64
C3' IMP BA . 22.19 -27.95 25.88
O3' IMP BA . 23.36 -27.89 26.68
C2' IMP BA . 21.31 -29.15 26.18
O2' IMP BA . 21.21 -29.36 27.58
C1' IMP BA . 19.95 -28.68 25.66
N9 IMP BA . 19.66 -29.16 24.30
C8 IMP BA . 20.52 -29.21 23.22
N7 IMP BA . 19.85 -29.73 22.16
C5 IMP BA . 18.58 -30.00 22.54
C6 IMP BA . 17.50 -30.53 21.85
O6 IMP BA . 17.52 -30.59 20.62
N1 IMP BA . 16.30 -30.70 22.51
C2 IMP BA . 16.19 -30.34 23.83
N3 IMP BA . 17.27 -29.83 24.52
C4 IMP BA . 18.45 -29.65 23.87
C1 EDO CA . 41.54 -21.80 18.72
O1 EDO CA . 41.29 -22.99 19.49
C2 EDO CA . 40.91 -21.94 17.34
O2 EDO CA . 40.90 -20.67 16.69
C FMT DA . 25.95 -16.42 19.49
O1 FMT DA . 25.99 -15.33 18.92
O2 FMT DA . 26.91 -16.93 20.06
C FMT EA . 22.49 -11.37 50.49
O1 FMT EA . 23.19 -11.47 49.48
O2 FMT EA . 22.93 -11.41 51.64
P IMP FA . 13.37 -4.34 -22.89
O1P IMP FA . 14.65 -4.16 -23.68
O2P IMP FA . 12.26 -3.35 -23.13
O3P IMP FA . 13.73 -4.29 -21.42
O5' IMP FA . 12.79 -5.78 -23.25
C5' IMP FA . 13.44 -6.97 -22.85
C4' IMP FA . 12.47 -8.12 -22.70
O4' IMP FA . 11.77 -8.34 -23.96
C3' IMP FA . 13.07 -9.48 -22.38
O3' IMP FA . 13.38 -9.63 -21.00
C2' IMP FA . 12.00 -10.44 -22.88
O2' IMP FA . 10.95 -10.57 -21.95
C1' IMP FA . 11.47 -9.71 -24.12
N9 IMP FA . 12.10 -10.19 -25.36
C8 IMP FA . 13.42 -10.51 -25.57
N7 IMP FA . 13.57 -10.90 -26.85
C5 IMP FA . 12.38 -10.84 -27.47
C6 IMP FA . 11.99 -11.13 -28.78
O6 IMP FA . 12.83 -11.33 -29.65
N1 IMP FA . 10.66 -10.96 -29.14
C2 IMP FA . 9.75 -10.52 -28.21
N3 IMP FA . 10.15 -10.24 -26.92
C4 IMP FA . 11.44 -10.39 -26.55
O1 2F0 GA . 3.69 -21.45 -27.12
C11 2F0 GA . 4.42 -21.32 -28.06
N3 2F0 GA . 5.33 -22.23 -28.32
C7 2F0 GA . 4.28 -20.13 -28.95
C6 2F0 GA . 5.40 -19.51 -29.48
C8 2F0 GA . 3.03 -19.67 -29.23
CL1 2F0 GA . 1.65 -20.52 -28.53
C9 2F0 GA . 2.85 -18.58 -30.05
C10 2F0 GA . 3.95 -17.96 -30.56
C5 2F0 GA . 5.22 -18.42 -30.29
N2 2F0 GA . 6.29 -17.73 -30.86
C4 2F0 GA . 7.56 -18.08 -30.81
O 2F0 GA . 7.97 -19.04 -30.26
N1 2F0 GA . 8.37 -17.25 -31.44
C1 2F0 GA . 9.78 -17.41 -31.54
C2 2F0 GA . 10.24 -16.62 -32.75
C3 2F0 GA . 10.09 -18.87 -31.73
C12 2F0 GA . 10.44 -16.85 -30.34
C17 2F0 GA . 9.78 -15.90 -29.60
C16 2F0 GA . 10.35 -15.36 -28.48
C18 2F0 GA . 9.58 -14.32 -27.73
N4 2F0 GA . 8.53 -13.87 -28.21
O2 2F0 GA . 7.83 -12.93 -27.49
C19 2F0 GA . 10.01 -13.80 -26.40
C15 2F0 GA . 11.59 -15.76 -28.06
C14 2F0 GA . 12.26 -16.71 -28.80
C13 2F0 GA . 11.70 -17.26 -29.93
C FMT HA . -23.59 -7.13 -31.47
O1 FMT HA . -22.64 -6.36 -31.31
O2 FMT HA . -23.82 -8.10 -30.74
C FMT IA . -14.53 -14.18 -19.77
O1 FMT IA . -14.30 -13.16 -20.43
O2 FMT IA . -15.50 -14.30 -19.02
C1 EDO JA . 6.69 -9.85 0.84
O1 EDO JA . 7.24 -10.29 -0.41
C2 EDO JA . 6.75 -10.99 1.86
O2 EDO JA . 5.99 -10.63 3.02
C1 GOL KA . 14.31 18.98 -29.47
O1 GOL KA . 14.15 18.41 -28.18
C2 GOL KA . 15.79 19.20 -29.75
O2 GOL KA . 16.13 20.52 -29.41
C3 GOL KA . 16.09 18.93 -31.22
O3 GOL KA . 17.45 19.16 -31.48
C FMT LA . -5.93 -0.34 -15.73
O1 FMT LA . -6.83 0.06 -16.47
O2 FMT LA . -5.31 -1.39 -15.90
C1 MLI MA . -9.62 -14.30 -11.09
C2 MLI MA . -9.71 -15.36 -10.04
C3 MLI MA . -8.85 -14.63 -12.33
O6 MLI MA . -9.27 -15.15 -8.89
O7 MLI MA . -10.25 -16.47 -10.31
O8 MLI MA . -9.29 -14.30 -13.45
O9 MLI MA . -7.74 -15.23 -12.23
O1 2F0 NA . 11.78 16.85 -1.13
C11 2F0 NA . 12.83 16.41 -1.56
N3 2F0 NA . 13.97 16.56 -0.91
C7 2F0 NA . 12.88 15.65 -2.84
C6 2F0 NA . 13.70 16.14 -3.86
C8 2F0 NA . 12.17 14.49 -3.02
CL1 2F0 NA . 11.14 13.86 -1.72
C9 2F0 NA . 12.27 13.82 -4.20
C10 2F0 NA . 13.07 14.29 -5.21
C5 2F0 NA . 13.77 15.45 -5.04
N2 2F0 NA . 14.57 15.87 -6.09
C4 2F0 NA . 15.57 16.72 -6.06
O 2F0 NA . 15.92 17.29 -5.07
N1 2F0 NA . 16.14 16.90 -7.23
C1 2F0 NA . 17.26 17.73 -7.51
C2 2F0 NA . 17.89 17.21 -8.78
C3 2F0 NA . 18.25 17.75 -6.38
C12 2F0 NA . 16.78 19.10 -7.79
C17 2F0 NA . 15.51 19.27 -8.28
C16 2F0 NA . 15.07 20.53 -8.57
C18 2F0 NA . 13.71 20.69 -9.10
N4 2F0 NA . 13.03 19.69 -9.41
O2 2F0 NA . 11.76 19.91 -9.89
C19 2F0 NA . 13.11 22.04 -9.28
C15 2F0 NA . 15.87 21.62 -8.36
C14 2F0 NA . 17.14 21.45 -7.85
C13 2F0 NA . 17.60 20.19 -7.58
P IMP OA . -4.44 -2.25 -49.21
O1P IMP OA . -3.45 -1.70 -50.20
O2P IMP OA . -4.40 -1.73 -47.79
O3P IMP OA . -4.27 -3.75 -49.16
O5' IMP OA . -5.89 -1.93 -49.77
C5' IMP OA . -6.31 -2.42 -51.03
C4' IMP OA . -7.80 -2.31 -51.20
O4' IMP OA . -8.20 -0.92 -51.28
C3' IMP OA . -8.39 -2.93 -52.46
O3' IMP OA . -8.55 -4.33 -52.36
C2' IMP OA . -9.69 -2.17 -52.64
O2' IMP OA . -10.70 -2.69 -51.80
C1' IMP OA . -9.31 -0.77 -52.13
N9 IMP OA . -8.95 0.14 -53.22
C8 IMP OA . -8.22 -0.15 -54.35
N7 IMP OA . -8.12 0.98 -55.09
C5 IMP OA . -8.76 1.99 -54.46
C6 IMP OA . -8.96 3.33 -54.77
O6 IMP OA . -8.36 3.83 -55.71
N1 IMP OA . -9.67 4.13 -53.91
C2 IMP OA . -10.19 3.60 -52.75
N3 IMP OA . -9.99 2.27 -52.45
C4 IMP OA . -9.29 1.48 -53.28
O1 2F0 PA . -21.22 3.81 -56.83
C11 2F0 PA . -21.10 4.95 -57.24
N3 2F0 PA . -21.69 5.29 -58.37
C7 2F0 PA . -20.26 5.95 -56.52
C6 2F0 PA . -18.94 6.11 -56.89
C8 2F0 PA . -20.79 6.72 -55.50
CL1 2F0 PA . -22.48 6.58 -54.97
C9 2F0 PA . -20.00 7.64 -54.84
C10 2F0 PA . -18.69 7.78 -55.21
C5 2F0 PA . -18.14 7.00 -56.20
N2 2F0 PA . -16.83 7.24 -56.57
C4 2F0 PA . -16.22 6.65 -57.56
O 2F0 PA . -16.78 5.79 -58.19
N1 2F0 PA . -14.98 7.08 -57.76
C1 2F0 PA . -14.01 6.67 -58.75
C2 2F0 PA . -12.83 7.58 -58.65
C3 2F0 PA . -14.54 6.73 -60.17
C12 2F0 PA . -13.54 5.31 -58.39
C17 2F0 PA . -13.47 4.97 -57.08
C16 2F0 PA . -13.02 3.71 -56.75
C18 2F0 PA . -12.97 3.32 -55.33
N4 2F0 PA . -12.98 2.10 -55.05
O2 2F0 PA . -12.95 1.68 -53.73
C19 2F0 PA . -12.93 4.33 -54.25
C15 2F0 PA . -12.65 2.81 -57.72
C14 2F0 PA . -12.72 3.18 -59.03
C13 2F0 PA . -13.15 4.43 -59.38
C FMT QA . -23.66 -1.22 -37.54
O1 FMT QA . -23.26 -1.27 -38.71
O2 FMT QA . -23.89 -2.21 -36.86
C1 EDO RA . -14.92 -21.79 -40.62
O1 EDO RA . -13.49 -21.81 -40.53
C2 EDO RA . -15.36 -21.78 -42.08
O2 EDO RA . -16.78 -21.63 -42.15
C1 EDO SA . -12.70 -0.59 -69.08
O1 EDO SA . -11.34 -0.74 -69.53
C2 EDO SA . -13.20 0.80 -69.43
O2 EDO SA . -14.55 0.96 -68.96
C1 EDO TA . 1.18 -2.70 -34.07
O1 EDO TA . 0.89 -3.13 -35.40
C2 EDO TA . 0.03 -3.11 -33.14
O2 EDO TA . -0.01 -4.54 -33.03
C FMT UA . -23.21 -18.82 -36.66
O1 FMT UA . -23.03 -18.37 -37.80
O2 FMT UA . -22.98 -19.98 -36.33
P IMP VA . 9.21 26.89 -17.97
O1P IMP VA . 10.61 26.98 -18.54
O2P IMP VA . 8.20 26.06 -18.70
O3P IMP VA . 8.68 28.30 -17.84
O5' IMP VA . 9.34 26.26 -16.50
C5' IMP VA . 10.18 26.85 -15.51
C4' IMP VA . 9.92 26.27 -14.15
O4' IMP VA . 10.36 24.89 -14.10
C3' IMP VA . 10.66 26.92 -12.99
O3' IMP VA . 10.04 28.12 -12.55
C2' IMP VA . 10.68 25.82 -11.94
O2' IMP VA . 9.43 25.76 -11.26
C1' IMP VA . 10.80 24.57 -12.80
N9 IMP VA . 12.20 24.08 -12.88
C8 IMP VA . 13.33 24.83 -13.04
N7 IMP VA . 14.40 24.00 -13.06
C5 IMP VA . 13.97 22.72 -12.94
C6 IMP VA . 14.63 21.51 -12.92
O6 IMP VA . 15.79 21.45 -13.31
N1 IMP VA . 13.91 20.34 -12.77
C2 IMP VA . 12.54 20.39 -12.65
N3 IMP VA . 11.88 21.61 -12.69
C4 IMP VA . 12.58 22.77 -12.83
S SO4 WA . -18.81 30.06 -21.86
O1 SO4 WA . -19.20 30.57 -23.17
O2 SO4 WA . -17.37 30.24 -21.67
O3 SO4 WA . -19.52 30.80 -20.81
O4 SO4 WA . -19.15 28.65 -21.78
S SO4 XA . 1.06 37.83 5.34
O1 SO4 XA . 0.35 38.27 4.15
O2 SO4 XA . 2.40 38.39 5.34
O3 SO4 XA . 0.34 38.26 6.54
O4 SO4 XA . 1.16 36.37 5.34
C FMT YA . -21.45 9.40 -26.80
O1 FMT YA . -20.97 9.97 -27.77
O2 FMT YA . -22.52 9.70 -26.28
C FMT ZA . -9.79 12.18 -43.05
O1 FMT ZA . -9.21 13.19 -43.46
O2 FMT ZA . -10.97 11.93 -43.29
C FMT AB . -23.23 17.64 -28.84
O1 FMT AB . -23.57 18.81 -28.68
O2 FMT AB . -24.00 16.75 -29.21
P IMP BB . -8.65 28.73 -44.01
O1P IMP BB . -7.30 29.31 -44.36
O2P IMP BB . -8.69 27.41 -43.29
O3P IMP BB . -9.45 28.60 -45.29
O5' IMP BB . -9.37 29.79 -43.06
C5' IMP BB . -9.66 31.11 -43.51
C4' IMP BB . -10.51 31.84 -42.50
O4' IMP BB . -9.72 32.12 -41.32
C3' IMP BB . -11.02 33.21 -42.92
O3' IMP BB . -12.17 33.13 -43.75
C2' IMP BB . -11.29 33.89 -41.57
O2' IMP BB . -12.52 33.46 -41.03
C1' IMP BB . -10.16 33.32 -40.71
N9 IMP BB . -9.01 34.24 -40.61
C8 IMP BB . -8.41 34.94 -41.63
N7 IMP BB . -7.39 35.67 -41.10
C5 IMP BB . -7.34 35.43 -39.78
C6 IMP BB . -6.49 35.90 -38.77
O6 IMP BB . -5.40 36.37 -39.09
N1 IMP BB . -6.68 35.48 -37.47
C2 IMP BB . -7.69 34.59 -37.18
N3 IMP BB . -8.52 34.12 -38.18
C4 IMP BB . -8.35 34.54 -39.45
O1 2F0 CB . -13.80 42.27 -30.35
C11 2F0 CB . -12.65 42.63 -30.38
N3 2F0 CB . -12.31 43.89 -30.58
C7 2F0 CB . -11.58 41.61 -30.14
C6 2F0 CB . -10.51 41.42 -30.99
C8 2F0 CB . -11.72 40.86 -29.00
CL1 2F0 CB . -13.13 41.16 -27.97
C9 2F0 CB . -10.79 39.91 -28.68
C10 2F0 CB . -9.71 39.71 -29.51
C5 2F0 CB . -9.58 40.45 -30.67
N2 2F0 CB . -8.45 40.22 -31.46
C4 2F0 CB . -8.15 40.95 -32.52
O 2F0 CB . -8.88 41.84 -32.89
N1 2F0 CB . -7.04 40.62 -33.13
C1 2F0 CB . -6.52 41.27 -34.31
C2 2F0 CB . -5.08 40.84 -34.48
C3 2F0 CB . -6.59 42.77 -34.11
C12 2F0 CB . -7.26 40.87 -35.53
C17 2F0 CB . -7.86 39.64 -35.56
C16 2F0 CB . -8.52 39.24 -36.69
C18 2F0 CB . -9.16 37.92 -36.65
N4 2F0 CB . -9.11 37.27 -35.58
O2 2F0 CB . -9.72 36.04 -35.51
C19 2F0 CB . -9.89 37.38 -37.83
C15 2F0 CB . -8.60 40.04 -37.80
C14 2F0 CB . -7.99 41.27 -37.77
C13 2F0 CB . -7.31 41.68 -36.64
C FMT DB . -24.45 31.81 -58.37
O1 FMT DB . -23.27 32.16 -58.32
O2 FMT DB . -24.89 30.75 -57.94
#